data_3MFM
#
_entry.id   3MFM
#
_cell.length_a   79.668
_cell.length_b   220.961
_cell.length_c   136.742
_cell.angle_alpha   90.00
_cell.angle_beta   103.08
_cell.angle_gamma   90.00
#
_symmetry.space_group_name_H-M   'P 1 21 1'
#
_entity_poly.entity_id   1
_entity_poly.type   'polypeptide(L)'
_entity_poly.pdbx_seq_one_letter_code
;MSEPEEQQPDIHTTAGKLADLRRRIEEATHAGSARAVEKQHAKGKLTARERIDLLLDEGSFVELDEFARHRSTNFGLDAN
RPYGDGVVTGYGTVDGRPVAVFSQDFTVFGGALGEVYGQKIVKVMDFALKTGCPVVGINDSGGARIQEGVASLGAYGEIF
RRNTHASGVIPQISLVVGPCAGGAVYSPAITDFTVMVDQTSHMFITGPDVIKTVTGEDVGFEELGGARTHNSTSGVAHHM
AGDEKDAVEYVKQLLSYLPSNNLSEPPAFPEEADLAVTDEDAELDTIVPDSANQPYDMHSVIEHVLDDAEFFETQPLFAP
NILTGFGRVEGRPVGIVANQPMQFAGCLDITASEKAARFVRTCDAFNVPVLTFVDVPGFLPGVDQEHDGIIRRGAKLIFA
YAEATVPLITVITRKAFGGAYNVMGSKHLGADLNLAWPTAQIAVMGAQGAVNILHRRTIADAGDDAEATRARLIQEYEDA
LLNPYTAAERGYVDAVIMPSDTRRHIVRGLRQLRTKRESLPPKKHGNIPL
;
_entity_poly.pdbx_strand_id   C,F,A,B,D,E
#
# COMPACT_ATOMS: atom_id res chain seq x y z
N ASP A 10 57.90 17.87 2.90
CA ASP A 10 58.23 16.48 3.23
C ASP A 10 57.09 15.54 2.80
N ILE A 11 57.09 14.31 3.34
CA ILE A 11 56.08 13.32 2.99
C ILE A 11 55.64 12.49 4.19
N HIS A 12 56.55 12.35 5.16
CA HIS A 12 56.31 11.49 6.31
C HIS A 12 55.63 12.23 7.46
N THR A 13 55.62 13.56 7.40
CA THR A 13 54.91 14.34 8.39
C THR A 13 53.47 14.54 7.95
N THR A 14 52.59 14.77 8.92
CA THR A 14 51.19 15.07 8.63
C THR A 14 51.10 16.32 7.76
N ALA A 15 52.06 17.23 7.96
CA ALA A 15 52.07 18.53 7.30
C ALA A 15 52.61 18.44 5.88
N GLY A 16 53.63 17.61 5.68
CA GLY A 16 54.05 17.23 4.34
C GLY A 16 52.97 16.39 3.65
N LYS A 17 52.07 15.80 4.43
CA LYS A 17 51.00 15.02 3.84
C LYS A 17 49.93 15.97 3.27
N LEU A 18 49.59 16.99 4.04
CA LEU A 18 48.62 18.00 3.59
C LEU A 18 49.08 18.65 2.29
N ALA A 19 50.38 18.94 2.23
CA ALA A 19 50.99 19.60 1.09
C ALA A 19 50.90 18.72 -0.15
N ASP A 20 51.06 17.43 0.05
CA ASP A 20 50.94 16.45 -1.03
C ASP A 20 49.58 16.60 -1.70
N LEU A 21 48.52 16.64 -0.92
CA LEU A 21 47.18 16.80 -1.48
C LEU A 21 47.11 18.04 -2.38
N ARG A 22 47.78 19.12 -1.96
CA ARG A 22 47.77 20.37 -2.71
C ARG A 22 48.33 20.19 -4.12
N ARG A 23 49.45 19.47 -4.24
CA ARG A 23 49.96 19.08 -5.54
C ARG A 23 48.89 18.28 -6.31
N ARG A 24 48.27 17.32 -5.64
CA ARG A 24 47.27 16.47 -6.30
C ARG A 24 46.04 17.21 -6.84
N ILE A 25 45.55 18.19 -6.10
CA ILE A 25 44.39 18.96 -6.54
C ILE A 25 44.77 19.76 -7.76
N GLU A 26 45.96 20.36 -7.69
CA GLU A 26 46.45 21.17 -8.78
C GLU A 26 46.67 20.34 -10.04
N GLU A 27 47.16 19.13 -9.85
CA GLU A 27 47.37 18.24 -10.99
C GLU A 27 46.01 17.84 -11.56
N ALA A 28 45.10 17.45 -10.67
CA ALA A 28 43.76 16.98 -11.03
C ALA A 28 42.86 18.07 -11.64
N THR A 29 43.09 19.32 -11.23
CA THR A 29 42.28 20.44 -11.67
C THR A 29 42.74 20.87 -13.05
N HIS A 30 43.88 20.32 -13.46
CA HIS A 30 44.49 20.64 -14.74
C HIS A 30 44.86 19.35 -15.47
N ALA A 31 44.00 18.33 -15.33
CA ALA A 31 44.13 17.16 -16.17
C ALA A 31 44.07 17.64 -17.61
N GLY A 32 44.74 16.94 -18.52
CA GLY A 32 44.74 17.36 -19.92
C GLY A 32 45.71 18.49 -20.16
N SER A 33 46.45 18.39 -21.26
CA SER A 33 47.51 19.33 -21.58
C SER A 33 46.99 20.75 -21.75
N ALA A 34 47.88 21.71 -21.48
CA ALA A 34 47.56 23.11 -21.68
C ALA A 34 47.24 23.33 -23.16
N ARG A 35 48.00 22.67 -24.03
CA ARG A 35 47.76 22.78 -25.47
C ARG A 35 46.33 22.35 -25.84
N ALA A 36 45.88 21.21 -25.31
CA ALA A 36 44.54 20.71 -25.59
C ALA A 36 43.49 21.68 -25.05
N VAL A 37 43.71 22.13 -23.82
CA VAL A 37 42.84 23.11 -23.20
C VAL A 37 42.81 24.42 -23.98
N GLU A 38 43.95 24.80 -24.54
CA GLU A 38 44.03 26.04 -25.32
C GLU A 38 43.37 25.84 -26.68
N LYS A 39 43.56 24.65 -27.24
CA LYS A 39 42.89 24.27 -28.48
C LYS A 39 41.39 24.15 -28.26
N GLN A 40 40.98 24.03 -27.00
CA GLN A 40 39.57 23.99 -26.62
C GLN A 40 38.96 25.39 -26.62
N HIS A 41 39.62 26.33 -25.95
CA HIS A 41 39.20 27.72 -25.99
C HIS A 41 39.29 28.20 -27.43
N ALA A 42 40.40 27.85 -28.07
CA ALA A 42 40.60 28.17 -29.47
C ALA A 42 39.42 27.71 -30.31
N LYS A 43 38.75 26.64 -29.87
CA LYS A 43 37.59 26.13 -30.59
C LYS A 43 36.37 27.00 -30.35
N GLY A 44 36.40 27.78 -29.27
CA GLY A 44 35.31 28.70 -28.94
C GLY A 44 34.43 28.19 -27.82
N LYS A 45 34.86 27.10 -27.18
CA LYS A 45 34.11 26.46 -26.11
C LYS A 45 34.88 26.60 -24.79
N LEU A 46 34.28 26.16 -23.70
CA LEU A 46 34.94 26.21 -22.40
C LEU A 46 35.38 24.82 -21.94
N THR A 47 36.16 24.76 -20.86
CA THR A 47 36.63 23.49 -20.35
C THR A 47 35.52 22.71 -19.65
N ALA A 48 35.82 21.48 -19.24
CA ALA A 48 34.79 20.64 -18.63
C ALA A 48 34.26 21.31 -17.38
N ARG A 49 35.12 21.45 -16.37
CA ARG A 49 34.81 22.33 -15.24
C ARG A 49 34.61 23.65 -15.94
N GLU A 50 34.22 24.70 -15.24
CA GLU A 50 34.06 25.97 -15.95
C GLU A 50 32.70 25.94 -16.63
N ARG A 51 32.36 24.83 -17.26
CA ARG A 51 30.97 24.61 -17.64
C ARG A 51 30.18 24.29 -16.38
N ILE A 52 30.79 23.53 -15.48
CA ILE A 52 30.24 23.36 -14.15
C ILE A 52 30.16 24.70 -13.39
N ASP A 53 31.30 25.38 -13.25
CA ASP A 53 31.39 26.65 -12.53
C ASP A 53 30.31 27.64 -12.95
N LEU A 54 30.00 27.63 -14.24
CA LEU A 54 29.02 28.53 -14.84
C LEU A 54 27.59 28.08 -14.59
N LEU A 55 27.34 26.78 -14.68
CA LEU A 55 26.00 26.26 -14.43
C LEU A 55 25.62 26.37 -12.96
N LEU A 56 26.48 25.86 -12.08
CA LEU A 56 26.16 25.84 -10.64
C LEU A 56 26.38 27.18 -9.95
N ASP A 57 25.56 27.44 -8.94
CA ASP A 57 25.71 28.63 -8.10
C ASP A 57 27.12 28.66 -7.54
N GLU A 58 27.75 29.82 -7.58
CA GLU A 58 29.14 29.95 -7.13
C GLU A 58 29.36 29.38 -5.74
N GLY A 59 30.40 28.58 -5.59
CA GLY A 59 30.72 27.98 -4.31
C GLY A 59 29.97 26.69 -4.01
N SER A 60 28.88 26.43 -4.74
CA SER A 60 28.01 25.30 -4.44
C SER A 60 28.61 23.95 -4.89
N PHE A 61 29.42 23.98 -5.95
CA PHE A 61 29.94 22.75 -6.50
C PHE A 61 30.79 21.97 -5.50
N VAL A 62 30.55 20.67 -5.46
CA VAL A 62 31.33 19.73 -4.67
C VAL A 62 31.72 18.58 -5.56
N GLU A 63 33.02 18.37 -5.73
CA GLU A 63 33.50 17.35 -6.66
C GLU A 63 33.49 15.97 -6.06
N LEU A 64 32.98 15.02 -6.85
CA LEU A 64 32.99 13.61 -6.50
C LEU A 64 34.08 12.86 -7.28
N ASP A 65 34.73 11.89 -6.61
CA ASP A 65 35.71 11.03 -7.26
C ASP A 65 36.74 11.81 -8.05
N GLU A 66 37.21 12.90 -7.46
CA GLU A 66 38.16 13.78 -8.11
C GLU A 66 39.47 13.06 -8.40
N PHE A 67 39.86 12.16 -7.50
CA PHE A 67 41.13 11.45 -7.65
C PHE A 67 40.98 10.01 -8.15
N ALA A 68 39.96 9.78 -8.97
CA ALA A 68 39.76 8.48 -9.58
C ALA A 68 40.77 8.29 -10.70
N ARG A 69 41.16 7.04 -10.91
CA ARG A 69 42.15 6.66 -11.93
C ARG A 69 41.70 5.39 -12.65
N HIS A 70 41.83 5.37 -13.98
CA HIS A 70 41.46 4.19 -14.74
C HIS A 70 42.33 3.00 -14.33
N ARG A 71 41.93 1.79 -14.70
CA ARG A 71 42.70 0.62 -14.29
C ARG A 71 42.90 -0.38 -15.43
N SER A 72 42.99 0.13 -16.65
CA SER A 72 43.20 -0.70 -17.83
C SER A 72 44.68 -0.77 -18.25
N THR A 73 45.17 -1.98 -18.45
CA THR A 73 46.54 -2.18 -18.91
C THR A 73 46.58 -2.50 -20.40
N ASN A 74 45.53 -2.11 -21.12
CA ASN A 74 45.47 -2.26 -22.56
C ASN A 74 46.16 -1.08 -23.28
N PHE A 75 47.23 -1.39 -24.02
CA PHE A 75 47.98 -0.39 -24.78
C PHE A 75 48.77 0.53 -23.86
N GLY A 76 48.93 1.78 -24.25
CA GLY A 76 49.71 2.72 -23.48
C GLY A 76 48.86 3.57 -22.56
N LEU A 77 48.00 2.92 -21.79
CA LEU A 77 47.10 3.64 -20.89
C LEU A 77 47.60 3.74 -19.45
N ASP A 78 48.13 2.64 -18.91
CA ASP A 78 48.62 2.64 -17.55
C ASP A 78 49.82 3.58 -17.35
N ALA A 79 50.35 4.09 -18.46
CA ALA A 79 51.43 5.05 -18.40
C ALA A 79 50.86 6.43 -18.10
N ASN A 80 49.60 6.62 -18.48
CA ASN A 80 48.90 7.89 -18.24
C ASN A 80 47.58 7.66 -17.54
N ARG A 81 47.50 8.07 -16.29
CA ARG A 81 46.29 7.87 -15.50
C ARG A 81 45.71 9.20 -14.99
N PRO A 82 45.26 10.06 -15.92
CA PRO A 82 44.70 11.38 -15.59
C PRO A 82 43.79 11.32 -14.36
N TYR A 83 43.94 12.30 -13.46
CA TYR A 83 43.04 12.39 -12.31
C TYR A 83 41.63 12.70 -12.81
N GLY A 84 40.64 12.19 -12.08
CA GLY A 84 39.26 12.34 -12.47
C GLY A 84 38.89 11.53 -13.69
N ASP A 85 39.91 11.03 -14.37
CA ASP A 85 39.74 10.05 -15.43
C ASP A 85 38.85 10.48 -16.61
N GLY A 86 38.80 11.78 -16.89
CA GLY A 86 38.22 12.23 -18.15
C GLY A 86 36.83 12.82 -18.08
N VAL A 87 36.28 12.85 -16.87
CA VAL A 87 34.98 13.48 -16.66
C VAL A 87 34.99 14.11 -15.28
N VAL A 88 34.33 15.24 -15.13
CA VAL A 88 34.24 15.84 -13.81
C VAL A 88 32.81 15.76 -13.32
N THR A 89 32.66 15.31 -12.09
CA THR A 89 31.35 14.99 -11.56
C THR A 89 31.25 15.55 -10.16
N GLY A 90 30.02 15.88 -9.77
CA GLY A 90 29.77 16.37 -8.44
C GLY A 90 28.34 16.84 -8.29
N TYR A 91 27.99 17.23 -7.09
CA TYR A 91 26.70 17.80 -6.84
C TYR A 91 26.84 19.31 -6.47
N GLY A 92 25.73 20.03 -6.53
CA GLY A 92 25.73 21.46 -6.24
C GLY A 92 24.33 22.01 -6.21
N THR A 93 24.18 23.31 -6.36
CA THR A 93 22.85 23.91 -6.45
C THR A 93 22.70 24.85 -7.64
N VAL A 94 21.50 24.89 -8.21
CA VAL A 94 21.18 25.83 -9.27
C VAL A 94 19.99 26.65 -8.78
N ASP A 95 20.21 27.96 -8.65
CA ASP A 95 19.20 28.87 -8.10
C ASP A 95 18.72 28.40 -6.72
N GLY A 96 19.65 27.91 -5.90
CA GLY A 96 19.33 27.40 -4.57
C GLY A 96 18.73 26.00 -4.53
N ARG A 97 18.60 25.37 -5.68
CA ARG A 97 17.93 24.07 -5.76
C ARG A 97 18.94 22.93 -6.05
N PRO A 98 18.82 21.78 -5.35
CA PRO A 98 19.84 20.74 -5.53
C PRO A 98 19.85 20.19 -6.94
N VAL A 99 21.05 20.00 -7.49
CA VAL A 99 21.25 19.45 -8.81
C VAL A 99 22.48 18.56 -8.75
N ALA A 100 22.58 17.62 -9.69
CA ALA A 100 23.75 16.78 -9.81
C ALA A 100 24.24 16.90 -11.23
N VAL A 101 25.54 16.92 -11.42
CA VAL A 101 26.07 17.26 -12.73
C VAL A 101 27.24 16.38 -13.06
N PHE A 102 27.36 16.05 -14.34
CA PHE A 102 28.56 15.40 -14.84
C PHE A 102 28.99 16.11 -16.11
N SER A 103 30.29 16.36 -16.24
CA SER A 103 30.81 17.05 -17.43
C SER A 103 32.05 16.37 -17.97
N GLN A 104 31.96 15.92 -19.22
CA GLN A 104 32.97 15.05 -19.80
C GLN A 104 34.13 15.90 -20.29
N ASP A 105 35.35 15.51 -19.95
CA ASP A 105 36.53 16.33 -20.25
C ASP A 105 37.23 15.96 -21.56
N PHE A 106 36.81 16.62 -22.64
CA PHE A 106 37.39 16.47 -23.97
C PHE A 106 38.93 16.45 -23.99
N THR A 107 39.58 17.06 -23.00
CA THR A 107 41.04 17.20 -23.03
C THR A 107 41.80 16.02 -22.42
N VAL A 108 41.07 15.04 -21.89
CA VAL A 108 41.69 13.90 -21.23
C VAL A 108 41.81 12.65 -22.13
N PHE A 109 40.95 12.62 -23.14
CA PHE A 109 41.08 11.75 -24.31
C PHE A 109 40.07 12.44 -25.20
N GLY A 110 39.72 11.89 -26.35
CA GLY A 110 38.68 12.52 -27.14
C GLY A 110 37.45 12.89 -26.33
N GLY A 111 37.53 12.73 -25.01
CA GLY A 111 36.39 12.78 -24.12
C GLY A 111 35.93 11.34 -23.95
N ALA A 112 36.64 10.43 -24.60
CA ALA A 112 36.24 9.03 -24.74
C ALA A 112 35.95 8.34 -23.41
N LEU A 113 34.79 7.68 -23.35
CA LEU A 113 34.29 7.05 -22.14
C LEU A 113 35.01 5.74 -21.80
N GLY A 114 35.30 5.55 -20.51
CA GLY A 114 36.02 4.38 -20.03
C GLY A 114 35.38 3.86 -18.77
N GLU A 115 35.94 2.80 -18.17
CA GLU A 115 35.33 2.15 -17.00
C GLU A 115 35.12 3.03 -15.75
N VAL A 116 36.17 3.74 -15.33
CA VAL A 116 36.10 4.55 -14.10
C VAL A 116 35.25 5.81 -14.35
N TYR A 117 35.57 6.52 -15.43
CA TYR A 117 34.69 7.48 -16.11
C TYR A 117 33.24 7.04 -16.00
N GLY A 118 32.91 5.93 -16.66
CA GLY A 118 31.57 5.39 -16.64
C GLY A 118 31.03 5.24 -15.23
N GLN A 119 31.88 4.78 -14.31
CA GLN A 119 31.45 4.61 -12.93
C GLN A 119 31.14 5.92 -12.23
N LYS A 120 31.87 6.99 -12.58
CA LYS A 120 31.64 8.31 -11.99
C LYS A 120 30.25 8.86 -12.34
N ILE A 121 29.93 8.87 -13.62
CA ILE A 121 28.58 9.21 -14.07
C ILE A 121 27.51 8.46 -13.26
N VAL A 122 27.63 7.14 -13.24
CA VAL A 122 26.69 6.29 -12.51
C VAL A 122 26.61 6.69 -11.04
N LYS A 123 27.77 6.94 -10.45
CA LYS A 123 27.88 7.55 -9.12
C LYS A 123 26.92 8.71 -8.89
N VAL A 124 26.93 9.67 -9.81
CA VAL A 124 26.11 10.85 -9.61
C VAL A 124 24.66 10.57 -9.91
N MET A 125 24.39 9.87 -11.01
CA MET A 125 23.01 9.44 -11.30
C MET A 125 22.37 8.75 -10.11
N ASP A 126 23.13 7.94 -9.40
CA ASP A 126 22.56 7.23 -8.26
C ASP A 126 22.37 8.19 -7.12
N PHE A 127 23.23 9.19 -7.08
CA PHE A 127 23.14 10.23 -6.08
C PHE A 127 21.88 11.06 -6.31
N ALA A 128 21.64 11.43 -7.56
CA ALA A 128 20.47 12.25 -7.87
C ALA A 128 19.22 11.42 -7.57
N LEU A 129 19.07 10.30 -8.27
CA LEU A 129 17.95 9.40 -8.03
C LEU A 129 17.67 9.20 -6.53
N LYS A 130 18.72 8.92 -5.75
CA LYS A 130 18.59 8.73 -4.30
C LYS A 130 18.16 9.98 -3.49
N THR A 131 18.59 11.16 -3.94
CA THR A 131 18.23 12.39 -3.23
C THR A 131 17.15 13.11 -4.00
N GLY A 132 16.77 12.54 -5.14
CA GLY A 132 15.73 13.07 -5.97
C GLY A 132 15.94 14.51 -6.37
N CYS A 133 17.01 14.74 -7.13
CA CYS A 133 17.30 16.04 -7.74
C CYS A 133 17.54 15.83 -9.24
N PRO A 134 17.45 16.91 -10.03
CA PRO A 134 17.78 16.82 -11.46
C PRO A 134 19.21 16.33 -11.67
N VAL A 135 19.49 15.85 -12.87
CA VAL A 135 20.85 15.53 -13.29
C VAL A 135 21.09 16.32 -14.54
N VAL A 136 22.16 17.10 -14.57
CA VAL A 136 22.54 17.74 -15.81
C VAL A 136 23.82 17.10 -16.28
N GLY A 137 23.79 16.60 -17.51
CA GLY A 137 24.92 15.90 -18.09
C GLY A 137 25.51 16.70 -19.22
N ILE A 138 26.80 16.98 -19.10
CA ILE A 138 27.48 17.88 -20.02
C ILE A 138 28.35 17.07 -20.97
N ASN A 139 27.93 17.00 -22.23
CA ASN A 139 28.49 16.00 -23.12
C ASN A 139 29.54 16.46 -24.10
N ASP A 140 30.75 15.95 -23.91
CA ASP A 140 31.93 16.36 -24.65
C ASP A 140 32.85 15.14 -24.81
N SER A 141 32.55 14.24 -25.76
CA SER A 141 33.31 12.98 -25.89
C SER A 141 33.38 12.30 -27.28
N GLY A 142 34.58 12.09 -27.77
CA GLY A 142 34.78 11.46 -29.05
C GLY A 142 34.15 10.07 -29.16
N GLY A 143 33.84 9.47 -28.02
CA GLY A 143 33.10 8.22 -28.01
C GLY A 143 33.56 7.22 -26.96
N ALA A 144 33.76 5.98 -27.37
CA ALA A 144 34.26 4.93 -26.50
C ALA A 144 35.78 4.86 -26.59
N ARG A 145 36.47 4.90 -25.46
CA ARG A 145 37.92 4.67 -25.53
C ARG A 145 38.20 3.18 -25.74
N ILE A 146 38.40 2.84 -27.01
CA ILE A 146 38.59 1.47 -27.46
C ILE A 146 39.58 0.68 -26.62
N GLN A 147 40.59 1.36 -26.09
CA GLN A 147 41.65 0.69 -25.36
C GLN A 147 41.14 -0.21 -24.23
N GLU A 148 40.08 0.22 -23.55
CA GLU A 148 39.47 -0.60 -22.50
C GLU A 148 38.62 -1.70 -23.10
N GLY A 149 38.16 -1.48 -24.34
CA GLY A 149 37.35 -2.47 -25.01
C GLY A 149 35.91 -2.56 -24.53
N VAL A 150 35.42 -3.79 -24.34
CA VAL A 150 34.03 -4.04 -23.95
C VAL A 150 33.65 -3.34 -22.65
N ALA A 151 34.65 -3.11 -21.81
CA ALA A 151 34.47 -2.37 -20.58
C ALA A 151 33.62 -1.12 -20.84
N SER A 152 33.95 -0.41 -21.91
CA SER A 152 33.32 0.85 -22.24
C SER A 152 31.89 0.63 -22.71
N LEU A 153 31.65 -0.48 -23.39
CA LEU A 153 30.30 -0.88 -23.76
C LEU A 153 29.47 -1.16 -22.52
N GLY A 154 30.14 -1.71 -21.50
CA GLY A 154 29.50 -2.02 -20.24
C GLY A 154 29.17 -0.78 -19.40
N ALA A 155 30.04 0.22 -19.45
CA ALA A 155 29.79 1.48 -18.73
C ALA A 155 28.66 2.30 -19.37
N TYR A 156 28.59 2.31 -20.69
CA TYR A 156 27.46 2.92 -21.39
C TYR A 156 26.16 2.29 -20.91
N GLY A 157 26.14 0.95 -20.92
CA GLY A 157 24.94 0.21 -20.55
C GLY A 157 24.50 0.39 -19.11
N GLU A 158 25.45 0.43 -18.19
CA GLU A 158 25.15 0.67 -16.79
C GLU A 158 24.46 2.05 -16.61
N ILE A 159 24.74 2.95 -17.57
CA ILE A 159 24.17 4.30 -17.62
C ILE A 159 22.77 4.32 -18.24
N PHE A 160 22.63 3.66 -19.39
CA PHE A 160 21.34 3.53 -20.06
C PHE A 160 20.30 2.94 -19.13
N ARG A 161 20.69 1.96 -18.34
CA ARG A 161 19.77 1.38 -17.38
C ARG A 161 19.29 2.48 -16.42
N ARG A 162 20.25 3.23 -15.90
CA ARG A 162 19.96 4.27 -14.94
C ARG A 162 19.10 5.38 -15.54
N ASN A 163 19.34 5.70 -16.81
CA ASN A 163 18.54 6.67 -17.55
C ASN A 163 17.06 6.31 -17.60
N THR A 164 16.83 5.06 -17.99
CA THR A 164 15.49 4.53 -18.17
C THR A 164 14.81 4.47 -16.82
N HIS A 165 15.50 3.99 -15.81
CA HIS A 165 14.90 3.86 -14.49
C HIS A 165 14.58 5.20 -13.86
N ALA A 166 15.32 6.24 -14.25
CA ALA A 166 15.10 7.56 -13.66
C ALA A 166 14.07 8.34 -14.47
N SER A 167 13.75 7.84 -15.65
CA SER A 167 12.86 8.53 -16.56
C SER A 167 11.53 8.85 -15.88
N GLY A 168 11.22 10.14 -15.80
CA GLY A 168 10.00 10.59 -15.15
C GLY A 168 10.07 10.53 -13.65
N VAL A 169 11.28 10.37 -13.10
CA VAL A 169 11.43 10.38 -11.65
C VAL A 169 12.12 11.65 -11.21
N ILE A 170 13.28 11.89 -11.81
CA ILE A 170 14.04 13.14 -11.66
C ILE A 170 14.28 13.72 -13.06
N PRO A 171 14.18 15.06 -13.19
CA PRO A 171 14.41 15.68 -14.50
C PRO A 171 15.79 15.30 -15.03
N GLN A 172 15.92 15.04 -16.32
CA GLN A 172 17.22 14.73 -16.87
C GLN A 172 17.46 15.60 -18.06
N ILE A 173 18.50 16.41 -17.93
CA ILE A 173 18.84 17.38 -18.96
C ILE A 173 20.23 17.09 -19.48
N SER A 174 20.31 16.89 -20.79
CA SER A 174 21.58 16.71 -21.44
C SER A 174 21.96 17.99 -22.18
N LEU A 175 23.04 18.62 -21.74
CA LEU A 175 23.60 19.74 -22.47
C LEU A 175 24.70 19.16 -23.33
N VAL A 176 24.57 19.27 -24.64
CA VAL A 176 25.52 18.64 -25.52
C VAL A 176 26.36 19.70 -26.23
N VAL A 177 27.58 19.85 -25.75
CA VAL A 177 28.52 20.85 -26.25
C VAL A 177 29.79 20.17 -26.77
N GLY A 178 29.64 19.37 -27.82
CA GLY A 178 30.76 18.63 -28.37
C GLY A 178 30.26 17.33 -28.98
N PRO A 179 31.18 16.48 -29.45
CA PRO A 179 30.73 15.23 -30.08
C PRO A 179 30.21 14.23 -29.05
N CYS A 180 29.02 13.72 -29.31
CA CYS A 180 28.48 12.58 -28.60
C CYS A 180 28.43 11.47 -29.65
N ALA A 181 29.39 10.54 -29.61
CA ALA A 181 29.55 9.60 -30.70
C ALA A 181 29.09 8.17 -30.39
N GLY A 182 28.71 7.44 -31.44
CA GLY A 182 28.43 6.01 -31.32
C GLY A 182 27.18 5.65 -30.55
N GLY A 183 27.28 4.65 -29.69
CA GLY A 183 26.16 4.22 -28.86
C GLY A 183 25.92 5.19 -27.73
N ALA A 184 26.89 6.07 -27.49
CA ALA A 184 26.76 7.13 -26.50
C ALA A 184 25.51 7.98 -26.77
N VAL A 185 25.24 8.21 -28.05
CA VAL A 185 24.09 8.99 -28.50
C VAL A 185 22.78 8.68 -27.79
N TYR A 186 22.58 7.42 -27.39
CA TYR A 186 21.30 6.97 -26.85
C TYR A 186 21.05 7.39 -25.42
N SER A 187 22.08 7.82 -24.72
CA SER A 187 21.88 8.24 -23.35
C SER A 187 21.03 9.52 -23.36
N PRO A 188 21.56 10.62 -23.91
CA PRO A 188 20.73 11.84 -24.01
C PRO A 188 19.35 11.57 -24.61
N ALA A 189 19.25 10.57 -25.49
CA ALA A 189 17.98 10.25 -26.12
C ALA A 189 16.90 9.96 -25.09
N ILE A 190 17.30 9.36 -23.98
CA ILE A 190 16.34 8.91 -22.97
C ILE A 190 16.06 10.02 -21.95
N THR A 191 16.99 10.96 -21.83
CA THR A 191 16.74 12.12 -20.99
C THR A 191 15.58 12.97 -21.56
N ASP A 192 14.97 13.75 -20.70
CA ASP A 192 13.78 14.52 -21.06
C ASP A 192 14.08 15.69 -21.98
N PHE A 193 15.23 16.33 -21.80
CA PHE A 193 15.59 17.49 -22.62
C PHE A 193 17.04 17.48 -23.04
N THR A 194 17.26 17.75 -24.32
CA THR A 194 18.59 17.84 -24.87
C THR A 194 18.82 19.24 -25.45
N VAL A 195 19.89 19.89 -24.99
CA VAL A 195 20.23 21.25 -25.42
C VAL A 195 21.60 21.25 -26.11
N MET A 196 21.70 21.89 -27.29
CA MET A 196 22.97 21.96 -28.01
C MET A 196 23.22 23.27 -28.73
N VAL A 197 24.50 23.53 -29.02
CA VAL A 197 24.94 24.81 -29.60
C VAL A 197 25.31 24.68 -31.09
N ASP A 198 25.13 25.78 -31.82
CA ASP A 198 25.21 25.79 -33.28
C ASP A 198 26.32 24.92 -33.93
N GLN A 199 27.57 25.34 -33.78
CA GLN A 199 28.64 24.73 -34.58
C GLN A 199 29.64 23.91 -33.78
N THR A 200 29.41 23.78 -32.47
CA THR A 200 30.40 23.17 -31.57
C THR A 200 29.87 21.97 -30.79
N SER A 201 28.92 21.25 -31.38
CA SER A 201 28.29 20.05 -30.80
C SER A 201 27.71 19.16 -31.89
N HIS A 202 27.88 17.83 -31.75
CA HIS A 202 27.32 16.88 -32.72
C HIS A 202 27.02 15.49 -32.12
N MET A 203 25.96 14.85 -32.61
CA MET A 203 25.58 13.51 -32.15
C MET A 203 25.26 12.61 -33.33
N PHE A 204 25.76 11.36 -33.29
CA PHE A 204 25.51 10.37 -34.34
C PHE A 204 25.97 8.96 -33.96
N ILE A 205 25.14 7.95 -34.26
CA ILE A 205 25.56 6.55 -34.08
C ILE A 205 26.52 6.13 -35.16
N THR A 206 26.48 6.82 -36.30
CA THR A 206 27.31 6.46 -37.45
C THR A 206 28.01 7.66 -38.09
N GLY A 207 29.34 7.66 -38.05
CA GLY A 207 30.13 8.68 -38.73
C GLY A 207 29.94 8.57 -40.23
N PRO A 208 30.35 9.60 -40.99
CA PRO A 208 30.06 9.74 -42.42
C PRO A 208 31.10 9.07 -43.32
N ASP A 209 32.24 8.70 -42.76
CA ASP A 209 33.20 7.92 -43.50
C ASP A 209 32.64 6.52 -43.66
N VAL A 210 32.28 5.91 -42.53
CA VAL A 210 31.59 4.63 -42.54
C VAL A 210 30.31 4.70 -43.37
N ILE A 211 29.68 5.87 -43.39
CA ILE A 211 28.48 6.09 -44.20
C ILE A 211 28.79 5.98 -45.69
N LYS A 212 29.80 6.69 -46.15
CA LYS A 212 30.18 6.64 -47.55
C LYS A 212 30.61 5.22 -47.97
N THR A 213 31.37 4.57 -47.09
CA THR A 213 31.90 3.23 -47.36
C THR A 213 30.79 2.23 -47.66
N VAL A 214 29.58 2.51 -47.22
CA VAL A 214 28.52 1.51 -47.26
C VAL A 214 27.30 1.90 -48.11
N THR A 215 26.87 3.14 -47.97
CA THR A 215 25.69 3.61 -48.69
C THR A 215 26.11 4.36 -49.95
N GLY A 216 27.36 4.84 -49.96
CA GLY A 216 27.88 5.55 -51.10
C GLY A 216 27.81 7.07 -50.97
N GLU A 217 27.10 7.55 -49.95
CA GLU A 217 26.93 8.99 -49.78
C GLU A 217 27.81 9.57 -48.67
N ASP A 218 28.22 10.82 -48.87
CA ASP A 218 29.07 11.53 -47.92
C ASP A 218 28.44 12.87 -47.52
N VAL A 219 28.86 13.37 -46.37
CA VAL A 219 28.33 14.59 -45.81
C VAL A 219 29.33 15.06 -44.76
N GLY A 220 29.10 16.24 -44.19
CA GLY A 220 29.93 16.72 -43.10
C GLY A 220 29.28 16.46 -41.76
N PHE A 221 30.02 16.62 -40.68
CA PHE A 221 29.46 16.47 -39.34
C PHE A 221 28.40 17.52 -39.04
N GLU A 222 28.54 18.69 -39.65
CA GLU A 222 27.59 19.77 -39.43
C GLU A 222 26.19 19.39 -39.90
N GLU A 223 26.09 18.79 -41.09
CA GLU A 223 24.77 18.49 -41.64
C GLU A 223 24.30 17.07 -41.36
N LEU A 224 25.17 16.25 -40.77
CA LEU A 224 24.76 14.90 -40.37
C LEU A 224 24.06 14.93 -39.01
N GLY A 225 24.64 15.67 -38.07
CA GLY A 225 24.18 15.66 -36.69
C GLY A 225 24.59 16.87 -35.88
N GLY A 226 24.80 17.97 -36.60
CA GLY A 226 25.05 19.26 -35.97
C GLY A 226 23.81 19.71 -35.23
N ALA A 227 23.93 20.78 -34.46
CA ALA A 227 22.81 21.22 -33.64
C ALA A 227 21.58 21.57 -34.48
N ARG A 228 21.77 22.32 -35.56
CA ARG A 228 20.65 22.75 -36.40
C ARG A 228 19.83 21.58 -36.94
N THR A 229 20.50 20.61 -37.57
CA THR A 229 19.79 19.48 -38.16
C THR A 229 18.91 18.74 -37.16
N HIS A 230 19.41 18.53 -35.94
CA HIS A 230 18.66 17.82 -34.92
C HIS A 230 17.53 18.65 -34.28
N ASN A 231 17.46 19.93 -34.63
CA ASN A 231 16.43 20.81 -34.08
C ASN A 231 15.30 21.09 -35.07
N SER A 232 15.56 20.85 -36.34
CA SER A 232 14.57 21.16 -37.37
C SER A 232 14.14 19.90 -38.09
N THR A 233 15.05 18.93 -38.16
CA THR A 233 14.85 17.73 -38.98
C THR A 233 14.60 16.46 -38.17
N SER A 234 15.53 16.11 -37.27
CA SER A 234 15.50 14.79 -36.62
C SER A 234 14.59 14.71 -35.40
N GLY A 235 14.29 15.86 -34.79
CA GLY A 235 13.42 15.87 -33.63
C GLY A 235 14.09 15.44 -32.34
N VAL A 236 15.37 15.08 -32.41
CA VAL A 236 16.07 14.61 -31.22
C VAL A 236 16.49 15.70 -30.21
N ALA A 237 16.67 16.93 -30.68
CA ALA A 237 17.06 18.06 -29.80
C ALA A 237 15.92 19.05 -29.56
N HIS A 238 15.93 19.68 -28.39
CA HIS A 238 14.85 20.58 -28.03
C HIS A 238 15.23 22.06 -28.16
N HIS A 239 16.51 22.35 -28.09
CA HIS A 239 16.96 23.73 -28.24
C HIS A 239 18.33 23.86 -28.90
N MET A 240 18.40 24.85 -29.79
CA MET A 240 19.62 25.21 -30.48
C MET A 240 20.04 26.60 -30.01
N ALA A 241 21.08 26.63 -29.16
CA ALA A 241 21.59 27.87 -28.59
C ALA A 241 22.76 28.41 -29.44
N GLY A 242 22.82 29.74 -29.55
CA GLY A 242 23.84 30.35 -30.39
C GLY A 242 25.20 30.30 -29.73
N ASP A 243 25.24 29.79 -28.50
CA ASP A 243 26.44 29.95 -27.67
C ASP A 243 26.32 29.08 -26.42
N GLU A 244 27.47 28.67 -25.87
CA GLU A 244 27.46 27.81 -24.69
C GLU A 244 26.85 28.50 -23.45
N LYS A 245 27.16 29.78 -23.27
CA LYS A 245 26.59 30.56 -22.16
C LYS A 245 25.08 30.70 -22.27
N ASP A 246 24.60 30.86 -23.50
CA ASP A 246 23.17 30.88 -23.73
C ASP A 246 22.59 29.52 -23.37
N ALA A 247 23.22 28.48 -23.93
CA ALA A 247 22.85 27.08 -23.69
C ALA A 247 22.77 26.81 -22.19
N VAL A 248 23.82 27.17 -21.45
CA VAL A 248 23.78 27.02 -19.99
C VAL A 248 22.68 27.86 -19.38
N GLU A 249 22.25 28.90 -20.09
CA GLU A 249 21.17 29.72 -19.57
C GLU A 249 19.82 29.07 -19.88
N TYR A 250 19.72 28.41 -21.02
CA TYR A 250 18.47 27.74 -21.40
C TYR A 250 18.19 26.49 -20.53
N VAL A 251 19.24 25.81 -20.08
CA VAL A 251 19.08 24.74 -19.08
C VAL A 251 18.51 25.27 -17.75
N LYS A 252 18.99 26.44 -17.32
CA LYS A 252 18.53 27.06 -16.07
C LYS A 252 17.04 27.37 -16.09
N GLN A 253 16.60 28.02 -17.16
CA GLN A 253 15.18 28.26 -17.39
C GLN A 253 14.40 26.96 -17.30
N LEU A 254 14.82 25.95 -18.07
CA LEU A 254 14.16 24.64 -18.10
C LEU A 254 13.96 24.10 -16.69
N LEU A 255 15.04 24.02 -15.92
CA LEU A 255 14.93 23.63 -14.52
C LEU A 255 13.90 24.45 -13.77
N SER A 256 13.83 25.74 -14.04
CA SER A 256 13.00 26.62 -13.21
C SER A 256 11.52 26.28 -13.37
N TYR A 257 11.16 25.61 -14.46
CA TYR A 257 9.77 25.26 -14.69
C TYR A 257 9.45 23.86 -14.17
N LEU A 258 10.49 23.18 -13.67
CA LEU A 258 10.37 21.78 -13.28
C LEU A 258 10.67 21.58 -11.80
N PRO A 259 9.98 20.63 -11.16
CA PRO A 259 10.31 20.22 -9.80
C PRO A 259 11.63 19.43 -9.75
N SER A 260 12.14 19.25 -8.54
CA SER A 260 13.38 18.53 -8.31
C SER A 260 13.20 17.02 -8.53
N ASN A 261 11.98 16.55 -8.33
CA ASN A 261 11.63 15.16 -8.61
C ASN A 261 10.12 14.99 -8.76
N ASN A 262 9.66 13.79 -9.05
CA ASN A 262 8.22 13.64 -9.33
C ASN A 262 7.37 13.61 -8.08
N LEU A 263 7.99 13.86 -6.92
CA LEU A 263 7.23 13.89 -5.66
C LEU A 263 6.82 15.31 -5.19
N SER A 264 7.20 16.34 -5.94
CA SER A 264 6.83 17.73 -5.61
C SER A 264 6.18 18.45 -6.77
N GLU A 265 5.48 19.54 -6.44
CA GLU A 265 4.97 20.45 -7.47
C GLU A 265 6.10 21.33 -8.02
N PRO A 266 5.93 21.83 -9.25
CA PRO A 266 6.98 22.70 -9.77
C PRO A 266 7.11 23.88 -8.83
N PRO A 267 8.29 24.52 -8.77
CA PRO A 267 8.42 25.61 -7.79
C PRO A 267 7.57 26.82 -8.17
N ALA A 268 6.75 27.28 -7.24
CA ALA A 268 5.88 28.41 -7.51
C ALA A 268 6.43 29.73 -6.93
N PHE A 269 6.29 30.82 -7.69
CA PHE A 269 6.50 32.15 -7.11
C PHE A 269 5.15 32.83 -7.07
N PRO A 270 4.36 32.51 -6.04
CA PRO A 270 2.96 32.92 -5.98
C PRO A 270 2.80 34.42 -6.20
N GLU A 271 1.96 34.78 -7.15
CA GLU A 271 1.47 36.14 -7.27
C GLU A 271 -0.03 36.09 -7.55
N GLU A 272 -0.73 37.14 -7.15
CA GLU A 272 -2.16 37.27 -7.37
C GLU A 272 -2.43 37.76 -8.79
N ALA A 273 -3.45 37.17 -9.41
CA ALA A 273 -3.82 37.57 -10.76
C ALA A 273 -4.72 38.80 -10.70
N ASP A 274 -4.66 39.61 -11.75
CA ASP A 274 -5.64 40.67 -11.94
C ASP A 274 -6.90 39.98 -12.44
N LEU A 275 -7.88 39.86 -11.55
CA LEU A 275 -9.11 39.16 -11.85
C LEU A 275 -10.14 39.98 -12.63
N ALA A 276 -9.83 41.26 -12.90
CA ALA A 276 -10.67 42.05 -13.81
C ALA A 276 -10.18 41.95 -15.24
N VAL A 277 -11.01 42.41 -16.17
CA VAL A 277 -10.63 42.46 -17.58
C VAL A 277 -9.62 43.59 -17.84
N THR A 278 -8.51 43.24 -18.48
CA THR A 278 -7.48 44.19 -18.83
C THR A 278 -7.48 44.51 -20.31
N ASP A 279 -6.87 45.64 -20.66
CA ASP A 279 -6.73 46.06 -22.05
C ASP A 279 -6.07 44.96 -22.91
N GLU A 280 -5.14 44.22 -22.32
CA GLU A 280 -4.45 43.15 -23.01
C GLU A 280 -5.46 42.05 -23.34
N ASP A 281 -6.18 41.61 -22.31
CA ASP A 281 -7.32 40.72 -22.47
C ASP A 281 -8.20 41.09 -23.67
N ALA A 282 -8.57 42.35 -23.76
CA ALA A 282 -9.50 42.83 -24.79
C ALA A 282 -8.97 42.64 -26.20
N GLU A 283 -7.66 42.72 -26.35
CA GLU A 283 -7.07 42.42 -27.66
C GLU A 283 -7.48 41.06 -28.25
N LEU A 284 -7.84 40.09 -27.41
CA LEU A 284 -8.17 38.76 -27.93
C LEU A 284 -9.51 38.77 -28.65
N ASP A 285 -10.37 39.74 -28.35
CA ASP A 285 -11.68 39.76 -28.99
C ASP A 285 -11.64 40.10 -30.48
N THR A 286 -10.43 40.30 -31.00
CA THR A 286 -10.27 40.71 -32.41
C THR A 286 -9.06 40.00 -33.02
N ILE A 287 -8.37 39.22 -32.21
CA ILE A 287 -7.27 38.41 -32.69
C ILE A 287 -7.70 37.52 -33.89
N VAL A 288 -8.92 37.00 -33.85
CA VAL A 288 -9.34 36.08 -34.91
C VAL A 288 -9.90 36.70 -36.19
N PRO A 289 -9.13 36.60 -37.29
CA PRO A 289 -9.64 37.14 -38.55
C PRO A 289 -10.95 36.44 -38.91
N ASP A 290 -11.68 37.01 -39.88
CA ASP A 290 -12.98 36.49 -40.28
C ASP A 290 -12.90 35.42 -41.37
N SER A 291 -11.86 35.47 -42.19
CA SER A 291 -11.67 34.47 -43.24
C SER A 291 -10.92 33.25 -42.69
N ALA A 292 -11.59 32.10 -42.68
CA ALA A 292 -11.00 30.85 -42.17
C ALA A 292 -9.60 30.62 -42.72
N ASN A 293 -9.40 31.03 -43.96
CA ASN A 293 -8.11 30.97 -44.64
C ASN A 293 -7.08 31.97 -44.07
N GLN A 294 -7.57 32.99 -43.37
CA GLN A 294 -6.71 33.96 -42.70
C GLN A 294 -6.17 33.40 -41.38
N PRO A 295 -4.85 33.19 -41.31
CA PRO A 295 -4.17 32.70 -40.10
C PRO A 295 -3.80 33.82 -39.15
N TYR A 296 -3.82 33.54 -37.86
CA TYR A 296 -3.39 34.50 -36.86
C TYR A 296 -2.26 33.84 -36.07
N ASP A 297 -1.54 34.62 -35.28
CA ASP A 297 -0.36 34.10 -34.58
C ASP A 297 -0.70 33.54 -33.19
N MET A 298 -0.60 32.21 -33.05
CA MET A 298 -0.94 31.56 -31.79
C MET A 298 -0.07 31.97 -30.60
N HIS A 299 1.20 32.31 -30.86
CA HIS A 299 2.10 32.83 -29.81
C HIS A 299 1.42 33.95 -29.03
N SER A 300 0.64 34.74 -29.74
CA SER A 300 -0.05 35.88 -29.15
C SER A 300 -1.07 35.40 -28.12
N VAL A 301 -2.07 34.65 -28.59
CA VAL A 301 -3.05 34.05 -27.69
C VAL A 301 -2.40 33.43 -26.46
N ILE A 302 -1.23 32.84 -26.64
CA ILE A 302 -0.56 32.20 -25.50
C ILE A 302 0.04 33.23 -24.55
N GLU A 303 0.75 34.21 -25.11
CA GLU A 303 1.32 35.28 -24.31
C GLU A 303 0.28 36.09 -23.53
N HIS A 304 -0.92 36.20 -24.07
CA HIS A 304 -1.98 36.90 -23.36
C HIS A 304 -2.49 36.14 -22.14
N VAL A 305 -2.11 34.88 -22.04
CA VAL A 305 -2.60 34.04 -20.96
C VAL A 305 -1.54 33.89 -19.88
N LEU A 306 -0.28 33.98 -20.27
CA LEU A 306 0.84 33.63 -19.39
C LEU A 306 1.40 34.85 -18.64
N ASP A 307 1.77 34.66 -17.37
CA ASP A 307 2.39 35.72 -16.60
C ASP A 307 3.49 36.46 -17.36
N ASP A 308 3.33 37.78 -17.46
CA ASP A 308 4.35 38.64 -18.08
C ASP A 308 4.52 38.40 -19.57
N ALA A 309 3.46 37.96 -20.21
CA ALA A 309 3.50 37.61 -21.61
C ALA A 309 4.77 36.81 -21.93
N GLU A 310 5.20 35.98 -20.98
CA GLU A 310 6.43 35.20 -21.13
C GLU A 310 6.19 33.73 -21.46
N PHE A 311 6.68 33.32 -22.63
CA PHE A 311 6.48 31.97 -23.14
C PHE A 311 7.85 31.37 -23.46
N PHE A 312 8.25 30.39 -22.65
CA PHE A 312 9.51 29.70 -22.85
C PHE A 312 9.23 28.47 -23.72
N GLU A 313 9.69 28.51 -24.97
CA GLU A 313 9.29 27.54 -25.98
C GLU A 313 10.31 26.42 -26.21
N THR A 314 9.83 25.19 -26.30
CA THR A 314 10.66 24.05 -26.63
C THR A 314 10.50 23.68 -28.10
N GLN A 315 11.58 23.17 -28.71
CA GLN A 315 11.57 22.71 -30.10
C GLN A 315 10.85 23.65 -31.07
N PRO A 316 11.20 24.94 -31.07
CA PRO A 316 10.45 25.84 -31.94
C PRO A 316 10.73 25.57 -33.43
N LEU A 317 11.90 24.98 -33.69
CA LEU A 317 12.29 24.68 -35.06
C LEU A 317 11.72 23.35 -35.59
N PHE A 318 11.47 22.41 -34.69
CA PHE A 318 10.94 21.12 -35.10
C PHE A 318 9.42 21.21 -35.13
N ALA A 319 8.81 20.70 -36.19
CA ALA A 319 7.35 20.72 -36.31
C ALA A 319 6.77 22.06 -35.86
N PRO A 320 7.12 23.14 -36.56
CA PRO A 320 6.68 24.50 -36.24
C PRO A 320 5.17 24.63 -36.35
N ASN A 321 4.52 23.55 -36.80
CA ASN A 321 3.08 23.56 -36.98
C ASN A 321 2.32 23.41 -35.67
N ILE A 322 3.02 22.99 -34.64
CA ILE A 322 2.44 22.93 -33.30
C ILE A 322 3.42 23.58 -32.34
N LEU A 323 2.92 24.21 -31.29
CA LEU A 323 3.78 24.92 -30.33
C LEU A 323 3.77 24.24 -28.98
N THR A 324 4.95 24.08 -28.39
CA THR A 324 5.10 23.52 -27.03
C THR A 324 6.09 24.30 -26.18
N GLY A 325 5.86 24.31 -24.87
CA GLY A 325 6.75 24.94 -23.92
C GLY A 325 6.10 25.25 -22.58
N PHE A 326 6.83 25.96 -21.74
CA PHE A 326 6.36 26.30 -20.40
C PHE A 326 6.07 27.78 -20.26
N GLY A 327 5.48 28.14 -19.13
CA GLY A 327 5.18 29.52 -18.77
C GLY A 327 4.68 29.50 -17.34
N ARG A 328 4.15 30.62 -16.85
CA ARG A 328 3.55 30.60 -15.51
C ARG A 328 2.20 31.32 -15.48
N VAL A 329 1.33 30.84 -14.61
CA VAL A 329 0.05 31.46 -14.39
C VAL A 329 -0.02 31.63 -12.89
N GLU A 330 -0.18 32.88 -12.46
CA GLU A 330 -0.16 33.20 -11.04
C GLU A 330 1.07 32.64 -10.35
N GLY A 331 2.18 32.61 -11.07
CA GLY A 331 3.43 32.11 -10.51
C GLY A 331 3.67 30.61 -10.55
N ARG A 332 2.72 29.84 -11.09
CA ARG A 332 2.86 28.38 -11.11
C ARG A 332 3.19 27.93 -12.51
N PRO A 333 4.33 27.24 -12.66
CA PRO A 333 4.64 26.67 -13.98
C PRO A 333 3.45 25.91 -14.59
N VAL A 334 3.26 26.11 -15.88
CA VAL A 334 2.27 25.40 -16.68
C VAL A 334 2.97 25.03 -17.99
N GLY A 335 2.40 24.09 -18.72
CA GLY A 335 2.96 23.74 -20.02
C GLY A 335 1.95 24.10 -21.07
N ILE A 336 2.42 24.33 -22.29
CA ILE A 336 1.53 24.64 -23.39
C ILE A 336 1.63 23.70 -24.60
N VAL A 337 0.46 23.29 -25.11
CA VAL A 337 0.37 22.68 -26.43
C VAL A 337 -0.65 23.40 -27.30
N ALA A 338 -0.27 23.76 -28.53
CA ALA A 338 -1.13 24.63 -29.33
C ALA A 338 -0.87 24.56 -30.82
N ASN A 339 -1.95 24.36 -31.58
CA ASN A 339 -1.88 24.38 -33.02
C ASN A 339 -1.45 25.78 -33.45
N GLN A 340 -0.50 25.87 -34.39
CA GLN A 340 -0.04 27.16 -34.90
C GLN A 340 -0.46 27.40 -36.35
N PRO A 341 -1.59 28.10 -36.55
CA PRO A 341 -2.13 28.39 -37.89
C PRO A 341 -1.07 28.90 -38.88
N MET A 342 -0.23 29.83 -38.45
CA MET A 342 0.82 30.41 -39.29
C MET A 342 1.61 29.37 -40.08
N GLN A 343 1.79 28.18 -39.51
CA GLN A 343 2.63 27.18 -40.13
C GLN A 343 1.80 26.00 -40.62
N PHE A 344 1.77 25.78 -41.93
CA PHE A 344 1.01 24.68 -42.51
C PHE A 344 -0.43 24.61 -41.98
N ALA A 345 -1.10 25.76 -41.92
CA ALA A 345 -2.50 25.84 -41.52
C ALA A 345 -2.77 25.28 -40.12
N GLY A 346 -1.72 25.15 -39.33
CA GLY A 346 -1.86 24.54 -38.01
C GLY A 346 -2.29 23.07 -38.06
N CYS A 347 -1.93 22.38 -39.13
CA CYS A 347 -2.34 21.00 -39.25
C CYS A 347 -1.47 20.07 -38.41
N LEU A 348 -2.11 19.07 -37.82
CA LEU A 348 -1.41 17.95 -37.22
C LEU A 348 -0.72 17.06 -38.26
N ASP A 349 0.44 16.53 -37.91
CA ASP A 349 1.17 15.62 -38.78
C ASP A 349 1.94 14.64 -37.89
N ILE A 350 2.82 13.83 -38.46
CA ILE A 350 3.50 12.86 -37.59
C ILE A 350 4.49 13.57 -36.64
N THR A 351 5.30 14.47 -37.19
CA THR A 351 6.29 15.15 -36.37
C THR A 351 5.66 15.99 -35.27
N ALA A 352 4.54 16.64 -35.56
CA ALA A 352 3.83 17.42 -34.55
C ALA A 352 3.35 16.51 -33.42
N SER A 353 2.76 15.38 -33.78
CA SER A 353 2.28 14.41 -32.81
C SER A 353 3.36 13.94 -31.85
N GLU A 354 4.52 13.58 -32.38
CA GLU A 354 5.61 13.07 -31.54
C GLU A 354 6.22 14.16 -30.66
N LYS A 355 6.37 15.36 -31.22
CA LYS A 355 6.85 16.51 -30.46
C LYS A 355 5.93 16.71 -29.27
N ALA A 356 4.65 16.84 -29.56
CA ALA A 356 3.67 17.18 -28.54
C ALA A 356 3.41 16.02 -27.59
N ALA A 357 3.15 14.85 -28.16
CA ALA A 357 2.94 13.67 -27.33
C ALA A 357 3.97 13.63 -26.21
N ARG A 358 5.24 13.76 -26.55
CA ARG A 358 6.26 13.59 -25.52
C ARG A 358 6.34 14.74 -24.53
N PHE A 359 5.99 15.94 -24.98
CA PHE A 359 5.99 17.09 -24.09
C PHE A 359 4.85 16.98 -23.09
N VAL A 360 3.67 16.59 -23.55
CA VAL A 360 2.60 16.29 -22.62
C VAL A 360 2.99 15.25 -21.55
N ARG A 361 3.64 14.17 -21.95
CA ARG A 361 4.02 13.11 -21.01
C ARG A 361 5.11 13.60 -20.05
N THR A 362 5.95 14.50 -20.54
CA THR A 362 6.96 15.12 -19.69
C THR A 362 6.27 15.96 -18.60
N CYS A 363 5.37 16.83 -19.01
CA CYS A 363 4.64 17.64 -18.03
C CYS A 363 3.88 16.73 -17.05
N ASP A 364 3.20 15.72 -17.57
CA ASP A 364 2.44 14.83 -16.70
C ASP A 364 3.33 14.21 -15.64
N ALA A 365 4.46 13.68 -16.08
CA ALA A 365 5.35 12.97 -15.18
C ALA A 365 5.84 13.87 -14.04
N PHE A 366 6.05 15.15 -14.36
CA PHE A 366 6.58 16.09 -13.37
C PHE A 366 5.56 17.09 -12.85
N ASN A 367 4.28 16.79 -13.01
CA ASN A 367 3.24 17.48 -12.27
C ASN A 367 2.92 18.90 -12.75
N VAL A 368 3.31 19.23 -13.96
CA VAL A 368 2.95 20.54 -14.52
C VAL A 368 1.68 20.46 -15.38
N PRO A 369 0.67 21.28 -15.03
CA PRO A 369 -0.60 21.38 -15.74
C PRO A 369 -0.37 21.65 -17.22
N VAL A 370 -1.26 21.13 -18.06
CA VAL A 370 -1.18 21.40 -19.49
C VAL A 370 -2.37 22.24 -19.97
N LEU A 371 -2.06 23.21 -20.81
CA LEU A 371 -3.08 24.10 -21.34
C LEU A 371 -2.98 23.91 -22.82
N THR A 372 -4.13 23.70 -23.46
CA THR A 372 -4.11 23.43 -24.88
C THR A 372 -4.92 24.48 -25.64
N PHE A 373 -4.35 24.98 -26.73
CA PHE A 373 -5.05 25.96 -27.54
C PHE A 373 -5.23 25.39 -28.92
N VAL A 374 -6.47 25.25 -29.33
CA VAL A 374 -6.76 24.48 -30.50
C VAL A 374 -7.43 25.25 -31.63
N ASP A 375 -6.70 25.33 -32.74
CA ASP A 375 -7.22 25.73 -34.02
C ASP A 375 -6.65 24.69 -34.97
N VAL A 376 -7.48 23.76 -35.43
CA VAL A 376 -6.95 22.57 -36.08
C VAL A 376 -7.86 21.98 -37.15
N PRO A 377 -7.46 22.15 -38.42
CA PRO A 377 -8.27 21.75 -39.58
C PRO A 377 -8.37 20.23 -39.66
N GLY A 378 -7.33 19.53 -39.20
CA GLY A 378 -7.25 18.08 -39.29
C GLY A 378 -5.82 17.68 -39.63
N PHE A 379 -5.67 16.52 -40.27
CA PHE A 379 -4.35 15.93 -40.54
C PHE A 379 -3.82 16.21 -41.93
N LEU A 380 -2.55 16.61 -41.97
CA LEU A 380 -1.81 16.81 -43.22
C LEU A 380 -2.02 15.67 -44.23
N PRO A 381 -2.78 15.93 -45.30
CA PRO A 381 -2.89 14.93 -46.37
C PRO A 381 -1.53 14.61 -46.99
N GLY A 382 -1.22 13.33 -47.11
CA GLY A 382 0.02 12.92 -47.72
C GLY A 382 0.21 11.41 -47.64
N VAL A 383 0.66 10.83 -48.75
CA VAL A 383 0.93 9.40 -48.84
C VAL A 383 2.20 9.02 -48.08
N ASP A 384 3.14 9.95 -47.93
CA ASP A 384 4.35 9.71 -47.14
C ASP A 384 3.96 9.60 -45.68
N GLN A 385 2.96 10.39 -45.32
CA GLN A 385 2.39 10.41 -43.98
C GLN A 385 1.82 9.05 -43.66
N GLU A 386 0.95 8.55 -44.53
CA GLU A 386 0.29 7.28 -44.28
C GLU A 386 1.30 6.14 -44.34
N HIS A 387 2.11 6.13 -45.39
CA HIS A 387 3.09 5.06 -45.56
C HIS A 387 4.16 5.02 -44.48
N ASP A 388 4.09 5.96 -43.54
CA ASP A 388 4.80 5.77 -42.27
C ASP A 388 3.85 5.86 -41.08
N GLY A 389 2.66 5.32 -41.26
CA GLY A 389 1.71 5.13 -40.18
C GLY A 389 1.54 6.33 -39.26
N ILE A 390 1.07 7.44 -39.83
CA ILE A 390 0.53 8.49 -39.01
C ILE A 390 -0.42 7.83 -38.02
N ILE A 391 -1.06 6.75 -38.47
CA ILE A 391 -1.97 5.96 -37.63
C ILE A 391 -1.40 5.64 -36.25
N ARG A 392 -0.16 5.17 -36.20
CA ARG A 392 0.43 4.76 -34.92
C ARG A 392 1.27 5.90 -34.37
N ARG A 393 1.25 7.02 -35.07
CA ARG A 393 2.08 8.14 -34.74
C ARG A 393 1.27 9.24 -34.06
N GLY A 394 0.14 9.60 -34.67
CA GLY A 394 -0.76 10.58 -34.10
C GLY A 394 -1.49 10.00 -32.91
N ALA A 395 -1.53 8.67 -32.83
CA ALA A 395 -2.18 8.01 -31.71
C ALA A 395 -1.43 8.27 -30.40
N LYS A 396 -0.14 8.57 -30.50
CA LYS A 396 0.68 8.85 -29.33
C LYS A 396 0.17 10.04 -28.50
N LEU A 397 -0.17 11.11 -29.21
CA LEU A 397 -0.76 12.32 -28.63
C LEU A 397 -2.04 12.00 -27.86
N ILE A 398 -2.92 11.21 -28.49
CA ILE A 398 -4.19 10.86 -27.84
C ILE A 398 -3.88 10.15 -26.53
N PHE A 399 -2.98 9.18 -26.60
CA PHE A 399 -2.60 8.38 -25.46
C PHE A 399 -2.10 9.29 -24.34
N ALA A 400 -1.27 10.26 -24.69
CA ALA A 400 -0.63 11.12 -23.69
C ALA A 400 -1.67 11.91 -22.89
N TYR A 401 -2.59 12.57 -23.58
CA TYR A 401 -3.69 13.27 -22.93
C TYR A 401 -4.57 12.38 -22.03
N ALA A 402 -4.94 11.21 -22.53
CA ALA A 402 -5.78 10.26 -21.79
C ALA A 402 -5.07 9.64 -20.60
N GLU A 403 -3.78 9.42 -20.75
CA GLU A 403 -2.98 8.85 -19.69
C GLU A 403 -2.76 9.88 -18.57
N ALA A 404 -2.79 11.17 -18.92
CA ALA A 404 -2.45 12.29 -18.03
C ALA A 404 -3.40 12.43 -16.85
N THR A 405 -2.85 12.90 -15.73
CA THR A 405 -3.63 13.14 -14.52
C THR A 405 -3.43 14.58 -13.96
N VAL A 406 -2.44 15.30 -14.49
CA VAL A 406 -2.32 16.71 -14.17
C VAL A 406 -3.56 17.45 -14.69
N PRO A 407 -3.73 18.70 -14.23
CA PRO A 407 -4.84 19.54 -14.69
C PRO A 407 -4.76 19.75 -16.19
N LEU A 408 -5.91 19.64 -16.84
CA LEU A 408 -6.00 19.85 -18.26
C LEU A 408 -7.13 20.82 -18.56
N ILE A 409 -6.78 21.89 -19.25
CA ILE A 409 -7.72 22.95 -19.60
C ILE A 409 -7.44 23.14 -21.04
N THR A 410 -8.45 23.04 -21.87
CA THR A 410 -8.17 23.28 -23.26
C THR A 410 -9.08 24.39 -23.77
N VAL A 411 -8.54 25.19 -24.66
CA VAL A 411 -9.31 26.29 -25.19
C VAL A 411 -9.34 26.13 -26.70
N ILE A 412 -10.54 26.17 -27.24
CA ILE A 412 -10.70 26.08 -28.68
C ILE A 412 -10.95 27.48 -29.23
N THR A 413 -9.94 28.01 -29.91
CA THR A 413 -10.00 29.35 -30.47
C THR A 413 -10.78 29.39 -31.78
N ARG A 414 -10.69 28.32 -32.57
CA ARG A 414 -11.38 28.28 -33.87
C ARG A 414 -11.73 26.85 -34.37
N LYS A 415 -10.85 26.23 -35.15
CA LYS A 415 -11.17 24.94 -35.76
C LYS A 415 -10.90 23.70 -34.89
N ALA A 416 -11.91 22.85 -34.77
CA ALA A 416 -11.77 21.52 -34.17
C ALA A 416 -12.50 20.52 -35.08
N PHE A 417 -11.81 19.95 -36.06
CA PHE A 417 -12.46 19.03 -37.01
C PHE A 417 -12.08 17.55 -36.89
N GLY A 418 -13.11 16.70 -36.77
CA GLY A 418 -12.93 15.26 -36.85
C GLY A 418 -12.00 14.68 -35.81
N GLY A 419 -11.19 13.71 -36.24
CA GLY A 419 -10.26 13.03 -35.36
C GLY A 419 -9.43 14.02 -34.55
N ALA A 420 -9.10 15.14 -35.19
CA ALA A 420 -8.25 16.17 -34.61
C ALA A 420 -8.85 16.76 -33.33
N TYR A 421 -10.15 17.06 -33.37
CA TYR A 421 -10.85 17.51 -32.16
C TYR A 421 -10.49 16.69 -30.94
N ASN A 422 -10.71 15.38 -31.00
CA ASN A 422 -10.31 14.52 -29.89
C ASN A 422 -8.85 14.61 -29.57
N VAL A 423 -8.03 14.59 -30.61
CA VAL A 423 -6.60 14.58 -30.41
C VAL A 423 -6.13 15.69 -29.47
N MET A 424 -6.61 16.91 -29.70
CA MET A 424 -6.12 18.06 -28.95
C MET A 424 -6.82 18.25 -27.60
N GLY A 425 -6.52 17.38 -26.65
CA GLY A 425 -6.91 17.61 -25.28
C GLY A 425 -8.40 17.78 -25.04
N SER A 426 -9.22 17.09 -25.83
CA SER A 426 -10.67 17.14 -25.64
C SER A 426 -11.14 16.52 -24.31
N LYS A 427 -12.35 16.89 -23.90
CA LYS A 427 -12.96 16.33 -22.71
C LYS A 427 -13.04 14.80 -22.69
N HIS A 428 -13.37 14.22 -23.84
CA HIS A 428 -13.61 12.78 -23.96
C HIS A 428 -12.38 12.02 -23.54
N LEU A 429 -11.23 12.55 -23.92
CA LEU A 429 -9.94 12.09 -23.42
C LEU A 429 -9.65 12.46 -21.96
N GLY A 430 -10.61 13.04 -21.25
CA GLY A 430 -10.45 13.30 -19.83
C GLY A 430 -10.11 14.75 -19.40
N ALA A 431 -10.06 15.69 -20.35
CA ALA A 431 -9.77 17.07 -20.00
C ALA A 431 -10.79 17.58 -19.00
N ASP A 432 -10.31 18.41 -18.08
CA ASP A 432 -11.08 18.84 -16.92
C ASP A 432 -11.98 20.01 -17.23
N LEU A 433 -11.48 20.93 -18.06
CA LEU A 433 -12.21 22.12 -18.43
C LEU A 433 -11.95 22.39 -19.90
N ASN A 434 -13.02 22.37 -20.67
CA ASN A 434 -12.96 22.66 -22.09
C ASN A 434 -13.77 23.89 -22.40
N LEU A 435 -13.16 24.80 -23.14
CA LEU A 435 -13.74 26.12 -23.34
C LEU A 435 -13.66 26.45 -24.78
N ALA A 436 -14.67 27.15 -25.27
CA ALA A 436 -14.66 27.52 -26.67
C ALA A 436 -14.98 28.99 -26.86
N TRP A 437 -14.25 29.61 -27.77
CA TRP A 437 -14.58 30.95 -28.22
C TRP A 437 -15.76 30.85 -29.19
N PRO A 438 -16.43 31.97 -29.48
CA PRO A 438 -17.58 31.90 -30.37
C PRO A 438 -17.10 31.70 -31.80
N THR A 439 -15.80 31.80 -31.97
CA THR A 439 -15.20 31.60 -33.27
C THR A 439 -14.82 30.14 -33.52
N ALA A 440 -15.12 29.27 -32.56
CA ALA A 440 -14.80 27.84 -32.69
C ALA A 440 -15.78 27.10 -33.58
N GLN A 441 -15.24 26.14 -34.32
CA GLN A 441 -16.03 25.31 -35.21
C GLN A 441 -15.73 23.86 -34.84
N ILE A 442 -16.68 23.24 -34.15
CA ILE A 442 -16.52 21.87 -33.70
C ILE A 442 -17.51 21.00 -34.49
N ALA A 443 -16.97 20.28 -35.47
CA ALA A 443 -17.77 19.47 -36.38
C ALA A 443 -17.00 18.23 -36.86
N VAL A 444 -17.71 17.29 -37.46
CA VAL A 444 -17.04 16.06 -37.89
C VAL A 444 -16.08 16.33 -39.05
N MET A 445 -16.49 17.23 -39.95
CA MET A 445 -15.62 17.65 -41.04
C MET A 445 -16.04 19.03 -41.49
N GLY A 446 -15.21 19.65 -42.32
CA GLY A 446 -15.48 20.97 -42.84
C GLY A 446 -16.72 20.96 -43.72
N ALA A 447 -17.26 22.15 -43.98
CA ALA A 447 -18.51 22.28 -44.72
C ALA A 447 -18.49 21.63 -46.11
N GLN A 448 -17.45 21.92 -46.89
CA GLN A 448 -17.42 21.49 -48.29
C GLN A 448 -17.40 19.97 -48.39
N GLY A 449 -16.43 19.36 -47.71
CA GLY A 449 -16.32 17.93 -47.70
C GLY A 449 -17.55 17.28 -47.08
N ALA A 450 -18.26 18.03 -46.24
CA ALA A 450 -19.43 17.46 -45.56
C ALA A 450 -20.63 17.29 -46.49
N VAL A 451 -20.97 18.35 -47.24
CA VAL A 451 -22.13 18.28 -48.14
C VAL A 451 -21.88 17.45 -49.41
N ASN A 452 -20.64 17.34 -49.85
CA ASN A 452 -20.37 16.46 -51.00
C ASN A 452 -20.83 15.05 -50.65
N ILE A 453 -20.63 14.69 -49.38
CA ILE A 453 -21.09 13.43 -48.83
C ILE A 453 -22.58 13.49 -48.56
N LEU A 454 -23.03 14.56 -47.92
CA LEU A 454 -24.42 14.68 -47.51
C LEU A 454 -25.28 15.27 -48.62
N HIS A 455 -26.56 14.93 -48.63
CA HIS A 455 -27.45 15.29 -49.74
C HIS A 455 -26.75 15.43 -51.12
N ARG A 456 -25.84 14.50 -51.40
CA ARG A 456 -25.17 14.46 -52.70
C ARG A 456 -26.22 14.21 -53.77
N ARG A 457 -27.36 13.70 -53.33
CA ARG A 457 -28.52 13.54 -54.18
C ARG A 457 -28.98 14.91 -54.71
N THR A 458 -29.21 15.86 -53.80
CA THR A 458 -29.66 17.20 -54.16
C THR A 458 -28.77 17.94 -55.15
N ILE A 459 -27.45 17.89 -54.93
CA ILE A 459 -26.49 18.57 -55.81
C ILE A 459 -26.50 18.03 -57.24
N ALA A 460 -26.48 16.70 -57.39
CA ALA A 460 -26.46 16.08 -58.72
C ALA A 460 -27.73 16.38 -59.53
N ASP A 461 -28.89 16.07 -58.95
CA ASP A 461 -30.16 16.38 -59.61
C ASP A 461 -30.47 17.86 -59.58
N ALA A 462 -31.52 18.27 -60.27
CA ALA A 462 -31.81 19.69 -60.44
C ALA A 462 -30.48 20.37 -60.69
N GLY A 463 -29.61 19.67 -61.42
CA GLY A 463 -28.20 20.00 -61.51
C GLY A 463 -27.82 20.96 -62.61
N ASP A 464 -28.35 22.18 -62.54
CA ASP A 464 -27.83 23.28 -63.35
C ASP A 464 -26.30 23.19 -63.38
N ASP A 465 -25.67 23.73 -62.34
CA ASP A 465 -24.26 23.45 -62.06
C ASP A 465 -24.13 23.02 -60.61
N ALA A 466 -22.93 22.67 -60.18
CA ALA A 466 -22.71 22.32 -58.79
C ALA A 466 -23.08 23.48 -57.89
N GLU A 467 -22.43 24.63 -58.11
CA GLU A 467 -22.52 25.73 -57.16
C GLU A 467 -23.92 26.03 -56.66
N ALA A 468 -24.83 26.35 -57.58
CA ALA A 468 -26.17 26.78 -57.23
C ALA A 468 -26.59 26.28 -55.87
N THR A 469 -27.01 25.03 -55.81
CA THR A 469 -27.53 24.49 -54.55
C THR A 469 -26.42 24.15 -53.56
N ARG A 470 -25.25 23.80 -54.06
CA ARG A 470 -24.13 23.41 -53.20
C ARG A 470 -23.67 24.55 -52.29
N ALA A 471 -23.54 25.74 -52.86
CA ALA A 471 -23.15 26.92 -52.11
C ALA A 471 -24.19 27.24 -51.04
N ARG A 472 -25.47 27.19 -51.40
CA ARG A 472 -26.53 27.48 -50.45
C ARG A 472 -26.49 26.44 -49.34
N LEU A 473 -26.13 25.21 -49.73
CA LEU A 473 -25.97 24.10 -48.78
C LEU A 473 -24.73 24.27 -47.88
N ILE A 474 -23.62 24.68 -48.46
CA ILE A 474 -22.41 25.01 -47.71
C ILE A 474 -22.50 26.41 -47.13
N GLN A 475 -23.23 26.55 -46.04
CA GLN A 475 -23.40 27.84 -45.37
C GLN A 475 -24.73 27.83 -44.65
N GLU A 476 -25.72 27.21 -45.29
CA GLU A 476 -26.79 26.63 -44.51
C GLU A 476 -26.07 25.77 -43.49
N TYR A 477 -25.02 25.08 -43.94
CA TYR A 477 -24.28 24.14 -43.08
C TYR A 477 -23.33 24.87 -42.13
N GLU A 478 -22.54 25.79 -42.68
CA GLU A 478 -21.58 26.56 -41.87
C GLU A 478 -22.24 27.34 -40.76
N ASP A 479 -23.42 27.88 -41.03
CA ASP A 479 -24.10 28.76 -40.10
C ASP A 479 -24.82 27.92 -39.04
N ALA A 480 -25.08 26.66 -39.39
CA ALA A 480 -25.90 25.78 -38.56
C ALA A 480 -25.10 24.93 -37.58
N LEU A 481 -23.89 24.53 -37.97
CA LEU A 481 -23.16 23.52 -37.20
C LEU A 481 -21.70 23.84 -36.93
N LEU A 482 -21.13 24.70 -37.78
CA LEU A 482 -19.74 25.12 -37.64
C LEU A 482 -19.58 26.19 -36.54
N ASN A 483 -20.37 26.00 -35.48
CA ASN A 483 -20.27 26.74 -34.23
C ASN A 483 -19.74 25.80 -33.12
N PRO A 484 -19.53 26.32 -31.90
CA PRO A 484 -19.16 25.43 -30.79
C PRO A 484 -20.37 25.02 -29.97
N TYR A 485 -21.56 25.33 -30.48
CA TYR A 485 -22.75 25.29 -29.65
C TYR A 485 -23.42 23.94 -29.57
N THR A 486 -23.34 23.13 -30.63
CA THR A 486 -23.89 21.77 -30.55
C THR A 486 -23.06 21.01 -29.53
N ALA A 487 -21.75 21.12 -29.67
CA ALA A 487 -20.84 20.61 -28.65
C ALA A 487 -21.29 21.08 -27.28
N ALA A 488 -21.73 22.33 -27.19
CA ALA A 488 -22.01 22.92 -25.88
C ALA A 488 -23.30 22.41 -25.23
N GLU A 489 -24.33 22.14 -26.03
CA GLU A 489 -25.56 21.56 -25.50
C GLU A 489 -25.40 20.14 -24.94
N ARG A 490 -24.31 19.47 -25.33
CA ARG A 490 -24.02 18.12 -24.84
C ARG A 490 -23.02 18.08 -23.71
N GLY A 491 -22.45 19.24 -23.36
CA GLY A 491 -21.45 19.30 -22.32
C GLY A 491 -20.05 18.92 -22.77
N TYR A 492 -19.85 18.69 -24.06
CA TYR A 492 -18.52 18.36 -24.56
C TYR A 492 -17.58 19.51 -24.29
N VAL A 493 -18.16 20.70 -24.34
CA VAL A 493 -17.44 21.91 -23.99
C VAL A 493 -18.14 22.55 -22.78
N ASP A 494 -17.35 22.83 -21.75
CA ASP A 494 -17.86 23.30 -20.47
C ASP A 494 -18.53 24.67 -20.54
N ALA A 495 -18.01 25.52 -21.42
CA ALA A 495 -18.63 26.80 -21.66
C ALA A 495 -18.14 27.38 -22.98
N VAL A 496 -18.90 28.32 -23.50
CA VAL A 496 -18.52 29.09 -24.67
C VAL A 496 -18.27 30.46 -24.09
N ILE A 497 -17.07 30.98 -24.30
CA ILE A 497 -16.67 32.20 -23.62
C ILE A 497 -16.23 33.32 -24.56
N MET A 498 -16.31 34.55 -24.09
CA MET A 498 -15.69 35.63 -24.83
C MET A 498 -14.20 35.33 -24.78
N PRO A 499 -13.49 35.59 -25.89
CA PRO A 499 -12.05 35.28 -25.83
C PRO A 499 -11.33 36.12 -24.76
N SER A 500 -11.74 37.37 -24.55
CA SER A 500 -11.02 38.21 -23.61
C SER A 500 -11.14 37.68 -22.18
N ASP A 501 -11.94 36.63 -21.99
CA ASP A 501 -12.10 36.05 -20.66
C ASP A 501 -11.25 34.83 -20.39
N THR A 502 -10.48 34.44 -21.41
CA THR A 502 -9.64 33.25 -21.37
C THR A 502 -8.71 33.25 -20.14
N ARG A 503 -7.84 34.25 -20.05
CA ARG A 503 -6.87 34.31 -18.95
C ARG A 503 -7.56 34.14 -17.60
N ARG A 504 -8.61 34.91 -17.39
CA ARG A 504 -9.39 34.76 -16.17
C ARG A 504 -9.98 33.35 -15.98
N HIS A 505 -10.48 32.71 -17.05
CA HIS A 505 -10.91 31.29 -16.97
C HIS A 505 -9.77 30.34 -16.61
N ILE A 506 -8.65 30.45 -17.32
CA ILE A 506 -7.48 29.65 -16.97
C ILE A 506 -7.10 29.86 -15.50
N VAL A 507 -6.96 31.11 -15.08
CA VAL A 507 -6.62 31.44 -13.69
C VAL A 507 -7.54 30.74 -12.68
N ARG A 508 -8.86 30.90 -12.85
CA ARG A 508 -9.78 30.39 -11.86
C ARG A 508 -9.82 28.88 -11.87
N GLY A 509 -9.65 28.31 -13.07
CA GLY A 509 -9.64 26.88 -13.26
C GLY A 509 -8.45 26.19 -12.65
N LEU A 510 -7.25 26.68 -12.96
CA LEU A 510 -6.04 26.19 -12.29
C LEU A 510 -6.20 26.25 -10.78
N ARG A 511 -6.81 27.31 -10.28
CA ARG A 511 -6.93 27.38 -8.83
C ARG A 511 -7.71 26.19 -8.35
N GLN A 512 -8.88 25.95 -8.92
CA GLN A 512 -9.71 24.84 -8.42
C GLN A 512 -9.05 23.50 -8.74
N LEU A 513 -8.43 23.41 -9.90
CA LEU A 513 -7.83 22.16 -10.33
C LEU A 513 -6.50 21.88 -9.62
N ARG A 514 -6.08 22.78 -8.73
CA ARG A 514 -4.78 22.63 -8.09
C ARG A 514 -4.73 21.33 -7.25
N THR A 515 -5.89 20.86 -6.81
CA THR A 515 -5.96 19.71 -5.93
C THR A 515 -6.48 18.48 -6.65
N LYS A 516 -6.36 18.43 -7.98
CA LYS A 516 -6.89 17.31 -8.75
C LYS A 516 -6.19 16.01 -8.39
N ARG A 517 -6.96 14.98 -8.08
CA ARG A 517 -6.39 13.64 -7.90
C ARG A 517 -7.22 12.54 -8.60
N GLU A 518 -6.60 11.72 -9.45
CA GLU A 518 -7.31 10.58 -10.07
C GLU A 518 -6.63 9.23 -9.84
N SER A 519 -7.12 8.17 -10.48
CA SER A 519 -6.64 6.78 -10.23
C SER A 519 -6.41 5.90 -11.50
N LEU A 520 -6.81 4.62 -11.45
CA LEU A 520 -6.70 3.66 -12.60
C LEU A 520 -6.10 2.29 -12.18
N PRO A 521 -6.56 1.19 -12.82
CA PRO A 521 -6.07 -0.19 -12.63
C PRO A 521 -4.56 -0.33 -12.75
N PRO A 522 -3.94 -1.02 -11.78
CA PRO A 522 -2.48 -1.17 -11.75
C PRO A 522 -1.95 -1.81 -13.02
N LYS A 523 -0.86 -1.24 -13.51
CA LYS A 523 -0.14 -1.80 -14.62
C LYS A 523 1.34 -1.58 -14.34
N LYS A 524 2.19 -2.42 -14.90
CA LYS A 524 3.62 -2.16 -14.84
C LYS A 524 3.82 -0.84 -15.57
N HIS A 525 3.10 -0.73 -16.68
CA HIS A 525 3.20 0.38 -17.59
C HIS A 525 2.23 0.15 -18.75
N GLY A 526 1.99 1.21 -19.52
CA GLY A 526 1.09 1.13 -20.65
C GLY A 526 1.87 0.64 -21.85
N ASN A 527 1.20 0.59 -23.00
CA ASN A 527 1.84 0.02 -24.18
C ASN A 527 1.69 0.98 -25.34
N ILE A 528 2.09 2.23 -25.09
CA ILE A 528 1.92 3.31 -26.05
C ILE A 528 2.43 2.91 -27.45
N PRO A 529 1.66 3.25 -28.48
CA PRO A 529 2.10 2.96 -29.84
C PRO A 529 3.47 3.55 -30.11
N LEU A 530 4.50 2.73 -30.09
CA LEU A 530 5.81 3.18 -30.51
C LEU A 530 5.92 2.99 -32.02
N ASP B 10 -52.36 -12.55 -29.18
CA ASP B 10 -52.53 -11.15 -28.82
C ASP B 10 -51.21 -10.52 -28.37
N ILE B 11 -51.28 -9.37 -27.71
CA ILE B 11 -50.09 -8.66 -27.24
C ILE B 11 -50.34 -7.96 -25.90
N HIS B 12 -51.52 -8.15 -25.35
CA HIS B 12 -51.83 -7.69 -24.00
C HIS B 12 -51.83 -8.91 -23.07
N THR B 13 -51.33 -10.02 -23.58
CA THR B 13 -51.21 -11.23 -22.78
C THR B 13 -49.74 -11.59 -22.59
N THR B 14 -49.41 -12.20 -21.46
CA THR B 14 -48.04 -12.68 -21.25
C THR B 14 -47.50 -13.37 -22.50
N ALA B 15 -48.34 -14.25 -23.08
CA ALA B 15 -47.93 -15.12 -24.19
C ALA B 15 -47.64 -14.32 -25.45
N GLY B 16 -48.49 -13.32 -25.74
CA GLY B 16 -48.26 -12.40 -26.85
C GLY B 16 -47.02 -11.52 -26.69
N LYS B 17 -46.66 -11.22 -25.45
CA LYS B 17 -45.40 -10.53 -25.20
C LYS B 17 -44.17 -11.44 -25.47
N LEU B 18 -44.17 -12.64 -24.91
CA LEU B 18 -43.16 -13.62 -25.28
C LEU B 18 -42.97 -13.63 -26.80
N ALA B 19 -44.07 -13.72 -27.53
CA ALA B 19 -44.03 -13.82 -28.99
C ALA B 19 -43.64 -12.49 -29.65
N ASP B 20 -43.99 -11.39 -29.00
CA ASP B 20 -43.46 -10.09 -29.36
C ASP B 20 -41.91 -10.11 -29.29
N LEU B 21 -41.36 -10.66 -28.21
CA LEU B 21 -39.90 -10.75 -28.11
C LEU B 21 -39.24 -11.56 -29.25
N ARG B 22 -39.93 -12.58 -29.78
CA ARG B 22 -39.31 -13.40 -30.83
C ARG B 22 -39.23 -12.69 -32.16
N ARG B 23 -40.27 -11.90 -32.47
CA ARG B 23 -40.32 -11.07 -33.66
C ARG B 23 -39.16 -10.08 -33.55
N ARG B 24 -38.99 -9.50 -32.35
CA ARG B 24 -37.88 -8.57 -32.09
C ARG B 24 -36.54 -9.18 -32.44
N ILE B 25 -36.32 -10.41 -31.95
CA ILE B 25 -35.01 -11.04 -32.09
C ILE B 25 -34.70 -11.23 -33.57
N GLU B 26 -35.63 -11.86 -34.28
CA GLU B 26 -35.46 -12.08 -35.72
C GLU B 26 -35.13 -10.76 -36.40
N GLU B 27 -35.76 -9.67 -35.95
CA GLU B 27 -35.49 -8.36 -36.53
C GLU B 27 -34.09 -7.85 -36.18
N ALA B 28 -33.74 -7.95 -34.89
CA ALA B 28 -32.40 -7.57 -34.42
C ALA B 28 -31.29 -8.42 -35.06
N THR B 29 -31.52 -9.74 -35.17
CA THR B 29 -30.49 -10.62 -35.70
C THR B 29 -30.25 -10.35 -37.18
N HIS B 30 -31.21 -9.65 -37.79
CA HIS B 30 -31.12 -9.26 -39.19
C HIS B 30 -31.42 -7.77 -39.30
N ALA B 31 -30.47 -6.94 -38.88
CA ALA B 31 -30.68 -5.50 -38.87
C ALA B 31 -30.44 -4.91 -40.26
N GLY B 32 -29.53 -5.52 -41.02
CA GLY B 32 -29.24 -5.04 -42.35
C GLY B 32 -30.17 -5.67 -43.37
N SER B 33 -30.28 -5.03 -44.54
CA SER B 33 -31.07 -5.60 -45.66
C SER B 33 -30.45 -6.91 -46.17
N ALA B 34 -31.33 -7.84 -46.54
CA ALA B 34 -30.91 -9.12 -47.10
C ALA B 34 -29.94 -8.86 -48.25
N ARG B 35 -30.03 -7.67 -48.82
CA ARG B 35 -29.22 -7.25 -49.96
C ARG B 35 -27.79 -6.88 -49.53
N ALA B 36 -27.68 -6.09 -48.47
CA ALA B 36 -26.36 -5.76 -47.93
C ALA B 36 -25.60 -7.01 -47.50
N VAL B 37 -26.29 -7.95 -46.86
CA VAL B 37 -25.70 -9.24 -46.46
C VAL B 37 -25.01 -9.96 -47.61
N GLU B 38 -25.69 -10.02 -48.75
CA GLU B 38 -25.14 -10.66 -49.94
C GLU B 38 -24.07 -9.79 -50.62
N LYS B 39 -24.25 -8.48 -50.54
CA LYS B 39 -23.18 -7.56 -50.96
C LYS B 39 -21.92 -7.77 -50.09
N GLN B 40 -22.10 -8.21 -48.84
CA GLN B 40 -20.94 -8.55 -48.02
C GLN B 40 -20.36 -9.94 -48.37
N HIS B 41 -21.24 -10.93 -48.44
CA HIS B 41 -20.78 -12.27 -48.81
C HIS B 41 -20.13 -12.24 -50.20
N ALA B 42 -20.70 -11.44 -51.10
CA ALA B 42 -20.20 -11.35 -52.46
C ALA B 42 -18.73 -10.97 -52.46
N LYS B 43 -18.35 -10.17 -51.48
CA LYS B 43 -16.97 -9.73 -51.31
C LYS B 43 -16.08 -10.85 -50.78
N GLY B 44 -16.70 -11.88 -50.23
CA GLY B 44 -15.96 -12.93 -49.54
C GLY B 44 -15.85 -12.61 -48.06
N LYS B 45 -16.42 -11.47 -47.68
CA LYS B 45 -16.44 -11.06 -46.28
C LYS B 45 -17.54 -11.81 -45.51
N LEU B 46 -17.29 -12.05 -44.22
CA LEU B 46 -18.31 -12.61 -43.34
C LEU B 46 -19.18 -11.48 -42.78
N THR B 47 -20.34 -11.80 -42.23
CA THR B 47 -21.15 -10.78 -41.57
C THR B 47 -20.67 -10.66 -40.14
N ALA B 48 -21.01 -9.53 -39.51
CA ALA B 48 -20.50 -9.24 -38.17
C ALA B 48 -20.87 -10.31 -37.15
N ARG B 49 -22.06 -10.87 -37.28
CA ARG B 49 -22.50 -11.95 -36.40
C ARG B 49 -21.75 -13.28 -36.69
N GLU B 50 -21.35 -13.49 -37.93
CA GLU B 50 -20.63 -14.70 -38.31
C GLU B 50 -19.19 -14.61 -37.87
N ARG B 51 -18.67 -13.39 -37.84
CA ARG B 51 -17.34 -13.18 -37.27
C ARG B 51 -17.30 -13.50 -35.79
N ILE B 52 -18.35 -13.13 -35.09
CA ILE B 52 -18.46 -13.51 -33.68
C ILE B 52 -18.58 -15.03 -33.50
N ASP B 53 -19.49 -15.65 -34.27
CA ASP B 53 -19.74 -17.07 -34.16
C ASP B 53 -18.47 -17.89 -34.39
N LEU B 54 -17.69 -17.50 -35.39
CA LEU B 54 -16.45 -18.17 -35.73
C LEU B 54 -15.37 -17.97 -34.67
N LEU B 55 -15.39 -16.82 -34.00
CA LEU B 55 -14.38 -16.52 -32.98
C LEU B 55 -14.64 -17.20 -31.65
N LEU B 56 -15.88 -17.14 -31.17
CA LEU B 56 -16.20 -17.62 -29.81
C LEU B 56 -16.58 -19.09 -29.81
N ASP B 57 -16.42 -19.73 -28.66
CA ASP B 57 -16.85 -21.12 -28.50
C ASP B 57 -18.36 -21.27 -28.71
N GLU B 58 -18.72 -22.20 -29.59
CA GLU B 58 -20.11 -22.40 -29.94
C GLU B 58 -21.01 -22.41 -28.71
N GLY B 59 -22.03 -21.58 -28.73
CA GLY B 59 -22.97 -21.53 -27.63
C GLY B 59 -22.58 -20.56 -26.50
N SER B 60 -21.38 -20.01 -26.52
CA SER B 60 -20.98 -19.15 -25.37
C SER B 60 -21.35 -17.66 -25.53
N PHE B 61 -21.45 -17.18 -26.77
CA PHE B 61 -21.74 -15.77 -27.01
C PHE B 61 -22.96 -15.28 -26.28
N VAL B 62 -22.82 -14.21 -25.50
CA VAL B 62 -23.97 -13.62 -24.84
C VAL B 62 -24.04 -12.15 -25.23
N GLU B 63 -25.05 -11.83 -26.04
CA GLU B 63 -25.18 -10.48 -26.61
C GLU B 63 -25.65 -9.46 -25.60
N LEU B 64 -25.09 -8.26 -25.71
CA LEU B 64 -25.46 -7.11 -24.89
C LEU B 64 -26.07 -6.00 -25.78
N ASP B 65 -27.03 -5.25 -25.25
CA ASP B 65 -27.68 -4.20 -25.99
C ASP B 65 -28.11 -4.69 -27.38
N GLU B 66 -28.78 -5.84 -27.41
CA GLU B 66 -29.30 -6.38 -28.67
C GLU B 66 -30.32 -5.41 -29.25
N PHE B 67 -31.21 -4.92 -28.39
CA PHE B 67 -32.32 -4.09 -28.84
C PHE B 67 -32.07 -2.59 -28.63
N ALA B 68 -30.81 -2.19 -28.42
CA ALA B 68 -30.46 -0.78 -28.42
C ALA B 68 -30.80 -0.14 -29.76
N ARG B 69 -31.09 1.16 -29.76
CA ARG B 69 -31.34 1.88 -31.02
C ARG B 69 -31.10 3.39 -30.92
N HIS B 70 -30.55 3.95 -31.99
CA HIS B 70 -30.09 5.34 -31.98
C HIS B 70 -31.21 6.31 -31.66
N ARG B 71 -30.85 7.59 -31.54
CA ARG B 71 -31.78 8.60 -31.08
C ARG B 71 -31.47 9.95 -31.73
N SER B 72 -30.66 9.92 -32.77
CA SER B 72 -30.39 11.11 -33.57
C SER B 72 -31.60 11.47 -34.42
N THR B 73 -32.03 12.72 -34.28
CA THR B 73 -33.19 13.24 -35.02
C THR B 73 -32.73 14.06 -36.21
N ASN B 74 -31.42 14.05 -36.46
CA ASN B 74 -30.85 14.80 -37.56
C ASN B 74 -31.14 14.12 -38.87
N PHE B 75 -31.52 14.91 -39.87
CA PHE B 75 -31.80 14.37 -41.19
C PHE B 75 -32.89 13.31 -41.09
N GLY B 76 -32.79 12.31 -41.95
CA GLY B 76 -33.81 11.28 -42.00
C GLY B 76 -33.46 10.08 -41.14
N LEU B 77 -32.55 10.27 -40.18
CA LEU B 77 -32.06 9.15 -39.37
C LEU B 77 -33.15 8.51 -38.51
N ASP B 78 -34.03 9.33 -37.94
CA ASP B 78 -35.27 8.85 -37.33
C ASP B 78 -35.96 7.76 -38.17
N ALA B 79 -35.90 7.88 -39.49
CA ALA B 79 -36.63 6.99 -40.38
C ALA B 79 -36.20 5.53 -40.22
N ASN B 80 -34.92 5.30 -39.92
CA ASN B 80 -34.42 3.95 -39.65
C ASN B 80 -33.61 3.83 -38.37
N ARG B 81 -34.15 3.04 -37.44
CA ARG B 81 -33.54 2.84 -36.13
C ARG B 81 -33.35 1.35 -35.90
N PRO B 82 -32.40 0.76 -36.63
CA PRO B 82 -32.15 -0.68 -36.58
C PRO B 82 -31.66 -1.12 -35.21
N TYR B 83 -32.32 -2.13 -34.64
CA TYR B 83 -31.79 -2.78 -33.45
C TYR B 83 -30.28 -2.99 -33.54
N GLY B 84 -29.61 -2.67 -32.44
CA GLY B 84 -28.18 -2.94 -32.30
C GLY B 84 -27.33 -1.82 -32.84
N ASP B 85 -27.94 -1.00 -33.69
CA ASP B 85 -27.34 0.25 -34.13
C ASP B 85 -25.97 0.10 -34.77
N GLY B 86 -25.73 -1.03 -35.43
CA GLY B 86 -24.62 -1.14 -36.34
C GLY B 86 -23.40 -1.80 -35.76
N VAL B 87 -23.54 -2.32 -34.54
CA VAL B 87 -22.43 -3.00 -33.90
C VAL B 87 -23.01 -4.12 -33.04
N VAL B 88 -22.42 -5.30 -33.18
CA VAL B 88 -22.82 -6.45 -32.37
C VAL B 88 -21.79 -6.64 -31.27
N THR B 89 -22.28 -6.76 -30.04
CA THR B 89 -21.40 -6.78 -28.88
C THR B 89 -21.81 -7.83 -27.88
N GLY B 90 -20.83 -8.31 -27.11
CA GLY B 90 -21.18 -9.17 -26.01
C GLY B 90 -19.96 -9.80 -25.41
N TYR B 91 -20.21 -10.80 -24.58
CA TYR B 91 -19.16 -11.56 -23.97
C TYR B 91 -19.30 -13.06 -24.32
N GLY B 92 -18.20 -13.80 -24.29
CA GLY B 92 -18.24 -15.24 -24.52
C GLY B 92 -16.92 -15.86 -24.09
N THR B 93 -16.63 -17.04 -24.61
CA THR B 93 -15.34 -17.68 -24.34
C THR B 93 -14.60 -18.05 -25.63
N VAL B 94 -13.28 -17.99 -25.58
CA VAL B 94 -12.45 -18.52 -26.65
C VAL B 94 -11.55 -19.59 -26.02
N ASP B 95 -11.70 -20.82 -26.49
CA ASP B 95 -11.06 -21.99 -25.87
C ASP B 95 -11.30 -22.08 -24.37
N GLY B 96 -12.52 -21.77 -23.94
CA GLY B 96 -12.86 -21.83 -22.53
C GLY B 96 -12.36 -20.66 -21.65
N ARG B 97 -11.74 -19.66 -22.26
CA ARG B 97 -11.29 -18.47 -21.52
C ARG B 97 -12.11 -17.22 -21.89
N PRO B 98 -12.53 -16.43 -20.89
CA PRO B 98 -13.40 -15.27 -21.09
C PRO B 98 -12.82 -14.20 -22.05
N VAL B 99 -13.70 -13.60 -22.84
CA VAL B 99 -13.31 -12.57 -23.79
C VAL B 99 -14.50 -11.65 -23.97
N ALA B 100 -14.25 -10.41 -24.36
CA ALA B 100 -15.34 -9.48 -24.65
C ALA B 100 -15.15 -9.11 -26.09
N VAL B 101 -16.26 -8.89 -26.77
CA VAL B 101 -16.18 -8.83 -28.21
C VAL B 101 -17.13 -7.75 -28.63
N PHE B 102 -16.77 -7.09 -29.72
CA PHE B 102 -17.72 -6.22 -30.42
C PHE B 102 -17.38 -6.32 -31.89
N SER B 103 -18.39 -6.18 -32.73
CA SER B 103 -18.23 -6.50 -34.14
C SER B 103 -19.03 -5.50 -34.98
N GLN B 104 -18.32 -4.74 -35.80
CA GLN B 104 -18.96 -3.64 -36.49
C GLN B 104 -19.70 -4.15 -37.70
N ASP B 105 -20.94 -3.72 -37.84
CA ASP B 105 -21.85 -4.23 -38.85
C ASP B 105 -21.91 -3.32 -40.07
N PHE B 106 -20.94 -3.47 -40.99
CA PHE B 106 -20.87 -2.74 -42.26
C PHE B 106 -22.20 -2.77 -43.00
N THR B 107 -23.11 -3.60 -42.50
CA THR B 107 -24.36 -3.86 -43.17
C THR B 107 -25.48 -2.88 -42.79
N VAL B 108 -25.31 -2.21 -41.64
CA VAL B 108 -26.33 -1.33 -41.09
C VAL B 108 -26.20 0.15 -41.45
N PHE B 109 -24.99 0.63 -41.67
CA PHE B 109 -24.86 1.86 -42.47
C PHE B 109 -23.71 1.67 -43.44
N GLY B 110 -22.61 2.40 -43.29
CA GLY B 110 -21.39 1.94 -43.91
C GLY B 110 -20.70 1.27 -42.74
N GLY B 111 -21.49 0.95 -41.72
CA GLY B 111 -20.95 0.59 -40.41
C GLY B 111 -20.57 1.86 -39.64
N ALA B 112 -21.08 2.99 -40.12
CA ALA B 112 -20.77 4.31 -39.59
C ALA B 112 -20.95 4.38 -38.09
N LEU B 113 -19.88 4.79 -37.40
CA LEU B 113 -19.86 4.93 -35.93
C LEU B 113 -20.85 6.00 -35.44
N GLY B 114 -21.86 5.56 -34.67
CA GLY B 114 -22.83 6.46 -34.10
C GLY B 114 -22.68 6.61 -32.60
N GLU B 115 -23.61 7.34 -31.99
CA GLU B 115 -23.58 7.62 -30.56
C GLU B 115 -23.83 6.39 -29.71
N VAL B 116 -24.92 5.71 -30.01
CA VAL B 116 -25.34 4.53 -29.25
C VAL B 116 -24.38 3.38 -29.56
N TYR B 117 -24.05 3.26 -30.83
CA TYR B 117 -23.04 2.34 -31.35
C TYR B 117 -21.74 2.44 -30.51
N GLY B 118 -21.18 3.64 -30.39
CA GLY B 118 -20.00 3.84 -29.57
C GLY B 118 -20.21 3.50 -28.10
N GLN B 119 -21.38 3.85 -27.57
CA GLN B 119 -21.70 3.52 -26.18
C GLN B 119 -21.66 2.01 -25.95
N LYS B 120 -22.23 1.27 -26.89
CA LYS B 120 -22.23 -0.17 -26.84
C LYS B 120 -20.79 -0.70 -26.69
N ILE B 121 -19.88 -0.13 -27.47
CA ILE B 121 -18.48 -0.52 -27.38
C ILE B 121 -17.87 -0.15 -26.03
N VAL B 122 -18.21 1.05 -25.54
CA VAL B 122 -17.79 1.46 -24.22
C VAL B 122 -18.22 0.42 -23.20
N LYS B 123 -19.46 -0.03 -23.30
CA LYS B 123 -20.04 -0.97 -22.35
C LYS B 123 -19.25 -2.29 -22.33
N VAL B 124 -18.82 -2.77 -23.50
CA VAL B 124 -18.08 -4.01 -23.52
C VAL B 124 -16.66 -3.80 -23.01
N MET B 125 -16.08 -2.66 -23.37
CA MET B 125 -14.73 -2.29 -22.91
C MET B 125 -14.67 -2.12 -21.41
N ASP B 126 -15.73 -1.57 -20.83
CA ASP B 126 -15.80 -1.43 -19.39
C ASP B 126 -16.00 -2.82 -18.78
N PHE B 127 -16.73 -3.67 -19.49
CA PHE B 127 -17.02 -5.00 -19.01
C PHE B 127 -15.73 -5.84 -18.90
N ALA B 128 -14.93 -5.79 -19.96
CA ALA B 128 -13.69 -6.57 -20.00
C ALA B 128 -12.70 -6.08 -18.98
N LEU B 129 -12.49 -4.76 -18.92
CA LEU B 129 -11.59 -4.17 -17.94
C LEU B 129 -12.02 -4.56 -16.54
N LYS B 130 -13.31 -4.55 -16.28
CA LYS B 130 -13.83 -4.86 -14.94
C LYS B 130 -13.67 -6.33 -14.50
N THR B 131 -13.91 -7.26 -15.43
CA THR B 131 -13.77 -8.69 -15.13
C THR B 131 -12.41 -9.23 -15.53
N GLY B 132 -11.58 -8.41 -16.17
CA GLY B 132 -10.23 -8.80 -16.47
C GLY B 132 -10.03 -9.76 -17.64
N CYS B 133 -10.81 -9.60 -18.71
CA CYS B 133 -10.64 -10.42 -19.91
C CYS B 133 -10.20 -9.60 -21.12
N PRO B 134 -9.68 -10.28 -22.14
CA PRO B 134 -9.29 -9.55 -23.36
C PRO B 134 -10.50 -8.96 -24.08
N VAL B 135 -10.29 -7.90 -24.85
CA VAL B 135 -11.32 -7.38 -25.73
C VAL B 135 -10.89 -7.67 -27.14
N VAL B 136 -11.78 -8.24 -27.96
CA VAL B 136 -11.48 -8.42 -29.39
C VAL B 136 -12.39 -7.53 -30.21
N GLY B 137 -11.75 -6.65 -30.98
CA GLY B 137 -12.46 -5.61 -31.70
C GLY B 137 -12.41 -5.91 -33.18
N ILE B 138 -13.59 -6.11 -33.78
CA ILE B 138 -13.67 -6.43 -35.19
C ILE B 138 -14.20 -5.25 -35.98
N ASN B 139 -13.32 -4.65 -36.77
CA ASN B 139 -13.56 -3.35 -37.34
C ASN B 139 -13.92 -3.39 -38.82
N ASP B 140 -15.16 -3.03 -39.12
CA ASP B 140 -15.69 -3.13 -40.46
C ASP B 140 -16.60 -1.93 -40.67
N SER B 141 -15.99 -0.75 -40.84
CA SER B 141 -16.71 0.54 -40.81
C SER B 141 -16.18 1.59 -41.77
N GLY B 142 -17.09 2.35 -42.37
CA GLY B 142 -16.72 3.34 -43.36
C GLY B 142 -16.17 4.63 -42.78
N GLY B 143 -16.46 4.89 -41.51
CA GLY B 143 -16.05 6.11 -40.84
C GLY B 143 -17.10 6.57 -39.84
N ALA B 144 -17.29 7.89 -39.77
CA ALA B 144 -18.22 8.50 -38.81
C ALA B 144 -19.61 8.69 -39.39
N ARG B 145 -20.63 8.31 -38.61
CA ARG B 145 -22.00 8.63 -38.98
C ARG B 145 -22.23 10.17 -38.93
N ILE B 146 -21.85 10.83 -40.03
CA ILE B 146 -21.80 12.29 -40.13
C ILE B 146 -23.08 13.00 -39.66
N GLN B 147 -24.22 12.52 -40.15
CA GLN B 147 -25.51 13.08 -39.81
C GLN B 147 -25.70 13.32 -38.31
N GLU B 148 -25.08 12.48 -37.49
CA GLU B 148 -25.20 12.60 -36.04
C GLU B 148 -24.36 13.74 -35.45
N GLY B 149 -23.41 14.25 -36.23
CA GLY B 149 -22.56 15.35 -35.81
C GLY B 149 -21.47 15.05 -34.80
N VAL B 150 -21.24 16.01 -33.91
CA VAL B 150 -20.18 15.89 -32.92
C VAL B 150 -20.35 14.66 -32.02
N ALA B 151 -21.58 14.22 -31.83
CA ALA B 151 -21.89 13.10 -30.95
C ALA B 151 -21.09 11.84 -31.36
N SER B 152 -20.69 11.84 -32.63
CA SER B 152 -19.87 10.78 -33.20
C SER B 152 -18.42 10.93 -32.76
N LEU B 153 -17.96 12.17 -32.75
CA LEU B 153 -16.63 12.48 -32.26
C LEU B 153 -16.50 12.17 -30.77
N GLY B 154 -17.60 12.34 -30.03
CA GLY B 154 -17.60 12.06 -28.61
C GLY B 154 -17.45 10.56 -28.37
N ALA B 155 -18.15 9.78 -29.19
CA ALA B 155 -18.06 8.33 -29.09
C ALA B 155 -16.62 7.88 -29.33
N TYR B 156 -16.00 8.38 -30.39
CA TYR B 156 -14.61 8.02 -30.63
C TYR B 156 -13.77 8.31 -29.39
N GLY B 157 -14.01 9.49 -28.80
CA GLY B 157 -13.24 9.91 -27.64
C GLY B 157 -13.34 8.98 -26.44
N GLU B 158 -14.56 8.61 -26.08
CA GLU B 158 -14.82 7.72 -24.97
C GLU B 158 -14.16 6.35 -25.11
N ILE B 159 -13.89 5.97 -26.36
CA ILE B 159 -13.26 4.69 -26.67
C ILE B 159 -11.76 4.87 -26.58
N PHE B 160 -11.23 5.90 -27.23
CA PHE B 160 -9.81 6.20 -27.06
C PHE B 160 -9.40 6.24 -25.58
N ARG B 161 -10.18 6.93 -24.76
CA ARG B 161 -9.76 7.07 -23.37
C ARG B 161 -9.64 5.67 -22.81
N ARG B 162 -10.59 4.83 -23.20
CA ARG B 162 -10.63 3.49 -22.63
C ARG B 162 -9.50 2.61 -23.14
N ASN B 163 -9.15 2.76 -24.41
CA ASN B 163 -8.04 2.02 -24.99
C ASN B 163 -6.79 2.35 -24.24
N THR B 164 -6.72 3.59 -23.78
CA THR B 164 -5.55 4.09 -23.06
C THR B 164 -5.53 3.60 -21.62
N HIS B 165 -6.67 3.64 -20.93
CA HIS B 165 -6.72 3.15 -19.56
C HIS B 165 -6.53 1.63 -19.47
N ALA B 166 -7.05 0.92 -20.47
CA ALA B 166 -6.96 -0.53 -20.52
C ALA B 166 -5.57 -0.98 -20.98
N SER B 167 -4.82 -0.07 -21.59
CA SER B 167 -3.55 -0.42 -22.23
C SER B 167 -2.56 -1.10 -21.28
N GLY B 168 -2.18 -2.33 -21.61
CA GLY B 168 -1.27 -3.11 -20.79
C GLY B 168 -1.95 -3.67 -19.56
N VAL B 169 -3.28 -3.55 -19.49
CA VAL B 169 -4.04 -4.13 -18.38
C VAL B 169 -4.76 -5.41 -18.82
N ILE B 170 -5.55 -5.31 -19.89
CA ILE B 170 -6.19 -6.45 -20.55
C ILE B 170 -5.77 -6.43 -22.01
N PRO B 171 -5.48 -7.60 -22.60
CA PRO B 171 -5.05 -7.57 -23.99
C PRO B 171 -6.14 -6.96 -24.85
N GLN B 172 -5.74 -6.16 -25.83
CA GLN B 172 -6.71 -5.65 -26.79
C GLN B 172 -6.25 -6.05 -28.18
N ILE B 173 -7.14 -6.71 -28.91
CA ILE B 173 -6.78 -7.20 -30.23
C ILE B 173 -7.75 -6.60 -31.22
N SER B 174 -7.21 -6.02 -32.27
CA SER B 174 -8.03 -5.44 -33.30
C SER B 174 -7.97 -6.27 -34.58
N LEU B 175 -9.12 -6.84 -34.94
CA LEU B 175 -9.30 -7.52 -36.21
C LEU B 175 -10.02 -6.55 -37.12
N VAL B 176 -9.29 -5.99 -38.08
CA VAL B 176 -9.94 -5.12 -39.03
C VAL B 176 -10.16 -5.90 -40.33
N VAL B 177 -11.42 -5.97 -40.74
CA VAL B 177 -11.84 -6.77 -41.90
C VAL B 177 -12.79 -5.95 -42.78
N GLY B 178 -12.35 -4.74 -43.08
CA GLY B 178 -13.16 -3.77 -43.81
C GLY B 178 -12.47 -2.41 -43.67
N PRO B 179 -13.19 -1.32 -43.92
CA PRO B 179 -12.44 -0.08 -43.78
C PRO B 179 -12.38 0.36 -42.33
N CYS B 180 -11.26 0.95 -41.96
CA CYS B 180 -11.17 1.71 -40.72
C CYS B 180 -10.69 3.07 -41.19
N ALA B 181 -11.59 4.06 -41.15
CA ALA B 181 -11.33 5.34 -41.80
C ALA B 181 -11.40 6.59 -40.90
N GLY B 182 -10.48 7.52 -41.10
CA GLY B 182 -10.46 8.76 -40.32
C GLY B 182 -10.07 8.52 -38.87
N GLY B 183 -10.52 9.41 -37.99
CA GLY B 183 -10.19 9.32 -36.57
C GLY B 183 -10.43 7.95 -35.96
N ALA B 184 -11.33 7.17 -36.57
CA ALA B 184 -11.58 5.80 -36.16
C ALA B 184 -10.26 5.07 -35.98
N VAL B 185 -9.31 5.44 -36.81
CA VAL B 185 -8.12 4.65 -37.06
C VAL B 185 -7.19 4.56 -35.86
N TYR B 186 -7.44 5.39 -34.86
CA TYR B 186 -6.47 5.55 -33.77
C TYR B 186 -6.78 4.59 -32.64
N SER B 187 -8.01 4.11 -32.64
CA SER B 187 -8.40 3.11 -31.67
C SER B 187 -7.61 1.79 -31.88
N PRO B 188 -7.68 1.19 -33.07
CA PRO B 188 -6.81 0.02 -33.29
C PRO B 188 -5.33 0.33 -33.02
N ALA B 189 -4.92 1.58 -33.26
CA ALA B 189 -3.52 1.92 -33.07
C ALA B 189 -3.11 1.67 -31.63
N ILE B 190 -4.00 2.01 -30.71
CA ILE B 190 -3.74 1.89 -29.27
C ILE B 190 -3.85 0.45 -28.73
N THR B 191 -4.66 -0.40 -29.37
CA THR B 191 -4.70 -1.83 -29.06
C THR B 191 -3.35 -2.50 -29.29
N ASP B 192 -3.10 -3.63 -28.64
CA ASP B 192 -1.76 -4.22 -28.67
C ASP B 192 -1.41 -4.90 -29.98
N PHE B 193 -2.40 -5.52 -30.61
CA PHE B 193 -2.20 -6.19 -31.89
C PHE B 193 -3.32 -5.88 -32.87
N THR B 194 -2.96 -5.76 -34.14
CA THR B 194 -3.90 -5.48 -35.21
C THR B 194 -3.75 -6.55 -36.28
N VAL B 195 -4.86 -7.15 -36.66
CA VAL B 195 -4.82 -8.21 -37.66
C VAL B 195 -5.68 -7.83 -38.85
N MET B 196 -5.05 -7.75 -40.02
CA MET B 196 -5.74 -7.41 -41.26
C MET B 196 -5.88 -8.63 -42.18
N VAL B 197 -6.62 -8.45 -43.27
CA VAL B 197 -6.84 -9.52 -44.24
C VAL B 197 -6.40 -9.08 -45.62
N ASP B 198 -5.49 -9.86 -46.22
CA ASP B 198 -4.88 -9.54 -47.53
C ASP B 198 -5.54 -8.46 -48.38
N GLN B 199 -6.80 -8.66 -48.78
CA GLN B 199 -7.35 -7.76 -49.80
C GLN B 199 -8.60 -6.98 -49.43
N THR B 200 -9.34 -7.47 -48.43
CA THR B 200 -10.65 -6.90 -48.13
C THR B 200 -10.63 -5.92 -46.98
N SER B 201 -9.45 -5.41 -46.65
CA SER B 201 -9.24 -4.56 -45.47
C SER B 201 -8.40 -3.31 -45.73
N HIS B 202 -8.80 -2.19 -45.15
CA HIS B 202 -8.00 -0.97 -45.29
C HIS B 202 -8.10 -0.02 -44.10
N MET B 203 -6.98 0.61 -43.77
CA MET B 203 -7.00 1.71 -42.79
C MET B 203 -6.27 2.95 -43.30
N PHE B 204 -6.90 4.11 -43.12
CA PHE B 204 -6.32 5.36 -43.59
C PHE B 204 -6.90 6.52 -42.78
N ILE B 205 -6.05 7.43 -42.32
CA ILE B 205 -6.54 8.58 -41.56
C ILE B 205 -7.23 9.61 -42.46
N THR B 206 -6.75 9.73 -43.70
CA THR B 206 -7.37 10.60 -44.71
C THR B 206 -7.55 9.85 -46.05
N GLY B 207 -8.63 10.18 -46.77
CA GLY B 207 -8.99 9.49 -47.99
C GLY B 207 -8.38 9.98 -49.29
N PRO B 208 -8.49 9.18 -50.36
CA PRO B 208 -7.73 9.39 -51.60
C PRO B 208 -8.15 10.64 -52.35
N ASP B 209 -9.44 10.98 -52.31
CA ASP B 209 -9.92 12.21 -52.93
C ASP B 209 -9.34 13.46 -52.24
N VAL B 210 -9.45 13.50 -50.92
CA VAL B 210 -8.86 14.61 -50.19
C VAL B 210 -7.37 14.63 -50.44
N ILE B 211 -6.78 13.46 -50.68
CA ILE B 211 -5.35 13.39 -50.92
C ILE B 211 -4.95 14.01 -52.26
N LYS B 212 -5.63 13.61 -53.33
CA LYS B 212 -5.36 14.15 -54.65
C LYS B 212 -5.58 15.67 -54.68
N THR B 213 -6.58 16.10 -53.93
CA THR B 213 -7.00 17.49 -53.88
C THR B 213 -6.09 18.34 -53.00
N VAL B 214 -5.00 17.77 -52.48
CA VAL B 214 -4.14 18.58 -51.63
C VAL B 214 -2.67 18.56 -52.06
N THR B 215 -2.24 17.40 -52.55
CA THR B 215 -0.84 17.12 -52.89
C THR B 215 -0.72 16.65 -54.32
N GLY B 216 -1.87 16.44 -54.93
CA GLY B 216 -1.97 16.07 -56.33
C GLY B 216 -1.52 14.66 -56.67
N GLU B 217 -1.14 13.87 -55.68
CA GLU B 217 -0.67 12.53 -56.02
C GLU B 217 -1.83 11.52 -56.10
N ASP B 218 -1.83 10.73 -57.17
CA ASP B 218 -2.86 9.72 -57.35
C ASP B 218 -2.47 8.43 -56.66
N VAL B 219 -3.40 7.86 -55.91
CA VAL B 219 -3.17 6.62 -55.21
C VAL B 219 -4.50 5.93 -54.91
N GLY B 220 -4.48 4.59 -54.92
CA GLY B 220 -5.69 3.83 -54.65
C GLY B 220 -5.71 3.36 -53.21
N PHE B 221 -6.90 2.99 -52.73
CA PHE B 221 -7.02 2.47 -51.37
C PHE B 221 -5.99 1.41 -51.05
N GLU B 222 -5.96 0.35 -51.85
CA GLU B 222 -5.04 -0.76 -51.62
C GLU B 222 -3.62 -0.21 -51.40
N GLU B 223 -3.23 0.71 -52.26
CA GLU B 223 -1.85 1.21 -52.24
C GLU B 223 -1.62 2.16 -51.07
N LEU B 224 -2.68 2.81 -50.60
CA LEU B 224 -2.60 3.78 -49.52
C LEU B 224 -2.50 3.07 -48.17
N GLY B 225 -3.43 2.16 -47.90
CA GLY B 225 -3.52 1.52 -46.61
C GLY B 225 -4.27 0.19 -46.61
N GLY B 226 -3.99 -0.61 -47.63
CA GLY B 226 -4.49 -1.97 -47.67
C GLY B 226 -3.61 -2.85 -46.79
N ALA B 227 -4.11 -4.03 -46.47
CA ALA B 227 -3.42 -4.94 -45.56
C ALA B 227 -1.91 -4.98 -45.79
N ARG B 228 -1.50 -5.26 -47.02
CA ARG B 228 -0.08 -5.42 -47.35
C ARG B 228 0.73 -4.16 -46.98
N THR B 229 0.31 -3.00 -47.49
CA THR B 229 0.96 -1.74 -47.15
C THR B 229 1.22 -1.63 -45.65
N HIS B 230 0.16 -1.72 -44.85
CA HIS B 230 0.27 -1.59 -43.40
C HIS B 230 1.06 -2.70 -42.72
N ASN B 231 1.27 -3.83 -43.41
CA ASN B 231 2.07 -4.90 -42.83
C ASN B 231 3.53 -4.85 -43.25
N SER B 232 3.81 -4.22 -44.38
CA SER B 232 5.18 -4.26 -44.90
C SER B 232 5.93 -2.94 -44.80
N THR B 233 5.21 -1.83 -44.76
CA THR B 233 5.85 -0.51 -44.83
C THR B 233 5.51 0.49 -43.71
N SER B 234 4.29 0.44 -43.16
CA SER B 234 3.88 1.43 -42.14
C SER B 234 4.10 1.01 -40.68
N GLY B 235 4.22 -0.30 -40.44
CA GLY B 235 4.44 -0.81 -39.09
C GLY B 235 3.19 -0.83 -38.24
N VAL B 236 2.03 -0.61 -38.88
CA VAL B 236 0.75 -0.50 -38.18
C VAL B 236 0.16 -1.87 -37.82
N ALA B 237 -0.24 -2.62 -38.84
CA ALA B 237 -0.81 -3.93 -38.60
C ALA B 237 0.30 -4.91 -38.20
N HIS B 238 -0.07 -5.94 -37.47
CA HIS B 238 0.88 -6.98 -37.07
C HIS B 238 0.81 -8.24 -37.91
N HIS B 239 -0.27 -8.42 -38.66
CA HIS B 239 -0.41 -9.61 -39.49
C HIS B 239 -1.30 -9.40 -40.69
N MET B 240 -1.02 -10.14 -41.77
CA MET B 240 -1.89 -10.16 -42.93
C MET B 240 -2.37 -11.58 -43.20
N ALA B 241 -3.68 -11.77 -43.14
CA ALA B 241 -4.25 -13.11 -43.35
C ALA B 241 -4.79 -13.23 -44.78
N GLY B 242 -4.87 -14.47 -45.29
CA GLY B 242 -5.36 -14.69 -46.63
C GLY B 242 -6.87 -14.50 -46.71
N ASP B 243 -7.54 -14.71 -45.59
CA ASP B 243 -8.96 -14.41 -45.48
C ASP B 243 -9.38 -14.37 -44.02
N GLU B 244 -10.68 -14.29 -43.80
CA GLU B 244 -11.21 -14.10 -42.46
C GLU B 244 -11.11 -15.32 -41.55
N LYS B 245 -11.45 -16.50 -42.09
CA LYS B 245 -11.31 -17.74 -41.33
C LYS B 245 -9.91 -17.83 -40.75
N ASP B 246 -8.92 -17.50 -41.57
CA ASP B 246 -7.53 -17.44 -41.12
C ASP B 246 -7.33 -16.27 -40.14
N ALA B 247 -7.74 -15.05 -40.53
CA ALA B 247 -7.57 -13.90 -39.63
C ALA B 247 -8.11 -14.22 -38.25
N VAL B 248 -9.32 -14.76 -38.20
CA VAL B 248 -9.91 -15.20 -36.94
C VAL B 248 -9.03 -16.22 -36.24
N GLU B 249 -8.56 -17.20 -37.01
CA GLU B 249 -7.75 -18.25 -36.41
C GLU B 249 -6.48 -17.62 -35.82
N TYR B 250 -6.02 -16.55 -36.45
CA TYR B 250 -4.80 -15.88 -36.00
C TYR B 250 -4.99 -15.14 -34.67
N VAL B 251 -6.20 -14.64 -34.42
CA VAL B 251 -6.42 -13.96 -33.14
C VAL B 251 -6.60 -14.97 -32.03
N LYS B 252 -7.25 -16.10 -32.32
CA LYS B 252 -7.32 -17.18 -31.33
C LYS B 252 -5.92 -17.62 -30.96
N GLN B 253 -5.06 -17.82 -31.95
CA GLN B 253 -3.67 -18.19 -31.68
C GLN B 253 -3.05 -17.17 -30.74
N LEU B 254 -3.28 -15.90 -31.05
CA LEU B 254 -2.72 -14.77 -30.33
C LEU B 254 -3.14 -14.77 -28.87
N LEU B 255 -4.44 -14.91 -28.62
CA LEU B 255 -4.96 -15.03 -27.26
C LEU B 255 -4.35 -16.19 -26.49
N SER B 256 -3.89 -17.21 -27.21
CA SER B 256 -3.42 -18.43 -26.55
C SER B 256 -2.07 -18.19 -25.88
N TYR B 257 -1.35 -17.16 -26.32
CA TYR B 257 -0.04 -16.93 -25.73
C TYR B 257 -0.11 -15.94 -24.57
N LEU B 258 -1.29 -15.33 -24.39
CA LEU B 258 -1.47 -14.19 -23.50
C LEU B 258 -2.33 -14.52 -22.30
N PRO B 259 -2.04 -13.90 -21.16
CA PRO B 259 -2.96 -14.03 -20.03
C PRO B 259 -4.25 -13.25 -20.30
N SER B 260 -5.29 -13.60 -19.55
CA SER B 260 -6.55 -12.90 -19.58
C SER B 260 -6.40 -11.44 -19.14
N ASN B 261 -5.46 -11.19 -18.23
CA ASN B 261 -5.13 -9.84 -17.78
C ASN B 261 -3.79 -9.77 -17.10
N ASN B 262 -3.34 -8.57 -16.74
CA ASN B 262 -1.97 -8.43 -16.30
C ASN B 262 -1.71 -8.96 -14.89
N LEU B 263 -2.76 -9.42 -14.22
CA LEU B 263 -2.61 -10.03 -12.87
C LEU B 263 -2.38 -11.55 -12.93
N SER B 264 -2.37 -12.13 -14.13
CA SER B 264 -2.07 -13.56 -14.24
C SER B 264 -0.86 -13.78 -15.12
N GLU B 265 -0.18 -14.89 -14.90
CA GLU B 265 0.84 -15.36 -15.84
C GLU B 265 0.19 -15.93 -17.12
N PRO B 266 0.98 -16.02 -18.20
CA PRO B 266 0.46 -16.58 -19.46
C PRO B 266 -0.07 -17.99 -19.23
N PRO B 267 -1.10 -18.39 -19.98
CA PRO B 267 -1.73 -19.70 -19.79
C PRO B 267 -0.75 -20.81 -20.14
N ALA B 268 -0.62 -21.79 -19.27
CA ALA B 268 0.41 -22.80 -19.43
C ALA B 268 -0.17 -24.21 -19.61
N PHE B 269 0.44 -24.99 -20.49
CA PHE B 269 0.13 -26.41 -20.57
C PHE B 269 1.41 -27.19 -20.32
N PRO B 270 1.71 -27.45 -19.03
CA PRO B 270 3.05 -27.88 -18.61
C PRO B 270 3.46 -29.22 -19.21
N GLU B 271 4.59 -29.22 -19.90
CA GLU B 271 5.17 -30.45 -20.42
C GLU B 271 6.68 -30.42 -20.21
N GLU B 272 7.21 -31.52 -19.68
CA GLU B 272 8.60 -31.64 -19.24
C GLU B 272 9.60 -31.72 -20.39
N ALA B 273 10.63 -30.89 -20.35
CA ALA B 273 11.68 -30.91 -21.37
C ALA B 273 12.50 -32.20 -21.33
N ASP B 274 13.07 -32.55 -22.47
CA ASP B 274 14.14 -33.53 -22.55
C ASP B 274 15.42 -32.85 -22.08
N LEU B 275 15.85 -33.16 -20.86
CA LEU B 275 17.05 -32.49 -20.30
C LEU B 275 18.36 -33.10 -20.80
N ALA B 276 18.29 -33.77 -21.93
CA ALA B 276 19.46 -34.39 -22.55
C ALA B 276 19.65 -33.90 -23.98
N VAL B 277 20.89 -33.87 -24.44
CA VAL B 277 21.22 -33.36 -25.77
C VAL B 277 20.59 -34.22 -26.86
N THR B 278 19.59 -33.66 -27.55
CA THR B 278 18.93 -34.35 -28.63
C THR B 278 19.71 -34.25 -29.93
N ASP B 279 19.24 -34.97 -30.96
CA ASP B 279 19.80 -34.85 -32.30
C ASP B 279 19.56 -33.45 -32.90
N GLU B 280 18.38 -32.89 -32.67
CA GLU B 280 18.07 -31.55 -33.18
C GLU B 280 19.04 -30.54 -32.56
N ASP B 281 19.26 -30.66 -31.26
CA ASP B 281 20.22 -29.82 -30.54
C ASP B 281 21.59 -29.84 -31.23
N ALA B 282 22.02 -31.04 -31.61
CA ALA B 282 23.34 -31.22 -32.23
C ALA B 282 23.52 -30.34 -33.47
N GLU B 283 22.47 -30.24 -34.28
CA GLU B 283 22.55 -29.49 -35.53
C GLU B 283 23.04 -28.08 -35.29
N LEU B 284 22.98 -27.65 -34.03
CA LEU B 284 23.32 -26.27 -33.67
C LEU B 284 24.82 -25.97 -33.72
N ASP B 285 25.63 -26.97 -33.40
CA ASP B 285 27.07 -26.79 -33.36
C ASP B 285 27.65 -26.58 -34.77
N THR B 286 26.79 -26.69 -35.77
CA THR B 286 27.24 -26.52 -37.16
C THR B 286 26.44 -25.49 -37.94
N ILE B 287 25.49 -24.84 -37.28
CA ILE B 287 24.65 -23.84 -37.94
C ILE B 287 25.37 -22.51 -38.23
N VAL B 288 26.37 -22.16 -37.42
CA VAL B 288 27.17 -20.98 -37.71
C VAL B 288 28.29 -21.26 -38.71
N PRO B 289 28.12 -20.79 -39.97
CA PRO B 289 29.19 -20.88 -40.96
C PRO B 289 30.56 -20.45 -40.42
N ASP B 290 31.62 -20.69 -41.20
CA ASP B 290 32.96 -20.32 -40.77
C ASP B 290 33.35 -18.90 -41.17
N SER B 291 32.87 -18.45 -42.32
CA SER B 291 33.10 -17.08 -42.79
C SER B 291 32.13 -16.10 -42.15
N ALA B 292 32.66 -14.96 -41.71
CA ALA B 292 31.85 -13.94 -41.05
C ALA B 292 30.75 -13.41 -41.96
N ASN B 293 31.03 -13.35 -43.26
CA ASN B 293 30.11 -12.74 -44.22
C ASN B 293 28.89 -13.59 -44.58
N GLN B 294 29.00 -14.90 -44.40
CA GLN B 294 27.91 -15.81 -44.75
C GLN B 294 26.79 -15.88 -43.69
N PRO B 295 25.56 -15.54 -44.11
CA PRO B 295 24.36 -15.49 -43.25
C PRO B 295 23.72 -16.83 -42.99
N TYR B 296 23.15 -17.00 -41.80
CA TYR B 296 22.37 -18.19 -41.50
C TYR B 296 20.96 -17.75 -41.17
N ASP B 297 20.05 -18.72 -41.03
CA ASP B 297 18.66 -18.40 -40.74
C ASP B 297 18.31 -18.55 -39.26
N MET B 298 18.02 -17.42 -38.63
CA MET B 298 17.77 -17.35 -37.20
C MET B 298 16.46 -18.04 -36.83
N HIS B 299 15.51 -18.08 -37.77
CA HIS B 299 14.30 -18.89 -37.59
C HIS B 299 14.61 -20.31 -37.08
N SER B 300 15.63 -20.96 -37.65
CA SER B 300 15.99 -22.30 -37.23
C SER B 300 16.44 -22.33 -35.78
N VAL B 301 17.43 -21.50 -35.43
CA VAL B 301 17.91 -21.50 -34.05
C VAL B 301 16.76 -21.26 -33.07
N ILE B 302 15.83 -20.38 -33.43
CA ILE B 302 14.67 -20.11 -32.59
C ILE B 302 13.79 -21.36 -32.51
N GLU B 303 13.46 -21.94 -33.66
CA GLU B 303 12.65 -23.16 -33.70
C GLU B 303 13.28 -24.33 -32.92
N HIS B 304 14.59 -24.44 -32.99
CA HIS B 304 15.29 -25.50 -32.26
C HIS B 304 15.23 -25.31 -30.74
N VAL B 305 14.78 -24.13 -30.30
CA VAL B 305 14.67 -23.89 -28.86
C VAL B 305 13.22 -24.00 -28.36
N LEU B 306 12.26 -23.76 -29.25
CA LEU B 306 10.84 -23.70 -28.90
C LEU B 306 10.10 -25.04 -29.05
N ASP B 307 9.33 -25.43 -28.03
CA ASP B 307 8.51 -26.64 -28.09
C ASP B 307 7.89 -26.88 -29.46
N ASP B 308 8.22 -28.01 -30.07
CA ASP B 308 7.55 -28.47 -31.29
C ASP B 308 8.01 -27.71 -32.50
N ALA B 309 9.15 -27.05 -32.37
CA ALA B 309 9.70 -26.23 -33.43
C ALA B 309 8.63 -25.26 -33.92
N GLU B 310 7.74 -24.87 -33.02
CA GLU B 310 6.64 -23.96 -33.34
C GLU B 310 6.95 -22.54 -32.93
N PHE B 311 7.14 -21.68 -33.92
CA PHE B 311 7.38 -20.25 -33.72
C PHE B 311 6.27 -19.48 -34.41
N PHE B 312 5.45 -18.79 -33.61
CA PHE B 312 4.32 -18.02 -34.11
C PHE B 312 4.74 -16.55 -34.19
N GLU B 313 5.06 -16.12 -35.39
CA GLU B 313 5.71 -14.82 -35.63
C GLU B 313 4.76 -13.62 -35.87
N THR B 314 5.13 -12.46 -35.35
CA THR B 314 4.37 -11.21 -35.55
C THR B 314 5.09 -10.24 -36.49
N GLN B 315 4.33 -9.52 -37.29
CA GLN B 315 4.87 -8.52 -38.21
C GLN B 315 5.99 -9.04 -39.12
N PRO B 316 5.85 -10.27 -39.62
CA PRO B 316 6.96 -10.83 -40.40
C PRO B 316 7.32 -9.99 -41.64
N LEU B 317 6.37 -9.28 -42.24
CA LEU B 317 6.68 -8.50 -43.43
C LEU B 317 7.19 -7.08 -43.14
N PHE B 318 7.32 -6.73 -41.86
CA PHE B 318 7.82 -5.42 -41.48
C PHE B 318 9.18 -5.55 -40.82
N ALA B 319 10.16 -4.84 -41.35
CA ALA B 319 11.49 -4.83 -40.74
C ALA B 319 11.98 -6.25 -40.54
N PRO B 320 12.18 -6.97 -41.66
CA PRO B 320 12.55 -8.39 -41.61
C PRO B 320 13.91 -8.60 -40.98
N ASN B 321 14.67 -7.53 -40.80
CA ASN B 321 16.00 -7.65 -40.24
C ASN B 321 15.96 -8.11 -38.79
N ILE B 322 14.79 -7.99 -38.16
CA ILE B 322 14.63 -8.44 -36.79
C ILE B 322 13.43 -9.39 -36.66
N LEU B 323 13.57 -10.39 -35.78
CA LEU B 323 12.52 -11.38 -35.60
C LEU B 323 11.81 -11.23 -34.26
N THR B 324 10.47 -11.13 -34.32
CA THR B 324 9.67 -11.08 -33.12
C THR B 324 8.47 -12.00 -33.18
N GLY B 325 8.09 -12.55 -32.04
CA GLY B 325 6.93 -13.41 -31.98
C GLY B 325 6.85 -14.22 -30.71
N PHE B 326 5.90 -15.15 -30.69
CA PHE B 326 5.70 -16.01 -29.54
C PHE B 326 6.10 -17.44 -29.84
N GLY B 327 6.31 -18.21 -28.78
CA GLY B 327 6.52 -19.65 -28.85
C GLY B 327 6.35 -20.19 -27.45
N ARG B 328 6.52 -21.50 -27.26
CA ARG B 328 6.39 -22.11 -25.95
C ARG B 328 7.66 -22.89 -25.54
N VAL B 329 7.90 -22.95 -24.24
CA VAL B 329 9.03 -23.69 -23.68
C VAL B 329 8.52 -24.35 -22.42
N GLU B 330 8.66 -25.67 -22.35
CA GLU B 330 8.09 -26.47 -21.28
C GLU B 330 6.62 -26.17 -21.06
N GLY B 331 5.91 -25.89 -22.14
CA GLY B 331 4.51 -25.53 -22.06
C GLY B 331 4.18 -24.04 -21.84
N ARG B 332 5.17 -23.21 -21.49
CA ARG B 332 4.89 -21.79 -21.15
C ARG B 332 5.19 -20.81 -22.27
N PRO B 333 4.23 -19.95 -22.59
CA PRO B 333 4.44 -18.86 -23.56
C PRO B 333 5.71 -18.07 -23.26
N VAL B 334 6.44 -17.70 -24.31
CA VAL B 334 7.60 -16.81 -24.26
C VAL B 334 7.50 -15.89 -25.46
N GLY B 335 8.27 -14.80 -25.44
CA GLY B 335 8.34 -13.90 -26.58
C GLY B 335 9.72 -13.98 -27.22
N ILE B 336 9.79 -13.68 -28.51
CA ILE B 336 11.08 -13.79 -29.17
C ILE B 336 11.44 -12.49 -29.85
N VAL B 337 12.62 -11.98 -29.51
CA VAL B 337 13.28 -10.95 -30.28
C VAL B 337 14.64 -11.49 -30.68
N ALA B 338 14.99 -11.36 -31.95
CA ALA B 338 16.28 -11.86 -32.42
C ALA B 338 16.67 -11.24 -33.75
N ASN B 339 17.96 -10.98 -33.96
CA ASN B 339 18.43 -10.45 -35.24
C ASN B 339 18.40 -11.53 -36.32
N GLN B 340 18.18 -11.14 -37.56
CA GLN B 340 18.12 -12.09 -38.69
C GLN B 340 19.16 -11.78 -39.77
N PRO B 341 20.33 -12.43 -39.69
CA PRO B 341 21.46 -12.11 -40.56
C PRO B 341 21.07 -12.16 -42.04
N MET B 342 20.05 -12.96 -42.34
CA MET B 342 19.59 -13.14 -43.71
C MET B 342 19.08 -11.82 -44.30
N GLN B 343 18.61 -10.94 -43.43
CA GLN B 343 18.16 -9.62 -43.88
C GLN B 343 19.11 -8.52 -43.43
N PHE B 344 19.76 -7.87 -44.37
CA PHE B 344 20.60 -6.73 -44.07
C PHE B 344 21.58 -7.05 -42.94
N ALA B 345 22.19 -8.23 -43.05
CA ALA B 345 23.23 -8.73 -42.14
C ALA B 345 22.92 -8.64 -40.66
N GLY B 346 21.64 -8.60 -40.32
CA GLY B 346 21.22 -8.45 -38.93
C GLY B 346 21.35 -7.04 -38.36
N CYS B 347 21.35 -6.03 -39.22
CA CYS B 347 21.47 -4.66 -38.74
C CYS B 347 20.20 -4.16 -38.03
N LEU B 348 20.40 -3.23 -37.10
CA LEU B 348 19.32 -2.53 -36.42
C LEU B 348 19.04 -1.22 -37.13
N ASP B 349 17.82 -0.72 -37.00
CA ASP B 349 17.43 0.49 -37.70
C ASP B 349 16.13 1.05 -37.15
N ILE B 350 15.63 2.13 -37.75
CA ILE B 350 14.41 2.77 -37.26
C ILE B 350 13.30 1.74 -37.08
N THR B 351 12.97 1.03 -38.16
CA THR B 351 11.89 0.03 -38.14
C THR B 351 12.20 -1.16 -37.21
N ALA B 352 13.40 -1.72 -37.33
CA ALA B 352 13.83 -2.80 -36.46
C ALA B 352 13.59 -2.44 -35.00
N SER B 353 13.99 -1.23 -34.64
CA SER B 353 13.95 -0.74 -33.27
C SER B 353 12.55 -0.64 -32.72
N GLU B 354 11.65 -0.08 -33.53
CA GLU B 354 10.32 0.23 -33.04
C GLU B 354 9.47 -1.04 -32.96
N LYS B 355 9.56 -1.85 -34.02
CA LYS B 355 8.90 -3.15 -34.07
C LYS B 355 9.15 -3.94 -32.78
N ALA B 356 10.43 -4.16 -32.50
CA ALA B 356 10.90 -4.91 -31.34
C ALA B 356 10.59 -4.24 -30.02
N ALA B 357 10.80 -2.93 -29.95
CA ALA B 357 10.62 -2.18 -28.71
C ALA B 357 9.19 -2.33 -28.21
N ARG B 358 8.22 -2.18 -29.10
CA ARG B 358 6.82 -2.39 -28.71
C ARG B 358 6.45 -3.84 -28.42
N PHE B 359 7.20 -4.79 -28.96
CA PHE B 359 6.92 -6.18 -28.71
C PHE B 359 7.43 -6.56 -27.33
N VAL B 360 8.60 -6.06 -26.98
CA VAL B 360 9.13 -6.28 -25.63
C VAL B 360 8.22 -5.70 -24.56
N ARG B 361 7.63 -4.53 -24.81
CA ARG B 361 6.77 -3.91 -23.81
C ARG B 361 5.44 -4.67 -23.69
N THR B 362 4.89 -5.09 -24.82
CA THR B 362 3.69 -5.91 -24.78
C THR B 362 3.98 -7.14 -23.92
N CYS B 363 5.09 -7.82 -24.19
CA CYS B 363 5.41 -9.02 -23.42
C CYS B 363 5.59 -8.68 -21.95
N ASP B 364 6.40 -7.67 -21.68
CA ASP B 364 6.63 -7.29 -20.29
C ASP B 364 5.34 -6.88 -19.59
N ALA B 365 4.49 -6.16 -20.29
CA ALA B 365 3.20 -5.72 -19.75
C ALA B 365 2.37 -6.91 -19.33
N PHE B 366 2.38 -7.95 -20.17
CA PHE B 366 1.56 -9.14 -19.93
C PHE B 366 2.33 -10.34 -19.37
N ASN B 367 3.44 -10.07 -18.68
CA ASN B 367 4.16 -11.11 -17.93
C ASN B 367 4.72 -12.25 -18.75
N VAL B 368 4.90 -12.00 -20.03
CA VAL B 368 5.53 -12.92 -20.95
C VAL B 368 7.06 -12.78 -20.99
N PRO B 369 7.78 -13.86 -20.62
CA PRO B 369 9.24 -13.95 -20.71
C PRO B 369 9.72 -13.65 -22.11
N VAL B 370 10.95 -13.17 -22.23
CA VAL B 370 11.49 -12.76 -23.51
C VAL B 370 12.87 -13.35 -23.76
N LEU B 371 12.96 -14.24 -24.75
CA LEU B 371 14.24 -14.78 -25.17
C LEU B 371 14.72 -13.92 -26.31
N THR B 372 15.99 -13.48 -26.21
CA THR B 372 16.55 -12.68 -27.30
C THR B 372 17.82 -13.34 -27.89
N PHE B 373 17.89 -13.39 -29.21
CA PHE B 373 19.05 -13.97 -29.90
C PHE B 373 19.72 -12.89 -30.74
N VAL B 374 21.02 -12.69 -30.52
CA VAL B 374 21.67 -11.53 -31.12
C VAL B 374 22.85 -11.87 -32.00
N ASP B 375 22.70 -11.54 -33.28
CA ASP B 375 23.80 -11.52 -34.23
C ASP B 375 23.70 -10.20 -34.97
N VAL B 376 24.32 -9.18 -34.39
CA VAL B 376 24.11 -7.83 -34.88
C VAL B 376 25.43 -7.11 -35.09
N PRO B 377 25.68 -6.72 -36.34
CA PRO B 377 26.92 -6.03 -36.75
C PRO B 377 26.94 -4.60 -36.22
N GLY B 378 25.76 -4.00 -36.14
CA GLY B 378 25.63 -2.62 -35.73
C GLY B 378 24.45 -1.98 -36.43
N PHE B 379 24.44 -0.65 -36.48
CA PHE B 379 23.32 0.08 -37.04
C PHE B 379 23.46 0.40 -38.51
N LEU B 380 22.38 0.21 -39.25
CA LEU B 380 22.28 0.64 -40.63
C LEU B 380 22.88 2.04 -40.80
N PRO B 381 23.90 2.17 -41.67
CA PRO B 381 24.41 3.50 -42.05
C PRO B 381 23.45 4.26 -42.94
N GLY B 382 23.43 5.58 -42.80
CA GLY B 382 22.58 6.44 -43.59
C GLY B 382 22.28 7.78 -42.93
N VAL B 383 22.39 8.86 -43.71
CA VAL B 383 21.94 10.17 -43.27
C VAL B 383 20.42 10.19 -43.16
N ASP B 384 19.77 9.36 -43.97
CA ASP B 384 18.33 9.16 -43.88
C ASP B 384 17.95 8.47 -42.56
N GLN B 385 18.83 7.59 -42.08
CA GLN B 385 18.63 6.98 -40.77
C GLN B 385 18.68 8.03 -39.65
N GLU B 386 19.63 8.96 -39.74
CA GLU B 386 19.77 9.98 -38.70
C GLU B 386 18.74 11.09 -38.82
N HIS B 387 18.63 11.66 -40.01
CA HIS B 387 17.71 12.76 -40.26
C HIS B 387 16.26 12.46 -39.86
N ASP B 388 15.94 11.17 -39.79
CA ASP B 388 14.61 10.71 -39.39
C ASP B 388 14.56 10.27 -37.92
N GLY B 389 15.69 10.45 -37.23
CA GLY B 389 15.71 10.35 -35.78
C GLY B 389 16.20 9.09 -35.09
N ILE B 390 17.04 8.31 -35.75
CA ILE B 390 17.54 7.05 -35.18
C ILE B 390 18.02 7.20 -33.73
N ILE B 391 18.53 8.39 -33.42
CA ILE B 391 19.02 8.66 -32.07
C ILE B 391 17.91 8.39 -31.06
N ARG B 392 16.72 8.87 -31.37
CA ARG B 392 15.61 8.78 -30.43
C ARG B 392 14.70 7.57 -30.66
N ARG B 393 14.65 7.03 -31.87
CA ARG B 393 13.81 5.87 -32.18
C ARG B 393 14.44 4.56 -31.74
N GLY B 394 15.75 4.46 -31.88
CA GLY B 394 16.47 3.27 -31.47
C GLY B 394 16.66 3.23 -29.97
N ALA B 395 16.41 4.35 -29.31
CA ALA B 395 16.57 4.38 -27.88
C ALA B 395 15.42 3.60 -27.26
N LYS B 396 14.36 3.44 -28.02
CA LYS B 396 13.17 2.73 -27.56
C LYS B 396 13.46 1.28 -27.17
N LEU B 397 14.30 0.58 -27.93
CA LEU B 397 14.65 -0.80 -27.60
C LEU B 397 15.46 -0.86 -26.29
N ILE B 398 16.43 0.04 -26.15
CA ILE B 398 17.19 0.09 -24.89
C ILE B 398 16.24 0.28 -23.71
N PHE B 399 15.30 1.21 -23.88
CA PHE B 399 14.35 1.55 -22.83
C PHE B 399 13.45 0.37 -22.46
N ALA B 400 12.96 -0.33 -23.48
CA ALA B 400 12.03 -1.43 -23.25
C ALA B 400 12.70 -2.52 -22.43
N TYR B 401 13.94 -2.88 -22.81
CA TYR B 401 14.67 -3.93 -22.10
C TYR B 401 14.99 -3.55 -20.66
N ALA B 402 15.40 -2.30 -20.48
CA ALA B 402 15.79 -1.78 -19.17
C ALA B 402 14.58 -1.65 -18.29
N GLU B 403 13.46 -1.27 -18.91
CA GLU B 403 12.20 -1.11 -18.19
C GLU B 403 11.66 -2.47 -17.77
N ALA B 404 11.85 -3.47 -18.63
CA ALA B 404 11.30 -4.83 -18.44
C ALA B 404 11.59 -5.41 -17.06
N THR B 405 10.64 -6.18 -16.53
CA THR B 405 10.88 -6.88 -15.28
C THR B 405 10.64 -8.41 -15.42
N VAL B 406 10.21 -8.84 -16.60
CA VAL B 406 10.04 -10.26 -16.88
C VAL B 406 11.41 -10.91 -17.06
N PRO B 407 11.46 -12.24 -16.95
CA PRO B 407 12.63 -13.06 -17.29
C PRO B 407 13.21 -12.62 -18.65
N LEU B 408 14.47 -12.22 -18.65
CA LEU B 408 15.14 -11.95 -19.90
C LEU B 408 16.37 -12.85 -20.01
N ILE B 409 16.42 -13.58 -21.11
CA ILE B 409 17.49 -14.50 -21.37
C ILE B 409 17.97 -14.16 -22.76
N THR B 410 19.26 -13.86 -22.84
CA THR B 410 19.85 -13.40 -24.09
C THR B 410 20.95 -14.39 -24.53
N VAL B 411 20.91 -14.78 -25.78
CA VAL B 411 21.97 -15.65 -26.28
C VAL B 411 22.59 -14.98 -27.49
N ILE B 412 23.90 -14.80 -27.42
CA ILE B 412 24.66 -14.21 -28.51
C ILE B 412 25.24 -15.38 -29.32
N THR B 413 24.80 -15.49 -30.56
CA THR B 413 25.19 -16.59 -31.41
C THR B 413 26.47 -16.24 -32.13
N ARG B 414 26.53 -14.99 -32.61
CA ARG B 414 27.70 -14.55 -33.37
C ARG B 414 28.08 -13.10 -33.02
N LYS B 415 27.83 -12.12 -33.89
CA LYS B 415 28.33 -10.78 -33.59
C LYS B 415 27.47 -9.81 -32.75
N ALA B 416 28.13 -9.03 -31.91
CA ALA B 416 27.52 -7.97 -31.11
C ALA B 416 28.54 -6.84 -30.93
N PHE B 417 28.37 -5.75 -31.69
CA PHE B 417 29.33 -4.66 -31.67
C PHE B 417 28.75 -3.33 -31.16
N GLY B 418 29.53 -2.63 -30.33
CA GLY B 418 29.21 -1.29 -29.91
C GLY B 418 27.88 -1.11 -29.20
N GLY B 419 27.11 -0.13 -29.65
CA GLY B 419 25.83 0.16 -29.04
C GLY B 419 24.80 -0.95 -29.23
N ALA B 420 24.80 -1.57 -30.40
CA ALA B 420 23.83 -2.64 -30.68
C ALA B 420 23.96 -3.78 -29.67
N TYR B 421 25.18 -4.02 -29.21
CA TYR B 421 25.41 -4.93 -28.11
C TYR B 421 24.53 -4.59 -26.93
N ASN B 422 24.47 -3.31 -26.56
CA ASN B 422 23.63 -2.92 -25.44
C ASN B 422 22.16 -3.04 -25.76
N VAL B 423 21.78 -2.67 -26.98
CA VAL B 423 20.39 -2.71 -27.40
C VAL B 423 19.75 -4.08 -27.26
N MET B 424 20.55 -5.13 -27.48
CA MET B 424 20.03 -6.50 -27.48
C MET B 424 20.26 -7.19 -26.13
N GLY B 425 19.42 -6.87 -25.16
CA GLY B 425 19.33 -7.63 -23.92
C GLY B 425 20.58 -7.87 -23.09
N SER B 426 21.54 -6.95 -23.13
CA SER B 426 22.79 -7.08 -22.39
C SER B 426 22.55 -7.18 -20.89
N LYS B 427 23.55 -7.70 -20.17
CA LYS B 427 23.53 -7.67 -18.71
C LYS B 427 23.33 -6.27 -18.13
N HIS B 428 23.85 -5.28 -18.83
CA HIS B 428 23.85 -3.89 -18.35
C HIS B 428 22.45 -3.30 -18.27
N LEU B 429 21.58 -3.69 -19.21
CA LEU B 429 20.20 -3.21 -19.23
C LEU B 429 19.33 -3.97 -18.23
N GLY B 430 19.88 -5.03 -17.62
CA GLY B 430 19.14 -5.81 -16.65
C GLY B 430 18.83 -7.28 -16.97
N ALA B 431 19.25 -7.78 -18.12
CA ALA B 431 18.99 -9.20 -18.47
C ALA B 431 19.56 -10.16 -17.43
N ASP B 432 18.78 -11.15 -17.05
CA ASP B 432 19.17 -12.04 -15.95
C ASP B 432 20.18 -13.11 -16.35
N LEU B 433 20.07 -13.61 -17.58
CA LEU B 433 21.00 -14.61 -18.10
C LEU B 433 21.53 -14.20 -19.48
N ASN B 434 22.84 -14.08 -19.59
CA ASN B 434 23.48 -13.89 -20.90
C ASN B 434 24.45 -14.99 -21.25
N LEU B 435 24.19 -15.60 -22.40
CA LEU B 435 24.92 -16.78 -22.80
C LEU B 435 25.57 -16.44 -24.11
N ALA B 436 26.83 -16.85 -24.27
CA ALA B 436 27.49 -16.62 -25.53
C ALA B 436 28.06 -17.91 -26.11
N TRP B 437 27.78 -18.13 -27.39
CA TRP B 437 28.39 -19.22 -28.12
C TRP B 437 29.86 -18.90 -28.36
N PRO B 438 30.67 -19.92 -28.65
CA PRO B 438 32.10 -19.70 -28.90
C PRO B 438 32.29 -18.84 -30.15
N THR B 439 31.24 -18.76 -30.95
CA THR B 439 31.27 -18.00 -32.19
C THR B 439 30.80 -16.56 -32.01
N ALA B 440 30.55 -16.16 -30.76
CA ALA B 440 30.18 -14.78 -30.49
C ALA B 440 31.40 -13.85 -30.48
N GLN B 441 31.34 -12.80 -31.29
CA GLN B 441 32.37 -11.76 -31.25
C GLN B 441 31.80 -10.53 -30.56
N ILE B 442 32.16 -10.36 -29.29
CA ILE B 442 31.66 -9.25 -28.51
C ILE B 442 32.77 -8.21 -28.32
N ALA B 443 32.63 -7.08 -29.01
CA ALA B 443 33.67 -6.04 -29.01
C ALA B 443 33.06 -4.65 -29.20
N VAL B 444 33.87 -3.61 -29.05
CA VAL B 444 33.36 -2.25 -29.28
C VAL B 444 33.01 -2.03 -30.75
N MET B 445 33.87 -2.52 -31.64
CA MET B 445 33.62 -2.44 -33.07
C MET B 445 34.48 -3.44 -33.81
N GLY B 446 34.25 -3.57 -35.12
CA GLY B 446 34.94 -4.55 -35.93
C GLY B 446 36.44 -4.44 -35.89
N ALA B 447 37.12 -5.57 -36.13
CA ALA B 447 38.57 -5.60 -36.13
C ALA B 447 39.16 -4.46 -36.94
N GLN B 448 38.70 -4.32 -38.18
CA GLN B 448 39.14 -3.27 -39.09
C GLN B 448 39.01 -1.89 -38.48
N GLY B 449 37.78 -1.51 -38.14
CA GLY B 449 37.51 -0.22 -37.55
C GLY B 449 38.39 0.03 -36.35
N ALA B 450 38.49 -0.96 -35.47
CA ALA B 450 39.28 -0.85 -34.25
C ALA B 450 40.67 -0.25 -34.50
N VAL B 451 41.53 -1.01 -35.18
CA VAL B 451 42.93 -0.63 -35.38
C VAL B 451 43.11 0.44 -36.45
N ASN B 452 42.16 0.50 -37.38
CA ASN B 452 42.13 1.58 -38.35
C ASN B 452 42.06 2.93 -37.63
N ILE B 453 41.95 2.91 -36.30
CA ILE B 453 42.09 4.12 -35.49
C ILE B 453 43.15 3.99 -34.39
N LEU B 454 43.16 2.84 -33.71
CA LEU B 454 44.04 2.66 -32.54
C LEU B 454 45.51 2.40 -32.89
N HIS B 455 45.77 1.88 -34.09
CA HIS B 455 47.12 1.87 -34.64
C HIS B 455 47.15 2.78 -35.84
N ARG B 456 46.90 4.05 -35.60
CA ARG B 456 46.90 5.06 -36.65
C ARG B 456 48.30 5.27 -37.19
N ARG B 457 49.27 5.29 -36.29
CA ARG B 457 50.65 5.65 -36.64
C ARG B 457 51.31 4.74 -37.70
N THR B 458 50.60 3.71 -38.16
CA THR B 458 51.11 2.88 -39.25
C THR B 458 50.25 2.98 -40.52
N ILE B 459 50.37 4.11 -41.21
CA ILE B 459 49.62 4.39 -42.44
C ILE B 459 50.57 4.56 -43.63
N ALA B 460 51.22 5.72 -43.69
CA ALA B 460 52.31 5.93 -44.63
C ALA B 460 53.58 5.40 -44.00
N ASP B 461 53.51 5.13 -42.70
CA ASP B 461 54.54 4.37 -42.00
C ASP B 461 54.72 3.08 -42.76
N ALA B 462 55.97 2.60 -42.87
CA ALA B 462 56.24 1.42 -43.66
C ALA B 462 55.43 1.54 -44.95
N GLY B 463 55.66 2.65 -45.65
CA GLY B 463 54.83 3.08 -46.77
C GLY B 463 54.07 2.04 -47.56
N ASP B 464 54.82 1.22 -48.30
CA ASP B 464 54.27 0.21 -49.21
C ASP B 464 53.78 -1.02 -48.46
N ASP B 465 54.65 -1.55 -47.58
CA ASP B 465 54.30 -2.69 -46.74
C ASP B 465 53.22 -2.35 -45.69
N ALA B 466 52.52 -1.25 -45.89
CA ALA B 466 51.48 -0.81 -44.96
C ALA B 466 50.22 -1.67 -45.14
N GLU B 467 49.84 -1.89 -46.38
CA GLU B 467 48.69 -2.72 -46.71
C GLU B 467 48.79 -4.07 -46.00
N ALA B 468 50.02 -4.55 -45.83
CA ALA B 468 50.27 -5.84 -45.20
C ALA B 468 50.60 -5.71 -43.73
N THR B 469 50.95 -4.50 -43.30
CA THR B 469 51.25 -4.22 -41.89
C THR B 469 49.97 -4.23 -41.05
N ARG B 470 48.87 -3.80 -41.65
CA ARG B 470 47.62 -3.61 -40.94
C ARG B 470 46.64 -4.76 -41.15
N ALA B 471 46.75 -5.43 -42.29
CA ALA B 471 45.89 -6.56 -42.61
C ALA B 471 46.12 -7.69 -41.61
N ARG B 472 47.35 -7.77 -41.10
CA ARG B 472 47.74 -8.72 -40.07
C ARG B 472 47.33 -8.23 -38.69
N LEU B 473 47.44 -6.93 -38.45
CA LEU B 473 46.97 -6.38 -37.19
C LEU B 473 45.46 -6.58 -37.03
N ILE B 474 44.74 -6.62 -38.15
CA ILE B 474 43.31 -6.89 -38.14
C ILE B 474 43.06 -8.23 -37.48
N GLN B 475 43.68 -9.26 -38.02
CA GLN B 475 43.48 -10.60 -37.51
C GLN B 475 44.40 -10.91 -36.30
N GLU B 476 45.36 -10.03 -36.02
CA GLU B 476 46.16 -10.16 -34.79
C GLU B 476 45.32 -9.85 -33.56
N TYR B 477 44.24 -9.08 -33.76
CA TYR B 477 43.35 -8.67 -32.67
C TYR B 477 42.10 -9.51 -32.57
N GLU B 478 41.46 -9.77 -33.71
CA GLU B 478 40.31 -10.67 -33.76
C GLU B 478 40.76 -12.08 -33.43
N ASP B 479 42.07 -12.29 -33.46
CA ASP B 479 42.69 -13.48 -32.90
C ASP B 479 43.14 -13.13 -31.49
N ALA B 480 42.17 -12.80 -30.63
CA ALA B 480 42.43 -12.37 -29.26
C ALA B 480 41.45 -11.30 -28.77
N LEU B 481 40.41 -11.00 -29.54
CA LEU B 481 39.47 -9.92 -29.14
C LEU B 481 38.03 -10.24 -29.54
N LEU B 482 37.83 -10.57 -30.81
CA LEU B 482 36.51 -10.93 -31.29
C LEU B 482 36.12 -12.33 -30.78
N ASN B 483 36.04 -12.42 -29.46
CA ASN B 483 35.60 -13.61 -28.75
C ASN B 483 34.72 -13.21 -27.56
N PRO B 484 33.88 -14.14 -27.08
CA PRO B 484 32.96 -13.83 -25.97
C PRO B 484 33.72 -13.72 -24.67
N TYR B 485 35.02 -13.99 -24.73
CA TYR B 485 35.82 -14.27 -23.54
C TYR B 485 36.28 -13.05 -22.75
N THR B 486 36.55 -11.93 -23.43
CA THR B 486 36.79 -10.69 -22.70
C THR B 486 35.54 -10.39 -21.87
N ALA B 487 34.41 -10.25 -22.56
CA ALA B 487 33.13 -10.11 -21.87
C ALA B 487 32.96 -11.18 -20.79
N ALA B 488 33.49 -12.38 -21.04
CA ALA B 488 33.39 -13.45 -20.06
C ALA B 488 34.09 -13.14 -18.72
N GLU B 489 35.34 -12.68 -18.77
CA GLU B 489 36.11 -12.51 -17.53
C GLU B 489 35.49 -11.49 -16.61
N ARG B 490 34.80 -10.52 -17.21
CA ARG B 490 34.14 -9.47 -16.45
C ARG B 490 32.78 -9.92 -15.99
N GLY B 491 32.40 -11.12 -16.42
CA GLY B 491 31.08 -11.65 -16.13
C GLY B 491 29.96 -10.86 -16.80
N TYR B 492 30.27 -10.21 -17.91
CA TYR B 492 29.23 -9.53 -18.70
C TYR B 492 28.35 -10.57 -19.36
N VAL B 493 28.92 -11.75 -19.60
CA VAL B 493 28.17 -12.93 -20.01
C VAL B 493 28.30 -13.97 -18.91
N ASP B 494 27.21 -14.66 -18.61
CA ASP B 494 27.19 -15.61 -17.50
C ASP B 494 27.94 -16.90 -17.80
N ALA B 495 28.07 -17.21 -19.09
CA ALA B 495 28.88 -18.34 -19.49
C ALA B 495 28.97 -18.39 -20.99
N VAL B 496 30.03 -19.04 -21.44
CA VAL B 496 30.21 -19.37 -22.83
C VAL B 496 29.80 -20.84 -22.94
N ILE B 497 29.08 -21.20 -23.99
CA ILE B 497 28.54 -22.56 -24.07
C ILE B 497 28.37 -23.04 -25.51
N MET B 498 28.44 -24.35 -25.68
CA MET B 498 28.17 -24.98 -26.95
C MET B 498 26.80 -24.55 -27.40
N PRO B 499 26.63 -24.32 -28.71
CA PRO B 499 25.32 -23.99 -29.28
C PRO B 499 24.32 -25.12 -29.04
N SER B 500 24.80 -26.35 -28.89
CA SER B 500 23.91 -27.48 -28.71
C SER B 500 23.24 -27.46 -27.33
N ASP B 501 23.74 -26.62 -26.44
CA ASP B 501 23.19 -26.60 -25.08
C ASP B 501 22.23 -25.44 -24.82
N THR B 502 21.92 -24.63 -25.83
CA THR B 502 21.13 -23.43 -25.56
C THR B 502 19.71 -23.76 -25.06
N ARG B 503 19.06 -24.73 -25.69
CA ARG B 503 17.70 -25.10 -25.30
C ARG B 503 17.71 -25.55 -23.85
N ARG B 504 18.61 -26.46 -23.50
CA ARG B 504 18.70 -26.92 -22.13
C ARG B 504 18.99 -25.74 -21.18
N HIS B 505 19.89 -24.85 -21.60
CA HIS B 505 20.16 -23.62 -20.84
C HIS B 505 18.92 -22.73 -20.69
N ILE B 506 18.23 -22.48 -21.80
CA ILE B 506 16.98 -21.75 -21.77
C ILE B 506 15.92 -22.42 -20.88
N VAL B 507 15.80 -23.74 -20.99
CA VAL B 507 14.84 -24.47 -20.18
C VAL B 507 15.16 -24.28 -18.71
N ARG B 508 16.42 -24.51 -18.34
CA ARG B 508 16.77 -24.50 -16.93
C ARG B 508 16.69 -23.11 -16.32
N GLY B 509 17.16 -22.11 -17.06
CA GLY B 509 17.07 -20.72 -16.61
C GLY B 509 15.63 -20.26 -16.36
N LEU B 510 14.76 -20.44 -17.34
CA LEU B 510 13.35 -20.09 -17.17
C LEU B 510 12.78 -20.76 -15.92
N ARG B 511 13.17 -22.00 -15.67
CA ARG B 511 12.69 -22.66 -14.46
C ARG B 511 13.02 -21.84 -13.24
N GLN B 512 14.30 -21.52 -13.07
CA GLN B 512 14.78 -20.73 -11.93
C GLN B 512 14.14 -19.31 -11.98
N LEU B 513 14.07 -18.76 -13.17
CA LEU B 513 13.70 -17.36 -13.34
C LEU B 513 12.22 -17.10 -13.17
N ARG B 514 11.43 -18.17 -13.16
CA ARG B 514 9.98 -18.03 -13.10
C ARG B 514 9.55 -17.21 -11.91
N THR B 515 10.40 -17.13 -10.89
CA THR B 515 10.01 -16.53 -9.62
C THR B 515 10.54 -15.09 -9.45
N LYS B 516 11.13 -14.50 -10.50
CA LYS B 516 11.80 -13.22 -10.32
C LYS B 516 10.85 -12.05 -10.10
N ARG B 517 11.19 -11.24 -9.11
CA ARG B 517 10.54 -9.96 -8.85
C ARG B 517 11.59 -8.87 -8.52
N GLU B 518 11.19 -7.60 -8.55
CA GLU B 518 12.01 -6.49 -8.02
C GLU B 518 11.34 -5.11 -8.10
N SER B 519 11.84 -4.14 -7.35
CA SER B 519 11.21 -2.81 -7.29
C SER B 519 12.05 -1.69 -7.91
N LEU B 520 11.52 -0.47 -7.85
CA LEU B 520 12.20 0.74 -8.29
C LEU B 520 11.28 1.94 -7.96
N PRO B 521 11.75 3.19 -8.17
CA PRO B 521 11.00 4.30 -7.57
C PRO B 521 9.69 4.65 -8.30
N PRO B 522 8.65 5.01 -7.55
CA PRO B 522 7.33 5.24 -8.13
C PRO B 522 7.32 6.40 -9.12
N LYS B 523 6.53 6.21 -10.17
CA LYS B 523 6.31 7.21 -11.21
C LYS B 523 4.91 6.97 -11.77
N LYS B 524 4.23 8.02 -12.20
CA LYS B 524 3.01 7.88 -12.99
C LYS B 524 3.30 6.98 -14.17
N HIS B 525 4.39 7.30 -14.85
CA HIS B 525 4.83 6.56 -16.02
C HIS B 525 6.18 7.09 -16.38
N GLY B 526 6.76 6.49 -17.39
CA GLY B 526 8.09 6.86 -17.84
C GLY B 526 7.93 7.82 -18.98
N ASN B 527 9.06 8.28 -19.49
CA ASN B 527 9.03 9.29 -20.52
C ASN B 527 9.79 8.81 -21.74
N ILE B 528 9.48 7.59 -22.16
CA ILE B 528 10.15 6.96 -23.30
C ILE B 528 10.22 7.88 -24.50
N PRO B 529 11.39 7.91 -25.15
CA PRO B 529 11.50 8.66 -26.40
C PRO B 529 10.31 8.34 -27.28
N LEU B 530 9.87 9.30 -28.08
CA LEU B 530 8.61 9.17 -28.78
C LEU B 530 8.72 9.78 -30.19
N ASP C 10 -22.15 18.87 53.12
CA ASP C 10 -22.67 17.53 53.37
C ASP C 10 -22.07 16.53 52.37
N ILE C 11 -22.93 15.72 51.75
CA ILE C 11 -22.53 14.72 50.74
C ILE C 11 -23.69 14.37 49.82
N HIS C 12 -24.89 14.83 50.16
CA HIS C 12 -26.06 14.67 49.30
C HIS C 12 -26.24 15.91 48.44
N THR C 13 -25.43 16.92 48.74
CA THR C 13 -25.41 18.17 47.99
C THR C 13 -24.29 18.14 46.95
N THR C 14 -24.48 18.84 45.84
CA THR C 14 -23.40 19.02 44.89
C THR C 14 -22.18 19.61 45.60
N ALA C 15 -22.41 20.66 46.38
CA ALA C 15 -21.33 21.33 47.09
C ALA C 15 -20.53 20.35 47.94
N GLY C 16 -21.23 19.46 48.62
CA GLY C 16 -20.59 18.42 49.42
C GLY C 16 -19.85 17.40 48.56
N LYS C 17 -20.42 17.05 47.41
CA LYS C 17 -19.73 16.18 46.47
C LYS C 17 -18.43 16.85 46.04
N LEU C 18 -18.54 18.08 45.54
CA LEU C 18 -17.37 18.85 45.15
C LEU C 18 -16.31 18.80 46.24
N ALA C 19 -16.75 18.95 47.48
CA ALA C 19 -15.84 19.00 48.61
C ALA C 19 -15.19 17.63 48.84
N ASP C 20 -16.00 16.58 48.92
CA ASP C 20 -15.46 15.23 48.98
C ASP C 20 -14.28 15.11 48.03
N LEU C 21 -14.44 15.63 46.81
CA LEU C 21 -13.40 15.50 45.80
C LEU C 21 -12.07 16.05 46.31
N ARG C 22 -12.13 17.24 46.90
CA ARG C 22 -10.92 17.90 47.37
C ARG C 22 -10.13 17.03 48.35
N ARG C 23 -10.80 16.49 49.36
CA ARG C 23 -10.11 15.65 50.34
C ARG C 23 -9.56 14.37 49.68
N ARG C 24 -10.26 13.89 48.65
CA ARG C 24 -9.77 12.73 47.89
C ARG C 24 -8.52 13.08 47.09
N ILE C 25 -8.47 14.29 46.54
CA ILE C 25 -7.31 14.73 45.77
C ILE C 25 -6.04 14.75 46.61
N GLU C 26 -6.07 15.50 47.71
CA GLU C 26 -4.93 15.57 48.61
C GLU C 26 -4.56 14.19 49.18
N GLU C 27 -5.56 13.42 49.61
CA GLU C 27 -5.31 12.05 50.04
C GLU C 27 -4.45 11.31 49.03
N ALA C 28 -4.77 11.51 47.75
CA ALA C 28 -4.14 10.79 46.65
C ALA C 28 -2.77 11.34 46.29
N THR C 29 -2.61 12.65 46.44
CA THR C 29 -1.34 13.28 46.11
C THR C 29 -0.28 13.00 47.17
N HIS C 30 -0.67 12.28 48.22
CA HIS C 30 0.28 11.87 49.23
C HIS C 30 0.47 10.34 49.28
N ALA C 31 -0.62 9.60 49.36
CA ALA C 31 -0.60 8.12 49.32
C ALA C 31 0.34 7.45 50.34
N GLY C 32 1.64 7.62 50.15
CA GLY C 32 2.62 7.12 51.09
C GLY C 32 2.52 7.89 52.40
N SER C 33 2.85 7.25 53.52
CA SER C 33 2.74 7.93 54.80
C SER C 33 3.73 9.09 54.89
N ALA C 34 3.41 10.09 55.72
CA ALA C 34 4.26 11.27 55.86
C ALA C 34 5.67 10.89 56.31
N ARG C 35 5.78 9.79 57.05
CA ARG C 35 7.07 9.30 57.50
C ARG C 35 7.86 8.67 56.36
N ALA C 36 7.18 7.83 55.57
CA ALA C 36 7.77 7.19 54.40
C ALA C 36 8.26 8.25 53.41
N VAL C 37 7.51 9.35 53.36
CA VAL C 37 7.94 10.51 52.58
C VAL C 37 9.25 11.12 53.10
N GLU C 38 9.59 10.94 54.37
CA GLU C 38 10.84 11.53 54.89
C GLU C 38 12.04 10.67 54.51
N LYS C 39 11.84 9.37 54.59
CA LYS C 39 12.89 8.36 54.34
C LYS C 39 13.57 8.35 52.95
N GLN C 40 12.94 8.95 51.95
CA GLN C 40 13.58 9.00 50.64
C GLN C 40 14.20 10.37 50.36
N HIS C 41 13.55 11.44 50.83
CA HIS C 41 14.23 12.72 50.90
C HIS C 41 15.51 12.43 51.66
N ALA C 42 15.36 11.68 52.75
CA ALA C 42 16.45 11.31 53.64
C ALA C 42 17.68 10.78 52.92
N LYS C 43 17.50 10.02 51.84
CA LYS C 43 18.64 9.58 51.07
C LYS C 43 18.78 10.33 49.74
N GLY C 44 18.42 11.61 49.75
CA GLY C 44 18.56 12.47 48.59
C GLY C 44 17.66 12.17 47.39
N LYS C 45 16.59 11.41 47.62
CA LYS C 45 15.62 11.17 46.57
C LYS C 45 14.57 12.28 46.47
N LEU C 46 13.78 12.27 45.40
CA LEU C 46 12.58 13.10 45.31
C LEU C 46 11.34 12.19 45.30
N THR C 47 10.14 12.76 45.21
CA THR C 47 8.92 12.05 45.53
C THR C 47 8.21 11.30 44.37
N ALA C 48 8.92 11.10 43.26
CA ALA C 48 8.32 10.58 42.02
C ALA C 48 7.37 11.63 41.47
N ARG C 49 6.39 12.00 42.28
CA ARG C 49 5.50 13.11 41.97
C ARG C 49 6.28 14.42 41.80
N GLU C 50 7.32 14.61 42.61
CA GLU C 50 8.17 15.79 42.47
C GLU C 50 9.05 15.66 41.23
N ARG C 51 9.44 14.43 40.91
CA ARG C 51 10.21 14.17 39.71
C ARG C 51 9.39 14.49 38.44
N ILE C 52 8.11 14.19 38.47
CA ILE C 52 7.25 14.58 37.35
C ILE C 52 7.22 16.10 37.18
N ASP C 53 7.13 16.82 38.28
CA ASP C 53 7.15 18.27 38.22
C ASP C 53 8.47 18.82 37.70
N LEU C 54 9.60 18.25 38.17
CA LEU C 54 10.90 18.58 37.59
C LEU C 54 10.98 18.36 36.09
N LEU C 55 10.58 17.17 35.63
CA LEU C 55 10.69 16.79 34.22
C LEU C 55 9.78 17.60 33.30
N LEU C 56 8.51 17.69 33.68
CA LEU C 56 7.51 18.32 32.82
C LEU C 56 7.41 19.84 32.98
N ASP C 57 7.16 20.52 31.87
CA ASP C 57 6.88 21.96 31.84
C ASP C 57 5.80 22.30 32.86
N GLU C 58 6.01 23.37 33.59
CA GLU C 58 5.12 23.72 34.69
C GLU C 58 3.67 23.86 34.24
N GLY C 59 2.77 23.26 34.99
CA GLY C 59 1.35 23.38 34.73
C GLY C 59 0.84 22.42 33.67
N SER C 60 1.74 21.75 32.95
CA SER C 60 1.31 20.91 31.82
C SER C 60 0.79 19.53 32.26
N PHE C 61 1.39 18.99 33.31
CA PHE C 61 1.06 17.63 33.74
C PHE C 61 -0.44 17.45 33.96
N VAL C 62 -0.98 16.36 33.43
CA VAL C 62 -2.37 15.98 33.66
C VAL C 62 -2.43 14.52 34.10
N GLU C 63 -2.85 14.30 35.35
CA GLU C 63 -2.90 12.97 35.94
C GLU C 63 -3.99 12.10 35.34
N LEU C 64 -3.67 10.83 35.14
CA LEU C 64 -4.66 9.80 34.77
C LEU C 64 -4.73 8.68 35.83
N ASP C 65 -5.95 8.23 36.15
CA ASP C 65 -6.18 7.19 37.16
C ASP C 65 -5.76 7.65 38.59
N GLU C 66 -6.02 8.89 38.91
CA GLU C 66 -5.61 9.42 40.21
C GLU C 66 -6.22 8.58 41.31
N PHE C 67 -7.47 8.20 41.12
CA PHE C 67 -8.24 7.52 42.15
C PHE C 67 -8.36 6.02 41.87
N ALA C 68 -7.43 5.49 41.08
CA ALA C 68 -7.38 4.04 40.85
C ALA C 68 -7.04 3.34 42.14
N ARG C 69 -7.80 2.30 42.45
CA ARG C 69 -7.63 1.51 43.65
C ARG C 69 -7.36 0.07 43.26
N HIS C 70 -6.70 -0.68 44.12
CA HIS C 70 -6.49 -2.09 43.82
C HIS C 70 -7.70 -2.90 44.23
N ARG C 71 -7.67 -4.18 43.86
CA ARG C 71 -8.79 -5.09 44.01
C ARG C 71 -8.25 -6.44 44.43
N SER C 72 -6.98 -6.46 44.84
CA SER C 72 -6.32 -7.67 45.34
C SER C 72 -6.61 -7.86 46.83
N THR C 73 -6.99 -9.08 47.20
CA THR C 73 -7.55 -9.33 48.52
C THR C 73 -6.91 -10.53 49.22
N ASN C 74 -5.76 -10.98 48.72
CA ASN C 74 -5.28 -12.31 49.08
C ASN C 74 -4.34 -12.45 50.30
N PHE C 75 -3.83 -11.34 50.83
CA PHE C 75 -3.07 -11.40 52.08
C PHE C 75 -3.41 -10.26 53.03
N GLY C 76 -4.71 -10.03 53.22
CA GLY C 76 -5.17 -8.90 54.01
C GLY C 76 -5.09 -7.59 53.25
N LEU C 77 -4.21 -7.53 52.25
CA LEU C 77 -3.91 -6.28 51.53
C LEU C 77 -5.08 -5.31 51.48
N ASP C 78 -6.27 -5.85 51.22
CA ASP C 78 -7.52 -5.11 51.27
C ASP C 78 -7.55 -4.03 52.37
N ALA C 79 -6.85 -4.30 53.48
CA ALA C 79 -6.80 -3.38 54.61
C ALA C 79 -6.54 -1.94 54.17
N ASN C 80 -5.46 -1.72 53.43
CA ASN C 80 -5.12 -0.39 52.93
C ASN C 80 -5.12 -0.31 51.41
N ARG C 81 -5.84 0.68 50.89
CA ARG C 81 -6.10 0.78 49.46
C ARG C 81 -5.60 2.10 48.85
N PRO C 82 -4.28 2.22 48.64
CA PRO C 82 -3.71 3.48 48.17
C PRO C 82 -4.39 4.02 46.91
N TYR C 83 -4.77 5.28 46.96
CA TYR C 83 -5.10 5.99 45.73
C TYR C 83 -3.85 6.00 44.87
N GLY C 84 -4.03 5.78 43.57
CA GLY C 84 -2.93 5.81 42.61
C GLY C 84 -2.14 4.51 42.57
N ASP C 85 -2.51 3.59 43.45
CA ASP C 85 -1.98 2.23 43.43
C ASP C 85 -0.46 2.09 43.18
N GLY C 86 0.33 2.95 43.80
CA GLY C 86 1.77 2.79 43.79
C GLY C 86 2.54 3.46 42.66
N VAL C 87 1.83 4.11 41.76
CA VAL C 87 2.49 4.67 40.58
C VAL C 87 1.80 5.98 40.17
N VAL C 88 2.52 6.89 39.52
CA VAL C 88 1.96 8.16 39.08
C VAL C 88 2.09 8.31 37.56
N THR C 89 0.99 8.59 36.88
CA THR C 89 0.98 8.53 35.42
C THR C 89 0.18 9.64 34.79
N GLY C 90 0.52 9.96 33.55
CA GLY C 90 -0.21 10.95 32.81
C GLY C 90 0.60 11.52 31.67
N TYR C 91 0.15 12.67 31.17
CA TYR C 91 0.80 13.32 30.05
C TYR C 91 1.03 14.78 30.35
N GLY C 92 2.05 15.34 29.70
CA GLY C 92 2.31 16.76 29.71
C GLY C 92 3.19 17.08 28.53
N THR C 93 3.98 18.15 28.65
CA THR C 93 4.97 18.50 27.65
C THR C 93 6.33 18.71 28.31
N VAL C 94 7.37 18.44 27.52
CA VAL C 94 8.74 18.73 27.91
C VAL C 94 9.30 19.61 26.81
N ASP C 95 9.62 20.87 27.15
CA ASP C 95 10.10 21.85 26.18
C ASP C 95 9.10 22.21 25.09
N GLY C 96 7.82 22.27 25.47
CA GLY C 96 6.78 22.54 24.48
C GLY C 96 6.31 21.34 23.65
N ARG C 97 6.90 20.17 23.86
CA ARG C 97 6.65 18.97 23.02
C ARG C 97 5.97 17.84 23.81
N PRO C 98 5.01 17.13 23.18
CA PRO C 98 4.22 16.13 23.90
C PRO C 98 5.01 14.92 24.39
N VAL C 99 4.55 14.37 25.51
CA VAL C 99 5.25 13.33 26.24
C VAL C 99 4.32 12.66 27.26
N ALA C 100 4.51 11.35 27.45
CA ALA C 100 3.73 10.61 28.43
C ALA C 100 4.70 10.12 29.49
N VAL C 101 4.24 9.97 30.72
CA VAL C 101 5.16 9.60 31.77
C VAL C 101 4.49 8.72 32.79
N PHE C 102 5.25 7.76 33.32
CA PHE C 102 4.85 7.05 34.53
C PHE C 102 5.87 7.23 35.65
N SER C 103 5.39 7.26 36.90
CA SER C 103 6.23 7.53 38.04
C SER C 103 6.02 6.49 39.13
N GLN C 104 7.00 5.63 39.35
CA GLN C 104 6.86 4.58 40.37
C GLN C 104 7.11 5.16 41.76
N ASP C 105 6.09 5.09 42.62
CA ASP C 105 6.16 5.71 43.94
C ASP C 105 6.64 4.72 45.00
N PHE C 106 7.89 4.85 45.43
CA PHE C 106 8.44 3.93 46.42
C PHE C 106 7.66 3.96 47.73
N THR C 107 7.02 5.09 48.01
CA THR C 107 6.39 5.27 49.32
C THR C 107 5.11 4.45 49.50
N VAL C 108 4.77 3.67 48.48
CA VAL C 108 3.59 2.83 48.53
C VAL C 108 3.95 1.38 48.24
N PHE C 109 3.70 0.49 49.21
CA PHE C 109 4.02 -0.94 49.05
C PHE C 109 5.41 -1.09 48.47
N GLY C 110 6.40 -0.46 49.09
CA GLY C 110 7.74 -0.43 48.51
C GLY C 110 7.61 0.11 47.10
N GLY C 111 8.41 -0.40 46.19
CA GLY C 111 8.20 -0.06 44.79
C GLY C 111 7.22 -1.03 44.16
N ALA C 112 7.08 -2.18 44.80
CA ALA C 112 6.30 -3.33 44.34
C ALA C 112 5.28 -3.07 43.22
N LEU C 113 5.58 -3.56 42.02
CA LEU C 113 4.65 -3.48 40.89
C LEU C 113 3.43 -4.37 41.06
N GLY C 114 2.27 -3.75 41.28
CA GLY C 114 1.03 -4.47 41.44
C GLY C 114 0.38 -4.63 40.08
N GLU C 115 -0.82 -5.21 40.03
CA GLU C 115 -1.46 -5.40 38.74
C GLU C 115 -2.13 -4.12 38.23
N VAL C 116 -2.84 -3.41 39.11
CA VAL C 116 -3.44 -2.14 38.73
C VAL C 116 -2.37 -1.12 38.35
N TYR C 117 -1.40 -0.95 39.25
CA TYR C 117 -0.12 -0.29 38.98
C TYR C 117 0.35 -0.63 37.56
N GLY C 118 0.46 -1.90 37.25
CA GLY C 118 0.82 -2.35 35.92
C GLY C 118 -0.05 -1.83 34.78
N GLN C 119 -1.37 -1.90 34.95
CA GLN C 119 -2.27 -1.39 33.91
C GLN C 119 -2.14 0.11 33.68
N LYS C 120 -1.93 0.87 34.75
CA LYS C 120 -1.81 2.32 34.64
C LYS C 120 -0.62 2.65 33.75
N ILE C 121 0.46 1.89 33.91
CA ILE C 121 1.64 2.13 33.09
C ILE C 121 1.36 1.77 31.65
N VAL C 122 0.72 0.62 31.46
CA VAL C 122 0.39 0.13 30.13
C VAL C 122 -0.51 1.11 29.41
N LYS C 123 -1.49 1.62 30.14
CA LYS C 123 -2.46 2.62 29.65
C LYS C 123 -1.80 3.90 29.15
N VAL C 124 -0.65 4.23 29.71
CA VAL C 124 0.04 5.45 29.33
C VAL C 124 0.98 5.15 28.17
N MET C 125 1.43 3.90 28.07
CA MET C 125 2.22 3.49 26.92
C MET C 125 1.34 3.42 25.67
N ASP C 126 0.07 3.17 25.88
CA ASP C 126 -0.84 3.07 24.74
C ASP C 126 -1.22 4.46 24.33
N PHE C 127 -1.40 5.33 25.32
CA PHE C 127 -1.62 6.73 25.04
C PHE C 127 -0.46 7.25 24.19
N ALA C 128 0.76 6.90 24.58
CA ALA C 128 1.92 7.43 23.87
C ALA C 128 2.03 6.89 22.45
N LEU C 129 1.94 5.58 22.30
CA LEU C 129 2.08 4.94 20.99
C LEU C 129 1.04 5.46 19.99
N LYS C 130 -0.18 5.63 20.49
CA LYS C 130 -1.32 6.08 19.73
C LYS C 130 -1.24 7.52 19.19
N THR C 131 -0.69 8.42 20.01
CA THR C 131 -0.50 9.83 19.67
C THR C 131 0.93 10.10 19.22
N GLY C 132 1.78 9.07 19.28
CA GLY C 132 3.15 9.21 18.87
C GLY C 132 3.98 10.27 19.61
N CYS C 133 4.01 10.19 20.95
CA CYS C 133 4.97 10.94 21.75
C CYS C 133 5.81 9.99 22.58
N PRO C 134 7.01 10.42 22.95
CA PRO C 134 7.85 9.45 23.66
C PRO C 134 7.27 9.10 25.02
N VAL C 135 7.82 8.05 25.62
CA VAL C 135 7.43 7.64 26.95
C VAL C 135 8.61 7.84 27.87
N VAL C 136 8.37 8.51 28.99
CA VAL C 136 9.39 8.61 30.03
C VAL C 136 8.95 7.77 31.20
N GLY C 137 9.68 6.69 31.47
CA GLY C 137 9.36 5.85 32.62
C GLY C 137 10.36 6.05 33.74
N ILE C 138 9.89 6.53 34.89
CA ILE C 138 10.79 6.74 36.03
C ILE C 138 10.59 5.63 37.08
N ASN C 139 11.59 4.76 37.21
CA ASN C 139 11.44 3.52 37.99
C ASN C 139 12.05 3.60 39.38
N ASP C 140 11.20 3.36 40.38
CA ASP C 140 11.56 3.52 41.78
C ASP C 140 10.86 2.41 42.57
N SER C 141 11.22 1.16 42.25
CA SER C 141 10.55 -0.04 42.80
C SER C 141 11.44 -1.27 43.05
N GLY C 142 11.38 -1.82 44.25
CA GLY C 142 12.20 -2.95 44.61
C GLY C 142 11.83 -4.25 43.91
N GLY C 143 10.74 -4.23 43.15
CA GLY C 143 10.34 -5.38 42.36
C GLY C 143 8.86 -5.69 42.48
N ALA C 144 8.51 -6.96 42.22
CA ALA C 144 7.13 -7.41 42.20
C ALA C 144 6.44 -7.30 43.55
N ARG C 145 5.18 -6.86 43.52
CA ARG C 145 4.31 -6.97 44.68
C ARG C 145 3.93 -8.45 44.86
N ILE C 146 4.69 -9.16 45.69
CA ILE C 146 4.58 -10.61 45.77
C ILE C 146 3.20 -11.07 46.19
N GLN C 147 2.70 -10.53 47.29
CA GLN C 147 1.40 -10.91 47.83
C GLN C 147 0.31 -11.12 46.77
N GLU C 148 0.28 -10.24 45.78
CA GLU C 148 -0.81 -10.23 44.80
C GLU C 148 -0.96 -11.50 43.96
N GLY C 149 0.08 -12.33 43.93
CA GLY C 149 0.07 -13.54 43.11
C GLY C 149 0.63 -13.29 41.72
N VAL C 150 0.24 -14.13 40.77
CA VAL C 150 0.72 -14.04 39.39
C VAL C 150 0.20 -12.83 38.63
N ALA C 151 -0.75 -12.11 39.22
CA ALA C 151 -1.30 -10.94 38.54
C ALA C 151 -0.13 -10.03 38.18
N SER C 152 0.88 -10.07 39.04
CA SER C 152 2.09 -9.25 38.95
C SER C 152 2.95 -9.63 37.75
N LEU C 153 3.26 -10.91 37.62
CA LEU C 153 3.95 -11.41 36.44
C LEU C 153 3.22 -11.00 35.16
N GLY C 154 1.90 -10.99 35.22
CA GLY C 154 1.08 -10.62 34.08
C GLY C 154 1.29 -9.18 33.69
N ALA C 155 1.12 -8.29 34.66
CA ALA C 155 1.34 -6.86 34.44
C ALA C 155 2.71 -6.60 33.82
N TYR C 156 3.70 -7.39 34.22
CA TYR C 156 5.05 -7.21 33.67
C TYR C 156 5.08 -7.54 32.20
N GLY C 157 4.48 -8.68 31.85
CA GLY C 157 4.45 -9.12 30.49
C GLY C 157 3.70 -8.17 29.57
N GLU C 158 2.56 -7.66 30.05
CA GLU C 158 1.76 -6.75 29.22
C GLU C 158 2.56 -5.51 28.83
N ILE C 159 3.44 -5.07 29.74
CA ILE C 159 4.35 -3.95 29.50
C ILE C 159 5.50 -4.30 28.56
N PHE C 160 6.16 -5.42 28.84
CA PHE C 160 7.23 -5.94 27.98
C PHE C 160 6.73 -5.95 26.54
N ARG C 161 5.46 -6.29 26.35
CA ARG C 161 4.95 -6.51 24.99
C ARG C 161 4.87 -5.18 24.27
N ARG C 162 4.45 -4.16 25.01
CA ARG C 162 4.25 -2.85 24.43
C ARG C 162 5.60 -2.17 24.25
N ASN C 163 6.49 -2.40 25.19
CA ASN C 163 7.87 -1.99 25.05
C ASN C 163 8.44 -2.41 23.68
N THR C 164 8.20 -3.65 23.29
CA THR C 164 8.65 -4.22 22.02
C THR C 164 7.95 -3.63 20.76
N HIS C 165 6.66 -3.38 20.89
CA HIS C 165 5.89 -2.92 19.73
C HIS C 165 6.09 -1.45 19.51
N ALA C 166 6.50 -0.73 20.56
CA ALA C 166 6.84 0.68 20.40
C ALA C 166 8.28 0.82 19.94
N SER C 167 9.05 -0.26 20.00
CA SER C 167 10.47 -0.13 19.77
C SER C 167 10.78 0.42 18.39
N GLY C 168 11.40 1.60 18.36
CA GLY C 168 11.77 2.24 17.10
C GLY C 168 10.60 2.95 16.46
N VAL C 169 9.54 3.12 17.23
CA VAL C 169 8.37 3.87 16.80
C VAL C 169 8.26 5.18 17.57
N ILE C 170 8.21 5.06 18.89
CA ILE C 170 8.27 6.22 19.80
C ILE C 170 9.44 6.04 20.75
N PRO C 171 10.26 7.10 20.93
CA PRO C 171 11.40 7.05 21.84
C PRO C 171 10.95 6.59 23.22
N GLN C 172 11.70 5.68 23.81
CA GLN C 172 11.39 5.21 25.15
C GLN C 172 12.56 5.53 26.07
N ILE C 173 12.31 6.36 27.08
CA ILE C 173 13.33 6.80 28.03
C ILE C 173 13.00 6.24 29.40
N SER C 174 13.90 5.43 29.94
CA SER C 174 13.72 4.94 31.30
C SER C 174 14.62 5.69 32.28
N LEU C 175 13.99 6.40 33.22
CA LEU C 175 14.73 7.07 34.29
C LEU C 175 14.75 6.11 35.48
N VAL C 176 15.94 5.61 35.78
CA VAL C 176 16.08 4.71 36.90
C VAL C 176 16.72 5.44 38.08
N VAL C 177 15.92 5.67 39.10
CA VAL C 177 16.35 6.35 40.33
C VAL C 177 15.87 5.56 41.56
N GLY C 178 16.43 4.38 41.74
CA GLY C 178 15.99 3.50 42.80
C GLY C 178 16.10 2.08 42.30
N PRO C 179 15.64 1.11 43.10
CA PRO C 179 15.77 -0.30 42.69
C PRO C 179 14.90 -0.67 41.48
N CYS C 180 15.48 -1.40 40.54
CA CYS C 180 14.72 -2.09 39.52
C CYS C 180 15.17 -3.54 39.62
N ALA C 181 14.30 -4.38 40.16
CA ALA C 181 14.72 -5.72 40.53
C ALA C 181 13.76 -6.81 40.06
N GLY C 182 14.32 -7.97 39.74
CA GLY C 182 13.52 -9.11 39.30
C GLY C 182 13.22 -9.02 37.82
N GLY C 183 12.08 -9.57 37.43
CA GLY C 183 11.68 -9.55 36.03
C GLY C 183 11.53 -8.12 35.52
N ALA C 184 11.27 -7.21 36.44
CA ALA C 184 11.00 -5.82 36.10
C ALA C 184 12.15 -5.17 35.29
N VAL C 185 13.35 -5.73 35.44
CA VAL C 185 14.57 -5.17 34.86
C VAL C 185 14.59 -5.21 33.33
N TYR C 186 13.59 -5.82 32.74
CA TYR C 186 13.60 -6.05 31.30
C TYR C 186 12.92 -4.95 30.51
N SER C 187 12.01 -4.23 31.14
CA SER C 187 11.41 -3.11 30.43
C SER C 187 12.49 -2.06 30.09
N PRO C 188 13.16 -1.49 31.12
CA PRO C 188 14.28 -0.58 30.81
C PRO C 188 15.27 -1.17 29.78
N ALA C 189 15.56 -2.46 29.86
CA ALA C 189 16.49 -3.10 28.93
C ALA C 189 16.14 -2.76 27.48
N ILE C 190 14.86 -2.78 27.16
CA ILE C 190 14.49 -2.66 25.76
C ILE C 190 14.16 -1.23 25.37
N THR C 191 14.09 -0.32 26.34
CA THR C 191 13.99 1.10 26.03
C THR C 191 15.24 1.55 25.30
N ASP C 192 15.16 2.69 24.61
CA ASP C 192 16.27 3.22 23.81
C ASP C 192 17.40 3.74 24.66
N PHE C 193 17.03 4.37 25.78
CA PHE C 193 18.01 4.98 26.67
C PHE C 193 17.59 4.77 28.11
N THR C 194 18.60 4.50 28.94
CA THR C 194 18.38 4.26 30.34
C THR C 194 19.30 5.20 31.09
N VAL C 195 18.74 5.95 32.04
CA VAL C 195 19.48 6.93 32.87
C VAL C 195 19.35 6.64 34.37
N MET C 196 20.48 6.43 35.05
CA MET C 196 20.51 6.11 36.48
C MET C 196 21.27 7.15 37.29
N VAL C 197 21.15 7.10 38.61
CA VAL C 197 21.89 8.01 39.50
C VAL C 197 22.90 7.27 40.41
N ASP C 198 24.04 7.92 40.64
CA ASP C 198 25.25 7.30 41.23
C ASP C 198 25.08 6.27 42.35
N GLN C 199 24.47 6.68 43.46
CA GLN C 199 24.34 5.78 44.59
C GLN C 199 22.88 5.44 44.86
N THR C 200 22.00 6.19 44.19
CA THR C 200 20.57 6.14 44.48
C THR C 200 19.74 5.18 43.60
N SER C 201 20.38 4.54 42.61
CA SER C 201 19.67 3.59 41.75
C SER C 201 20.34 2.22 41.65
N HIS C 202 19.55 1.18 41.37
CA HIS C 202 20.05 -0.19 41.22
C HIS C 202 19.24 -1.05 40.26
N MET C 203 19.92 -1.91 39.49
CA MET C 203 19.23 -2.89 38.65
C MET C 203 19.88 -4.27 38.72
N PHE C 204 19.08 -5.27 39.04
CA PHE C 204 19.56 -6.65 39.17
C PHE C 204 18.41 -7.65 39.01
N ILE C 205 18.59 -8.65 38.16
CA ILE C 205 17.64 -9.75 38.03
C ILE C 205 17.73 -10.76 39.17
N THR C 206 18.86 -10.77 39.88
CA THR C 206 18.98 -11.62 41.07
C THR C 206 19.62 -10.89 42.25
N GLY C 207 19.00 -11.04 43.42
CA GLY C 207 19.45 -10.37 44.63
C GLY C 207 20.62 -11.06 45.30
N PRO C 208 21.36 -10.33 46.14
CA PRO C 208 22.65 -10.77 46.68
C PRO C 208 22.51 -11.92 47.67
N ASP C 209 21.38 -11.97 48.37
CA ASP C 209 21.16 -13.06 49.31
C ASP C 209 20.96 -14.39 48.56
N VAL C 210 20.99 -14.31 47.24
CA VAL C 210 20.87 -15.50 46.39
C VAL C 210 22.17 -15.85 45.68
N ILE C 211 22.84 -14.85 45.11
CA ILE C 211 24.16 -15.07 44.53
C ILE C 211 25.06 -15.81 45.54
N LYS C 212 24.96 -15.46 46.81
CA LYS C 212 25.73 -16.15 47.84
C LYS C 212 25.31 -17.61 47.95
N THR C 213 24.01 -17.84 48.05
CA THR C 213 23.48 -19.18 48.22
C THR C 213 23.62 -20.07 46.98
N VAL C 214 24.28 -19.59 45.93
CA VAL C 214 24.49 -20.41 44.74
C VAL C 214 25.96 -20.58 44.29
N THR C 215 26.73 -19.50 44.36
CA THR C 215 28.14 -19.57 43.99
C THR C 215 29.01 -19.23 45.18
N GLY C 216 28.37 -18.90 46.29
CA GLY C 216 29.09 -18.54 47.51
C GLY C 216 29.83 -17.23 47.37
N GLU C 217 29.13 -16.20 46.90
CA GLU C 217 29.74 -14.88 46.73
C GLU C 217 29.05 -13.81 47.55
N ASP C 218 29.82 -13.16 48.41
CA ASP C 218 29.34 -11.96 49.10
C ASP C 218 29.55 -10.74 48.21
N VAL C 219 28.49 -9.96 48.05
CA VAL C 219 28.56 -8.73 47.27
C VAL C 219 27.47 -7.76 47.70
N GLY C 220 27.75 -6.47 47.56
CA GLY C 220 26.76 -5.44 47.85
C GLY C 220 25.95 -5.05 46.62
N PHE C 221 24.72 -4.62 46.85
CA PHE C 221 23.90 -4.10 45.77
C PHE C 221 24.69 -3.13 44.90
N GLU C 222 25.39 -2.19 45.54
CA GLU C 222 26.09 -1.15 44.81
C GLU C 222 27.05 -1.70 43.75
N GLU C 223 27.81 -2.72 44.12
CA GLU C 223 28.78 -3.34 43.21
C GLU C 223 28.10 -4.20 42.16
N LEU C 224 27.01 -4.85 42.55
CA LEU C 224 26.28 -5.75 41.65
C LEU C 224 25.58 -4.99 40.53
N GLY C 225 24.61 -4.15 40.90
CA GLY C 225 23.82 -3.40 39.94
C GLY C 225 23.73 -1.91 40.23
N GLY C 226 24.82 -1.33 40.73
CA GLY C 226 24.87 0.09 40.98
C GLY C 226 24.95 0.89 39.68
N ALA C 227 24.49 2.14 39.72
CA ALA C 227 24.55 2.98 38.54
C ALA C 227 25.95 3.00 37.94
N ARG C 228 26.98 2.96 38.79
CA ARG C 228 28.34 3.00 38.27
C ARG C 228 28.63 1.80 37.38
N THR C 229 28.28 0.61 37.85
CA THR C 229 28.66 -0.64 37.17
C THR C 229 27.86 -0.88 35.90
N HIS C 230 26.56 -0.58 35.95
CA HIS C 230 25.73 -0.69 34.75
C HIS C 230 26.10 0.35 33.66
N ASN C 231 26.92 1.33 34.04
CA ASN C 231 27.39 2.36 33.09
C ASN C 231 28.80 2.10 32.53
N SER C 232 29.54 1.22 33.20
CA SER C 232 30.94 0.96 32.80
C SER C 232 31.23 -0.49 32.44
N THR C 233 30.48 -1.44 33.01
CA THR C 233 30.79 -2.84 32.78
C THR C 233 29.76 -3.59 31.94
N SER C 234 28.48 -3.39 32.22
CA SER C 234 27.41 -4.19 31.60
C SER C 234 26.85 -3.61 30.30
N GLY C 235 27.15 -2.35 30.02
CA GLY C 235 26.63 -1.72 28.82
C GLY C 235 25.12 -1.56 28.90
N VAL C 236 24.55 -1.78 30.08
CA VAL C 236 23.11 -1.67 30.29
C VAL C 236 22.64 -0.21 30.25
N ALA C 237 23.25 0.62 31.08
CA ALA C 237 22.80 2.00 31.22
C ALA C 237 23.57 2.94 30.29
N HIS C 238 22.93 4.04 29.93
CA HIS C 238 23.50 4.98 28.96
C HIS C 238 24.12 6.21 29.59
N HIS C 239 23.67 6.57 30.78
CA HIS C 239 24.21 7.70 31.51
C HIS C 239 24.09 7.53 33.02
N MET C 240 25.07 8.06 33.76
CA MET C 240 24.98 8.16 35.21
C MET C 240 25.21 9.60 35.70
N ALA C 241 24.14 10.25 36.16
CA ALA C 241 24.25 11.60 36.68
C ALA C 241 24.66 11.58 38.15
N GLY C 242 25.04 12.74 38.69
CA GLY C 242 25.44 12.80 40.08
C GLY C 242 24.23 12.93 40.97
N ASP C 243 23.11 13.27 40.35
CA ASP C 243 21.98 13.85 41.07
C ASP C 243 20.73 13.50 40.25
N GLU C 244 19.57 13.49 40.90
CA GLU C 244 18.30 13.39 40.18
C GLU C 244 17.98 14.59 39.28
N LYS C 245 18.37 15.80 39.71
CA LYS C 245 18.21 17.00 38.89
C LYS C 245 19.04 16.93 37.63
N ASP C 246 20.19 16.29 37.72
CA ASP C 246 21.09 16.22 36.57
C ASP C 246 20.63 15.12 35.63
N ALA C 247 20.12 14.03 36.22
CA ALA C 247 19.50 12.93 35.47
C ALA C 247 18.30 13.42 34.65
N VAL C 248 17.32 14.03 35.32
CA VAL C 248 16.20 14.67 34.64
C VAL C 248 16.65 15.59 33.51
N GLU C 249 17.67 16.40 33.77
CA GLU C 249 18.17 17.30 32.74
C GLU C 249 18.83 16.55 31.59
N TYR C 250 19.45 15.42 31.91
CA TYR C 250 20.02 14.57 30.87
C TYR C 250 18.92 14.00 29.97
N VAL C 251 17.76 13.70 30.58
CA VAL C 251 16.60 13.22 29.87
C VAL C 251 16.05 14.27 28.90
N LYS C 252 15.89 15.49 29.39
CA LYS C 252 15.39 16.58 28.53
C LYS C 252 16.29 16.74 27.31
N GLN C 253 17.59 16.90 27.55
CA GLN C 253 18.54 17.09 26.48
C GLN C 253 18.41 15.98 25.46
N LEU C 254 18.20 14.75 25.95
CA LEU C 254 18.08 13.56 25.09
C LEU C 254 16.91 13.73 24.13
N LEU C 255 15.69 13.79 24.67
CA LEU C 255 14.51 14.12 23.86
C LEU C 255 14.76 15.25 22.84
N SER C 256 15.58 16.23 23.22
CA SER C 256 15.80 17.39 22.33
C SER C 256 16.53 17.03 21.02
N TYR C 257 17.07 15.82 20.91
CA TYR C 257 17.74 15.42 19.67
C TYR C 257 16.86 14.47 18.87
N LEU C 258 15.72 14.12 19.46
CA LEU C 258 14.90 13.04 18.96
C LEU C 258 13.51 13.53 18.55
N PRO C 259 12.98 13.00 17.44
CA PRO C 259 11.61 13.32 17.00
C PRO C 259 10.62 12.77 18.02
N SER C 260 9.38 13.22 17.97
CA SER C 260 8.35 12.75 18.89
C SER C 260 7.92 11.33 18.55
N ASN C 261 8.28 10.91 17.34
CA ASN C 261 7.91 9.60 16.84
C ASN C 261 8.62 9.35 15.52
N ASN C 262 8.48 8.17 14.94
CA ASN C 262 9.34 7.88 13.79
C ASN C 262 8.83 8.40 12.46
N LEU C 263 7.67 9.04 12.46
CA LEU C 263 7.14 9.62 11.22
C LEU C 263 7.67 11.04 10.96
N SER C 264 8.27 11.66 11.99
CA SER C 264 8.82 13.02 11.89
C SER C 264 10.34 13.01 11.84
N GLU C 265 10.94 13.99 11.16
CA GLU C 265 12.38 14.19 11.27
C GLU C 265 12.73 14.86 12.60
N PRO C 266 14.00 14.77 13.02
CA PRO C 266 14.41 15.37 14.30
C PRO C 266 14.23 16.90 14.32
N PRO C 267 13.68 17.44 15.41
CA PRO C 267 13.36 18.86 15.58
C PRO C 267 14.56 19.72 15.24
N ALA C 268 14.33 20.80 14.50
CA ALA C 268 15.43 21.62 14.01
C ALA C 268 15.30 23.08 14.43
N PHE C 269 16.44 23.77 14.51
CA PHE C 269 16.47 25.22 14.56
C PHE C 269 17.40 25.71 13.49
N PRO C 270 16.92 25.72 12.24
CA PRO C 270 17.82 26.03 11.13
C PRO C 270 18.67 27.26 11.45
N GLU C 271 19.95 27.17 11.12
CA GLU C 271 20.82 28.34 11.17
C GLU C 271 21.90 28.14 10.14
N GLU C 272 22.21 29.19 9.38
CA GLU C 272 23.23 29.08 8.36
C GLU C 272 24.59 28.84 9.01
N ALA C 273 25.29 27.82 8.53
CA ALA C 273 26.61 27.52 9.02
C ALA C 273 27.54 28.54 8.41
N ASP C 274 28.69 28.77 9.04
CA ASP C 274 29.67 29.65 8.41
C ASP C 274 30.35 28.77 7.37
N LEU C 275 30.22 29.15 6.10
CA LEU C 275 30.70 28.30 5.02
C LEU C 275 32.05 28.75 4.53
N ALA C 276 32.67 29.64 5.29
CA ALA C 276 34.04 30.06 5.06
C ALA C 276 34.95 29.31 6.03
N VAL C 277 36.24 29.20 5.71
CA VAL C 277 37.16 28.49 6.59
C VAL C 277 37.43 29.28 7.86
N THR C 278 36.87 28.82 8.97
CA THR C 278 37.08 29.49 10.25
C THR C 278 38.48 29.21 10.79
N ASP C 279 38.90 30.00 11.77
CA ASP C 279 40.20 29.76 12.39
C ASP C 279 40.18 28.40 13.09
N GLU C 280 39.08 28.10 13.77
CA GLU C 280 39.03 26.90 14.58
C GLU C 280 39.06 25.68 13.68
N ASP C 281 38.38 25.78 12.54
CA ASP C 281 38.51 24.77 11.50
C ASP C 281 39.97 24.39 11.27
N ALA C 282 40.81 25.40 11.04
CA ALA C 282 42.20 25.17 10.66
C ALA C 282 43.01 24.46 11.73
N GLU C 283 42.46 24.38 12.93
CA GLU C 283 43.11 23.64 14.02
C GLU C 283 43.23 22.15 13.69
N LEU C 284 42.29 21.64 12.90
CA LEU C 284 42.23 20.22 12.58
C LEU C 284 43.42 19.78 11.74
N ASP C 285 44.05 20.75 11.08
CA ASP C 285 45.18 20.43 10.21
C ASP C 285 46.42 19.92 10.95
N THR C 286 46.43 20.05 12.27
CA THR C 286 47.61 19.76 13.06
C THR C 286 47.25 18.84 14.23
N ILE C 287 45.95 18.68 14.47
CA ILE C 287 45.44 17.83 15.55
C ILE C 287 46.01 16.42 15.42
N VAL C 288 46.49 16.11 14.22
CA VAL C 288 46.88 14.74 13.87
C VAL C 288 48.39 14.51 13.88
N PRO C 289 48.88 13.82 14.92
CA PRO C 289 50.30 13.59 15.23
C PRO C 289 51.12 12.98 14.09
N ASP C 290 52.41 13.36 14.03
CA ASP C 290 53.31 12.82 13.03
C ASP C 290 53.50 11.34 13.24
N SER C 291 53.79 10.95 14.47
CA SER C 291 54.01 9.53 14.80
C SER C 291 52.71 8.72 14.72
N ALA C 292 52.69 7.73 13.82
CA ALA C 292 51.51 6.86 13.62
C ALA C 292 51.06 6.26 14.95
N ASN C 293 52.02 6.10 15.86
CA ASN C 293 51.77 5.58 17.20
C ASN C 293 51.06 6.58 18.10
N GLN C 294 51.45 7.84 17.98
CA GLN C 294 50.91 8.91 18.82
C GLN C 294 49.41 9.13 18.60
N PRO C 295 48.64 9.11 19.69
CA PRO C 295 47.19 9.29 19.66
C PRO C 295 46.78 10.75 19.86
N TYR C 296 45.48 11.00 19.75
CA TYR C 296 44.93 12.34 19.96
C TYR C 296 43.47 12.18 20.36
N ASP C 297 42.87 13.26 20.83
CA ASP C 297 41.50 13.23 21.32
C ASP C 297 40.53 13.33 20.14
N MET C 298 39.67 12.32 20.00
CA MET C 298 38.69 12.30 18.94
C MET C 298 37.57 13.27 19.26
N HIS C 299 37.33 13.47 20.56
CA HIS C 299 36.36 14.46 21.02
C HIS C 299 36.52 15.82 20.35
N SER C 300 37.76 16.21 20.09
CA SER C 300 38.04 17.54 19.55
C SER C 300 37.56 17.70 18.10
N VAL C 301 37.87 16.71 17.26
CA VAL C 301 37.47 16.79 15.85
C VAL C 301 35.96 16.71 15.68
N ILE C 302 35.29 15.98 16.57
CA ILE C 302 33.84 15.96 16.56
C ILE C 302 33.32 17.36 16.87
N GLU C 303 33.90 17.97 17.91
CA GLU C 303 33.49 19.29 18.37
C GLU C 303 33.82 20.41 17.36
N HIS C 304 34.81 20.17 16.52
CA HIS C 304 35.10 21.07 15.41
C HIS C 304 34.11 21.00 14.26
N VAL C 305 33.20 20.03 14.30
CA VAL C 305 32.25 19.86 13.21
C VAL C 305 30.85 20.24 13.67
N LEU C 306 30.60 20.12 14.97
CA LEU C 306 29.27 20.33 15.55
C LEU C 306 28.97 21.79 15.94
N ASP C 307 27.72 22.20 15.70
CA ASP C 307 27.22 23.47 16.18
C ASP C 307 27.73 23.77 17.58
N ASP C 308 28.36 24.94 17.76
CA ASP C 308 28.86 25.39 19.07
C ASP C 308 29.79 24.40 19.78
N ALA C 309 30.44 23.54 19.00
CA ALA C 309 31.34 22.52 19.57
C ALA C 309 30.62 21.76 20.67
N GLU C 310 29.32 21.52 20.48
CA GLU C 310 28.49 20.85 21.46
C GLU C 310 28.33 19.39 21.12
N PHE C 311 28.87 18.54 21.98
CA PHE C 311 28.77 17.10 21.79
C PHE C 311 28.03 16.46 22.97
N PHE C 312 26.89 15.85 22.71
CA PHE C 312 26.09 15.28 23.77
C PHE C 312 26.22 13.77 23.79
N GLU C 313 27.17 13.27 24.58
CA GLU C 313 27.64 11.87 24.52
C GLU C 313 26.82 10.85 25.34
N THR C 314 26.60 9.68 24.74
CA THR C 314 25.97 8.55 25.43
C THR C 314 27.02 7.51 25.81
N GLN C 315 26.74 6.76 26.87
CA GLN C 315 27.61 5.67 27.34
C GLN C 315 29.09 6.03 27.49
N PRO C 316 29.39 7.10 28.26
CA PRO C 316 30.75 7.63 28.34
C PRO C 316 31.72 6.63 28.98
N LEU C 317 31.22 5.81 29.88
CA LEU C 317 32.07 4.91 30.64
C LEU C 317 32.22 3.49 30.04
N PHE C 318 31.18 3.02 29.33
CA PHE C 318 31.23 1.73 28.64
C PHE C 318 31.92 1.89 27.29
N ALA C 319 32.97 1.11 27.08
CA ALA C 319 33.68 1.04 25.79
C ALA C 319 34.24 2.39 25.34
N PRO C 320 35.09 3.00 26.19
CA PRO C 320 35.67 4.32 25.91
C PRO C 320 36.43 4.33 24.58
N ASN C 321 36.61 3.16 23.97
CA ASN C 321 37.36 3.05 22.73
C ASN C 321 36.57 3.51 21.50
N ILE C 322 35.27 3.72 21.68
CA ILE C 322 34.45 4.29 20.63
C ILE C 322 33.51 5.34 21.24
N LEU C 323 33.23 6.39 20.47
CA LEU C 323 32.42 7.52 20.92
C LEU C 323 31.04 7.51 20.30
N THR C 324 30.01 7.61 21.13
CA THR C 324 28.65 7.76 20.64
C THR C 324 27.92 8.94 21.30
N GLY C 325 26.96 9.50 20.58
CA GLY C 325 26.12 10.57 21.10
C GLY C 325 25.60 11.37 19.92
N PHE C 326 24.93 12.50 20.21
CA PHE C 326 24.55 13.42 19.14
C PHE C 326 25.02 14.87 19.38
N GLY C 327 24.79 15.71 18.37
CA GLY C 327 25.01 17.14 18.47
C GLY C 327 24.02 17.77 17.50
N ARG C 328 24.42 18.87 16.85
CA ARG C 328 23.62 19.46 15.77
C ARG C 328 24.51 20.06 14.67
N VAL C 329 24.05 20.02 13.43
CA VAL C 329 24.75 20.65 12.32
C VAL C 329 23.72 21.49 11.59
N GLU C 330 23.98 22.80 11.55
CA GLU C 330 23.01 23.80 11.12
C GLU C 330 21.67 23.66 11.81
N GLY C 331 21.67 23.40 13.12
CA GLY C 331 20.42 23.30 13.84
C GLY C 331 19.80 21.91 13.88
N ARG C 332 20.24 20.98 13.03
CA ARG C 332 19.59 19.64 12.95
C ARG C 332 20.35 18.55 13.68
N PRO C 333 19.67 17.85 14.57
CA PRO C 333 20.27 16.70 15.29
C PRO C 333 21.02 15.74 14.38
N VAL C 334 22.12 15.19 14.91
CA VAL C 334 22.99 14.30 14.18
C VAL C 334 23.67 13.34 15.17
N GLY C 335 23.77 12.07 14.82
CA GLY C 335 24.40 11.11 15.72
C GLY C 335 25.85 10.91 15.32
N ILE C 336 26.72 10.66 16.31
CA ILE C 336 28.13 10.42 16.03
C ILE C 336 28.61 9.02 16.45
N VAL C 337 29.40 8.40 15.57
CA VAL C 337 30.14 7.21 15.90
C VAL C 337 31.63 7.48 15.64
N ALA C 338 32.49 7.28 16.64
CA ALA C 338 33.90 7.62 16.49
C ALA C 338 34.88 6.75 17.29
N ASN C 339 35.89 6.19 16.64
CA ASN C 339 36.98 5.53 17.36
C ASN C 339 37.81 6.57 18.10
N GLN C 340 38.00 6.39 19.42
CA GLN C 340 38.82 7.30 20.23
C GLN C 340 40.28 6.84 20.32
N PRO C 341 41.12 7.28 19.36
CA PRO C 341 42.48 6.74 19.21
C PRO C 341 43.22 6.61 20.54
N MET C 342 43.02 7.56 21.45
CA MET C 342 43.71 7.50 22.73
C MET C 342 43.07 6.57 23.78
N GLN C 343 42.34 5.55 23.33
CA GLN C 343 41.81 4.56 24.25
C GLN C 343 41.87 3.19 23.58
N PHE C 344 42.80 2.35 24.02
CA PHE C 344 43.05 1.05 23.41
C PHE C 344 43.42 1.22 21.93
N ALA C 345 44.10 2.34 21.65
CA ALA C 345 44.57 2.68 20.31
C ALA C 345 43.43 2.72 19.29
N GLY C 346 42.25 3.15 19.74
CA GLY C 346 41.08 3.24 18.90
C GLY C 346 40.63 1.93 18.27
N CYS C 347 40.82 0.82 18.97
CA CYS C 347 40.49 -0.47 18.36
C CYS C 347 39.04 -0.87 18.62
N LEU C 348 38.56 -1.82 17.83
CA LEU C 348 37.23 -2.36 18.00
C LEU C 348 37.23 -3.69 18.77
N ASP C 349 36.19 -3.88 19.56
CA ASP C 349 36.02 -5.10 20.33
C ASP C 349 34.53 -5.35 20.54
N ILE C 350 34.22 -6.41 21.27
CA ILE C 350 32.86 -6.81 21.53
C ILE C 350 32.04 -5.68 22.17
N THR C 351 32.62 -5.01 23.15
CA THR C 351 31.86 -3.98 23.84
C THR C 351 31.61 -2.80 22.92
N ALA C 352 32.64 -2.40 22.18
CA ALA C 352 32.57 -1.26 21.28
C ALA C 352 31.53 -1.47 20.19
N SER C 353 31.62 -2.61 19.50
CA SER C 353 30.68 -2.96 18.44
C SER C 353 29.24 -2.83 18.89
N GLU C 354 28.90 -3.48 20.01
CA GLU C 354 27.54 -3.48 20.51
C GLU C 354 27.08 -2.08 20.93
N LYS C 355 27.98 -1.34 21.57
CA LYS C 355 27.69 0.04 21.96
C LYS C 355 27.20 0.83 20.76
N ALA C 356 28.05 0.90 19.74
CA ALA C 356 27.76 1.67 18.54
C ALA C 356 26.61 1.08 17.75
N ALA C 357 26.66 -0.24 17.55
CA ALA C 357 25.64 -0.94 16.78
C ALA C 357 24.24 -0.48 17.12
N ARG C 358 23.84 -0.70 18.38
CA ARG C 358 22.51 -0.29 18.83
C ARG C 358 22.29 1.24 18.70
N PHE C 359 23.35 2.02 18.87
CA PHE C 359 23.23 3.45 18.70
C PHE C 359 22.92 3.79 17.25
N VAL C 360 23.54 3.09 16.32
CA VAL C 360 23.26 3.36 14.93
C VAL C 360 21.83 2.92 14.60
N ARG C 361 21.43 1.73 15.03
CA ARG C 361 20.06 1.29 14.79
C ARG C 361 19.09 2.31 15.38
N THR C 362 19.50 2.95 16.47
CA THR C 362 18.64 3.90 17.18
C THR C 362 18.45 5.20 16.39
N CYS C 363 19.56 5.79 15.95
CA CYS C 363 19.51 6.97 15.10
C CYS C 363 18.69 6.67 13.85
N ASP C 364 18.91 5.49 13.26
CA ASP C 364 18.24 5.13 12.01
C ASP C 364 16.74 5.04 12.18
N ALA C 365 16.31 4.32 13.21
CA ALA C 365 14.89 4.18 13.46
C ALA C 365 14.26 5.55 13.61
N PHE C 366 15.00 6.50 14.17
CA PHE C 366 14.41 7.81 14.43
C PHE C 366 14.87 8.92 13.48
N ASN C 367 15.44 8.54 12.34
CA ASN C 367 15.78 9.48 11.27
C ASN C 367 16.84 10.52 11.61
N VAL C 368 17.59 10.26 12.66
CA VAL C 368 18.77 11.05 12.96
C VAL C 368 19.88 10.63 12.01
N PRO C 369 20.38 11.56 11.20
CA PRO C 369 21.54 11.22 10.36
C PRO C 369 22.69 10.76 11.24
N VAL C 370 23.60 9.96 10.68
CA VAL C 370 24.75 9.49 11.45
C VAL C 370 26.06 9.90 10.80
N LEU C 371 26.92 10.50 11.61
CA LEU C 371 28.25 10.89 11.19
C LEU C 371 29.24 10.01 11.92
N THR C 372 30.12 9.35 11.16
CA THR C 372 31.14 8.47 11.72
C THR C 372 32.58 8.91 11.41
N PHE C 373 33.45 8.81 12.41
CA PHE C 373 34.84 9.23 12.28
C PHE C 373 35.79 8.08 12.56
N VAL C 374 36.71 7.82 11.62
CA VAL C 374 37.48 6.59 11.65
C VAL C 374 38.98 6.69 11.96
N ASP C 375 39.36 6.13 13.11
CA ASP C 375 40.77 5.88 13.42
C ASP C 375 40.83 4.50 14.07
N VAL C 376 40.92 3.45 13.25
CA VAL C 376 40.80 2.07 13.75
C VAL C 376 41.90 1.12 13.28
N PRO C 377 42.75 0.68 14.23
CA PRO C 377 43.84 -0.26 13.96
C PRO C 377 43.31 -1.64 13.57
N GLY C 378 42.16 -2.02 14.10
CA GLY C 378 41.59 -3.34 13.83
C GLY C 378 40.86 -3.77 15.07
N PHE C 379 40.83 -5.06 15.32
CA PHE C 379 40.16 -5.59 16.50
C PHE C 379 41.20 -6.07 17.49
N LEU C 380 41.02 -5.74 18.76
CA LEU C 380 41.96 -6.18 19.77
C LEU C 380 42.11 -7.70 19.65
N PRO C 381 43.36 -8.18 19.71
CA PRO C 381 43.57 -9.63 19.81
C PRO C 381 43.17 -10.15 21.19
N GLY C 382 42.84 -11.43 21.26
CA GLY C 382 42.44 -12.04 22.51
C GLY C 382 41.55 -13.26 22.37
N VAL C 383 41.85 -14.25 23.22
CA VAL C 383 41.08 -15.49 23.28
C VAL C 383 39.76 -15.23 24.03
N ASP C 384 39.77 -14.27 24.94
CA ASP C 384 38.54 -13.90 25.61
C ASP C 384 37.54 -13.40 24.56
N GLN C 385 38.02 -12.53 23.66
CA GLN C 385 37.17 -11.98 22.61
C GLN C 385 36.54 -13.08 21.76
N GLU C 386 37.33 -14.06 21.38
CA GLU C 386 36.81 -15.15 20.54
C GLU C 386 35.78 -16.00 21.28
N HIS C 387 36.18 -16.65 22.37
CA HIS C 387 35.27 -17.52 23.13
C HIS C 387 34.02 -16.79 23.62
N ASP C 388 34.06 -15.47 23.68
CA ASP C 388 32.89 -14.69 24.09
C ASP C 388 32.10 -14.27 22.85
N GLY C 389 32.64 -14.60 21.68
CA GLY C 389 31.90 -14.53 20.43
C GLY C 389 31.92 -13.22 19.67
N ILE C 390 33.08 -12.55 19.64
CA ILE C 390 33.21 -11.30 18.89
C ILE C 390 32.63 -11.40 17.47
N ILE C 391 32.69 -12.60 16.90
CA ILE C 391 32.32 -12.83 15.51
C ILE C 391 30.84 -12.54 15.22
N ARG C 392 29.97 -12.98 16.14
CA ARG C 392 28.55 -12.69 16.05
C ARG C 392 28.21 -11.41 16.79
N ARG C 393 29.19 -10.83 17.48
CA ARG C 393 28.95 -9.61 18.24
C ARG C 393 29.42 -8.37 17.51
N GLY C 394 30.58 -8.45 16.86
CA GLY C 394 31.12 -7.36 16.07
C GLY C 394 30.54 -7.33 14.67
N ALA C 395 29.69 -8.28 14.36
CA ALA C 395 29.01 -8.29 13.07
C ALA C 395 27.82 -7.33 13.12
N LYS C 396 27.24 -7.19 14.31
CA LYS C 396 26.15 -6.24 14.53
C LYS C 396 26.34 -4.83 13.95
N LEU C 397 27.54 -4.26 14.08
CA LEU C 397 27.83 -2.91 13.55
C LEU C 397 27.84 -2.92 12.03
N ILE C 398 28.15 -4.06 11.43
CA ILE C 398 28.10 -4.17 9.98
C ILE C 398 26.65 -4.27 9.57
N PHE C 399 25.82 -4.78 10.47
CA PHE C 399 24.40 -4.95 10.20
C PHE C 399 23.68 -3.62 10.38
N ALA C 400 24.04 -2.89 11.44
CA ALA C 400 23.40 -1.60 11.72
C ALA C 400 23.66 -0.59 10.61
N TYR C 401 24.92 -0.46 10.23
CA TYR C 401 25.28 0.42 9.12
C TYR C 401 24.59 0.06 7.80
N ALA C 402 24.68 -1.21 7.42
CA ALA C 402 24.14 -1.72 6.15
C ALA C 402 22.63 -1.50 5.94
N GLU C 403 21.86 -1.62 7.01
CA GLU C 403 20.42 -1.53 6.90
C GLU C 403 19.94 -0.09 6.98
N ALA C 404 20.85 0.82 7.34
CA ALA C 404 20.50 2.22 7.59
C ALA C 404 20.11 2.97 6.32
N THR C 405 19.12 3.85 6.45
CA THR C 405 18.62 4.57 5.29
C THR C 405 18.82 6.08 5.48
N VAL C 406 18.66 6.52 6.72
CA VAL C 406 19.21 7.77 7.21
C VAL C 406 20.51 8.13 6.47
N PRO C 407 20.79 9.44 6.36
CA PRO C 407 22.02 9.86 5.67
C PRO C 407 23.25 9.43 6.44
N LEU C 408 24.27 9.06 5.68
CA LEU C 408 25.46 8.50 6.28
C LEU C 408 26.69 9.15 5.71
N ILE C 409 27.42 9.82 6.59
CA ILE C 409 28.65 10.49 6.20
C ILE C 409 29.75 9.97 7.07
N THR C 410 30.84 9.59 6.45
CA THR C 410 31.93 9.00 7.19
C THR C 410 33.22 9.74 6.83
N VAL C 411 34.03 9.99 7.85
CA VAL C 411 35.27 10.72 7.68
C VAL C 411 36.34 9.89 8.35
N ILE C 412 37.37 9.50 7.61
CA ILE C 412 38.43 8.71 8.19
C ILE C 412 39.59 9.66 8.51
N THR C 413 39.82 9.92 9.80
CA THR C 413 40.87 10.83 10.24
C THR C 413 42.26 10.27 10.01
N ARG C 414 42.52 9.07 10.54
CA ARG C 414 43.82 8.45 10.34
C ARG C 414 43.68 7.04 9.79
N LYS C 415 43.32 6.09 10.65
CA LYS C 415 43.46 4.67 10.31
C LYS C 415 42.14 3.93 10.10
N ALA C 416 42.14 3.12 9.02
CA ALA C 416 41.12 2.13 8.69
C ALA C 416 41.74 0.80 8.19
N PHE C 417 41.85 -0.22 9.05
CA PHE C 417 42.50 -1.48 8.65
C PHE C 417 41.51 -2.61 8.36
N GLY C 418 41.72 -3.36 7.28
CA GLY C 418 40.99 -4.58 7.00
C GLY C 418 39.50 -4.69 7.31
N GLY C 419 39.15 -5.68 8.14
CA GLY C 419 37.78 -5.86 8.58
C GLY C 419 37.17 -4.55 9.05
N ALA C 420 37.95 -3.84 9.84
CA ALA C 420 37.51 -2.65 10.54
C ALA C 420 37.13 -1.55 9.55
N TYR C 421 37.82 -1.50 8.42
CA TYR C 421 37.49 -0.53 7.38
C TYR C 421 36.01 -0.60 7.01
N ASN C 422 35.53 -1.80 6.69
CA ASN C 422 34.12 -1.97 6.41
C ASN C 422 33.27 -1.59 7.62
N VAL C 423 33.57 -2.20 8.76
CA VAL C 423 32.74 -2.00 9.95
C VAL C 423 32.43 -0.52 10.23
N MET C 424 33.39 0.34 9.92
CA MET C 424 33.32 1.76 10.25
C MET C 424 32.73 2.63 9.13
N GLY C 425 31.51 2.29 8.69
CA GLY C 425 30.76 3.11 7.75
C GLY C 425 31.24 3.22 6.32
N SER C 426 32.01 2.24 5.86
CA SER C 426 32.51 2.22 4.48
C SER C 426 31.42 2.48 3.44
N LYS C 427 31.85 2.86 2.23
CA LYS C 427 30.91 3.06 1.12
C LYS C 427 30.16 1.78 0.85
N HIS C 428 30.87 0.66 0.97
CA HIS C 428 30.35 -0.64 0.59
C HIS C 428 29.21 -1.08 1.46
N LEU C 429 29.10 -0.50 2.65
CA LEU C 429 27.95 -0.76 3.51
C LEU C 429 26.77 0.16 3.23
N GLY C 430 26.89 1.04 2.23
CA GLY C 430 25.78 1.88 1.81
C GLY C 430 25.82 3.35 2.23
N ALA C 431 27.00 3.84 2.62
CA ALA C 431 27.19 5.24 3.01
C ALA C 431 27.18 6.15 1.80
N ASP C 432 26.69 7.36 1.98
CA ASP C 432 26.42 8.27 0.87
C ASP C 432 27.64 9.09 0.56
N LEU C 433 28.34 9.46 1.62
CA LEU C 433 29.48 10.34 1.51
C LEU C 433 30.62 9.82 2.36
N ASN C 434 31.67 9.36 1.71
CA ASN C 434 32.87 8.92 2.41
C ASN C 434 34.06 9.84 2.11
N LEU C 435 34.67 10.36 3.17
CA LEU C 435 35.83 11.22 2.98
C LEU C 435 36.98 10.77 3.85
N ALA C 436 38.19 11.08 3.41
CA ALA C 436 39.37 10.72 4.16
C ALA C 436 40.37 11.89 4.15
N TRP C 437 40.98 12.13 5.31
CA TRP C 437 42.03 13.14 5.39
C TRP C 437 43.27 12.59 4.69
N PRO C 438 44.28 13.44 4.49
CA PRO C 438 45.50 12.96 3.84
C PRO C 438 46.28 12.03 4.76
N THR C 439 45.95 12.03 6.04
CA THR C 439 46.62 11.14 6.98
C THR C 439 46.00 9.76 6.99
N ALA C 440 44.88 9.62 6.27
CA ALA C 440 44.14 8.38 6.20
C ALA C 440 44.94 7.23 5.62
N GLN C 441 44.85 6.09 6.29
CA GLN C 441 45.54 4.88 5.84
C GLN C 441 44.48 3.83 5.56
N ILE C 442 44.34 3.45 4.31
CA ILE C 442 43.25 2.55 3.96
C ILE C 442 43.85 1.29 3.36
N ALA C 443 44.10 0.30 4.21
CA ALA C 443 44.80 -0.89 3.74
C ALA C 443 44.13 -2.17 4.20
N VAL C 444 44.67 -3.30 3.76
CA VAL C 444 44.13 -4.59 4.14
C VAL C 444 44.63 -4.97 5.53
N MET C 445 45.78 -4.44 5.91
CA MET C 445 46.37 -4.79 7.19
C MET C 445 47.59 -3.97 7.54
N GLY C 446 48.05 -4.20 8.77
CA GLY C 446 49.27 -3.59 9.27
C GLY C 446 50.36 -3.43 8.25
N ALA C 447 51.01 -2.27 8.29
CA ALA C 447 52.12 -1.94 7.40
C ALA C 447 53.34 -2.80 7.72
N GLN C 448 53.11 -3.89 8.45
CA GLN C 448 54.19 -4.77 8.89
C GLN C 448 53.82 -6.25 8.71
N GLY C 449 52.63 -6.61 9.15
CA GLY C 449 52.15 -7.98 8.98
C GLY C 449 51.79 -8.25 7.54
N ALA C 450 51.75 -7.18 6.75
CA ALA C 450 51.44 -7.26 5.33
C ALA C 450 52.67 -7.66 4.55
N VAL C 451 53.52 -6.67 4.29
CA VAL C 451 54.84 -6.86 3.69
C VAL C 451 55.38 -8.26 3.85
N ASN C 452 55.45 -8.74 5.08
CA ASN C 452 56.18 -9.97 5.33
C ASN C 452 55.59 -11.20 4.59
N ILE C 453 54.36 -11.60 4.93
CA ILE C 453 53.70 -12.69 4.22
C ILE C 453 53.63 -12.45 2.70
N LEU C 454 53.71 -11.18 2.32
CA LEU C 454 53.67 -10.77 0.91
C LEU C 454 54.82 -11.30 0.06
N HIS C 455 56.05 -11.03 0.49
CA HIS C 455 57.22 -11.49 -0.22
C HIS C 455 58.26 -12.13 0.72
N ARG C 456 57.77 -12.94 1.65
CA ARG C 456 58.62 -13.69 2.57
C ARG C 456 59.60 -14.55 1.77
N ARG C 457 59.31 -14.71 0.48
CA ARG C 457 60.19 -15.40 -0.44
C ARG C 457 61.24 -14.43 -0.97
N THR C 458 61.66 -13.49 -0.11
CA THR C 458 62.70 -12.53 -0.47
C THR C 458 63.57 -12.18 0.73
N ILE C 459 63.02 -12.40 1.93
CA ILE C 459 63.78 -12.19 3.16
C ILE C 459 64.77 -13.33 3.36
N ALA C 460 64.26 -14.56 3.38
CA ALA C 460 65.12 -15.71 3.59
C ALA C 460 66.13 -15.82 2.47
N ASP C 461 65.66 -16.20 1.29
CA ASP C 461 66.51 -16.30 0.10
C ASP C 461 66.63 -14.94 -0.58
N ALA C 462 67.56 -14.87 -1.53
CA ALA C 462 67.90 -13.62 -2.21
C ALA C 462 68.11 -12.51 -1.20
N GLY C 463 68.53 -12.88 0.02
CA GLY C 463 68.51 -11.94 1.14
C GLY C 463 69.80 -11.80 1.92
N ASP C 464 69.97 -10.63 2.54
CA ASP C 464 71.17 -10.28 3.28
C ASP C 464 70.90 -10.23 4.78
N ASP C 465 70.29 -11.28 5.31
CA ASP C 465 69.79 -11.26 6.68
C ASP C 465 68.63 -10.27 6.78
N ALA C 466 67.47 -10.76 7.23
CA ALA C 466 66.27 -9.93 7.31
C ALA C 466 66.57 -8.45 7.59
N GLU C 467 66.85 -8.12 8.85
CA GLU C 467 67.17 -6.75 9.25
C GLU C 467 66.49 -5.71 8.40
N ALA C 468 67.33 -4.88 7.78
CA ALA C 468 66.90 -3.74 6.99
C ALA C 468 66.13 -4.16 5.75
N THR C 469 66.30 -5.40 5.29
CA THR C 469 65.49 -5.89 4.18
C THR C 469 64.03 -5.79 4.63
N ARG C 470 63.75 -6.36 5.78
CA ARG C 470 62.41 -6.39 6.36
C ARG C 470 61.88 -4.99 6.72
N ALA C 471 62.78 -4.05 7.02
CA ALA C 471 62.39 -2.71 7.46
C ALA C 471 62.39 -1.71 6.29
N ARG C 472 63.06 -2.10 5.22
CA ARG C 472 63.15 -1.29 4.00
C ARG C 472 62.06 -1.68 3.00
N LEU C 473 61.63 -2.93 3.04
CA LEU C 473 60.45 -3.35 2.28
C LEU C 473 59.24 -2.54 2.73
N ILE C 474 58.99 -2.60 4.03
CA ILE C 474 57.96 -1.79 4.69
C ILE C 474 57.94 -0.37 4.15
N GLN C 475 59.11 0.21 3.95
CA GLN C 475 59.23 1.62 3.60
C GLN C 475 58.48 2.02 2.33
N GLU C 476 58.92 1.45 1.20
CA GLU C 476 58.33 1.79 -0.09
C GLU C 476 57.00 1.05 -0.28
N TYR C 477 56.59 0.33 0.75
CA TYR C 477 55.25 -0.25 0.81
C TYR C 477 54.35 0.70 1.59
N GLU C 478 54.76 0.98 2.82
CA GLU C 478 54.04 1.90 3.69
C GLU C 478 53.96 3.28 3.04
N ASP C 479 54.97 3.64 2.24
CA ASP C 479 54.95 4.93 1.56
C ASP C 479 53.97 4.90 0.40
N ALA C 480 54.04 3.83 -0.40
CA ALA C 480 53.25 3.71 -1.63
C ALA C 480 51.82 3.22 -1.45
N LEU C 481 51.44 2.82 -0.24
CA LEU C 481 50.10 2.24 -0.07
C LEU C 481 49.39 2.61 1.23
N LEU C 482 50.13 3.05 2.25
CA LEU C 482 49.50 3.49 3.48
C LEU C 482 49.07 4.95 3.38
N ASN C 483 48.16 5.18 2.44
CA ASN C 483 47.57 6.46 2.15
C ASN C 483 46.15 6.19 1.69
N PRO C 484 45.36 7.24 1.45
CA PRO C 484 43.96 7.05 1.06
C PRO C 484 43.75 7.07 -0.45
N TYR C 485 44.82 7.11 -1.21
CA TYR C 485 44.67 7.41 -2.63
C TYR C 485 44.35 6.20 -3.49
N THR C 486 44.58 5.01 -2.94
CA THR C 486 44.17 3.76 -3.56
C THR C 486 42.65 3.72 -3.72
N ALA C 487 41.96 3.74 -2.59
CA ALA C 487 40.52 3.92 -2.59
C ALA C 487 40.10 5.00 -3.59
N ALA C 488 40.72 6.18 -3.52
CA ALA C 488 40.27 7.29 -4.35
C ALA C 488 40.17 6.92 -5.84
N GLU C 489 41.10 6.12 -6.33
CA GLU C 489 41.08 5.70 -7.71
C GLU C 489 39.81 4.93 -7.99
N ARG C 490 39.33 4.22 -6.97
CA ARG C 490 38.25 3.24 -7.10
C ARG C 490 36.93 3.78 -6.60
N GLY C 491 36.90 5.04 -6.22
CA GLY C 491 35.69 5.66 -5.71
C GLY C 491 35.26 5.16 -4.35
N TYR C 492 36.04 4.29 -3.73
CA TYR C 492 35.69 3.76 -2.41
C TYR C 492 35.57 4.90 -1.43
N VAL C 493 36.24 5.99 -1.77
CA VAL C 493 36.20 7.24 -1.02
C VAL C 493 35.85 8.35 -2.01
N ASP C 494 34.87 9.16 -1.65
CA ASP C 494 34.39 10.22 -2.52
C ASP C 494 35.42 11.32 -2.79
N ALA C 495 36.29 11.57 -1.82
CA ALA C 495 37.24 12.64 -1.98
C ALA C 495 38.29 12.63 -0.87
N VAL C 496 39.43 13.23 -1.14
CA VAL C 496 40.43 13.47 -0.12
C VAL C 496 40.36 14.94 0.25
N ILE C 497 40.18 15.20 1.53
CA ILE C 497 39.92 16.56 1.96
C ILE C 497 40.93 16.94 3.03
N MET C 498 41.28 18.21 3.07
CA MET C 498 42.12 18.69 4.16
C MET C 498 41.22 18.69 5.39
N PRO C 499 41.75 18.19 6.50
CA PRO C 499 41.04 18.10 7.78
C PRO C 499 40.17 19.32 8.02
N SER C 500 40.74 20.46 7.68
CA SER C 500 40.11 21.73 7.88
C SER C 500 38.79 21.88 7.13
N ASP C 501 38.67 21.26 5.95
CA ASP C 501 37.43 21.39 5.17
C ASP C 501 36.32 20.44 5.59
N THR C 502 36.58 19.63 6.62
CA THR C 502 35.64 18.64 7.10
C THR C 502 34.25 19.22 7.44
N ARG C 503 34.22 20.25 8.28
CA ARG C 503 32.97 20.87 8.69
C ARG C 503 32.21 21.33 7.45
N ARG C 504 32.90 22.01 6.54
CA ARG C 504 32.24 22.51 5.36
C ARG C 504 31.65 21.36 4.53
N HIS C 505 32.40 20.28 4.39
CA HIS C 505 31.95 19.10 3.64
C HIS C 505 30.70 18.45 4.24
N ILE C 506 30.74 18.25 5.55
CA ILE C 506 29.59 17.78 6.28
C ILE C 506 28.37 18.70 6.13
N VAL C 507 28.53 20.00 6.42
CA VAL C 507 27.43 20.96 6.30
C VAL C 507 26.75 20.84 4.94
N ARG C 508 27.55 20.89 3.88
CA ARG C 508 27.01 20.94 2.54
C ARG C 508 26.41 19.62 2.17
N GLY C 509 27.08 18.54 2.60
CA GLY C 509 26.64 17.21 2.30
C GLY C 509 25.34 16.84 3.00
N LEU C 510 25.18 17.28 4.23
CA LEU C 510 23.95 17.04 4.96
C LEU C 510 22.79 17.76 4.30
N ARG C 511 23.08 18.93 3.73
CA ARG C 511 22.04 19.67 3.05
C ARG C 511 21.52 18.81 1.92
N GLN C 512 22.42 18.36 1.05
CA GLN C 512 21.96 17.72 -0.16
C GLN C 512 21.39 16.32 0.14
N LEU C 513 21.74 15.75 1.28
CA LEU C 513 21.17 14.48 1.70
C LEU C 513 19.91 14.59 2.59
N ARG C 514 19.30 15.77 2.69
CA ARG C 514 18.10 15.85 3.54
C ARG C 514 16.98 15.01 2.95
N THR C 515 16.98 14.90 1.62
CA THR C 515 15.84 14.43 0.85
C THR C 515 16.08 13.01 0.36
N LYS C 516 16.86 12.25 1.12
CA LYS C 516 17.31 10.97 0.61
C LYS C 516 16.33 9.81 0.86
N ARG C 517 15.94 9.18 -0.23
CA ARG C 517 15.15 7.93 -0.11
C ARG C 517 15.85 6.67 -0.62
N GLU C 518 16.09 5.68 0.24
CA GLU C 518 16.56 4.35 -0.19
C GLU C 518 15.41 3.35 -0.15
N SER C 519 15.64 2.10 -0.56
CA SER C 519 14.56 1.09 -0.61
C SER C 519 15.05 -0.37 -0.47
N LEU C 520 14.11 -1.33 -0.48
CA LEU C 520 14.43 -2.77 -0.27
C LEU C 520 13.18 -3.68 -0.48
N PRO C 521 13.36 -5.02 -0.45
CA PRO C 521 12.22 -5.98 -0.43
C PRO C 521 11.69 -6.36 0.95
N PRO C 522 10.37 -6.51 1.08
CA PRO C 522 9.73 -6.57 2.39
C PRO C 522 10.13 -7.81 3.22
N LYS C 523 10.38 -7.56 4.49
CA LYS C 523 10.61 -8.59 5.44
C LYS C 523 9.76 -8.22 6.64
N LYS C 524 9.64 -9.13 7.60
CA LYS C 524 8.94 -8.80 8.84
C LYS C 524 9.98 -8.09 9.69
N HIS C 525 11.22 -8.57 9.58
CA HIS C 525 12.37 -7.94 10.16
C HIS C 525 13.59 -8.68 9.66
N GLY C 526 14.76 -8.11 9.89
CA GLY C 526 16.00 -8.81 9.59
C GLY C 526 16.30 -9.82 10.67
N ASN C 527 17.45 -10.47 10.54
CA ASN C 527 17.88 -11.48 11.49
C ASN C 527 19.24 -11.16 12.10
N ILE C 528 19.46 -9.90 12.47
CA ILE C 528 20.77 -9.45 12.96
C ILE C 528 21.47 -10.46 13.92
N PRO C 529 22.76 -10.75 13.67
CA PRO C 529 23.44 -11.65 14.61
C PRO C 529 23.15 -11.21 16.03
N LEU C 530 22.99 -12.16 16.94
CA LEU C 530 22.43 -11.85 18.24
C LEU C 530 22.99 -12.76 19.33
N ASP D 10 41.80 -25.96 -35.21
CA ASP D 10 41.76 -24.78 -36.06
C ASP D 10 40.91 -23.68 -35.41
N ILE D 11 41.53 -22.55 -35.06
CA ILE D 11 40.81 -21.49 -34.36
C ILE D 11 39.85 -20.71 -35.26
N HIS D 12 40.23 -20.51 -36.52
CA HIS D 12 39.43 -19.70 -37.44
C HIS D 12 38.17 -20.41 -37.95
N THR D 13 37.81 -21.51 -37.31
CA THR D 13 36.60 -22.26 -37.66
C THR D 13 35.67 -22.36 -36.45
N THR D 14 34.39 -22.55 -36.73
CA THR D 14 33.41 -22.71 -35.67
C THR D 14 33.70 -23.99 -34.91
N ALA D 15 34.15 -25.01 -35.63
CA ALA D 15 34.48 -26.28 -35.00
C ALA D 15 35.67 -26.09 -34.07
N GLY D 16 36.73 -25.48 -34.58
CA GLY D 16 37.87 -25.16 -33.74
C GLY D 16 37.55 -24.14 -32.66
N LYS D 17 36.42 -23.47 -32.79
CA LYS D 17 36.00 -22.61 -31.71
C LYS D 17 35.34 -23.49 -30.66
N LEU D 18 34.48 -24.39 -31.11
CA LEU D 18 33.88 -25.36 -30.19
C LEU D 18 34.97 -26.09 -29.39
N ALA D 19 35.91 -26.73 -30.07
CA ALA D 19 36.97 -27.47 -29.39
C ALA D 19 37.73 -26.54 -28.46
N ASP D 20 37.94 -25.31 -28.92
CA ASP D 20 38.54 -24.29 -28.06
C ASP D 20 37.78 -24.22 -26.73
N LEU D 21 36.46 -24.25 -26.79
CA LEU D 21 35.63 -24.19 -25.59
C LEU D 21 35.91 -25.39 -24.71
N ARG D 22 36.03 -26.56 -25.33
CA ARG D 22 36.31 -27.81 -24.63
C ARG D 22 37.59 -27.71 -23.80
N ARG D 23 38.61 -27.11 -24.39
CA ARG D 23 39.88 -26.83 -23.70
C ARG D 23 39.62 -25.90 -22.51
N ARG D 24 38.82 -24.86 -22.75
CA ARG D 24 38.49 -23.89 -21.72
C ARG D 24 37.77 -24.55 -20.55
N ILE D 25 36.86 -25.48 -20.84
CA ILE D 25 36.10 -26.11 -19.77
C ILE D 25 37.06 -26.91 -18.90
N GLU D 26 37.86 -27.75 -19.55
CA GLU D 26 38.74 -28.64 -18.82
C GLU D 26 39.68 -27.84 -17.92
N GLU D 27 40.29 -26.76 -18.42
CA GLU D 27 41.16 -25.96 -17.56
C GLU D 27 40.37 -25.28 -16.44
N ALA D 28 39.25 -24.67 -16.80
CA ALA D 28 38.37 -24.01 -15.83
C ALA D 28 37.97 -24.94 -14.68
N THR D 29 37.58 -26.16 -15.04
CA THR D 29 37.15 -27.14 -14.05
C THR D 29 38.32 -27.60 -13.21
N HIS D 30 39.53 -27.28 -13.67
CA HIS D 30 40.73 -27.66 -12.97
C HIS D 30 41.58 -26.40 -12.73
N ALA D 31 41.13 -25.59 -11.75
CA ALA D 31 41.70 -24.27 -11.52
C ALA D 31 43.20 -24.31 -11.25
N GLY D 32 43.59 -24.93 -10.15
CA GLY D 32 45.00 -24.99 -9.78
C GLY D 32 45.61 -26.35 -10.03
N SER D 33 46.68 -26.64 -9.30
CA SER D 33 47.48 -27.84 -9.51
C SER D 33 46.91 -29.10 -8.88
N ALA D 34 47.31 -30.25 -9.41
CA ALA D 34 46.84 -31.51 -8.87
C ALA D 34 47.42 -31.75 -7.47
N ARG D 35 48.53 -31.08 -7.17
CA ARG D 35 49.10 -31.19 -5.82
C ARG D 35 48.31 -30.40 -4.76
N ALA D 36 47.69 -29.28 -5.13
CA ALA D 36 46.80 -28.62 -4.20
C ALA D 36 45.61 -29.53 -3.94
N VAL D 37 45.12 -30.15 -5.01
CA VAL D 37 43.93 -30.98 -4.92
C VAL D 37 44.13 -32.18 -3.99
N GLU D 38 45.34 -32.75 -4.05
CA GLU D 38 45.70 -33.88 -3.20
C GLU D 38 45.90 -33.43 -1.75
N LYS D 39 46.53 -32.26 -1.54
CA LYS D 39 46.59 -31.64 -0.19
C LYS D 39 45.22 -31.74 0.40
N GLN D 40 44.27 -31.30 -0.41
CA GLN D 40 42.93 -31.12 0.03
C GLN D 40 42.39 -32.47 0.45
N HIS D 41 42.31 -33.40 -0.51
CA HIS D 41 41.85 -34.75 -0.22
C HIS D 41 42.59 -35.33 0.99
N ALA D 42 43.91 -35.15 1.01
CA ALA D 42 44.76 -35.68 2.07
C ALA D 42 44.30 -35.36 3.50
N LYS D 43 43.32 -34.47 3.65
CA LYS D 43 42.82 -34.10 4.98
C LYS D 43 41.43 -34.69 5.27
N GLY D 44 40.73 -35.10 4.22
CA GLY D 44 39.34 -35.49 4.36
C GLY D 44 38.42 -34.32 4.05
N LYS D 45 38.82 -33.55 3.06
CA LYS D 45 38.01 -32.47 2.54
C LYS D 45 37.87 -32.62 1.02
N LEU D 46 36.71 -32.29 0.47
CA LEU D 46 36.53 -32.34 -0.97
C LEU D 46 37.05 -31.07 -1.64
N THR D 47 37.27 -31.14 -2.95
CA THR D 47 37.41 -29.91 -3.72
C THR D 47 36.09 -29.14 -3.70
N ALA D 48 36.18 -27.83 -3.94
CA ALA D 48 35.01 -26.96 -3.94
C ALA D 48 33.91 -27.48 -4.89
N ARG D 49 34.35 -28.04 -6.02
CA ARG D 49 33.44 -28.56 -7.03
C ARG D 49 32.82 -29.91 -6.68
N GLU D 50 33.45 -30.65 -5.78
CA GLU D 50 32.88 -31.90 -5.32
C GLU D 50 31.86 -31.60 -4.25
N ARG D 51 32.08 -30.48 -3.57
CA ARG D 51 31.12 -30.03 -2.57
C ARG D 51 29.82 -29.63 -3.23
N ILE D 52 29.90 -29.02 -4.42
CA ILE D 52 28.70 -28.64 -5.17
C ILE D 52 27.94 -29.84 -5.71
N ASP D 53 28.68 -30.83 -6.21
CA ASP D 53 28.08 -32.09 -6.65
C ASP D 53 27.34 -32.80 -5.50
N LEU D 54 28.06 -33.06 -4.42
CA LEU D 54 27.47 -33.63 -3.23
C LEU D 54 26.18 -32.88 -2.86
N LEU D 55 26.29 -31.55 -2.72
CA LEU D 55 25.16 -30.69 -2.33
C LEU D 55 23.94 -30.59 -3.29
N LEU D 56 24.18 -30.47 -4.58
CA LEU D 56 23.08 -30.32 -5.53
C LEU D 56 22.62 -31.63 -6.17
N ASP D 57 21.33 -31.66 -6.55
CA ASP D 57 20.72 -32.72 -7.34
C ASP D 57 21.48 -32.94 -8.65
N GLU D 58 21.83 -34.18 -8.95
CA GLU D 58 22.62 -34.48 -10.15
C GLU D 58 22.10 -33.81 -11.41
N GLY D 59 23.00 -33.21 -12.17
CA GLY D 59 22.68 -32.63 -13.46
C GLY D 59 22.08 -31.24 -13.37
N SER D 60 21.76 -30.80 -12.15
CA SER D 60 21.00 -29.55 -11.98
C SER D 60 21.92 -28.32 -12.02
N PHE D 61 23.08 -28.42 -11.37
CA PHE D 61 24.02 -27.33 -11.30
C PHE D 61 24.29 -26.67 -12.65
N VAL D 62 24.05 -25.37 -12.73
CA VAL D 62 24.38 -24.57 -13.91
C VAL D 62 25.36 -23.48 -13.47
N GLU D 63 26.62 -23.67 -13.82
CA GLU D 63 27.69 -22.83 -13.29
C GLU D 63 27.67 -21.42 -13.89
N LEU D 64 27.96 -20.44 -13.03
CA LEU D 64 27.98 -19.04 -13.41
C LEU D 64 29.39 -18.47 -13.27
N ASP D 65 29.88 -17.82 -14.32
CA ASP D 65 31.16 -17.14 -14.31
C ASP D 65 32.38 -18.08 -14.20
N GLU D 66 32.40 -19.18 -14.94
CA GLU D 66 33.53 -20.09 -14.82
C GLU D 66 34.79 -19.55 -15.50
N PHE D 67 34.60 -18.62 -16.43
CA PHE D 67 35.72 -18.01 -17.15
C PHE D 67 36.11 -16.62 -16.63
N ALA D 68 35.58 -16.27 -15.47
CA ALA D 68 35.95 -15.01 -14.79
C ALA D 68 37.42 -15.01 -14.39
N ARG D 69 38.15 -14.03 -14.87
CA ARG D 69 39.58 -13.96 -14.63
C ARG D 69 39.95 -12.67 -13.92
N HIS D 70 40.54 -12.77 -12.74
CA HIS D 70 40.95 -11.57 -12.01
C HIS D 70 41.67 -10.63 -12.96
N ARG D 71 41.82 -9.38 -12.56
CA ARG D 71 42.45 -8.42 -13.45
C ARG D 71 43.32 -7.46 -12.65
N SER D 72 44.03 -8.03 -11.68
CA SER D 72 45.00 -7.27 -10.91
C SER D 72 46.38 -7.45 -11.53
N THR D 73 47.09 -6.34 -11.62
CA THR D 73 48.45 -6.36 -12.13
C THR D 73 49.43 -6.10 -11.00
N ASN D 74 48.90 -5.97 -9.79
CA ASN D 74 49.65 -5.43 -8.64
C ASN D 74 51.13 -5.80 -8.59
N PHE D 75 51.45 -7.00 -9.09
CA PHE D 75 52.83 -7.36 -9.43
C PHE D 75 52.86 -8.71 -10.10
N GLY D 76 53.42 -9.71 -9.42
CA GLY D 76 53.40 -11.06 -9.92
C GLY D 76 51.99 -11.63 -9.87
N LEU D 77 51.05 -10.89 -10.42
CA LEU D 77 49.64 -11.33 -10.49
C LEU D 77 49.28 -11.76 -11.91
N ASP D 78 49.14 -10.86 -12.82
CA ASP D 78 48.78 -11.22 -14.20
C ASP D 78 49.56 -12.42 -14.76
N ALA D 79 50.67 -12.75 -14.10
CA ALA D 79 51.42 -13.98 -14.37
C ALA D 79 50.45 -15.13 -14.57
N ASN D 80 49.64 -15.42 -13.56
CA ASN D 80 48.57 -16.40 -13.73
C ASN D 80 47.19 -15.92 -13.26
N ARG D 81 46.22 -16.02 -14.16
CA ARG D 81 44.84 -15.65 -13.85
C ARG D 81 43.95 -16.85 -14.17
N PRO D 82 43.63 -17.66 -13.14
CA PRO D 82 42.91 -18.91 -13.39
C PRO D 82 41.41 -18.70 -13.50
N TYR D 83 40.83 -19.29 -14.52
CA TYR D 83 39.39 -19.30 -14.67
C TYR D 83 38.68 -19.55 -13.33
N GLY D 84 37.61 -18.79 -13.10
CA GLY D 84 36.80 -18.96 -11.90
C GLY D 84 37.33 -18.16 -10.72
N ASP D 85 38.61 -17.82 -10.79
CA ASP D 85 39.24 -16.94 -9.81
C ASP D 85 38.90 -17.27 -8.35
N GLY D 86 38.96 -18.56 -8.03
CA GLY D 86 39.03 -18.99 -6.64
C GLY D 86 37.75 -19.42 -5.96
N VAL D 87 36.67 -19.45 -6.72
CA VAL D 87 35.37 -19.81 -6.19
C VAL D 87 34.48 -20.31 -7.32
N VAL D 88 33.69 -21.35 -7.06
CA VAL D 88 32.77 -21.84 -8.05
C VAL D 88 31.41 -21.40 -7.55
N THR D 89 30.57 -20.91 -8.45
CA THR D 89 29.25 -20.44 -8.04
C THR D 89 28.21 -20.82 -9.06
N GLY D 90 26.95 -20.69 -8.66
CA GLY D 90 25.88 -20.86 -9.62
C GLY D 90 24.58 -21.22 -8.98
N TYR D 91 23.66 -21.76 -9.79
CA TYR D 91 22.34 -22.20 -9.37
C TYR D 91 22.08 -23.64 -9.78
N GLY D 92 21.25 -24.33 -8.99
CA GLY D 92 20.81 -25.67 -9.27
C GLY D 92 19.63 -25.90 -8.36
N THR D 93 19.31 -27.16 -8.12
CA THR D 93 18.20 -27.50 -7.22
C THR D 93 18.66 -28.44 -6.10
N VAL D 94 18.00 -28.37 -4.95
CA VAL D 94 18.23 -29.32 -3.85
C VAL D 94 16.90 -29.93 -3.41
N ASP D 95 16.80 -31.26 -3.51
CA ASP D 95 15.54 -31.99 -3.37
C ASP D 95 14.47 -31.39 -4.28
N GLY D 96 14.87 -31.02 -5.49
CA GLY D 96 13.96 -30.43 -6.45
C GLY D 96 13.58 -28.97 -6.24
N ARG D 97 13.98 -28.37 -5.13
CA ARG D 97 13.71 -26.95 -4.84
C ARG D 97 14.89 -26.07 -5.24
N PRO D 98 14.62 -24.83 -5.69
CA PRO D 98 15.73 -24.04 -6.24
C PRO D 98 16.59 -23.41 -5.13
N VAL D 99 17.86 -23.15 -5.47
CA VAL D 99 18.87 -22.74 -4.52
C VAL D 99 20.08 -22.23 -5.28
N ALA D 100 20.78 -21.26 -4.72
CA ALA D 100 21.95 -20.67 -5.36
C ALA D 100 23.13 -20.97 -4.49
N VAL D 101 24.28 -21.18 -5.09
CA VAL D 101 25.41 -21.64 -4.30
C VAL D 101 26.71 -20.98 -4.70
N PHE D 102 27.53 -20.69 -3.70
CA PHE D 102 28.94 -20.41 -3.96
C PHE D 102 29.87 -21.33 -3.13
N SER D 103 30.94 -21.79 -3.74
CA SER D 103 31.87 -22.65 -3.04
C SER D 103 33.28 -22.12 -3.25
N GLN D 104 33.94 -21.77 -2.14
CA GLN D 104 35.29 -21.22 -2.21
C GLN D 104 36.35 -22.28 -2.50
N ASP D 105 37.34 -21.92 -3.31
CA ASP D 105 38.31 -22.90 -3.81
C ASP D 105 39.76 -22.75 -3.29
N PHE D 106 40.13 -23.60 -2.34
CA PHE D 106 41.44 -23.54 -1.71
C PHE D 106 42.55 -23.78 -2.75
N THR D 107 42.20 -24.53 -3.79
CA THR D 107 43.09 -24.78 -4.91
C THR D 107 43.66 -23.52 -5.55
N VAL D 108 42.83 -22.49 -5.67
CA VAL D 108 43.28 -21.24 -6.29
C VAL D 108 43.69 -20.23 -5.23
N PHE D 109 44.95 -19.83 -5.26
CA PHE D 109 45.50 -19.01 -4.20
C PHE D 109 45.11 -19.65 -2.87
N GLY D 110 45.17 -18.93 -1.76
CA GLY D 110 44.85 -19.58 -0.49
C GLY D 110 43.36 -19.80 -0.35
N GLY D 111 42.66 -19.80 -1.49
CA GLY D 111 41.22 -19.59 -1.48
C GLY D 111 40.94 -18.10 -1.37
N ALA D 112 41.92 -17.35 -0.84
CA ALA D 112 41.77 -15.91 -0.58
C ALA D 112 40.81 -15.16 -1.50
N LEU D 113 39.80 -14.56 -0.88
CA LEU D 113 38.80 -13.72 -1.57
C LEU D 113 39.39 -12.52 -2.33
N GLY D 114 39.46 -12.65 -3.67
CA GLY D 114 39.96 -11.60 -4.53
C GLY D 114 38.82 -10.74 -5.03
N GLU D 115 39.01 -10.08 -6.16
CA GLU D 115 38.06 -9.03 -6.54
C GLU D 115 36.88 -9.51 -7.36
N VAL D 116 37.16 -10.15 -8.48
CA VAL D 116 36.10 -10.73 -9.29
C VAL D 116 35.46 -11.91 -8.56
N TYR D 117 36.22 -12.50 -7.63
CA TYR D 117 35.80 -13.57 -6.73
C TYR D 117 34.68 -13.05 -5.80
N GLY D 118 34.83 -11.82 -5.29
CA GLY D 118 33.78 -11.23 -4.47
C GLY D 118 32.61 -10.81 -5.33
N GLN D 119 32.91 -10.58 -6.61
CA GLN D 119 31.90 -10.13 -7.55
C GLN D 119 30.98 -11.24 -7.97
N LYS D 120 31.58 -12.35 -8.35
CA LYS D 120 30.80 -13.48 -8.80
C LYS D 120 29.98 -14.06 -7.64
N ILE D 121 30.48 -13.91 -6.41
CA ILE D 121 29.66 -14.23 -5.23
C ILE D 121 28.48 -13.29 -5.06
N VAL D 122 28.71 -12.01 -5.35
CA VAL D 122 27.66 -11.03 -5.28
C VAL D 122 26.62 -11.35 -6.34
N LYS D 123 27.09 -11.65 -7.54
CA LYS D 123 26.24 -12.01 -8.67
C LYS D 123 25.26 -13.15 -8.36
N VAL D 124 25.69 -14.12 -7.55
CA VAL D 124 24.78 -15.21 -7.18
C VAL D 124 23.90 -14.83 -6.00
N MET D 125 24.38 -13.91 -5.18
CA MET D 125 23.56 -13.41 -4.07
C MET D 125 22.43 -12.57 -4.64
N ASP D 126 22.73 -11.79 -5.68
CA ASP D 126 21.70 -11.02 -6.34
C ASP D 126 20.74 -11.93 -7.13
N PHE D 127 21.27 -13.02 -7.67
CA PHE D 127 20.43 -14.03 -8.32
C PHE D 127 19.46 -14.67 -7.33
N ALA D 128 19.98 -15.02 -6.15
CA ALA D 128 19.14 -15.59 -5.10
C ALA D 128 18.06 -14.60 -4.69
N LEU D 129 18.47 -13.39 -4.34
CA LEU D 129 17.55 -12.36 -3.88
C LEU D 129 16.46 -12.06 -4.90
N LYS D 130 16.83 -11.93 -6.16
CA LYS D 130 15.90 -11.61 -7.25
C LYS D 130 14.83 -12.69 -7.49
N THR D 131 15.26 -13.94 -7.47
CA THR D 131 14.40 -15.08 -7.77
C THR D 131 13.85 -15.73 -6.50
N GLY D 132 14.26 -15.24 -5.33
CA GLY D 132 13.74 -15.74 -4.07
C GLY D 132 14.02 -17.22 -3.75
N CYS D 133 15.28 -17.63 -3.84
CA CYS D 133 15.71 -18.93 -3.36
C CYS D 133 16.80 -18.81 -2.29
N PRO D 134 17.00 -19.85 -1.47
CA PRO D 134 18.03 -19.80 -0.41
C PRO D 134 19.41 -19.62 -1.01
N VAL D 135 20.34 -19.04 -0.26
CA VAL D 135 21.74 -19.09 -0.66
C VAL D 135 22.52 -20.06 0.23
N VAL D 136 23.43 -20.84 -0.36
CA VAL D 136 24.35 -21.65 0.43
C VAL D 136 25.76 -21.21 0.11
N GLY D 137 26.43 -20.69 1.14
CA GLY D 137 27.83 -20.35 1.01
C GLY D 137 28.74 -21.35 1.69
N ILE D 138 29.63 -21.97 0.89
CA ILE D 138 30.60 -22.98 1.36
C ILE D 138 32.00 -22.38 1.42
N ASN D 139 32.56 -22.30 2.62
CA ASN D 139 33.74 -21.47 2.83
C ASN D 139 35.04 -22.20 3.18
N ASP D 140 36.13 -21.84 2.50
CA ASP D 140 37.47 -22.30 2.87
C ASP D 140 38.54 -21.20 2.95
N SER D 141 38.82 -20.51 1.85
CA SER D 141 39.73 -19.36 1.87
C SER D 141 40.13 -18.93 3.27
N GLY D 142 41.44 -18.94 3.54
CA GLY D 142 41.95 -18.37 4.78
C GLY D 142 41.49 -16.93 4.96
N GLY D 143 42.11 -16.00 4.25
CA GLY D 143 41.69 -14.61 4.33
C GLY D 143 41.55 -13.88 3.00
N ALA D 144 41.90 -12.62 3.04
CA ALA D 144 41.86 -11.71 1.90
C ALA D 144 43.00 -11.99 0.93
N ARG D 145 42.82 -11.57 -0.32
CA ARG D 145 43.91 -11.65 -1.28
C ARG D 145 44.75 -10.39 -1.17
N ILE D 146 45.69 -10.40 -0.22
CA ILE D 146 46.46 -9.20 0.10
C ILE D 146 46.98 -8.50 -1.16
N GLN D 147 47.45 -9.28 -2.12
CA GLN D 147 47.89 -8.72 -3.39
C GLN D 147 46.95 -7.62 -3.87
N GLU D 148 45.66 -7.88 -3.81
CA GLU D 148 44.64 -6.97 -4.36
C GLU D 148 44.50 -5.66 -3.61
N GLY D 149 45.20 -5.51 -2.49
CA GLY D 149 44.98 -4.34 -1.66
C GLY D 149 43.53 -4.22 -1.22
N VAL D 150 43.03 -2.97 -1.15
CA VAL D 150 41.72 -2.67 -0.59
C VAL D 150 40.55 -3.10 -1.47
N ALA D 151 40.83 -3.30 -2.75
CA ALA D 151 39.83 -3.81 -3.68
C ALA D 151 39.26 -5.14 -3.20
N SER D 152 39.86 -5.69 -2.15
CA SER D 152 39.38 -6.91 -1.53
C SER D 152 38.51 -6.64 -0.31
N LEU D 153 38.89 -5.64 0.48
CA LEU D 153 38.02 -5.13 1.55
C LEU D 153 36.72 -4.65 0.92
N GLY D 154 36.78 -4.33 -0.37
CA GLY D 154 35.63 -3.83 -1.09
C GLY D 154 34.73 -4.96 -1.55
N ALA D 155 35.32 -6.10 -1.90
CA ALA D 155 34.52 -7.29 -2.20
C ALA D 155 33.77 -7.73 -0.95
N TYR D 156 34.47 -7.75 0.19
CA TYR D 156 33.82 -8.18 1.43
C TYR D 156 32.65 -7.28 1.74
N GLY D 157 32.87 -5.98 1.60
CA GLY D 157 31.86 -4.99 1.93
C GLY D 157 30.57 -5.22 1.16
N GLU D 158 30.69 -5.32 -0.16
CA GLU D 158 29.53 -5.61 -1.00
C GLU D 158 28.72 -6.83 -0.51
N ILE D 159 29.43 -7.87 -0.10
CA ILE D 159 28.81 -9.08 0.42
C ILE D 159 28.11 -8.84 1.77
N PHE D 160 28.81 -8.14 2.66
CA PHE D 160 28.25 -7.75 3.96
C PHE D 160 26.93 -7.00 3.77
N ARG D 161 26.88 -6.14 2.77
CA ARG D 161 25.69 -5.32 2.57
C ARG D 161 24.55 -6.24 2.18
N ARG D 162 24.83 -7.13 1.23
CA ARG D 162 23.81 -8.03 0.70
C ARG D 162 23.43 -9.10 1.72
N ASN D 163 24.34 -9.41 2.63
CA ASN D 163 24.02 -10.36 3.68
C ASN D 163 22.91 -9.77 4.53
N THR D 164 23.06 -8.48 4.81
CA THR D 164 22.11 -7.73 5.63
C THR D 164 20.82 -7.48 4.88
N HIS D 165 20.92 -7.26 3.58
CA HIS D 165 19.74 -6.95 2.78
C HIS D 165 18.86 -8.16 2.60
N ALA D 166 19.50 -9.33 2.50
CA ALA D 166 18.72 -10.57 2.32
C ALA D 166 18.33 -11.14 3.67
N SER D 167 18.87 -10.57 4.75
CA SER D 167 18.57 -11.16 6.05
C SER D 167 17.07 -11.24 6.32
N GLY D 168 16.57 -12.45 6.46
CA GLY D 168 15.16 -12.70 6.74
C GLY D 168 14.29 -12.62 5.52
N VAL D 169 14.92 -12.58 4.35
CA VAL D 169 14.21 -12.51 3.09
C VAL D 169 14.33 -13.88 2.41
N ILE D 170 15.55 -14.26 2.08
CA ILE D 170 15.85 -15.61 1.65
C ILE D 170 16.78 -16.29 2.67
N PRO D 171 16.67 -17.63 2.83
CA PRO D 171 17.56 -18.30 3.79
C PRO D 171 19.00 -18.21 3.35
N GLN D 172 19.88 -17.94 4.31
CA GLN D 172 21.31 -17.95 4.06
C GLN D 172 21.96 -18.96 5.00
N ILE D 173 22.64 -19.94 4.45
CA ILE D 173 23.35 -20.89 5.29
C ILE D 173 24.82 -20.96 4.87
N SER D 174 25.70 -20.79 5.84
CA SER D 174 27.11 -20.86 5.53
C SER D 174 27.74 -22.17 5.98
N LEU D 175 28.31 -22.88 5.03
CA LEU D 175 28.98 -24.13 5.29
C LEU D 175 30.45 -23.82 5.50
N VAL D 176 30.91 -23.97 6.74
CA VAL D 176 32.29 -23.75 7.02
C VAL D 176 33.03 -25.08 6.96
N VAL D 177 33.84 -25.21 5.92
CA VAL D 177 34.66 -26.39 5.73
C VAL D 177 36.12 -26.04 6.01
N GLY D 178 36.75 -25.29 5.12
CA GLY D 178 38.09 -24.77 5.37
C GLY D 178 38.15 -23.69 6.45
N PRO D 179 39.13 -22.78 6.37
CA PRO D 179 39.28 -21.66 7.31
C PRO D 179 38.43 -20.42 6.97
N CYS D 180 38.19 -19.58 7.96
CA CYS D 180 37.49 -18.32 7.76
C CYS D 180 38.13 -17.33 8.72
N ALA D 181 38.97 -16.45 8.21
CA ALA D 181 39.87 -15.66 9.06
C ALA D 181 39.86 -14.16 8.75
N GLY D 182 39.66 -13.36 9.79
CA GLY D 182 39.66 -11.90 9.65
C GLY D 182 38.27 -11.39 9.34
N GLY D 183 38.13 -10.09 9.09
CA GLY D 183 36.85 -9.52 8.72
C GLY D 183 35.93 -10.43 7.92
N ALA D 184 36.51 -11.41 7.23
CA ALA D 184 35.73 -12.35 6.40
C ALA D 184 34.66 -13.10 7.19
N VAL D 185 34.96 -13.41 8.45
CA VAL D 185 34.09 -14.21 9.30
C VAL D 185 32.78 -13.51 9.56
N TYR D 186 32.65 -12.32 8.98
CA TYR D 186 31.50 -11.49 9.24
C TYR D 186 30.36 -11.81 8.30
N SER D 187 30.69 -12.32 7.13
CA SER D 187 29.62 -12.74 6.22
C SER D 187 28.85 -13.94 6.78
N PRO D 188 29.56 -15.04 7.15
CA PRO D 188 28.81 -16.14 7.78
C PRO D 188 28.10 -15.67 9.04
N ALA D 189 28.72 -14.75 9.78
CA ALA D 189 28.16 -14.30 11.05
C ALA D 189 26.74 -13.82 10.84
N ILE D 190 26.47 -13.26 9.67
CA ILE D 190 25.19 -12.62 9.45
C ILE D 190 24.20 -13.59 8.83
N THR D 191 24.72 -14.69 8.29
CA THR D 191 23.84 -15.73 7.75
C THR D 191 23.04 -16.40 8.85
N ASP D 192 21.99 -17.08 8.44
CA ASP D 192 21.04 -17.64 9.38
C ASP D 192 21.59 -18.80 10.18
N PHE D 193 22.39 -19.63 9.52
CA PHE D 193 22.92 -20.84 10.12
C PHE D 193 24.35 -21.11 9.64
N THR D 194 25.18 -21.54 10.58
CA THR D 194 26.52 -21.97 10.25
C THR D 194 26.75 -23.41 10.69
N VAL D 195 27.28 -24.22 9.78
CA VAL D 195 27.65 -25.61 10.06
C VAL D 195 29.15 -25.78 9.84
N MET D 196 29.85 -26.26 10.86
CA MET D 196 31.29 -26.51 10.77
C MET D 196 31.61 -28.03 10.85
N VAL D 197 32.84 -28.41 10.45
CA VAL D 197 33.29 -29.80 10.55
C VAL D 197 34.47 -29.95 11.53
N ASP D 198 34.40 -30.94 12.41
CA ASP D 198 35.41 -31.18 13.43
C ASP D 198 36.85 -31.11 12.91
N GLN D 199 37.68 -30.30 13.57
CA GLN D 199 39.13 -30.27 13.32
C GLN D 199 39.54 -29.79 11.92
N THR D 200 38.58 -29.68 11.00
CA THR D 200 38.94 -29.30 9.64
C THR D 200 38.34 -27.97 9.27
N SER D 201 38.06 -27.14 10.27
CA SER D 201 37.35 -25.89 10.04
C SER D 201 37.52 -24.95 11.21
N HIS D 202 37.86 -23.70 10.90
CA HIS D 202 38.14 -22.71 11.93
C HIS D 202 37.72 -21.30 11.51
N MET D 203 37.10 -20.57 12.44
CA MET D 203 36.77 -19.17 12.22
C MET D 203 37.48 -18.33 13.27
N PHE D 204 37.97 -17.15 12.86
CA PHE D 204 38.64 -16.22 13.77
C PHE D 204 39.00 -14.89 13.10
N ILE D 205 38.69 -13.77 13.76
CA ILE D 205 39.04 -12.44 13.21
C ILE D 205 40.54 -12.22 13.19
N THR D 206 41.20 -12.54 14.29
CA THR D 206 42.64 -12.40 14.39
C THR D 206 43.27 -13.76 14.76
N GLY D 207 44.49 -13.98 14.31
CA GLY D 207 45.18 -15.25 14.53
C GLY D 207 46.00 -15.31 15.81
N PRO D 208 46.32 -16.52 16.25
CA PRO D 208 46.98 -16.76 17.52
C PRO D 208 48.31 -16.03 17.67
N ASP D 209 49.15 -16.07 16.64
CA ASP D 209 50.47 -15.50 16.76
C ASP D 209 50.37 -14.00 17.05
N VAL D 210 49.31 -13.38 16.55
CA VAL D 210 49.04 -11.99 16.82
C VAL D 210 48.62 -11.84 18.28
N ILE D 211 47.91 -12.84 18.80
CA ILE D 211 47.43 -12.81 20.18
C ILE D 211 48.56 -12.90 21.21
N LYS D 212 49.48 -13.84 21.05
CA LYS D 212 50.61 -13.91 21.96
C LYS D 212 51.47 -12.63 21.87
N THR D 213 51.87 -12.28 20.64
CA THR D 213 52.52 -11.01 20.37
C THR D 213 51.90 -9.87 21.18
N VAL D 214 50.59 -9.69 21.04
CA VAL D 214 49.93 -8.57 21.69
C VAL D 214 49.49 -8.87 23.13
N THR D 215 49.03 -10.08 23.40
CA THR D 215 48.47 -10.37 24.73
C THR D 215 49.32 -11.28 25.62
N GLY D 216 50.15 -12.12 25.02
CA GLY D 216 51.00 -13.02 25.77
C GLY D 216 50.53 -14.46 25.81
N GLU D 217 49.25 -14.63 26.11
CA GLU D 217 48.65 -15.96 26.20
C GLU D 217 48.91 -16.75 24.92
N ASP D 218 48.99 -18.08 25.05
CA ASP D 218 49.25 -18.95 23.93
C ASP D 218 48.01 -19.76 23.57
N VAL D 219 47.85 -20.06 22.29
CA VAL D 219 46.70 -20.83 21.85
C VAL D 219 46.89 -21.40 20.44
N GLY D 220 46.36 -22.59 20.21
CA GLY D 220 46.33 -23.18 18.88
C GLY D 220 44.97 -23.02 18.20
N PHE D 221 44.97 -22.98 16.87
CA PHE D 221 43.74 -22.77 16.10
C PHE D 221 42.54 -23.49 16.69
N GLU D 222 42.71 -24.78 16.95
CA GLU D 222 41.64 -25.63 17.48
C GLU D 222 40.99 -25.06 18.75
N GLU D 223 41.79 -24.74 19.77
CA GLU D 223 41.22 -24.18 21.01
C GLU D 223 40.63 -22.79 20.78
N LEU D 224 41.16 -22.07 19.80
CA LEU D 224 40.77 -20.68 19.59
C LEU D 224 39.38 -20.55 18.97
N GLY D 225 39.20 -21.18 17.82
CA GLY D 225 37.95 -21.11 17.07
C GLY D 225 37.75 -22.32 16.18
N GLY D 226 38.04 -23.50 16.71
CA GLY D 226 37.81 -24.74 15.99
C GLY D 226 36.34 -25.06 15.97
N ALA D 227 35.97 -26.05 15.17
CA ALA D 227 34.57 -26.46 15.09
C ALA D 227 33.96 -26.54 16.49
N ARG D 228 34.61 -27.29 17.37
CA ARG D 228 34.05 -27.50 18.72
C ARG D 228 33.90 -26.21 19.54
N THR D 229 34.92 -25.37 19.59
CA THR D 229 34.79 -24.15 20.41
C THR D 229 33.64 -23.27 19.93
N HIS D 230 33.49 -23.12 18.62
CA HIS D 230 32.43 -22.26 18.10
C HIS D 230 31.05 -22.91 18.23
N ASN D 231 31.01 -24.22 18.44
CA ASN D 231 29.74 -24.90 18.63
C ASN D 231 29.33 -24.99 20.11
N SER D 232 30.29 -24.95 21.02
CA SER D 232 30.00 -25.16 22.45
C SER D 232 30.28 -23.94 23.30
N THR D 233 31.24 -23.14 22.88
CA THR D 233 31.78 -22.10 23.74
C THR D 233 31.41 -20.67 23.33
N SER D 234 31.39 -20.37 22.03
CA SER D 234 31.23 -19.00 21.55
C SER D 234 29.86 -18.69 20.91
N GLY D 235 29.08 -19.73 20.66
CA GLY D 235 27.74 -19.56 20.12
C GLY D 235 27.71 -19.09 18.67
N VAL D 236 28.86 -19.12 18.01
CA VAL D 236 28.94 -18.68 16.61
C VAL D 236 28.34 -19.72 15.66
N ALA D 237 28.63 -21.00 15.89
CA ALA D 237 28.15 -22.06 15.00
C ALA D 237 26.93 -22.81 15.53
N HIS D 238 26.10 -23.32 14.62
CA HIS D 238 24.86 -24.01 14.99
C HIS D 238 24.94 -25.53 14.99
N HIS D 239 26.03 -26.08 14.46
CA HIS D 239 26.20 -27.54 14.41
C HIS D 239 27.61 -27.92 14.02
N MET D 240 28.07 -29.06 14.52
CA MET D 240 29.38 -29.59 14.13
C MET D 240 29.18 -30.96 13.53
N ALA D 241 29.67 -31.17 12.31
CA ALA D 241 29.55 -32.45 11.63
C ALA D 241 30.88 -33.18 11.78
N GLY D 242 30.87 -34.50 11.58
CA GLY D 242 32.05 -35.32 11.74
C GLY D 242 32.97 -35.28 10.52
N ASP D 243 32.36 -35.17 9.35
CA ASP D 243 33.10 -35.00 8.11
C ASP D 243 32.21 -34.19 7.17
N GLU D 244 32.62 -34.07 5.92
CA GLU D 244 31.92 -33.23 4.96
C GLU D 244 30.49 -33.74 4.67
N LYS D 245 30.38 -35.02 4.36
CA LYS D 245 29.09 -35.63 4.03
C LYS D 245 28.06 -35.38 5.13
N ASP D 246 28.50 -35.39 6.38
CA ASP D 246 27.61 -35.12 7.51
C ASP D 246 27.09 -33.70 7.39
N ALA D 247 28.01 -32.75 7.20
CA ALA D 247 27.69 -31.32 7.13
C ALA D 247 26.76 -30.98 5.97
N VAL D 248 27.13 -31.42 4.77
CA VAL D 248 26.31 -31.26 3.56
C VAL D 248 24.90 -31.83 3.71
N GLU D 249 24.79 -33.00 4.33
CA GLU D 249 23.49 -33.62 4.56
C GLU D 249 22.71 -32.83 5.59
N TYR D 250 23.44 -32.18 6.49
CA TYR D 250 22.83 -31.39 7.54
C TYR D 250 22.23 -30.06 6.99
N VAL D 251 22.85 -29.50 5.96
CA VAL D 251 22.33 -28.29 5.32
C VAL D 251 21.09 -28.60 4.46
N LYS D 252 21.09 -29.74 3.79
CA LYS D 252 19.90 -30.21 3.08
C LYS D 252 18.73 -30.38 4.04
N GLN D 253 18.98 -31.14 5.09
CA GLN D 253 17.99 -31.36 6.12
C GLN D 253 17.45 -30.02 6.64
N LEU D 254 18.35 -29.04 6.74
CA LEU D 254 18.05 -27.69 7.22
C LEU D 254 17.10 -26.95 6.28
N LEU D 255 17.53 -26.80 5.03
CA LEU D 255 16.68 -26.29 3.96
C LEU D 255 15.28 -26.91 3.91
N SER D 256 15.19 -28.19 4.26
CA SER D 256 13.94 -28.89 4.02
C SER D 256 12.90 -28.42 5.04
N TYR D 257 13.37 -27.72 6.09
CA TYR D 257 12.44 -27.18 7.08
C TYR D 257 12.03 -25.73 6.76
N LEU D 258 12.73 -25.14 5.80
CA LEU D 258 12.66 -23.71 5.53
C LEU D 258 12.15 -23.42 4.13
N PRO D 259 11.35 -22.35 3.96
CA PRO D 259 10.85 -22.09 2.61
C PRO D 259 11.94 -21.48 1.75
N SER D 260 11.70 -21.34 0.46
CA SER D 260 12.70 -20.83 -0.47
C SER D 260 12.91 -19.35 -0.24
N ASN D 261 11.86 -18.67 0.24
CA ASN D 261 11.96 -17.29 0.64
C ASN D 261 10.85 -17.00 1.60
N ASN D 262 10.78 -15.73 2.02
CA ASN D 262 9.90 -15.34 3.12
C ASN D 262 8.47 -15.06 2.70
N LEU D 263 8.19 -15.20 1.41
CA LEU D 263 6.83 -15.00 0.89
C LEU D 263 6.07 -16.33 0.78
N SER D 264 6.80 -17.42 0.83
CA SER D 264 6.22 -18.76 0.88
C SER D 264 6.23 -19.30 2.29
N GLU D 265 5.30 -20.20 2.58
CA GLU D 265 5.29 -20.91 3.85
C GLU D 265 6.20 -22.13 3.83
N PRO D 266 6.52 -22.68 5.03
CA PRO D 266 7.46 -23.80 5.11
C PRO D 266 6.92 -24.96 4.32
N PRO D 267 7.77 -25.54 3.46
CA PRO D 267 7.34 -26.62 2.57
C PRO D 267 6.78 -27.76 3.44
N ALA D 268 5.78 -28.45 2.93
CA ALA D 268 5.06 -29.41 3.75
C ALA D 268 4.72 -30.69 2.97
N PHE D 269 4.63 -31.79 3.71
CA PHE D 269 4.13 -33.05 3.19
C PHE D 269 2.97 -33.45 4.07
N PRO D 270 1.77 -32.97 3.75
CA PRO D 270 0.60 -33.13 4.64
C PRO D 270 0.39 -34.58 5.04
N GLU D 271 0.29 -34.82 6.34
CA GLU D 271 0.04 -36.14 6.89
C GLU D 271 -1.04 -36.02 7.93
N GLU D 272 -1.91 -37.02 7.99
CA GLU D 272 -2.97 -37.04 9.00
C GLU D 272 -2.40 -37.45 10.34
N ALA D 273 -2.89 -36.84 11.41
CA ALA D 273 -2.41 -37.16 12.75
C ALA D 273 -3.34 -38.14 13.42
N ASP D 274 -2.80 -38.96 14.31
CA ASP D 274 -3.63 -39.82 15.12
C ASP D 274 -4.34 -38.93 16.14
N LEU D 275 -5.63 -38.71 15.96
CA LEU D 275 -6.39 -37.90 16.91
C LEU D 275 -6.75 -38.64 18.18
N ALA D 276 -6.47 -39.95 18.21
CA ALA D 276 -6.65 -40.76 19.40
C ALA D 276 -5.44 -40.61 20.32
N VAL D 277 -5.63 -40.84 21.61
CA VAL D 277 -4.52 -40.91 22.55
C VAL D 277 -3.73 -42.19 22.31
N THR D 278 -2.50 -42.07 21.85
CA THR D 278 -1.71 -43.23 21.51
C THR D 278 -0.99 -43.75 22.74
N ASP D 279 -0.46 -44.98 22.64
CA ASP D 279 0.36 -45.53 23.73
C ASP D 279 1.46 -44.52 24.10
N GLU D 280 1.96 -43.79 23.10
CA GLU D 280 3.07 -42.89 23.33
C GLU D 280 2.67 -41.73 24.23
N ASP D 281 1.62 -41.02 23.81
CA ASP D 281 1.02 -39.93 24.58
C ASP D 281 0.95 -40.28 26.07
N ALA D 282 0.67 -41.56 26.35
CA ALA D 282 0.45 -42.05 27.71
C ALA D 282 1.66 -41.90 28.63
N GLU D 283 2.86 -42.00 28.07
CA GLU D 283 4.08 -41.87 28.86
C GLU D 283 4.23 -40.49 29.51
N LEU D 284 3.66 -39.46 28.88
CA LEU D 284 3.81 -38.10 29.39
C LEU D 284 3.15 -37.98 30.75
N ASP D 285 2.11 -38.78 30.98
CA ASP D 285 1.41 -38.77 32.26
C ASP D 285 2.30 -39.14 33.46
N THR D 286 3.40 -39.85 33.22
CA THR D 286 4.32 -40.19 34.31
C THR D 286 5.75 -39.71 34.07
N ILE D 287 5.95 -38.93 33.01
CA ILE D 287 7.28 -38.39 32.67
C ILE D 287 7.92 -37.53 33.78
N VAL D 288 7.10 -36.76 34.50
CA VAL D 288 7.60 -35.84 35.53
C VAL D 288 7.70 -36.52 36.91
N PRO D 289 8.91 -36.55 37.47
CA PRO D 289 9.18 -37.11 38.80
C PRO D 289 8.37 -36.40 39.88
N ASP D 290 7.85 -37.16 40.85
CA ASP D 290 7.07 -36.59 41.95
C ASP D 290 7.86 -35.55 42.74
N SER D 291 9.16 -35.50 42.52
CA SER D 291 10.01 -34.61 43.28
C SER D 291 10.58 -33.47 42.43
N ALA D 292 10.39 -32.24 42.91
CA ALA D 292 10.87 -31.03 42.25
C ALA D 292 12.37 -31.08 41.89
N ASN D 293 13.20 -31.40 42.88
CA ASN D 293 14.64 -31.46 42.65
C ASN D 293 15.10 -32.51 41.61
N GLN D 294 14.27 -33.52 41.33
CA GLN D 294 14.60 -34.52 40.30
C GLN D 294 14.30 -34.02 38.88
N PRO D 295 15.31 -34.05 38.01
CA PRO D 295 15.12 -33.66 36.61
C PRO D 295 14.45 -34.76 35.77
N TYR D 296 13.94 -34.37 34.60
CA TYR D 296 13.51 -35.30 33.57
C TYR D 296 13.99 -34.71 32.23
N ASP D 297 14.07 -35.55 31.19
CA ASP D 297 14.59 -35.11 29.90
C ASP D 297 13.55 -34.50 28.97
N MET D 298 13.62 -33.17 28.78
CA MET D 298 12.69 -32.45 27.91
C MET D 298 12.63 -32.98 26.47
N HIS D 299 13.77 -33.43 25.94
CA HIS D 299 13.82 -34.08 24.62
C HIS D 299 12.68 -35.06 24.41
N SER D 300 12.33 -35.80 25.45
CA SER D 300 11.30 -36.83 25.31
C SER D 300 9.90 -36.26 25.24
N VAL D 301 9.64 -35.21 26.00
CA VAL D 301 8.42 -34.46 25.80
C VAL D 301 8.39 -33.97 24.33
N ILE D 302 9.48 -33.38 23.87
CA ILE D 302 9.60 -32.96 22.46
C ILE D 302 9.45 -34.12 21.48
N GLU D 303 10.24 -35.18 21.62
CA GLU D 303 10.18 -36.28 20.67
C GLU D 303 8.75 -36.85 20.58
N HIS D 304 8.06 -36.90 21.72
CA HIS D 304 6.68 -37.39 21.81
C HIS D 304 5.64 -36.57 21.06
N VAL D 305 5.83 -35.26 21.04
CA VAL D 305 5.03 -34.36 20.22
C VAL D 305 5.97 -34.04 19.08
N LEU D 306 5.68 -34.55 17.88
CA LEU D 306 6.50 -34.34 16.67
C LEU D 306 6.45 -35.61 15.81
N ASP D 307 6.30 -35.47 14.49
CA ASP D 307 6.23 -36.62 13.58
C ASP D 307 7.43 -37.55 13.76
N ASP D 308 7.13 -38.86 13.70
CA ASP D 308 8.14 -39.91 13.67
C ASP D 308 9.15 -39.73 14.78
N ALA D 309 8.69 -39.10 15.86
CA ALA D 309 9.55 -38.89 16.99
C ALA D 309 10.85 -38.16 16.58
N GLU D 310 10.83 -37.42 15.47
CA GLU D 310 12.04 -36.71 14.99
C GLU D 310 12.19 -35.22 15.38
N PHE D 311 13.24 -34.95 16.14
CA PHE D 311 13.64 -33.62 16.56
C PHE D 311 15.03 -33.34 15.97
N PHE D 312 15.12 -32.27 15.19
CA PHE D 312 16.35 -31.91 14.51
C PHE D 312 16.94 -30.75 15.28
N GLU D 313 18.00 -31.03 16.02
CA GLU D 313 18.56 -30.04 16.96
C GLU D 313 19.53 -29.03 16.34
N THR D 314 19.35 -27.76 16.71
CA THR D 314 20.35 -26.74 16.42
C THR D 314 21.11 -26.38 17.70
N GLN D 315 22.39 -26.08 17.53
CA GLN D 315 23.24 -25.65 18.63
C GLN D 315 23.17 -26.55 19.88
N PRO D 316 23.52 -27.84 19.72
CA PRO D 316 23.44 -28.83 20.81
C PRO D 316 24.52 -28.61 21.86
N LEU D 317 25.66 -28.07 21.46
CA LEU D 317 26.79 -27.91 22.37
C LEU D 317 26.83 -26.54 23.11
N PHE D 318 26.04 -25.59 22.64
CA PHE D 318 26.05 -24.25 23.21
C PHE D 318 24.75 -24.05 23.99
N ALA D 319 24.87 -23.65 25.26
CA ALA D 319 23.70 -23.43 26.11
C ALA D 319 22.78 -24.66 26.11
N PRO D 320 23.28 -25.79 26.60
CA PRO D 320 22.47 -27.01 26.62
C PRO D 320 21.40 -26.93 27.71
N ASN D 321 21.28 -25.79 28.38
CA ASN D 321 20.20 -25.59 29.36
C ASN D 321 18.88 -25.20 28.69
N ILE D 322 18.95 -24.96 27.39
CA ILE D 322 17.76 -24.71 26.58
C ILE D 322 17.97 -25.47 25.27
N LEU D 323 16.87 -25.92 24.67
CA LEU D 323 16.92 -26.71 23.44
C LEU D 323 16.26 -25.94 22.30
N THR D 324 16.94 -25.87 21.15
CA THR D 324 16.36 -25.25 19.96
C THR D 324 16.47 -26.12 18.71
N GLY D 325 15.44 -26.08 17.86
CA GLY D 325 15.46 -26.86 16.64
C GLY D 325 14.15 -26.93 15.89
N PHE D 326 14.10 -27.82 14.91
CA PHE D 326 12.92 -28.04 14.09
C PHE D 326 12.38 -29.46 14.20
N GLY D 327 11.13 -29.64 13.78
CA GLY D 327 10.50 -30.93 13.66
C GLY D 327 9.33 -30.75 12.72
N ARG D 328 8.39 -31.68 12.73
CA ARG D 328 7.19 -31.54 11.93
C ARG D 328 5.98 -31.97 12.73
N VAL D 329 4.88 -31.28 12.52
CA VAL D 329 3.60 -31.73 13.03
C VAL D 329 2.69 -31.83 11.83
N GLU D 330 2.11 -33.02 11.64
CA GLU D 330 1.30 -33.30 10.46
C GLU D 330 2.03 -32.91 9.18
N GLY D 331 3.32 -33.22 9.09
CA GLY D 331 4.06 -32.93 7.87
C GLY D 331 4.59 -31.51 7.70
N ARG D 332 4.25 -30.61 8.63
CA ARG D 332 4.63 -29.20 8.53
C ARG D 332 5.72 -28.76 9.50
N PRO D 333 6.81 -28.18 8.96
CA PRO D 333 7.92 -27.68 9.75
C PRO D 333 7.47 -26.83 10.94
N VAL D 334 8.22 -26.94 12.02
CA VAL D 334 7.89 -26.30 13.29
C VAL D 334 9.18 -26.02 14.02
N GLY D 335 9.19 -25.08 14.96
CA GLY D 335 10.41 -24.78 15.71
C GLY D 335 10.21 -25.04 17.17
N ILE D 336 11.31 -25.34 17.87
CA ILE D 336 11.23 -25.64 19.27
C ILE D 336 12.13 -24.75 20.12
N VAL D 337 11.55 -24.24 21.18
CA VAL D 337 12.31 -23.60 22.21
C VAL D 337 11.86 -24.33 23.47
N ALA D 338 12.80 -24.96 24.19
CA ALA D 338 12.47 -25.78 25.34
C ALA D 338 13.52 -25.73 26.45
N ASN D 339 13.09 -25.57 27.70
CA ASN D 339 14.01 -25.65 28.83
C ASN D 339 14.36 -27.11 29.11
N GLN D 340 15.64 -27.38 29.41
CA GLN D 340 16.09 -28.74 29.68
C GLN D 340 16.43 -28.95 31.16
N PRO D 341 15.46 -29.45 31.95
CA PRO D 341 15.63 -29.59 33.39
C PRO D 341 16.82 -30.46 33.76
N MET D 342 17.27 -31.27 32.81
CA MET D 342 18.41 -32.16 33.00
C MET D 342 19.69 -31.35 32.94
N GLN D 343 19.55 -30.04 32.82
CA GLN D 343 20.70 -29.18 32.63
C GLN D 343 20.54 -27.85 33.35
N PHE D 344 21.24 -27.73 34.48
CA PHE D 344 21.21 -26.51 35.28
C PHE D 344 19.80 -26.24 35.79
N ALA D 345 19.16 -27.33 36.24
CA ALA D 345 17.79 -27.31 36.72
C ALA D 345 16.84 -26.63 35.72
N GLY D 346 17.34 -26.34 34.52
CA GLY D 346 16.53 -25.75 33.47
C GLY D 346 16.46 -24.23 33.54
N CYS D 347 17.45 -23.62 34.16
CA CYS D 347 17.44 -22.18 34.34
C CYS D 347 17.88 -21.46 33.08
N LEU D 348 17.58 -20.17 33.04
CA LEU D 348 17.99 -19.31 31.95
C LEU D 348 19.27 -18.57 32.31
N ASP D 349 20.16 -18.40 31.32
CA ASP D 349 21.33 -17.56 31.50
C ASP D 349 21.56 -16.71 30.28
N ILE D 350 22.81 -16.33 30.07
CA ILE D 350 23.18 -15.46 28.97
C ILE D 350 23.18 -16.18 27.63
N THR D 351 23.86 -17.31 27.59
CA THR D 351 23.98 -18.08 26.36
C THR D 351 22.60 -18.62 25.91
N ALA D 352 21.81 -19.15 26.85
CA ALA D 352 20.44 -19.61 26.56
C ALA D 352 19.58 -18.51 25.93
N SER D 353 19.48 -17.38 26.65
CA SER D 353 18.70 -16.24 26.18
C SER D 353 19.07 -15.84 24.76
N GLU D 354 20.38 -15.84 24.46
CA GLU D 354 20.87 -15.42 23.15
C GLU D 354 20.69 -16.45 22.05
N LYS D 355 20.98 -17.71 22.36
CA LYS D 355 20.86 -18.78 21.41
C LYS D 355 19.43 -18.90 20.90
N ALA D 356 18.48 -18.78 21.83
CA ALA D 356 17.07 -19.03 21.57
C ALA D 356 16.39 -17.82 20.94
N ALA D 357 16.62 -16.64 21.53
CA ALA D 357 16.04 -15.41 21.02
C ALA D 357 16.21 -15.30 19.50
N ARG D 358 17.41 -15.60 19.00
CA ARG D 358 17.66 -15.55 17.56
C ARG D 358 17.07 -16.72 16.76
N PHE D 359 16.77 -17.82 17.43
CA PHE D 359 16.13 -18.92 16.73
C PHE D 359 14.68 -18.52 16.55
N VAL D 360 14.09 -17.96 17.58
CA VAL D 360 12.72 -17.49 17.49
C VAL D 360 12.57 -16.46 16.36
N ARG D 361 13.58 -15.62 16.17
CA ARG D 361 13.49 -14.60 15.12
C ARG D 361 13.67 -15.23 13.76
N THR D 362 14.47 -16.27 13.71
CA THR D 362 14.74 -16.96 12.46
C THR D 362 13.45 -17.66 12.00
N CYS D 363 12.83 -18.39 12.91
CA CYS D 363 11.59 -19.05 12.59
C CYS D 363 10.55 -18.02 12.19
N ASP D 364 10.55 -16.88 12.86
CA ASP D 364 9.55 -15.86 12.57
C ASP D 364 9.77 -15.27 11.18
N ALA D 365 11.01 -14.91 10.88
CA ALA D 365 11.30 -14.33 9.58
C ALA D 365 10.81 -15.24 8.49
N PHE D 366 10.88 -16.54 8.73
CA PHE D 366 10.58 -17.51 7.67
C PHE D 366 9.30 -18.34 7.86
N ASN D 367 8.40 -17.83 8.70
CA ASN D 367 7.05 -18.34 8.80
C ASN D 367 6.89 -19.75 9.35
N VAL D 368 7.92 -20.24 10.03
CA VAL D 368 7.79 -21.50 10.73
C VAL D 368 7.35 -21.27 12.18
N PRO D 369 6.21 -21.88 12.56
CA PRO D 369 5.58 -21.82 13.88
C PRO D 369 6.55 -22.22 14.98
N VAL D 370 6.33 -21.68 16.18
CA VAL D 370 7.18 -21.96 17.32
C VAL D 370 6.41 -22.58 18.47
N LEU D 371 6.91 -23.72 18.94
CA LEU D 371 6.30 -24.43 20.03
C LEU D 371 7.28 -24.33 21.17
N THR D 372 6.80 -23.86 22.32
CA THR D 372 7.68 -23.67 23.46
C THR D 372 7.29 -24.57 24.63
N PHE D 373 8.29 -25.25 25.21
CA PHE D 373 8.10 -26.10 26.39
C PHE D 373 8.91 -25.56 27.60
N VAL D 374 8.23 -25.30 28.71
CA VAL D 374 8.91 -24.61 29.78
C VAL D 374 8.81 -25.27 31.16
N ASP D 375 9.98 -25.32 31.80
CA ASP D 375 10.18 -25.86 33.14
C ASP D 375 11.32 -25.00 33.65
N VAL D 376 10.98 -23.87 34.26
CA VAL D 376 12.01 -22.88 34.53
C VAL D 376 12.04 -22.39 35.98
N PRO D 377 13.15 -22.67 36.68
CA PRO D 377 13.26 -22.25 38.07
C PRO D 377 13.46 -20.75 38.10
N GLY D 378 14.30 -20.27 37.20
CA GLY D 378 14.53 -18.85 37.03
C GLY D 378 15.84 -18.62 36.31
N PHE D 379 16.46 -17.48 36.55
CA PHE D 379 17.71 -17.12 35.89
C PHE D 379 18.92 -17.56 36.72
N LEU D 380 19.99 -17.94 36.03
CA LEU D 380 21.22 -18.34 36.67
C LEU D 380 21.72 -17.27 37.66
N PRO D 381 21.67 -17.58 38.97
CA PRO D 381 22.23 -16.62 39.92
C PRO D 381 23.73 -16.52 39.70
N GLY D 382 24.24 -15.30 39.70
CA GLY D 382 25.63 -15.04 39.40
C GLY D 382 25.96 -13.55 39.22
N VAL D 383 27.07 -13.15 39.83
CA VAL D 383 27.58 -11.79 39.69
C VAL D 383 28.23 -11.60 38.33
N ASP D 384 28.83 -12.66 37.80
CA ASP D 384 29.43 -12.55 36.47
C ASP D 384 28.33 -12.42 35.43
N GLN D 385 27.13 -12.87 35.79
CA GLN D 385 26.00 -12.77 34.88
C GLN D 385 25.57 -11.30 34.70
N GLU D 386 25.64 -10.51 35.76
CA GLU D 386 25.25 -9.10 35.67
C GLU D 386 26.34 -8.27 35.00
N HIS D 387 27.59 -8.54 35.36
CA HIS D 387 28.71 -7.77 34.80
C HIS D 387 28.94 -8.11 33.33
N ASP D 388 28.20 -9.10 32.83
CA ASP D 388 28.23 -9.43 31.42
C ASP D 388 26.95 -8.93 30.70
N GLY D 389 25.99 -8.45 31.49
CA GLY D 389 24.83 -7.76 30.95
C GLY D 389 23.56 -8.57 30.75
N ILE D 390 23.24 -9.42 31.73
CA ILE D 390 22.00 -10.20 31.67
C ILE D 390 20.73 -9.36 31.45
N ILE D 391 20.73 -8.11 31.93
CA ILE D 391 19.58 -7.23 31.70
C ILE D 391 19.36 -7.03 30.21
N ARG D 392 20.44 -6.74 29.47
CA ARG D 392 20.34 -6.48 28.03
C ARG D 392 20.40 -7.73 27.13
N ARG D 393 20.91 -8.84 27.64
CA ARG D 393 21.05 -10.05 26.82
C ARG D 393 19.80 -10.92 26.86
N GLY D 394 19.22 -11.07 28.04
CA GLY D 394 18.01 -11.86 28.22
C GLY D 394 16.77 -11.11 27.82
N ALA D 395 16.92 -9.81 27.58
CA ALA D 395 15.78 -9.01 27.15
C ALA D 395 15.39 -9.43 25.75
N LYS D 396 16.35 -9.94 25.00
CA LYS D 396 16.15 -10.23 23.58
C LYS D 396 15.18 -11.38 23.33
N LEU D 397 15.19 -12.39 24.21
CA LEU D 397 14.26 -13.50 24.13
C LEU D 397 12.83 -12.97 24.30
N ILE D 398 12.66 -12.10 25.29
CA ILE D 398 11.38 -11.44 25.53
C ILE D 398 10.99 -10.70 24.25
N PHE D 399 11.98 -10.11 23.60
CA PHE D 399 11.74 -9.30 22.41
C PHE D 399 11.38 -10.20 21.22
N ALA D 400 12.10 -11.30 21.06
CA ALA D 400 11.86 -12.22 19.94
C ALA D 400 10.41 -12.67 19.95
N TYR D 401 9.91 -12.98 21.13
CA TYR D 401 8.56 -13.54 21.28
C TYR D 401 7.44 -12.52 21.05
N ALA D 402 7.50 -11.39 21.76
CA ALA D 402 6.52 -10.31 21.59
C ALA D 402 6.40 -9.83 20.14
N GLU D 403 7.53 -9.89 19.43
CA GLU D 403 7.63 -9.43 18.05
C GLU D 403 7.11 -10.46 17.03
N ALA D 404 7.28 -11.74 17.34
CA ALA D 404 6.92 -12.84 16.43
C ALA D 404 5.47 -12.79 15.95
N THR D 405 5.24 -13.17 14.70
CA THR D 405 3.88 -13.12 14.17
C THR D 405 3.39 -14.52 13.84
N VAL D 406 4.32 -15.41 13.52
CA VAL D 406 4.00 -16.81 13.35
C VAL D 406 3.26 -17.33 14.58
N PRO D 407 2.54 -18.45 14.44
CA PRO D 407 1.84 -19.06 15.57
C PRO D 407 2.75 -19.48 16.73
N LEU D 408 2.25 -19.29 17.94
CA LEU D 408 2.99 -19.58 19.16
C LEU D 408 2.10 -20.35 20.11
N ILE D 409 2.44 -21.62 20.27
CA ILE D 409 1.79 -22.47 21.24
C ILE D 409 2.86 -22.75 22.24
N THR D 410 2.52 -22.54 23.50
CA THR D 410 3.47 -22.77 24.59
C THR D 410 2.86 -23.71 25.63
N VAL D 411 3.71 -24.58 26.17
CA VAL D 411 3.26 -25.57 27.13
C VAL D 411 4.15 -25.57 28.35
N ILE D 412 3.55 -25.38 29.51
CA ILE D 412 4.27 -25.32 30.77
C ILE D 412 4.21 -26.70 31.39
N THR D 413 5.32 -27.42 31.36
CA THR D 413 5.35 -28.77 31.89
C THR D 413 5.61 -28.77 33.40
N ARG D 414 6.07 -27.65 33.94
CA ARG D 414 6.50 -27.69 35.32
C ARG D 414 6.65 -26.35 36.04
N LYS D 415 7.87 -25.81 36.07
CA LYS D 415 8.15 -24.60 36.84
C LYS D 415 8.02 -23.33 36.02
N ALA D 416 7.27 -22.37 36.54
CA ALA D 416 7.14 -21.05 35.93
C ALA D 416 7.26 -19.95 36.96
N PHE D 417 8.49 -19.57 37.32
CA PHE D 417 8.71 -18.52 38.34
C PHE D 417 9.14 -17.17 37.79
N GLY D 418 8.48 -16.12 38.28
CA GLY D 418 8.96 -14.75 38.14
C GLY D 418 9.12 -14.17 36.74
N GLY D 419 10.35 -13.81 36.41
CA GLY D 419 10.63 -13.17 35.13
C GLY D 419 10.77 -14.16 34.00
N ALA D 420 11.30 -15.33 34.34
CA ALA D 420 11.58 -16.36 33.36
C ALA D 420 10.26 -16.91 32.80
N TYR D 421 9.18 -16.78 33.58
CA TYR D 421 7.84 -17.10 33.10
C TYR D 421 7.44 -16.25 31.92
N ASN D 422 7.55 -14.93 32.02
CA ASN D 422 7.27 -14.13 30.83
C ASN D 422 8.18 -14.48 29.67
N VAL D 423 9.49 -14.49 29.96
CA VAL D 423 10.50 -14.74 28.95
C VAL D 423 10.16 -15.95 28.11
N MET D 424 9.73 -17.02 28.77
CA MET D 424 9.39 -18.28 28.09
C MET D 424 7.98 -18.25 27.48
N GLY D 425 7.79 -17.38 26.48
CA GLY D 425 6.64 -17.39 25.61
C GLY D 425 5.25 -17.27 26.20
N SER D 426 5.12 -16.58 27.34
CA SER D 426 3.83 -16.40 27.99
C SER D 426 2.79 -15.71 27.08
N LYS D 427 1.51 -15.80 27.48
CA LYS D 427 0.42 -15.17 26.74
C LYS D 427 0.60 -13.66 26.66
N HIS D 428 1.28 -13.12 27.66
CA HIS D 428 1.48 -11.70 27.77
C HIS D 428 2.40 -11.18 26.68
N LEU D 429 3.25 -12.04 26.14
CA LEU D 429 4.12 -11.65 25.03
C LEU D 429 3.47 -11.89 23.66
N GLY D 430 2.18 -12.23 23.63
CA GLY D 430 1.47 -12.45 22.37
C GLY D 430 1.19 -13.91 21.99
N ALA D 431 1.57 -14.85 22.84
CA ALA D 431 1.42 -16.27 22.51
C ALA D 431 -0.04 -16.66 22.28
N ASP D 432 -0.27 -17.45 21.24
CA ASP D 432 -1.61 -17.79 20.81
C ASP D 432 -2.20 -18.88 21.70
N LEU D 433 -1.37 -19.85 22.07
CA LEU D 433 -1.88 -20.97 22.88
C LEU D 433 -1.00 -21.30 24.08
N ASN D 434 -1.58 -21.14 25.26
CA ASN D 434 -0.87 -21.40 26.51
C ASN D 434 -1.55 -22.47 27.35
N LEU D 435 -0.84 -23.57 27.54
CA LEU D 435 -1.37 -24.75 28.22
C LEU D 435 -0.42 -25.19 29.30
N ALA D 436 -0.97 -25.72 30.38
CA ALA D 436 -0.14 -26.07 31.52
C ALA D 436 -0.56 -27.43 32.07
N TRP D 437 0.41 -28.21 32.49
CA TRP D 437 0.12 -29.49 33.11
C TRP D 437 -0.21 -29.26 34.59
N PRO D 438 -0.79 -30.28 35.25
CA PRO D 438 -1.12 -30.20 36.69
C PRO D 438 0.17 -30.14 37.50
N THR D 439 1.29 -30.33 36.80
CA THR D 439 2.61 -30.32 37.41
C THR D 439 3.18 -28.91 37.40
N ALA D 440 2.53 -28.03 36.63
CA ALA D 440 2.97 -26.65 36.52
C ALA D 440 2.88 -25.91 37.83
N GLN D 441 3.98 -25.27 38.20
CA GLN D 441 3.99 -24.37 39.34
C GLN D 441 4.08 -22.95 38.77
N ILE D 442 2.99 -22.22 38.86
CA ILE D 442 2.92 -20.86 38.36
C ILE D 442 2.90 -19.87 39.53
N ALA D 443 3.94 -19.02 39.60
CA ALA D 443 4.10 -18.09 40.71
C ALA D 443 5.28 -17.13 40.55
N VAL D 444 5.23 -16.02 41.29
CA VAL D 444 6.23 -14.98 41.12
C VAL D 444 7.59 -15.44 41.65
N MET D 445 7.57 -16.48 42.47
CA MET D 445 8.81 -16.95 43.08
C MET D 445 8.53 -18.19 43.91
N GLY D 446 9.57 -18.98 44.14
CA GLY D 446 9.44 -20.22 44.88
C GLY D 446 8.92 -20.04 46.29
N ALA D 447 8.25 -21.08 46.80
CA ALA D 447 7.69 -21.05 48.15
C ALA D 447 8.75 -20.75 49.20
N GLN D 448 10.01 -20.98 48.85
CA GLN D 448 11.13 -20.67 49.75
C GLN D 448 11.22 -19.17 49.99
N GLY D 449 11.75 -18.45 49.01
CA GLY D 449 11.96 -17.01 49.12
C GLY D 449 10.70 -16.19 49.29
N ALA D 450 9.54 -16.84 49.20
CA ALA D 450 8.25 -16.16 49.29
C ALA D 450 7.75 -16.02 50.73
N VAL D 451 7.76 -17.12 51.49
CA VAL D 451 7.22 -17.11 52.83
C VAL D 451 8.13 -16.30 53.76
N ASN D 452 9.43 -16.51 53.62
CA ASN D 452 10.41 -15.80 54.44
C ASN D 452 10.38 -14.30 54.16
N ILE D 453 9.46 -13.90 53.30
CA ILE D 453 9.29 -12.51 52.90
C ILE D 453 7.88 -12.02 53.20
N LEU D 454 6.89 -12.85 52.89
CA LEU D 454 5.49 -12.55 53.21
C LEU D 454 5.19 -12.50 54.69
N HIS D 455 5.88 -13.33 55.47
CA HIS D 455 5.68 -13.32 56.91
C HIS D 455 6.97 -13.62 57.66
N ARG D 456 7.85 -12.64 57.73
CA ARG D 456 9.05 -12.76 58.55
C ARG D 456 8.71 -12.28 59.95
N ARG D 457 7.55 -11.63 60.04
CA ARG D 457 6.91 -11.34 61.31
C ARG D 457 6.28 -12.64 61.84
N THR D 458 6.91 -13.75 61.46
CA THR D 458 6.50 -15.08 61.91
C THR D 458 7.62 -16.12 61.80
N ILE D 459 8.84 -15.68 61.49
CA ILE D 459 9.97 -16.59 61.59
C ILE D 459 10.86 -16.27 62.80
N ALA D 460 11.45 -15.09 62.83
CA ALA D 460 12.23 -14.69 63.99
C ALA D 460 11.30 -14.10 65.05
N ASP D 461 10.01 -14.05 64.73
CA ASP D 461 9.03 -13.37 65.57
C ASP D 461 7.79 -14.22 65.85
N ALA D 462 7.21 -14.00 67.03
CA ALA D 462 5.98 -14.68 67.44
C ALA D 462 6.16 -16.20 67.42
N GLY D 463 7.39 -16.65 67.33
CA GLY D 463 7.66 -18.06 67.17
C GLY D 463 8.53 -18.67 68.26
N ASP D 464 8.43 -19.98 68.42
CA ASP D 464 9.24 -20.70 69.40
C ASP D 464 10.43 -21.32 68.70
N ASP D 465 10.19 -22.42 68.00
CA ASP D 465 11.22 -23.09 67.25
C ASP D 465 11.71 -22.19 66.12
N ALA D 466 13.03 -21.97 66.07
CA ALA D 466 13.64 -21.10 65.08
C ALA D 466 13.12 -21.37 63.65
N GLU D 467 12.56 -22.55 63.45
CA GLU D 467 12.04 -22.96 62.15
C GLU D 467 10.66 -23.59 62.30
N ALA D 468 9.82 -22.94 63.10
CA ALA D 468 8.49 -23.46 63.42
C ALA D 468 7.60 -23.57 62.18
N THR D 469 7.53 -22.50 61.41
CA THR D 469 6.61 -22.42 60.28
C THR D 469 7.30 -22.44 58.91
N ARG D 470 8.63 -22.53 58.90
CA ARG D 470 9.39 -22.67 57.66
C ARG D 470 9.37 -24.10 57.15
N ALA D 471 8.30 -24.82 57.47
CA ALA D 471 8.09 -26.17 56.99
C ALA D 471 6.60 -26.37 56.81
N ARG D 472 5.82 -25.37 57.23
CA ARG D 472 4.38 -25.51 57.32
C ARG D 472 3.66 -24.37 56.62
N LEU D 473 4.03 -23.14 56.97
CA LEU D 473 3.50 -21.98 56.27
C LEU D 473 3.93 -22.05 54.80
N ILE D 474 5.05 -22.75 54.56
CA ILE D 474 5.52 -23.05 53.21
C ILE D 474 4.59 -24.06 52.55
N GLN D 475 4.45 -25.20 53.20
CA GLN D 475 3.59 -26.30 52.76
C GLN D 475 2.22 -25.80 52.35
N GLU D 476 1.67 -24.94 53.20
CA GLU D 476 0.30 -24.44 53.11
C GLU D 476 0.04 -23.63 51.83
N TYR D 477 0.93 -22.69 51.51
CA TYR D 477 0.79 -21.91 50.29
C TYR D 477 1.30 -22.68 49.08
N GLU D 478 2.39 -23.41 49.26
CA GLU D 478 2.89 -24.25 48.19
C GLU D 478 1.79 -25.18 47.68
N ASP D 479 0.87 -25.56 48.57
CA ASP D 479 -0.30 -26.34 48.16
C ASP D 479 -1.29 -25.45 47.39
N ALA D 480 -1.56 -24.27 47.93
CA ALA D 480 -2.56 -23.35 47.40
C ALA D 480 -2.07 -22.40 46.31
N LEU D 481 -0.78 -22.44 45.97
CA LEU D 481 -0.21 -21.39 45.14
C LEU D 481 0.67 -21.94 44.02
N LEU D 482 1.46 -22.97 44.33
CA LEU D 482 2.33 -23.59 43.34
C LEU D 482 1.62 -24.66 42.51
N ASN D 483 0.36 -24.36 42.17
CA ASN D 483 -0.40 -25.06 41.14
C ASN D 483 -0.54 -24.15 39.93
N PRO D 484 -0.97 -24.70 38.78
CA PRO D 484 -1.12 -23.85 37.60
C PRO D 484 -2.48 -23.17 37.62
N TYR D 485 -3.24 -23.40 38.69
CA TYR D 485 -4.64 -23.01 38.72
C TYR D 485 -4.94 -21.52 38.94
N THR D 486 -4.03 -20.79 39.59
CA THR D 486 -4.27 -19.35 39.76
C THR D 486 -4.32 -18.73 38.37
N ALA D 487 -3.24 -18.94 37.62
CA ALA D 487 -3.17 -18.42 36.26
C ALA D 487 -4.39 -18.87 35.45
N ALA D 488 -4.83 -20.10 35.65
CA ALA D 488 -6.00 -20.62 34.95
C ALA D 488 -7.23 -19.78 35.24
N GLU D 489 -7.32 -19.23 36.45
CA GLU D 489 -8.44 -18.38 36.83
C GLU D 489 -8.44 -17.14 35.95
N ARG D 490 -7.26 -16.55 35.81
CA ARG D 490 -7.09 -15.26 35.15
C ARG D 490 -7.10 -15.40 33.65
N GLY D 491 -6.86 -16.62 33.18
CA GLY D 491 -6.82 -16.90 31.75
C GLY D 491 -5.42 -16.77 31.17
N TYR D 492 -4.42 -16.67 32.04
CA TYR D 492 -3.03 -16.58 31.61
C TYR D 492 -2.58 -17.86 30.92
N VAL D 493 -3.30 -18.94 31.23
CA VAL D 493 -3.23 -20.22 30.50
C VAL D 493 -4.61 -20.59 29.98
N ASP D 494 -4.70 -20.80 28.67
CA ASP D 494 -5.94 -21.16 28.01
C ASP D 494 -6.59 -22.40 28.62
N ALA D 495 -5.78 -23.31 29.14
CA ALA D 495 -6.30 -24.50 29.80
C ALA D 495 -5.21 -25.32 30.50
N VAL D 496 -5.62 -26.12 31.47
CA VAL D 496 -4.69 -27.09 32.06
C VAL D 496 -5.09 -28.51 31.67
N ILE D 497 -4.16 -29.23 31.07
CA ILE D 497 -4.45 -30.48 30.37
C ILE D 497 -3.59 -31.63 30.87
N MET D 498 -4.00 -32.85 30.57
CA MET D 498 -3.17 -34.01 30.90
C MET D 498 -1.94 -33.93 30.01
N PRO D 499 -0.77 -34.27 30.56
CA PRO D 499 0.44 -34.31 29.72
C PRO D 499 0.24 -35.20 28.50
N SER D 500 -0.47 -36.32 28.64
CA SER D 500 -0.66 -37.21 27.50
C SER D 500 -1.30 -36.46 26.32
N ASP D 501 -2.11 -35.46 26.62
CA ASP D 501 -2.90 -34.80 25.60
C ASP D 501 -2.22 -33.67 24.82
N THR D 502 -0.98 -33.35 25.15
CA THR D 502 -0.34 -32.17 24.56
C THR D 502 -0.13 -32.26 23.03
N ARG D 503 0.29 -33.42 22.53
CA ARG D 503 0.45 -33.57 21.09
C ARG D 503 -0.89 -33.34 20.40
N ARG D 504 -1.95 -33.88 20.98
CA ARG D 504 -3.29 -33.67 20.43
C ARG D 504 -3.70 -32.19 20.41
N HIS D 505 -3.43 -31.47 21.50
CA HIS D 505 -3.64 -30.01 21.56
C HIS D 505 -2.81 -29.24 20.54
N ILE D 506 -1.54 -29.61 20.43
CA ILE D 506 -0.64 -29.00 19.47
C ILE D 506 -1.04 -29.21 18.00
N VAL D 507 -1.22 -30.46 17.60
CA VAL D 507 -1.66 -30.82 16.26
C VAL D 507 -2.87 -29.99 15.85
N ARG D 508 -3.82 -29.91 16.77
CA ARG D 508 -5.08 -29.23 16.52
C ARG D 508 -4.99 -27.70 16.56
N GLY D 509 -4.23 -27.17 17.53
CA GLY D 509 -4.02 -25.73 17.66
C GLY D 509 -3.29 -25.15 16.45
N LEU D 510 -2.24 -25.82 15.98
CA LEU D 510 -1.61 -25.45 14.70
C LEU D 510 -2.56 -25.50 13.51
N ARG D 511 -3.49 -26.44 13.50
CA ARG D 511 -4.44 -26.47 12.40
C ARG D 511 -5.19 -25.16 12.49
N GLN D 512 -5.56 -24.79 13.70
CA GLN D 512 -6.39 -23.62 13.87
C GLN D 512 -5.57 -22.37 13.52
N LEU D 513 -4.32 -22.34 13.97
CA LEU D 513 -3.47 -21.16 13.78
C LEU D 513 -2.83 -21.04 12.39
N ARG D 514 -3.01 -22.03 11.53
CA ARG D 514 -2.36 -21.97 10.23
C ARG D 514 -2.61 -20.62 9.54
N THR D 515 -3.77 -20.02 9.83
CA THR D 515 -4.23 -18.85 9.11
C THR D 515 -4.06 -17.63 9.99
N LYS D 516 -3.04 -17.63 10.84
CA LYS D 516 -2.82 -16.53 11.77
C LYS D 516 -2.29 -15.27 11.08
N ARG D 517 -3.05 -14.18 11.13
CA ARG D 517 -2.58 -12.91 10.55
C ARG D 517 -2.37 -11.80 11.63
N GLU D 518 -1.49 -10.83 11.37
CA GLU D 518 -1.20 -9.77 12.36
C GLU D 518 -0.95 -8.36 11.79
N SER D 519 -0.45 -7.47 12.64
CA SER D 519 -0.23 -6.05 12.25
C SER D 519 0.66 -5.31 13.27
N LEU D 520 0.77 -3.98 13.14
CA LEU D 520 1.60 -3.13 14.00
C LEU D 520 1.84 -1.78 13.29
N PRO D 521 2.36 -0.76 14.00
CA PRO D 521 2.66 0.47 13.25
C PRO D 521 4.03 0.43 12.55
N PRO D 522 4.12 0.97 11.33
CA PRO D 522 5.37 0.87 10.58
C PRO D 522 6.56 1.40 11.34
N LYS D 523 7.63 0.63 11.24
CA LYS D 523 8.95 1.07 11.66
C LYS D 523 9.86 0.58 10.56
N LYS D 524 10.98 1.26 10.39
CA LYS D 524 12.02 0.83 9.47
C LYS D 524 12.55 -0.48 10.05
N HIS D 525 12.57 -0.52 11.38
CA HIS D 525 12.90 -1.72 12.12
C HIS D 525 12.81 -1.43 13.59
N GLY D 526 12.88 -2.50 14.38
CA GLY D 526 12.86 -2.39 15.83
C GLY D 526 14.24 -2.06 16.32
N ASN D 527 14.40 -2.00 17.64
CA ASN D 527 15.69 -1.70 18.22
C ASN D 527 16.17 -2.67 19.29
N ILE D 528 15.87 -3.97 19.14
CA ILE D 528 16.30 -4.98 20.11
C ILE D 528 17.54 -4.57 20.93
N PRO D 529 17.50 -4.79 22.24
CA PRO D 529 18.78 -4.72 22.96
C PRO D 529 19.85 -5.50 22.20
N LEU D 530 21.09 -5.04 22.27
CA LEU D 530 22.17 -5.59 21.48
C LEU D 530 23.44 -5.76 22.28
N ASP E 10 -23.32 41.42 -37.82
CA ASP E 10 -23.36 40.35 -38.80
C ASP E 10 -23.30 38.98 -38.11
N ILE E 11 -22.73 37.98 -38.79
CA ILE E 11 -22.46 36.71 -38.14
C ILE E 11 -21.38 35.96 -38.88
N HIS E 12 -21.02 36.45 -40.05
CA HIS E 12 -19.91 35.89 -40.81
C HIS E 12 -18.62 36.57 -40.41
N THR E 13 -18.74 37.49 -39.45
CA THR E 13 -17.57 38.13 -38.83
C THR E 13 -17.43 37.67 -37.39
N THR E 14 -16.20 37.70 -36.88
CA THR E 14 -15.91 37.38 -35.51
C THR E 14 -16.73 38.21 -34.52
N ALA E 15 -16.94 39.48 -34.87
CA ALA E 15 -17.58 40.42 -33.96
C ALA E 15 -19.07 40.12 -33.84
N GLY E 16 -19.68 39.77 -34.96
CA GLY E 16 -21.03 39.22 -34.99
C GLY E 16 -21.16 37.95 -34.15
N LYS E 17 -20.07 37.19 -34.05
CA LYS E 17 -20.08 36.00 -33.22
C LYS E 17 -20.02 36.41 -31.75
N LEU E 18 -19.06 37.27 -31.43
CA LEU E 18 -19.00 37.85 -30.10
C LEU E 18 -20.40 38.31 -29.62
N ALA E 19 -21.08 39.12 -30.42
CA ALA E 19 -22.37 39.67 -30.00
C ALA E 19 -23.45 38.58 -30.01
N ASP E 20 -23.30 37.61 -30.88
CA ASP E 20 -24.16 36.43 -30.83
C ASP E 20 -24.06 35.73 -29.46
N LEU E 21 -22.85 35.56 -28.97
CA LEU E 21 -22.67 34.94 -27.66
C LEU E 21 -23.38 35.68 -26.52
N ARG E 22 -23.47 37.01 -26.62
CA ARG E 22 -24.06 37.82 -25.55
C ARG E 22 -25.59 37.69 -25.45
N ARG E 23 -26.26 37.59 -26.59
CA ARG E 23 -27.68 37.28 -26.63
C ARG E 23 -27.91 35.93 -25.98
N ARG E 24 -27.06 34.96 -26.34
CA ARG E 24 -27.10 33.63 -25.75
C ARG E 24 -27.08 33.74 -24.23
N ILE E 25 -26.03 34.38 -23.72
CA ILE E 25 -25.88 34.63 -22.28
C ILE E 25 -27.13 35.22 -21.65
N GLU E 26 -27.66 36.29 -22.27
CA GLU E 26 -28.92 36.90 -21.85
C GLU E 26 -30.08 35.89 -21.74
N GLU E 27 -30.22 35.01 -22.74
CA GLU E 27 -31.29 34.02 -22.75
C GLU E 27 -31.11 32.90 -21.72
N ALA E 28 -29.88 32.44 -21.55
CA ALA E 28 -29.56 31.41 -20.56
C ALA E 28 -29.66 31.98 -19.14
N THR E 29 -29.21 33.21 -18.99
CA THR E 29 -29.31 33.94 -17.72
C THR E 29 -30.76 34.13 -17.31
N HIS E 30 -31.67 33.99 -18.28
CA HIS E 30 -33.10 34.19 -18.04
C HIS E 30 -33.89 33.08 -18.72
N ALA E 31 -33.61 31.83 -18.36
CA ALA E 31 -34.26 30.69 -19.02
C ALA E 31 -35.77 30.70 -18.83
N GLY E 32 -36.19 31.02 -17.60
CA GLY E 32 -37.60 31.03 -17.30
C GLY E 32 -38.28 32.29 -17.81
N SER E 33 -39.60 32.26 -17.87
CA SER E 33 -40.37 33.45 -18.22
C SER E 33 -40.31 34.48 -17.10
N ALA E 34 -40.38 35.75 -17.45
CA ALA E 34 -40.38 36.81 -16.44
C ALA E 34 -41.49 36.56 -15.43
N ARG E 35 -42.53 35.85 -15.85
CA ARG E 35 -43.69 35.58 -15.00
C ARG E 35 -43.42 34.57 -13.88
N ALA E 36 -42.82 33.44 -14.23
CA ALA E 36 -42.48 32.43 -13.24
C ALA E 36 -41.39 33.00 -12.32
N VAL E 37 -40.56 33.88 -12.87
CA VAL E 37 -39.61 34.62 -12.04
C VAL E 37 -40.33 35.41 -10.95
N GLU E 38 -41.35 36.19 -11.35
CA GLU E 38 -42.17 36.95 -10.41
C GLU E 38 -42.83 36.04 -9.39
N LYS E 39 -43.36 34.92 -9.88
CA LYS E 39 -44.14 34.00 -9.06
C LYS E 39 -43.28 33.28 -8.00
N GLN E 40 -42.02 33.01 -8.31
CA GLN E 40 -41.11 32.50 -7.27
C GLN E 40 -40.79 33.59 -6.27
N HIS E 41 -40.37 34.76 -6.75
CA HIS E 41 -40.26 35.92 -5.88
C HIS E 41 -41.51 36.02 -4.99
N ALA E 42 -42.68 35.93 -5.58
CA ALA E 42 -43.94 36.10 -4.84
C ALA E 42 -44.14 35.15 -3.65
N LYS E 43 -43.78 33.87 -3.79
CA LYS E 43 -43.77 32.95 -2.64
C LYS E 43 -42.71 33.35 -1.62
N GLY E 44 -41.93 34.37 -1.93
CA GLY E 44 -40.93 34.88 -1.01
C GLY E 44 -39.58 34.21 -1.14
N LYS E 45 -39.34 33.60 -2.30
CA LYS E 45 -38.10 32.89 -2.55
C LYS E 45 -37.35 33.46 -3.76
N LEU E 46 -36.10 33.03 -3.94
CA LEU E 46 -35.26 33.57 -5.00
C LEU E 46 -35.13 32.62 -6.18
N THR E 47 -34.48 33.09 -7.24
CA THR E 47 -34.29 32.29 -8.43
C THR E 47 -33.10 31.34 -8.23
N ALA E 48 -32.94 30.39 -9.14
CA ALA E 48 -31.85 29.43 -9.01
C ALA E 48 -30.50 30.14 -8.91
N ARG E 49 -30.18 30.90 -9.95
CA ARG E 49 -29.14 31.89 -9.87
C ARG E 49 -29.74 32.79 -8.78
N GLU E 50 -28.93 33.53 -8.04
CA GLU E 50 -29.43 34.32 -6.89
C GLU E 50 -29.23 33.53 -5.61
N ARG E 51 -29.73 32.30 -5.58
CA ARG E 51 -29.42 31.39 -4.50
C ARG E 51 -27.92 31.08 -4.54
N ILE E 52 -27.38 30.95 -5.74
CA ILE E 52 -25.94 30.75 -5.91
C ILE E 52 -25.20 32.04 -5.54
N ASP E 53 -25.70 33.15 -6.07
CA ASP E 53 -25.05 34.45 -5.88
C ASP E 53 -24.84 34.70 -4.39
N LEU E 54 -25.91 34.57 -3.64
CA LEU E 54 -25.86 34.67 -2.18
C LEU E 54 -24.91 33.66 -1.52
N LEU E 55 -24.84 32.45 -2.06
CA LEU E 55 -23.98 31.42 -1.47
C LEU E 55 -22.49 31.64 -1.69
N LEU E 56 -22.09 31.93 -2.92
CA LEU E 56 -20.66 31.97 -3.25
C LEU E 56 -20.04 33.35 -3.08
N ASP E 57 -18.74 33.39 -2.80
CA ASP E 57 -18.02 34.66 -2.69
C ASP E 57 -18.23 35.49 -3.94
N GLU E 58 -18.66 36.74 -3.76
CA GLU E 58 -18.96 37.59 -4.90
C GLU E 58 -17.85 37.53 -5.92
N GLY E 59 -18.20 37.19 -7.15
CA GLY E 59 -17.23 37.17 -8.22
C GLY E 59 -16.63 35.79 -8.51
N SER E 60 -16.80 34.82 -7.61
CA SER E 60 -16.13 33.51 -7.77
C SER E 60 -16.88 32.49 -8.63
N PHE E 61 -18.20 32.64 -8.77
CA PHE E 61 -19.00 31.65 -9.49
C PHE E 61 -18.53 31.49 -10.94
N VAL E 62 -18.11 30.28 -11.30
CA VAL E 62 -17.85 29.96 -12.69
C VAL E 62 -18.82 28.87 -13.12
N GLU E 63 -19.70 29.22 -14.05
CA GLU E 63 -20.78 28.34 -14.50
C GLU E 63 -20.32 27.26 -15.46
N LEU E 64 -20.88 26.07 -15.32
CA LEU E 64 -20.65 24.96 -16.25
C LEU E 64 -21.90 24.53 -17.04
N ASP E 65 -21.72 24.22 -18.33
CA ASP E 65 -22.84 23.76 -19.16
C ASP E 65 -23.94 24.80 -19.30
N GLU E 66 -23.59 26.08 -19.33
CA GLU E 66 -24.60 27.14 -19.33
C GLU E 66 -25.53 27.08 -20.54
N PHE E 67 -24.99 26.62 -21.66
CA PHE E 67 -25.75 26.47 -22.88
C PHE E 67 -26.18 25.03 -23.20
N ALA E 68 -26.13 24.14 -22.21
CA ALA E 68 -26.63 22.78 -22.45
C ALA E 68 -28.13 22.81 -22.75
N ARG E 69 -28.58 21.90 -23.60
CA ARG E 69 -30.00 21.79 -23.97
C ARG E 69 -30.42 20.32 -24.19
N HIS E 70 -31.66 20.00 -23.86
CA HIS E 70 -32.14 18.62 -23.88
C HIS E 70 -32.27 18.04 -25.30
N ARG E 71 -32.54 16.75 -25.37
CA ARG E 71 -32.70 16.09 -26.67
C ARG E 71 -33.99 15.28 -26.70
N SER E 72 -34.86 15.51 -25.73
CA SER E 72 -36.14 14.81 -25.67
C SER E 72 -37.10 15.31 -26.76
N THR E 73 -37.57 14.40 -27.60
CA THR E 73 -38.45 14.74 -28.71
C THR E 73 -39.90 14.42 -28.38
N ASN E 74 -40.14 13.39 -27.59
CA ASN E 74 -41.49 13.00 -27.25
C ASN E 74 -42.30 14.13 -26.62
N PHE E 75 -43.56 14.23 -27.03
CA PHE E 75 -44.43 15.34 -26.66
C PHE E 75 -43.89 16.62 -27.30
N GLY E 76 -44.09 17.75 -26.65
CA GLY E 76 -43.72 19.02 -27.27
C GLY E 76 -42.52 19.70 -26.63
N LEU E 77 -41.60 18.89 -26.11
CA LEU E 77 -40.39 19.43 -25.47
C LEU E 77 -39.43 19.96 -26.52
N ASP E 78 -39.28 19.20 -27.60
CA ASP E 78 -38.55 19.63 -28.79
C ASP E 78 -38.84 21.10 -29.14
N ALA E 79 -40.05 21.55 -28.85
CA ALA E 79 -40.47 22.91 -29.14
C ALA E 79 -39.71 23.92 -28.29
N ASN E 80 -39.47 23.58 -27.04
CA ASN E 80 -38.80 24.46 -26.08
C ASN E 80 -37.55 23.86 -25.45
N ARG E 81 -36.40 24.40 -25.84
CA ARG E 81 -35.12 23.89 -25.35
C ARG E 81 -34.29 25.02 -24.71
N PRO E 82 -34.64 25.39 -23.47
CA PRO E 82 -34.00 26.51 -22.78
C PRO E 82 -32.56 26.24 -22.34
N TYR E 83 -31.62 27.12 -22.66
CA TYR E 83 -30.26 27.01 -22.18
C TYR E 83 -30.17 26.66 -20.69
N GLY E 84 -29.15 25.85 -20.38
CA GLY E 84 -29.15 25.05 -19.16
C GLY E 84 -30.31 24.15 -19.44
N ASP E 85 -30.81 23.45 -18.45
CA ASP E 85 -31.93 22.55 -18.74
C ASP E 85 -32.68 22.43 -17.44
N GLY E 86 -32.85 23.58 -16.79
CA GLY E 86 -33.59 23.64 -15.55
C GLY E 86 -32.68 23.57 -14.36
N VAL E 87 -31.38 23.59 -14.59
CA VAL E 87 -30.47 23.55 -13.46
C VAL E 87 -29.25 24.44 -13.66
N VAL E 88 -28.90 25.21 -12.64
CA VAL E 88 -27.69 26.00 -12.75
C VAL E 88 -26.59 25.34 -11.94
N THR E 89 -25.42 25.23 -12.54
CA THR E 89 -24.33 24.46 -11.95
C THR E 89 -23.02 25.16 -12.11
N GLY E 90 -22.08 24.85 -11.23
CA GLY E 90 -20.72 25.30 -11.43
C GLY E 90 -19.87 25.24 -10.19
N TYR E 91 -18.72 25.90 -10.27
CA TYR E 91 -17.84 25.98 -9.12
C TYR E 91 -17.57 27.43 -8.70
N GLY E 92 -17.10 27.59 -7.46
CA GLY E 92 -16.71 28.90 -6.93
C GLY E 92 -16.08 28.72 -5.57
N THR E 93 -16.08 29.77 -4.77
CA THR E 93 -15.54 29.68 -3.41
C THR E 93 -16.54 30.18 -2.37
N VAL E 94 -16.51 29.59 -1.18
CA VAL E 94 -17.25 30.08 -0.03
C VAL E 94 -16.24 30.41 1.08
N ASP E 95 -16.13 31.70 1.43
CA ASP E 95 -15.12 32.16 2.40
C ASP E 95 -13.69 31.80 1.96
N GLY E 96 -13.42 31.94 0.67
CA GLY E 96 -12.12 31.59 0.11
C GLY E 96 -11.81 30.11 -0.07
N ARG E 97 -12.74 29.22 0.26
CA ARG E 97 -12.48 27.79 0.07
C ARG E 97 -13.34 27.20 -1.07
N PRO E 98 -12.73 26.32 -1.90
CA PRO E 98 -13.39 25.75 -3.11
C PRO E 98 -14.66 24.98 -2.82
N VAL E 99 -15.66 25.16 -3.67
CA VAL E 99 -16.93 24.49 -3.50
C VAL E 99 -17.54 24.22 -4.87
N ALA E 100 -18.40 23.21 -4.96
CA ALA E 100 -19.08 22.92 -6.22
C ALA E 100 -20.56 23.00 -5.94
N VAL E 101 -21.29 23.58 -6.88
CA VAL E 101 -22.69 23.91 -6.60
C VAL E 101 -23.57 23.56 -7.78
N PHE E 102 -24.79 23.13 -7.49
CA PHE E 102 -25.83 23.06 -8.50
C PHE E 102 -27.11 23.59 -7.88
N SER E 103 -27.93 24.23 -8.69
CA SER E 103 -29.11 24.87 -8.16
C SER E 103 -30.29 24.67 -9.12
N GLN E 104 -31.39 24.15 -8.58
CA GLN E 104 -32.50 23.72 -9.44
C GLN E 104 -33.44 24.86 -9.77
N ASP E 105 -33.76 25.01 -11.06
CA ASP E 105 -34.61 26.10 -11.53
C ASP E 105 -36.09 25.74 -11.71
N PHE E 106 -36.86 25.86 -10.62
CA PHE E 106 -38.31 25.70 -10.61
C PHE E 106 -38.96 26.52 -11.73
N THR E 107 -38.24 27.55 -12.14
CA THR E 107 -38.70 28.48 -13.15
C THR E 107 -38.78 27.92 -14.57
N VAL E 108 -38.39 26.66 -14.74
CA VAL E 108 -38.18 26.13 -16.09
C VAL E 108 -39.17 25.05 -16.53
N PHE E 109 -39.03 23.85 -15.99
CA PHE E 109 -40.02 22.82 -16.30
C PHE E 109 -40.63 22.36 -14.98
N GLY E 110 -41.12 23.31 -14.19
CA GLY E 110 -41.43 23.05 -12.80
C GLY E 110 -40.15 22.64 -12.09
N GLY E 111 -39.01 22.87 -12.73
CA GLY E 111 -37.72 22.41 -12.20
C GLY E 111 -37.54 20.91 -12.32
N ALA E 112 -38.40 20.28 -13.12
CA ALA E 112 -38.43 18.84 -13.25
C ALA E 112 -37.13 18.28 -13.86
N LEU E 113 -36.55 17.31 -13.16
CA LEU E 113 -35.23 16.78 -13.51
C LEU E 113 -35.24 16.05 -14.85
N GLY E 114 -34.53 16.60 -15.82
CA GLY E 114 -34.40 15.99 -17.12
C GLY E 114 -33.15 15.14 -17.14
N GLU E 115 -32.73 14.79 -18.34
CA GLU E 115 -31.61 13.88 -18.51
C GLU E 115 -30.33 14.68 -18.63
N VAL E 116 -30.40 15.78 -19.34
CA VAL E 116 -29.27 16.70 -19.44
C VAL E 116 -29.06 17.37 -18.08
N TYR E 117 -30.16 17.79 -17.49
CA TYR E 117 -30.21 18.36 -16.15
C TYR E 117 -29.55 17.43 -15.13
N GLY E 118 -29.59 16.13 -15.37
CA GLY E 118 -28.96 15.20 -14.44
C GLY E 118 -27.49 15.03 -14.78
N GLN E 119 -27.20 15.08 -16.07
CA GLN E 119 -25.82 15.11 -16.54
C GLN E 119 -25.04 16.30 -16.02
N LYS E 120 -25.67 17.47 -16.03
CA LYS E 120 -25.05 18.65 -15.43
C LYS E 120 -24.73 18.37 -13.96
N ILE E 121 -25.66 17.79 -13.23
CA ILE E 121 -25.39 17.49 -11.82
C ILE E 121 -24.28 16.47 -11.63
N VAL E 122 -24.27 15.44 -12.47
CA VAL E 122 -23.21 14.46 -12.39
C VAL E 122 -21.85 15.14 -12.61
N LYS E 123 -21.82 16.08 -13.56
CA LYS E 123 -20.60 16.81 -13.88
C LYS E 123 -20.00 17.61 -12.71
N VAL E 124 -20.85 18.23 -11.89
CA VAL E 124 -20.28 19.01 -10.81
C VAL E 124 -19.89 18.06 -9.69
N MET E 125 -20.70 17.03 -9.48
CA MET E 125 -20.39 16.00 -8.48
C MET E 125 -19.05 15.33 -8.83
N ASP E 126 -18.80 15.11 -10.11
CA ASP E 126 -17.53 14.49 -10.48
C ASP E 126 -16.38 15.46 -10.32
N PHE E 127 -16.68 16.73 -10.54
CA PHE E 127 -15.69 17.78 -10.45
C PHE E 127 -15.23 17.90 -9.01
N ALA E 128 -16.19 17.96 -8.10
CA ALA E 128 -15.87 18.14 -6.70
C ALA E 128 -15.11 16.92 -6.15
N LEU E 129 -15.64 15.72 -6.39
CA LEU E 129 -15.00 14.49 -5.97
C LEU E 129 -13.55 14.45 -6.40
N LYS E 130 -13.31 14.76 -7.66
CA LYS E 130 -11.97 14.82 -8.25
C LYS E 130 -10.99 15.90 -7.68
N THR E 131 -11.49 17.10 -7.41
CA THR E 131 -10.68 18.19 -6.82
C THR E 131 -10.75 18.21 -5.29
N GLY E 132 -11.62 17.40 -4.69
CA GLY E 132 -11.74 17.32 -3.25
C GLY E 132 -12.37 18.54 -2.57
N CYS E 133 -13.47 19.05 -3.12
CA CYS E 133 -14.26 20.09 -2.47
C CYS E 133 -15.68 19.64 -2.12
N PRO E 134 -16.36 20.42 -1.27
CA PRO E 134 -17.74 20.07 -0.94
C PRO E 134 -18.68 20.29 -2.14
N VAL E 135 -19.82 19.59 -2.14
CA VAL E 135 -20.86 19.86 -3.11
C VAL E 135 -22.02 20.43 -2.35
N VAL E 136 -22.55 21.56 -2.80
CA VAL E 136 -23.78 22.06 -2.17
C VAL E 136 -24.87 21.96 -3.20
N GLY E 137 -25.90 21.20 -2.86
CA GLY E 137 -27.01 20.95 -3.77
C GLY E 137 -28.23 21.76 -3.36
N ILE E 138 -28.70 22.61 -4.26
CA ILE E 138 -29.85 23.48 -3.97
C ILE E 138 -31.09 22.88 -4.64
N ASN E 139 -31.96 22.28 -3.84
CA ASN E 139 -33.08 21.51 -4.37
C ASN E 139 -34.42 22.22 -4.38
N ASP E 140 -34.96 22.40 -5.59
CA ASP E 140 -36.18 23.16 -5.81
C ASP E 140 -36.89 22.59 -7.05
N SER E 141 -37.50 21.41 -6.92
CA SER E 141 -38.06 20.70 -8.10
C SER E 141 -39.37 19.95 -7.88
N GLY E 142 -40.21 19.95 -8.92
CA GLY E 142 -41.52 19.32 -8.85
C GLY E 142 -41.48 17.80 -8.96
N GLY E 143 -40.37 17.29 -9.48
CA GLY E 143 -40.13 15.85 -9.52
C GLY E 143 -39.49 15.43 -10.82
N ALA E 144 -39.89 14.27 -11.30
CA ALA E 144 -39.36 13.75 -12.55
C ALA E 144 -40.04 14.39 -13.75
N ARG E 145 -39.26 14.85 -14.71
CA ARG E 145 -39.78 15.35 -15.98
C ARG E 145 -40.36 14.15 -16.78
N ILE E 146 -41.63 13.82 -16.51
CA ILE E 146 -42.26 12.59 -17.01
C ILE E 146 -42.11 12.41 -18.53
N GLN E 147 -42.18 13.51 -19.25
CA GLN E 147 -42.12 13.46 -20.71
C GLN E 147 -40.95 12.65 -21.25
N GLU E 148 -39.81 12.68 -20.57
CA GLU E 148 -38.62 11.97 -21.06
C GLU E 148 -38.56 10.50 -20.62
N GLY E 149 -39.58 10.06 -19.88
CA GLY E 149 -39.66 8.68 -19.43
C GLY E 149 -38.51 8.10 -18.61
N VAL E 150 -38.05 6.90 -18.97
CA VAL E 150 -37.01 6.21 -18.19
C VAL E 150 -35.77 7.09 -17.99
N ALA E 151 -35.48 7.92 -18.98
CA ALA E 151 -34.28 8.78 -19.00
C ALA E 151 -34.08 9.56 -17.68
N SER E 152 -35.18 10.07 -17.14
CA SER E 152 -35.16 10.77 -15.87
C SER E 152 -34.78 9.81 -14.76
N LEU E 153 -35.26 8.59 -14.85
CA LEU E 153 -34.92 7.58 -13.86
C LEU E 153 -33.43 7.22 -13.90
N GLY E 154 -32.86 7.22 -15.11
CA GLY E 154 -31.42 7.03 -15.26
C GLY E 154 -30.67 8.15 -14.56
N ALA E 155 -31.00 9.39 -14.89
CA ALA E 155 -30.37 10.54 -14.23
C ALA E 155 -30.36 10.38 -12.72
N TYR E 156 -31.53 10.13 -12.13
CA TYR E 156 -31.57 9.96 -10.68
C TYR E 156 -30.53 8.96 -10.23
N GLY E 157 -30.45 7.85 -10.95
CA GLY E 157 -29.55 6.76 -10.59
C GLY E 157 -28.08 7.17 -10.65
N GLU E 158 -27.70 7.82 -11.74
CA GLU E 158 -26.33 8.30 -11.85
C GLU E 158 -25.92 9.20 -10.67
N ILE E 159 -26.90 9.89 -10.07
CA ILE E 159 -26.64 10.76 -8.93
C ILE E 159 -26.53 10.02 -7.60
N PHE E 160 -27.49 9.15 -7.33
CA PHE E 160 -27.48 8.31 -6.14
C PHE E 160 -26.14 7.61 -6.00
N ARG E 161 -25.60 7.17 -7.13
CA ARG E 161 -24.37 6.42 -7.10
C ARG E 161 -23.19 7.35 -6.82
N ARG E 162 -23.23 8.56 -7.39
CA ARG E 162 -22.21 9.57 -7.11
C ARG E 162 -22.30 9.92 -5.60
N ASN E 163 -23.50 10.21 -5.10
CA ASN E 163 -23.68 10.45 -3.66
C ASN E 163 -23.08 9.40 -2.74
N THR E 164 -23.22 8.15 -3.15
CA THR E 164 -22.78 7.02 -2.33
C THR E 164 -21.25 6.95 -2.38
N HIS E 165 -20.68 7.08 -3.57
CA HIS E 165 -19.24 6.95 -3.72
C HIS E 165 -18.52 8.09 -3.02
N ALA E 166 -19.21 9.24 -2.95
CA ALA E 166 -18.61 10.45 -2.41
C ALA E 166 -18.78 10.43 -0.89
N SER E 167 -19.76 9.67 -0.42
CA SER E 167 -20.10 9.69 0.98
C SER E 167 -18.91 9.51 1.91
N GLY E 168 -18.62 10.55 2.70
CA GLY E 168 -17.49 10.50 3.62
C GLY E 168 -16.17 10.73 2.90
N VAL E 169 -16.25 11.18 1.66
CA VAL E 169 -15.04 11.58 0.94
C VAL E 169 -15.00 13.09 0.86
N ILE E 170 -16.02 13.70 0.27
CA ILE E 170 -16.20 15.17 0.28
C ILE E 170 -17.52 15.49 0.95
N PRO E 171 -17.60 16.59 1.68
CA PRO E 171 -18.90 16.84 2.30
C PRO E 171 -19.94 17.08 1.24
N GLN E 172 -21.15 16.63 1.50
CA GLN E 172 -22.27 17.00 0.65
C GLN E 172 -23.36 17.64 1.49
N ILE E 173 -23.76 18.85 1.11
CA ILE E 173 -24.83 19.51 1.81
C ILE E 173 -26.01 19.67 0.87
N SER E 174 -27.19 19.30 1.33
CA SER E 174 -28.38 19.53 0.55
C SER E 174 -29.17 20.72 1.13
N LEU E 175 -29.27 21.80 0.37
CA LEU E 175 -30.15 22.89 0.72
C LEU E 175 -31.47 22.70 -0.02
N VAL E 176 -32.51 22.40 0.74
CA VAL E 176 -33.80 22.17 0.14
C VAL E 176 -34.75 23.32 0.38
N VAL E 177 -35.06 24.05 -0.68
CA VAL E 177 -35.84 25.27 -0.62
C VAL E 177 -36.97 25.26 -1.66
N GLY E 178 -37.74 24.19 -1.64
CA GLY E 178 -38.76 23.92 -2.65
C GLY E 178 -39.21 22.49 -2.51
N PRO E 179 -39.92 21.96 -3.52
CA PRO E 179 -40.35 20.56 -3.38
C PRO E 179 -39.24 19.60 -3.80
N CYS E 180 -39.13 18.47 -3.11
CA CYS E 180 -38.29 17.35 -3.56
C CYS E 180 -39.23 16.17 -3.62
N ALA E 181 -39.64 15.78 -4.81
CA ALA E 181 -40.74 14.84 -4.96
C ALA E 181 -40.33 13.46 -5.52
N GLY E 182 -40.89 12.40 -4.94
CA GLY E 182 -40.63 11.05 -5.44
C GLY E 182 -39.19 10.59 -5.21
N GLY E 183 -38.71 9.67 -6.05
CA GLY E 183 -37.36 9.15 -5.91
C GLY E 183 -36.31 10.25 -5.71
N ALA E 184 -36.58 11.43 -6.25
CA ALA E 184 -35.67 12.57 -6.13
C ALA E 184 -35.16 12.73 -4.70
N VAL E 185 -36.05 12.47 -3.74
CA VAL E 185 -35.74 12.69 -2.33
C VAL E 185 -34.69 11.78 -1.77
N TYR E 186 -34.13 10.91 -2.59
CA TYR E 186 -33.18 9.94 -2.05
C TYR E 186 -31.76 10.47 -2.15
N SER E 187 -31.54 11.40 -3.08
CA SER E 187 -30.21 12.02 -3.14
C SER E 187 -29.95 12.83 -1.86
N PRO E 188 -30.74 13.91 -1.58
CA PRO E 188 -30.56 14.55 -0.27
C PRO E 188 -30.45 13.58 0.91
N ALA E 189 -31.15 12.44 0.86
CA ALA E 189 -31.10 11.53 2.00
C ALA E 189 -29.69 11.01 2.22
N ILE E 190 -28.98 10.77 1.13
CA ILE E 190 -27.61 10.25 1.22
C ILE E 190 -26.56 11.31 1.56
N THR E 191 -26.85 12.57 1.22
CA THR E 191 -25.98 13.69 1.59
C THR E 191 -25.84 13.82 3.11
N ASP E 192 -24.78 14.48 3.55
CA ASP E 192 -24.44 14.53 4.96
C ASP E 192 -25.35 15.44 5.77
N PHE E 193 -25.74 16.55 5.17
CA PHE E 193 -26.60 17.51 5.85
C PHE E 193 -27.67 18.02 4.93
N THR E 194 -28.87 18.14 5.48
CA THR E 194 -29.99 18.65 4.72
C THR E 194 -30.58 19.86 5.44
N VAL E 195 -30.66 20.98 4.73
CA VAL E 195 -31.21 22.23 5.28
C VAL E 195 -32.52 22.66 4.59
N MET E 196 -33.60 22.74 5.36
CA MET E 196 -34.87 23.21 4.82
C MET E 196 -35.32 24.57 5.37
N VAL E 197 -36.25 25.22 4.68
CA VAL E 197 -36.81 26.48 5.16
C VAL E 197 -38.32 26.41 5.43
N ASP E 198 -38.69 26.62 6.69
CA ASP E 198 -40.07 26.64 7.19
C ASP E 198 -41.23 26.35 6.21
N GLN E 199 -41.66 27.37 5.48
CA GLN E 199 -42.98 27.29 4.84
C GLN E 199 -42.96 27.02 3.33
N THR E 200 -41.78 27.02 2.71
CA THR E 200 -41.72 27.04 1.25
C THR E 200 -40.88 25.89 0.66
N SER E 201 -40.71 24.84 1.44
CA SER E 201 -39.96 23.67 0.99
C SER E 201 -40.57 22.40 1.59
N HIS E 202 -40.71 21.36 0.77
CA HIS E 202 -41.23 20.08 1.24
C HIS E 202 -40.51 18.89 0.59
N MET E 203 -40.42 17.80 1.34
CA MET E 203 -39.89 16.56 0.80
C MET E 203 -40.84 15.40 1.05
N PHE E 204 -41.11 14.63 -0.01
CA PHE E 204 -42.03 13.50 0.08
C PHE E 204 -41.81 12.52 -1.07
N ILE E 205 -41.95 11.24 -0.77
CA ILE E 205 -41.79 10.22 -1.80
C ILE E 205 -43.10 10.04 -2.56
N THR E 206 -44.22 10.22 -1.86
CA THR E 206 -45.54 10.03 -2.46
C THR E 206 -46.44 11.26 -2.22
N GLY E 207 -47.03 11.77 -3.30
CA GLY E 207 -47.92 12.92 -3.24
C GLY E 207 -49.23 12.62 -2.53
N PRO E 208 -49.83 13.64 -1.90
CA PRO E 208 -50.97 13.46 -0.99
C PRO E 208 -52.16 12.88 -1.70
N ASP E 209 -52.30 13.14 -2.99
CA ASP E 209 -53.46 12.67 -3.72
C ASP E 209 -53.38 11.16 -3.94
N VAL E 210 -52.16 10.65 -4.03
CA VAL E 210 -51.97 9.22 -4.14
C VAL E 210 -52.24 8.60 -2.77
N ILE E 211 -51.71 9.21 -1.73
CA ILE E 211 -52.03 8.81 -0.36
C ILE E 211 -53.55 8.82 -0.16
N LYS E 212 -54.26 9.56 -1.00
CA LYS E 212 -55.70 9.69 -0.89
C LYS E 212 -56.38 8.54 -1.61
N THR E 213 -55.99 8.34 -2.86
CA THR E 213 -56.54 7.27 -3.68
C THR E 213 -56.36 5.92 -2.99
N VAL E 214 -55.16 5.72 -2.44
CA VAL E 214 -54.78 4.41 -1.90
C VAL E 214 -55.22 4.17 -0.44
N THR E 215 -55.25 5.23 0.36
CA THR E 215 -55.71 5.11 1.74
C THR E 215 -56.72 6.18 2.12
N GLY E 216 -57.21 6.13 3.35
CA GLY E 216 -58.26 7.05 3.78
C GLY E 216 -57.77 8.46 4.02
N GLU E 217 -56.64 8.58 4.69
CA GLU E 217 -56.10 9.86 5.17
C GLU E 217 -56.07 11.00 4.16
N ASP E 218 -56.73 12.11 4.51
CA ASP E 218 -56.65 13.36 3.73
C ASP E 218 -55.60 14.25 4.38
N VAL E 219 -54.65 14.74 3.59
CA VAL E 219 -53.51 15.46 4.14
C VAL E 219 -53.02 16.58 3.21
N GLY E 220 -52.39 17.61 3.79
CA GLY E 220 -51.81 18.69 3.01
C GLY E 220 -50.30 18.47 2.91
N PHE E 221 -49.70 19.06 1.89
CA PHE E 221 -48.26 18.94 1.68
C PHE E 221 -47.46 19.38 2.92
N GLU E 222 -47.90 20.48 3.55
CA GLU E 222 -47.20 21.01 4.73
C GLU E 222 -47.14 19.98 5.86
N GLU E 223 -48.27 19.35 6.15
CA GLU E 223 -48.30 18.26 7.12
C GLU E 223 -47.41 17.12 6.64
N LEU E 224 -47.64 16.70 5.39
CA LEU E 224 -46.99 15.52 4.84
C LEU E 224 -45.46 15.53 4.98
N GLY E 225 -44.82 16.53 4.39
CA GLY E 225 -43.37 16.60 4.38
C GLY E 225 -42.85 18.02 4.39
N GLY E 226 -43.52 18.86 5.17
CA GLY E 226 -43.09 20.23 5.39
C GLY E 226 -41.78 20.31 6.17
N ALA E 227 -41.14 21.47 6.11
CA ALA E 227 -39.86 21.67 6.77
C ALA E 227 -39.89 21.24 8.22
N ARG E 228 -40.86 21.75 8.98
CA ARG E 228 -40.99 21.43 10.40
C ARG E 228 -41.15 19.92 10.61
N THR E 229 -42.05 19.31 9.87
CA THR E 229 -42.26 17.87 9.97
C THR E 229 -40.95 17.09 9.86
N HIS E 230 -40.18 17.37 8.81
CA HIS E 230 -38.95 16.62 8.59
C HIS E 230 -37.87 16.98 9.62
N ASN E 231 -38.08 18.09 10.35
CA ASN E 231 -37.10 18.50 11.36
C ASN E 231 -37.36 17.96 12.77
N SER E 232 -38.63 17.76 13.11
CA SER E 232 -38.95 17.29 14.45
C SER E 232 -39.51 15.89 14.45
N THR E 233 -40.16 15.50 13.36
CA THR E 233 -40.84 14.22 13.27
C THR E 233 -40.04 13.15 12.52
N SER E 234 -39.79 13.40 11.23
CA SER E 234 -39.22 12.38 10.34
C SER E 234 -37.72 12.17 10.50
N GLY E 235 -37.01 13.17 11.01
CA GLY E 235 -35.59 13.01 11.23
C GLY E 235 -34.70 13.22 10.01
N VAL E 236 -35.29 13.59 8.87
CA VAL E 236 -34.51 13.72 7.63
C VAL E 236 -33.75 15.05 7.42
N ALA E 237 -34.37 16.19 7.74
CA ALA E 237 -33.64 17.48 7.69
C ALA E 237 -32.86 17.69 8.97
N HIS E 238 -31.82 18.53 8.89
CA HIS E 238 -30.93 18.77 10.03
C HIS E 238 -31.12 20.16 10.60
N HIS E 239 -31.93 20.96 9.92
CA HIS E 239 -32.17 22.31 10.34
C HIS E 239 -33.28 22.93 9.52
N MET E 240 -34.02 23.84 10.15
CA MET E 240 -35.05 24.59 9.45
C MET E 240 -34.78 26.05 9.63
N ALA E 241 -34.68 26.77 8.52
CA ALA E 241 -34.43 28.22 8.58
C ALA E 241 -35.72 29.02 8.42
N GLY E 242 -35.69 30.24 8.93
CA GLY E 242 -36.84 31.12 8.85
C GLY E 242 -37.01 31.57 7.42
N ASP E 243 -35.92 31.59 6.66
CA ASP E 243 -36.03 31.95 5.26
C ASP E 243 -34.74 31.62 4.51
N GLU E 244 -34.72 31.95 3.22
CA GLU E 244 -33.62 31.48 2.38
C GLU E 244 -32.24 31.97 2.79
N LYS E 245 -32.13 33.28 3.07
CA LYS E 245 -30.84 33.88 3.38
C LYS E 245 -30.30 33.37 4.72
N ASP E 246 -31.20 32.96 5.61
CA ASP E 246 -30.79 32.31 6.84
C ASP E 246 -30.31 30.88 6.51
N ALA E 247 -31.05 30.19 5.64
CA ALA E 247 -30.70 28.85 5.15
C ALA E 247 -29.32 28.83 4.54
N VAL E 248 -29.13 29.67 3.53
CA VAL E 248 -27.81 29.86 2.94
C VAL E 248 -26.77 30.13 4.02
N GLU E 249 -27.09 30.99 4.98
CA GLU E 249 -26.11 31.32 6.01
C GLU E 249 -25.79 30.11 6.86
N TYR E 250 -26.81 29.37 7.24
CA TYR E 250 -26.59 28.12 7.96
C TYR E 250 -25.64 27.14 7.21
N VAL E 251 -25.66 27.17 5.88
CA VAL E 251 -24.82 26.27 5.08
C VAL E 251 -23.37 26.67 5.18
N LYS E 252 -23.13 27.98 5.09
CA LYS E 252 -21.77 28.52 5.17
C LYS E 252 -21.15 28.19 6.50
N GLN E 253 -21.95 28.30 7.54
CA GLN E 253 -21.49 27.93 8.88
C GLN E 253 -21.11 26.45 8.89
N LEU E 254 -22.00 25.61 8.36
CA LEU E 254 -21.77 24.17 8.28
C LEU E 254 -20.40 23.88 7.65
N LEU E 255 -20.16 24.49 6.49
CA LEU E 255 -18.87 24.34 5.79
C LEU E 255 -17.66 24.80 6.62
N SER E 256 -17.87 25.73 7.55
CA SER E 256 -16.73 26.32 8.25
C SER E 256 -16.22 25.38 9.32
N TYR E 257 -17.01 24.37 9.68
CA TYR E 257 -16.54 23.38 10.64
C TYR E 257 -15.92 22.15 9.96
N LEU E 258 -16.12 22.03 8.65
CA LEU E 258 -15.72 20.83 7.93
C LEU E 258 -14.52 21.06 7.03
N PRO E 259 -13.74 20.01 6.77
CA PRO E 259 -12.66 20.10 5.79
C PRO E 259 -13.23 20.11 4.36
N SER E 260 -12.41 20.48 3.38
CA SER E 260 -12.79 20.42 1.97
C SER E 260 -12.97 18.98 1.51
N ASN E 261 -12.30 18.05 2.19
CA ASN E 261 -12.37 16.62 1.86
C ASN E 261 -11.71 15.80 2.96
N ASN E 262 -11.72 14.48 2.83
CA ASN E 262 -11.33 13.65 3.98
C ASN E 262 -9.82 13.54 4.15
N LEU E 263 -9.08 14.19 3.28
CA LEU E 263 -7.62 14.13 3.38
C LEU E 263 -7.09 15.33 4.15
N SER E 264 -7.96 16.13 4.73
CA SER E 264 -7.52 17.28 5.52
C SER E 264 -8.22 17.36 6.87
N GLU E 265 -7.58 18.01 7.82
CA GLU E 265 -8.23 18.37 9.04
C GLU E 265 -9.20 19.54 8.82
N PRO E 266 -10.18 19.70 9.73
CA PRO E 266 -11.06 20.87 9.60
C PRO E 266 -10.22 22.16 9.63
N PRO E 267 -10.75 23.24 9.04
CA PRO E 267 -10.10 24.55 8.90
C PRO E 267 -9.93 25.20 10.26
N ALA E 268 -8.68 25.44 10.63
CA ALA E 268 -8.37 25.93 11.96
C ALA E 268 -7.97 27.42 11.95
N PHE E 269 -8.48 28.16 12.92
CA PHE E 269 -7.97 29.49 13.19
C PHE E 269 -7.36 29.49 14.57
N PRO E 270 -6.08 29.07 14.67
CA PRO E 270 -5.49 28.81 15.98
C PRO E 270 -5.51 30.04 16.89
N GLU E 271 -5.62 29.76 18.17
CA GLU E 271 -5.58 30.79 19.19
C GLU E 271 -5.45 30.13 20.54
N GLU E 272 -4.57 30.71 21.38
CA GLU E 272 -4.29 30.16 22.70
C GLU E 272 -5.50 30.21 23.63
N ALA E 273 -5.74 29.08 24.29
CA ALA E 273 -6.79 29.04 25.29
C ALA E 273 -6.27 29.73 26.53
N ASP E 274 -7.20 30.25 27.33
CA ASP E 274 -6.89 30.66 28.68
C ASP E 274 -6.83 29.40 29.57
N LEU E 275 -5.63 29.07 30.03
CA LEU E 275 -5.40 27.86 30.82
C LEU E 275 -5.58 28.10 32.33
N ALA E 276 -6.12 29.27 32.69
CA ALA E 276 -6.42 29.56 34.08
C ALA E 276 -7.92 29.47 34.32
N VAL E 277 -8.30 29.08 35.52
CA VAL E 277 -9.71 29.00 35.85
C VAL E 277 -10.33 30.37 35.74
N THR E 278 -11.51 30.43 35.13
CA THR E 278 -12.19 31.68 34.89
C THR E 278 -13.49 31.73 35.66
N ASP E 279 -14.13 32.90 35.63
CA ASP E 279 -15.40 33.11 36.29
C ASP E 279 -16.49 32.24 35.64
N GLU E 280 -16.45 32.13 34.32
CA GLU E 280 -17.43 31.31 33.63
C GLU E 280 -17.20 29.85 34.02
N ASP E 281 -15.96 29.38 33.91
CA ASP E 281 -15.57 28.03 34.33
C ASP E 281 -16.22 27.72 35.68
N ALA E 282 -16.21 28.72 36.56
CA ALA E 282 -16.66 28.54 37.93
C ALA E 282 -18.13 28.14 38.05
N GLU E 283 -19.00 28.78 37.27
CA GLU E 283 -20.43 28.55 37.39
C GLU E 283 -20.88 27.13 37.01
N LEU E 284 -19.94 26.29 36.61
CA LEU E 284 -20.21 24.87 36.39
C LEU E 284 -20.29 24.07 37.69
N ASP E 285 -19.69 24.62 38.76
CA ASP E 285 -19.67 23.92 40.04
C ASP E 285 -21.07 24.00 40.67
N THR E 286 -21.93 24.79 40.04
CA THR E 286 -23.38 24.63 40.19
C THR E 286 -23.96 24.22 38.82
N ILE E 287 -24.99 24.89 38.32
CA ILE E 287 -25.78 24.43 37.15
C ILE E 287 -26.41 23.08 37.45
N VAL E 288 -25.70 22.31 38.26
CA VAL E 288 -25.95 20.91 38.57
C VAL E 288 -26.63 20.73 39.94
N PRO E 289 -27.97 20.71 39.95
CA PRO E 289 -28.81 20.74 41.16
C PRO E 289 -28.41 19.76 42.25
N ASP E 290 -29.14 19.76 43.35
CA ASP E 290 -28.89 18.85 44.45
C ASP E 290 -29.75 17.62 44.28
N SER E 291 -31.00 17.82 43.90
CA SER E 291 -31.93 16.72 43.69
C SER E 291 -31.75 16.06 42.32
N ALA E 292 -31.51 14.75 42.33
CA ALA E 292 -31.38 13.98 41.10
C ALA E 292 -32.55 14.30 40.17
N ASN E 293 -33.75 14.19 40.70
CA ASN E 293 -34.98 14.41 39.94
C ASN E 293 -35.12 15.80 39.30
N GLN E 294 -34.14 16.66 39.52
CA GLN E 294 -34.19 18.04 39.00
C GLN E 294 -33.28 18.26 37.79
N PRO E 295 -33.86 18.66 36.65
CA PRO E 295 -33.19 18.87 35.37
C PRO E 295 -32.41 20.18 35.30
N TYR E 296 -31.62 20.32 34.23
CA TYR E 296 -30.80 21.50 33.98
C TYR E 296 -30.46 21.56 32.48
N ASP E 297 -30.00 22.72 32.02
CA ASP E 297 -29.74 22.91 30.59
C ASP E 297 -28.32 22.52 30.21
N MET E 298 -28.18 21.52 29.36
CA MET E 298 -26.88 20.97 29.01
C MET E 298 -26.17 21.89 28.02
N HIS E 299 -26.95 22.68 27.28
CA HIS E 299 -26.38 23.75 26.44
C HIS E 299 -25.38 24.65 27.21
N SER E 300 -25.59 24.81 28.51
CA SER E 300 -24.72 25.65 29.34
C SER E 300 -23.33 25.06 29.53
N VAL E 301 -23.28 23.77 29.88
CA VAL E 301 -21.99 23.12 30.09
C VAL E 301 -21.25 22.99 28.76
N ILE E 302 -22.00 22.94 27.67
CA ILE E 302 -21.39 22.85 26.35
C ILE E 302 -20.81 24.21 26.01
N GLU E 303 -21.65 25.23 25.99
CA GLU E 303 -21.19 26.61 25.77
C GLU E 303 -20.00 27.01 26.65
N HIS E 304 -19.89 26.43 27.84
CA HIS E 304 -18.81 26.75 28.76
C HIS E 304 -17.48 26.11 28.39
N VAL E 305 -17.48 25.19 27.44
CA VAL E 305 -16.22 24.60 27.03
C VAL E 305 -15.78 25.15 25.69
N LEU E 306 -16.74 25.37 24.80
CA LEU E 306 -16.48 25.85 23.45
C LEU E 306 -16.02 27.33 23.38
N ASP E 307 -15.06 27.62 22.51
CA ASP E 307 -14.64 28.99 22.27
C ASP E 307 -15.85 29.91 22.12
N ASP E 308 -15.81 31.06 22.79
CA ASP E 308 -16.82 32.10 22.61
C ASP E 308 -18.23 31.65 22.98
N ALA E 309 -18.32 30.55 23.72
CA ALA E 309 -19.62 30.06 24.14
C ALA E 309 -20.50 29.82 22.92
N GLU E 310 -19.89 29.61 21.75
CA GLU E 310 -20.67 29.40 20.55
C GLU E 310 -20.86 27.92 20.19
N PHE E 311 -22.09 27.44 20.36
CA PHE E 311 -22.45 26.09 20.01
C PHE E 311 -23.37 26.15 18.80
N PHE E 312 -22.92 25.56 17.70
CA PHE E 312 -23.66 25.57 16.46
C PHE E 312 -24.42 24.25 16.36
N GLU E 313 -25.70 24.29 16.68
CA GLU E 313 -26.49 23.06 16.87
C GLU E 313 -27.15 22.52 15.60
N THR E 314 -27.01 21.21 15.36
CA THR E 314 -27.72 20.53 14.28
C THR E 314 -28.93 19.77 14.82
N GLN E 315 -29.92 19.55 13.96
CA GLN E 315 -31.14 18.82 14.32
C GLN E 315 -31.72 19.21 15.67
N PRO E 316 -32.10 20.48 15.84
CA PRO E 316 -32.56 20.99 17.14
C PRO E 316 -33.87 20.35 17.62
N LEU E 317 -34.82 20.19 16.71
CA LEU E 317 -36.16 19.78 17.13
C LEU E 317 -36.35 18.25 17.11
N PHE E 318 -35.42 17.55 16.48
CA PHE E 318 -35.49 16.10 16.38
C PHE E 318 -34.85 15.47 17.62
N ALA E 319 -35.55 14.54 18.26
CA ALA E 319 -34.97 13.84 19.39
C ALA E 319 -34.32 14.84 20.32
N PRO E 320 -35.11 15.80 20.81
CA PRO E 320 -34.62 16.92 21.63
C PRO E 320 -33.96 16.41 22.90
N ASN E 321 -34.02 15.10 23.11
CA ASN E 321 -33.44 14.53 24.32
C ASN E 321 -31.93 14.35 24.17
N ILE E 322 -31.43 14.57 22.96
CA ILE E 322 -29.98 14.53 22.75
C ILE E 322 -29.50 15.75 21.95
N LEU E 323 -28.27 16.20 22.20
CA LEU E 323 -27.71 17.36 21.51
C LEU E 323 -26.54 17.02 20.62
N THR E 324 -26.62 17.50 19.38
CA THR E 324 -25.51 17.37 18.44
C THR E 324 -25.18 18.71 17.79
N GLY E 325 -23.89 18.98 17.62
CA GLY E 325 -23.47 20.16 16.91
C GLY E 325 -21.97 20.35 16.80
N PHE E 326 -21.58 21.45 16.18
CA PHE E 326 -20.18 21.79 16.09
C PHE E 326 -19.86 22.97 17.00
N GLY E 327 -18.59 23.20 17.23
CA GLY E 327 -18.11 24.40 17.92
C GLY E 327 -16.61 24.36 17.74
N ARG E 328 -15.89 25.34 18.29
CA ARG E 328 -14.43 25.32 18.21
C ARG E 328 -13.76 25.33 19.59
N VAL E 329 -12.56 24.76 19.65
CA VAL E 329 -11.75 24.73 20.86
C VAL E 329 -10.36 25.06 20.38
N GLU E 330 -9.82 26.16 20.89
CA GLU E 330 -8.53 26.67 20.42
C GLU E 330 -8.54 26.98 18.94
N GLY E 331 -9.73 27.29 18.42
CA GLY E 331 -9.89 27.56 17.00
C GLY E 331 -10.06 26.33 16.12
N ARG E 332 -10.08 25.14 16.71
CA ARG E 332 -10.24 23.91 15.90
C ARG E 332 -11.64 23.37 16.03
N PRO E 333 -12.30 23.12 14.88
CA PRO E 333 -13.62 22.47 14.89
C PRO E 333 -13.63 21.21 15.73
N VAL E 334 -14.72 21.01 16.48
CA VAL E 334 -14.97 19.82 17.28
C VAL E 334 -16.45 19.51 17.15
N GLY E 335 -16.85 18.31 17.53
CA GLY E 335 -18.23 17.90 17.40
C GLY E 335 -18.82 17.63 18.76
N ILE E 336 -20.14 17.79 18.87
CA ILE E 336 -20.79 17.65 20.16
C ILE E 336 -21.93 16.67 20.16
N VAL E 337 -21.89 15.75 21.12
CA VAL E 337 -23.05 14.92 21.38
C VAL E 337 -23.28 14.90 22.89
N ALA E 338 -24.52 15.18 23.30
CA ALA E 338 -24.80 15.40 24.72
C ALA E 338 -26.23 15.05 25.06
N ASN E 339 -26.42 14.43 26.23
CA ASN E 339 -27.75 14.17 26.75
C ASN E 339 -28.33 15.47 27.31
N GLN E 340 -29.62 15.69 27.12
CA GLN E 340 -30.28 16.91 27.59
C GLN E 340 -31.38 16.59 28.61
N PRO E 341 -31.08 16.77 29.92
CA PRO E 341 -32.01 16.49 31.02
C PRO E 341 -33.29 17.29 30.93
N MET E 342 -33.20 18.51 30.42
CA MET E 342 -34.37 19.35 30.22
C MET E 342 -35.46 18.58 29.49
N GLN E 343 -35.07 17.57 28.72
CA GLN E 343 -36.02 16.81 27.89
C GLN E 343 -35.94 15.31 28.15
N PHE E 344 -37.08 14.71 28.50
CA PHE E 344 -37.18 13.27 28.68
C PHE E 344 -36.03 12.71 29.52
N ALA E 345 -35.75 13.43 30.61
CA ALA E 345 -34.78 13.01 31.62
C ALA E 345 -33.41 12.75 31.03
N GLY E 346 -33.25 13.01 29.74
CA GLY E 346 -32.03 12.68 29.04
C GLY E 346 -31.91 11.19 28.74
N CYS E 347 -33.03 10.56 28.41
CA CYS E 347 -33.03 9.15 28.02
C CYS E 347 -32.75 9.00 26.52
N LEU E 348 -32.18 7.85 26.17
CA LEU E 348 -31.98 7.47 24.78
C LEU E 348 -33.20 6.73 24.22
N ASP E 349 -33.68 7.17 23.06
CA ASP E 349 -34.78 6.50 22.35
C ASP E 349 -34.35 6.10 20.94
N ILE E 350 -35.30 5.73 20.08
CA ILE E 350 -34.97 5.42 18.70
C ILE E 350 -34.32 6.62 18.08
N THR E 351 -35.08 7.72 18.09
CA THR E 351 -34.70 8.98 17.47
C THR E 351 -33.35 9.47 17.98
N ALA E 352 -33.16 9.44 19.29
CA ALA E 352 -31.90 9.93 19.86
C ALA E 352 -30.71 9.14 19.32
N SER E 353 -30.80 7.81 19.34
CA SER E 353 -29.72 6.96 18.84
C SER E 353 -29.33 7.27 17.39
N GLU E 354 -30.33 7.39 16.52
CA GLU E 354 -30.06 7.54 15.09
C GLU E 354 -29.55 8.93 14.76
N LYS E 355 -29.95 9.91 15.57
CA LYS E 355 -29.47 11.26 15.42
C LYS E 355 -27.97 11.30 15.65
N ALA E 356 -27.58 10.85 16.85
CA ALA E 356 -26.19 10.94 17.28
C ALA E 356 -25.29 9.96 16.55
N ALA E 357 -25.75 8.73 16.37
CA ALA E 357 -24.96 7.71 15.69
C ALA E 357 -24.39 8.26 14.41
N ARG E 358 -25.24 8.93 13.63
CA ARG E 358 -24.84 9.49 12.33
C ARG E 358 -24.01 10.78 12.38
N PHE E 359 -24.19 11.59 13.42
CA PHE E 359 -23.37 12.78 13.55
C PHE E 359 -21.94 12.33 13.87
N VAL E 360 -21.82 11.35 14.76
CA VAL E 360 -20.52 10.79 15.11
C VAL E 360 -19.78 10.25 13.90
N ARG E 361 -20.52 9.72 12.93
CA ARG E 361 -19.89 9.12 11.75
C ARG E 361 -19.57 10.21 10.72
N THR E 362 -20.39 11.27 10.69
CA THR E 362 -20.08 12.41 9.84
C THR E 362 -18.78 13.05 10.31
N CYS E 363 -18.66 13.30 11.61
CA CYS E 363 -17.45 13.88 12.17
C CYS E 363 -16.24 12.97 12.02
N ASP E 364 -16.42 11.68 12.27
CA ASP E 364 -15.29 10.75 12.13
C ASP E 364 -14.79 10.71 10.69
N ALA E 365 -15.70 10.75 9.74
CA ALA E 365 -15.33 10.65 8.34
C ALA E 365 -14.56 11.88 7.90
N PHE E 366 -14.91 13.04 8.50
CA PHE E 366 -14.32 14.30 8.09
C PHE E 366 -13.33 14.81 9.13
N ASN E 367 -12.83 13.88 9.93
CA ASN E 367 -11.72 14.14 10.82
C ASN E 367 -11.98 15.11 11.96
N VAL E 368 -13.24 15.32 12.33
CA VAL E 368 -13.53 16.20 13.44
C VAL E 368 -13.72 15.47 14.76
N PRO E 369 -12.99 15.91 15.79
CA PRO E 369 -13.02 15.37 17.15
C PRO E 369 -14.42 15.45 17.69
N VAL E 370 -14.71 14.57 18.65
CA VAL E 370 -16.06 14.46 19.17
C VAL E 370 -16.06 14.48 20.68
N LEU E 371 -16.58 15.58 21.22
CA LEU E 371 -16.76 15.75 22.66
C LEU E 371 -18.14 15.26 22.94
N THR E 372 -18.27 14.39 23.93
CA THR E 372 -19.58 13.88 24.30
C THR E 372 -19.81 14.04 25.80
N PHE E 373 -20.99 14.58 26.15
CA PHE E 373 -21.33 14.87 27.54
C PHE E 373 -22.49 14.00 28.03
N VAL E 374 -22.29 13.29 29.14
CA VAL E 374 -23.19 12.21 29.52
C VAL E 374 -23.97 12.42 30.82
N ASP E 375 -25.30 12.37 30.72
CA ASP E 375 -26.22 12.43 31.87
C ASP E 375 -27.49 11.68 31.48
N VAL E 376 -27.36 10.36 31.34
CA VAL E 376 -28.44 9.55 30.82
C VAL E 376 -28.90 8.53 31.85
N PRO E 377 -30.21 8.55 32.16
CA PRO E 377 -30.79 7.62 33.14
C PRO E 377 -30.94 6.20 32.57
N GLY E 378 -31.08 6.08 31.26
CA GLY E 378 -31.22 4.77 30.65
C GLY E 378 -32.03 4.82 29.37
N PHE E 379 -32.61 3.68 29.00
CA PHE E 379 -33.38 3.65 27.77
C PHE E 379 -34.89 3.77 28.01
N LEU E 380 -35.47 4.77 27.35
CA LEU E 380 -36.91 5.03 27.38
C LEU E 380 -37.77 3.78 27.21
N PRO E 381 -38.51 3.42 28.28
CA PRO E 381 -39.43 2.26 28.28
C PRO E 381 -40.69 2.49 27.44
N GLY E 382 -41.25 1.40 26.94
CA GLY E 382 -42.45 1.43 26.12
C GLY E 382 -42.42 0.29 25.12
N VAL E 383 -43.56 -0.37 24.90
CA VAL E 383 -43.56 -1.49 23.97
C VAL E 383 -43.21 -1.04 22.56
N ASP E 384 -43.58 0.20 22.22
CA ASP E 384 -43.27 0.72 20.90
C ASP E 384 -41.77 0.88 20.64
N GLN E 385 -41.02 1.30 21.65
CA GLN E 385 -39.56 1.32 21.53
C GLN E 385 -39.12 -0.05 21.03
N GLU E 386 -39.69 -1.08 21.65
CA GLU E 386 -39.32 -2.45 21.34
C GLU E 386 -39.84 -2.88 19.96
N HIS E 387 -41.16 -2.80 19.75
CA HIS E 387 -41.78 -3.27 18.52
C HIS E 387 -41.22 -2.63 17.27
N ASP E 388 -40.90 -1.35 17.35
CA ASP E 388 -40.33 -0.63 16.21
C ASP E 388 -38.81 -0.81 16.19
N GLY E 389 -38.31 -1.56 17.16
CA GLY E 389 -36.94 -2.03 17.18
C GLY E 389 -35.82 -1.09 17.59
N ILE E 390 -35.87 -0.63 18.85
CA ILE E 390 -34.75 0.10 19.45
C ILE E 390 -33.48 -0.74 19.41
N ILE E 391 -33.63 -2.04 19.69
CA ILE E 391 -32.49 -2.91 19.86
C ILE E 391 -31.50 -2.86 18.70
N ARG E 392 -32.00 -2.80 17.47
CA ARG E 392 -31.10 -2.71 16.32
C ARG E 392 -30.86 -1.27 15.89
N ARG E 393 -31.65 -0.34 16.43
CA ARG E 393 -31.52 1.07 16.10
C ARG E 393 -30.52 1.78 17.03
N GLY E 394 -30.72 1.65 18.33
CA GLY E 394 -29.81 2.15 19.32
C GLY E 394 -28.41 1.56 19.25
N ALA E 395 -28.33 0.37 18.69
CA ALA E 395 -27.06 -0.33 18.57
C ALA E 395 -26.09 0.47 17.72
N LYS E 396 -26.63 1.32 16.86
CA LYS E 396 -25.81 2.14 15.97
C LYS E 396 -24.86 3.10 16.68
N LEU E 397 -25.33 3.81 17.72
CA LEU E 397 -24.47 4.75 18.44
C LEU E 397 -23.24 4.03 18.96
N ILE E 398 -23.42 2.79 19.41
CA ILE E 398 -22.29 1.98 19.89
C ILE E 398 -21.29 1.69 18.78
N PHE E 399 -21.81 1.47 17.58
CA PHE E 399 -20.99 1.19 16.40
C PHE E 399 -20.14 2.42 16.06
N ALA E 400 -20.83 3.56 15.94
CA ALA E 400 -20.18 4.85 15.64
C ALA E 400 -18.96 5.15 16.50
N TYR E 401 -19.15 5.29 17.82
CA TYR E 401 -18.00 5.49 18.73
C TYR E 401 -16.91 4.43 18.57
N ALA E 402 -17.34 3.16 18.47
CA ALA E 402 -16.40 2.06 18.40
C ALA E 402 -15.57 2.07 17.11
N GLU E 403 -16.19 2.41 15.98
CA GLU E 403 -15.47 2.47 14.73
C GLU E 403 -14.64 3.75 14.58
N ALA E 404 -14.99 4.78 15.37
CA ALA E 404 -14.39 6.11 15.21
C ALA E 404 -12.90 6.13 15.49
N THR E 405 -12.14 6.91 14.72
CA THR E 405 -10.73 7.04 15.00
C THR E 405 -10.34 8.50 15.33
N VAL E 406 -11.30 9.40 15.28
CA VAL E 406 -11.04 10.77 15.64
C VAL E 406 -10.92 10.84 17.15
N PRO E 407 -10.29 11.91 17.67
CA PRO E 407 -10.16 12.05 19.13
C PRO E 407 -11.51 11.91 19.80
N LEU E 408 -11.55 11.23 20.92
CA LEU E 408 -12.80 11.03 21.62
C LEU E 408 -12.61 11.40 23.07
N ILE E 409 -13.44 12.31 23.54
CA ILE E 409 -13.37 12.79 24.91
C ILE E 409 -14.77 12.82 25.46
N THR E 410 -15.00 12.10 26.55
CA THR E 410 -16.32 12.00 27.14
C THR E 410 -16.30 12.55 28.55
N VAL E 411 -17.27 13.39 28.86
CA VAL E 411 -17.41 13.93 30.20
C VAL E 411 -18.75 13.50 30.74
N ILE E 412 -18.74 12.91 31.93
CA ILE E 412 -19.96 12.48 32.59
C ILE E 412 -20.32 13.49 33.69
N THR E 413 -21.41 14.22 33.51
CA THR E 413 -21.80 15.26 34.44
C THR E 413 -22.71 14.71 35.53
N ARG E 414 -23.27 13.53 35.29
CA ARG E 414 -24.20 12.98 36.27
C ARG E 414 -24.55 11.51 36.01
N LYS E 415 -25.79 11.24 35.61
CA LYS E 415 -26.25 9.87 35.40
C LYS E 415 -25.53 9.14 34.24
N ALA E 416 -25.16 7.88 34.50
CA ALA E 416 -24.63 7.00 33.46
C ALA E 416 -24.97 5.54 33.84
N PHE E 417 -26.19 5.14 33.52
CA PHE E 417 -26.70 3.82 33.91
C PHE E 417 -26.77 2.81 32.75
N GLY E 418 -26.94 1.55 33.10
CA GLY E 418 -27.21 0.49 32.12
C GLY E 418 -26.27 0.39 30.94
N GLY E 419 -26.81 -0.06 29.81
CA GLY E 419 -26.05 -0.08 28.58
C GLY E 419 -25.70 1.36 28.28
N ALA E 420 -26.64 2.25 28.57
CA ALA E 420 -26.51 3.68 28.31
C ALA E 420 -25.12 4.25 28.60
N TYR E 421 -24.48 3.78 29.68
CA TYR E 421 -23.08 4.15 29.95
C TYR E 421 -22.17 3.82 28.77
N ASN E 422 -22.28 2.63 28.19
CA ASN E 422 -21.45 2.35 27.02
C ASN E 422 -21.84 3.16 25.77
N VAL E 423 -23.14 3.34 25.55
CA VAL E 423 -23.63 4.00 24.34
C VAL E 423 -23.09 5.43 24.20
N MET E 424 -22.96 6.11 25.33
CA MET E 424 -22.51 7.48 25.34
C MET E 424 -20.98 7.54 25.51
N GLY E 425 -20.27 7.16 24.45
CA GLY E 425 -18.83 7.29 24.37
C GLY E 425 -17.97 6.66 25.46
N SER E 426 -18.40 5.53 26.02
CA SER E 426 -17.64 4.91 27.10
C SER E 426 -16.20 4.61 26.67
N LYS E 427 -15.30 4.49 27.64
CA LYS E 427 -13.91 4.17 27.37
C LYS E 427 -13.81 2.83 26.64
N HIS E 428 -14.73 1.93 26.97
CA HIS E 428 -14.69 0.57 26.45
C HIS E 428 -14.91 0.50 24.94
N LEU E 429 -15.72 1.41 24.42
CA LEU E 429 -15.87 1.57 22.99
C LEU E 429 -14.60 2.14 22.30
N GLY E 430 -13.74 2.80 23.08
CA GLY E 430 -12.48 3.33 22.56
C GLY E 430 -12.27 4.83 22.70
N ALA E 431 -13.01 5.46 23.59
CA ALA E 431 -12.83 6.86 23.90
C ALA E 431 -11.44 7.06 24.50
N ASP E 432 -10.77 8.13 24.10
CA ASP E 432 -9.37 8.34 24.49
C ASP E 432 -9.23 8.94 25.89
N LEU E 433 -10.23 9.69 26.31
CA LEU E 433 -10.21 10.37 27.59
C LEU E 433 -11.61 10.38 28.19
N ASN E 434 -11.76 9.78 29.37
CA ASN E 434 -13.05 9.82 30.06
C ASN E 434 -13.00 10.47 31.43
N LEU E 435 -13.69 11.59 31.54
CA LEU E 435 -13.66 12.37 32.75
C LEU E 435 -15.04 12.37 33.35
N ALA E 436 -15.09 12.49 34.67
CA ALA E 436 -16.37 12.52 35.36
C ALA E 436 -16.36 13.58 36.45
N TRP E 437 -17.55 14.10 36.73
CA TRP E 437 -17.69 15.09 37.75
C TRP E 437 -18.06 14.38 39.05
N PRO E 438 -17.91 15.04 40.21
CA PRO E 438 -18.28 14.36 41.46
C PRO E 438 -19.79 14.04 41.39
N THR E 439 -20.49 14.69 40.47
CA THR E 439 -21.91 14.47 40.33
C THR E 439 -22.26 13.28 39.44
N ALA E 440 -21.25 12.64 38.85
CA ALA E 440 -21.48 11.45 38.04
C ALA E 440 -22.03 10.34 38.90
N GLN E 441 -22.97 9.57 38.33
CA GLN E 441 -23.50 8.37 38.97
C GLN E 441 -23.36 7.22 37.99
N ILE E 442 -22.27 6.47 38.10
CA ILE E 442 -21.98 5.38 37.17
C ILE E 442 -22.32 4.04 37.78
N ALA E 443 -23.53 3.57 37.53
CA ALA E 443 -24.00 2.31 38.09
C ALA E 443 -24.45 1.39 36.96
N VAL E 444 -24.54 0.10 37.26
CA VAL E 444 -25.20 -0.82 36.35
C VAL E 444 -26.63 -0.36 36.22
N MET E 445 -27.18 0.13 37.33
CA MET E 445 -28.61 0.33 37.44
C MET E 445 -28.96 1.24 38.61
N GLY E 446 -30.13 1.87 38.55
CA GLY E 446 -30.60 2.74 39.61
C GLY E 446 -30.78 2.05 40.95
N ALA E 447 -30.57 2.81 42.03
CA ALA E 447 -30.60 2.29 43.39
C ALA E 447 -31.86 1.50 43.74
N GLN E 448 -33.01 2.07 43.40
CA GLN E 448 -34.30 1.46 43.70
C GLN E 448 -34.45 0.11 43.01
N GLY E 449 -34.24 0.11 41.70
CA GLY E 449 -34.30 -1.13 40.94
C GLY E 449 -33.16 -2.05 41.32
N ALA E 450 -32.07 -1.47 41.82
CA ALA E 450 -30.88 -2.23 42.15
C ALA E 450 -31.14 -3.18 43.33
N VAL E 451 -31.72 -2.64 44.40
CA VAL E 451 -32.07 -3.42 45.58
C VAL E 451 -33.26 -4.35 45.34
N ASN E 452 -34.29 -3.85 44.66
CA ASN E 452 -35.50 -4.63 44.40
C ASN E 452 -35.21 -6.02 43.84
N ILE E 453 -33.98 -6.21 43.38
CA ILE E 453 -33.52 -7.49 42.87
C ILE E 453 -32.40 -8.02 43.75
N LEU E 454 -31.36 -7.21 43.91
CA LEU E 454 -30.18 -7.55 44.68
C LEU E 454 -30.51 -8.03 46.10
N HIS E 455 -31.20 -7.19 46.87
CA HIS E 455 -31.58 -7.51 48.23
C HIS E 455 -33.09 -7.72 48.39
N ARG E 456 -33.68 -8.48 47.46
CA ARG E 456 -35.13 -8.71 47.45
C ARG E 456 -35.58 -9.64 48.57
N ARG E 457 -34.67 -10.48 49.04
CA ARG E 457 -35.00 -11.42 50.10
C ARG E 457 -35.47 -10.70 51.35
N THR E 458 -34.70 -9.71 51.79
CA THR E 458 -34.93 -9.06 53.07
C THR E 458 -36.11 -8.08 53.09
N ILE E 459 -36.86 -8.01 51.99
CA ILE E 459 -38.01 -7.10 51.93
C ILE E 459 -39.25 -7.69 52.61
N ALA E 460 -39.35 -9.02 52.61
CA ALA E 460 -40.40 -9.71 53.36
C ALA E 460 -39.82 -10.15 54.70
N ASP E 461 -38.77 -10.96 54.62
CA ASP E 461 -38.02 -11.39 55.78
C ASP E 461 -37.64 -10.20 56.67
N ALA E 462 -37.99 -10.30 57.95
CA ALA E 462 -37.70 -9.25 58.93
C ALA E 462 -38.26 -7.89 58.51
N GLY E 463 -39.45 -7.91 57.91
CA GLY E 463 -40.07 -6.68 57.43
C GLY E 463 -41.57 -6.60 57.60
N ASP E 464 -42.02 -5.59 58.33
CA ASP E 464 -43.43 -5.29 58.46
C ASP E 464 -43.73 -4.02 57.71
N ASP E 465 -42.69 -3.50 57.07
CA ASP E 465 -42.78 -2.31 56.25
C ASP E 465 -41.69 -2.37 55.20
N ALA E 466 -41.87 -1.68 54.09
CA ALA E 466 -40.84 -1.58 53.07
C ALA E 466 -39.85 -0.48 53.42
N GLU E 467 -40.29 0.51 54.20
CA GLU E 467 -39.42 1.65 54.52
C GLU E 467 -38.34 1.31 55.53
N ALA E 468 -38.69 0.46 56.50
CA ALA E 468 -37.77 0.09 57.57
C ALA E 468 -36.42 -0.38 57.02
N THR E 469 -36.44 -1.17 55.96
CA THR E 469 -35.22 -1.68 55.37
C THR E 469 -35.30 -1.76 53.84
N ARG E 470 -35.75 -0.67 53.22
CA ARG E 470 -35.64 -0.48 51.76
C ARG E 470 -35.29 0.97 51.49
N ALA E 471 -36.15 1.87 51.94
CA ALA E 471 -35.84 3.28 51.92
C ALA E 471 -34.37 3.50 52.27
N ARG E 472 -33.89 2.79 53.30
CA ARG E 472 -32.51 2.94 53.74
C ARG E 472 -31.60 1.80 53.32
N LEU E 473 -32.16 0.82 52.61
CA LEU E 473 -31.33 -0.19 51.94
C LEU E 473 -30.88 0.37 50.60
N ILE E 474 -31.66 1.32 50.11
CA ILE E 474 -31.38 2.08 48.91
C ILE E 474 -30.34 3.17 49.22
N GLN E 475 -30.67 4.00 50.20
CA GLN E 475 -29.85 5.15 50.56
C GLN E 475 -28.39 4.76 50.85
N GLU E 476 -28.15 3.52 51.25
CA GLU E 476 -26.79 3.05 51.47
C GLU E 476 -26.18 2.53 50.17
N TYR E 477 -27.04 2.11 49.25
CA TYR E 477 -26.58 1.72 47.92
C TYR E 477 -26.25 3.00 47.13
N GLU E 478 -27.12 4.00 47.27
CA GLU E 478 -26.91 5.31 46.66
C GLU E 478 -25.62 5.97 47.15
N ASP E 479 -25.29 5.75 48.43
CA ASP E 479 -24.11 6.35 49.02
C ASP E 479 -22.84 5.59 48.68
N ALA E 480 -22.97 4.27 48.56
CA ALA E 480 -21.82 3.41 48.31
C ALA E 480 -21.38 3.41 46.86
N LEU E 481 -22.33 3.49 45.93
CA LEU E 481 -22.06 3.15 44.54
C LEU E 481 -22.47 4.16 43.47
N LEU E 482 -23.57 4.88 43.69
CA LEU E 482 -24.01 5.89 42.73
C LEU E 482 -23.11 7.13 42.73
N ASN E 483 -21.81 6.90 42.68
CA ASN E 483 -20.80 7.93 42.48
C ASN E 483 -20.04 7.59 41.19
N PRO E 484 -18.96 8.32 40.89
CA PRO E 484 -18.16 7.91 39.73
C PRO E 484 -16.88 7.16 40.12
N TYR E 485 -16.69 6.94 41.42
CA TYR E 485 -15.41 6.50 41.97
C TYR E 485 -15.09 5.01 41.81
N THR E 486 -16.10 4.15 41.81
CA THR E 486 -15.83 2.73 41.57
C THR E 486 -15.33 2.56 40.14
N ALA E 487 -15.91 3.32 39.21
CA ALA E 487 -15.37 3.36 37.85
C ALA E 487 -13.91 3.84 37.85
N ALA E 488 -13.62 4.86 38.67
CA ALA E 488 -12.28 5.45 38.71
C ALA E 488 -11.24 4.43 39.20
N GLU E 489 -11.56 3.75 40.30
CA GLU E 489 -10.65 2.75 40.85
C GLU E 489 -10.25 1.66 39.85
N ARG E 490 -11.11 1.39 38.86
CA ARG E 490 -10.75 0.46 37.78
C ARG E 490 -10.05 1.12 36.60
N GLY E 491 -10.30 2.41 36.37
CA GLY E 491 -9.68 3.11 35.27
C GLY E 491 -10.61 3.31 34.07
N TYR E 492 -11.84 2.83 34.18
CA TYR E 492 -12.82 3.00 33.11
C TYR E 492 -12.95 4.47 32.81
N VAL E 493 -12.63 5.25 33.83
CA VAL E 493 -12.60 6.70 33.79
C VAL E 493 -11.21 7.12 34.27
N ASP E 494 -10.56 7.99 33.50
CA ASP E 494 -9.15 8.31 33.75
C ASP E 494 -8.95 9.45 34.74
N ALA E 495 -10.04 10.09 35.13
CA ALA E 495 -10.03 11.04 36.24
C ALA E 495 -11.43 11.60 36.50
N VAL E 496 -11.64 11.98 37.75
CA VAL E 496 -12.82 12.71 38.16
C VAL E 496 -12.32 14.07 38.66
N ILE E 497 -13.10 15.12 38.44
CA ILE E 497 -12.56 16.45 38.65
C ILE E 497 -13.67 17.49 38.80
N MET E 498 -13.31 18.67 39.30
CA MET E 498 -14.30 19.71 39.46
C MET E 498 -14.87 20.02 38.09
N PRO E 499 -16.20 20.18 38.00
CA PRO E 499 -16.78 20.66 36.75
C PRO E 499 -16.02 21.87 36.20
N SER E 500 -15.67 22.83 37.07
CA SER E 500 -15.01 24.06 36.62
C SER E 500 -13.74 23.81 35.78
N ASP E 501 -13.18 22.61 35.88
CA ASP E 501 -11.96 22.29 35.13
C ASP E 501 -12.17 21.55 33.79
N THR E 502 -13.41 21.25 33.40
CA THR E 502 -13.56 20.46 32.17
C THR E 502 -13.04 21.18 30.92
N ARG E 503 -13.27 22.48 30.80
CA ARG E 503 -12.80 23.16 29.59
C ARG E 503 -11.30 23.02 29.40
N ARG E 504 -10.56 23.19 30.47
CA ARG E 504 -9.11 23.13 30.38
C ARG E 504 -8.62 21.70 30.16
N HIS E 505 -9.44 20.73 30.55
CA HIS E 505 -9.10 19.33 30.33
C HIS E 505 -9.27 18.96 28.86
N ILE E 506 -10.44 19.29 28.32
CA ILE E 506 -10.70 19.23 26.89
C ILE E 506 -9.62 19.94 26.07
N VAL E 507 -9.14 21.08 26.57
CA VAL E 507 -8.11 21.86 25.85
C VAL E 507 -6.78 21.11 25.75
N ARG E 508 -6.34 20.53 26.86
CA ARG E 508 -5.04 19.89 26.89
C ARG E 508 -5.14 18.50 26.30
N GLY E 509 -6.34 17.94 26.40
CA GLY E 509 -6.62 16.65 25.81
C GLY E 509 -6.54 16.72 24.30
N LEU E 510 -7.23 17.69 23.69
CA LEU E 510 -7.22 17.82 22.25
C LEU E 510 -5.82 18.12 21.74
N ARG E 511 -5.04 18.88 22.52
CA ARG E 511 -3.68 19.18 22.08
C ARG E 511 -2.91 17.88 21.90
N GLN E 512 -2.85 17.08 22.96
CA GLN E 512 -2.13 15.81 22.95
C GLN E 512 -2.74 14.89 21.90
N LEU E 513 -4.06 14.88 21.89
CA LEU E 513 -4.83 13.99 21.05
C LEU E 513 -4.76 14.34 19.57
N ARG E 514 -4.10 15.44 19.22
CA ARG E 514 -4.10 15.89 17.83
C ARG E 514 -3.37 14.93 16.87
N THR E 515 -2.42 14.18 17.40
CA THR E 515 -1.61 13.32 16.55
C THR E 515 -2.09 11.87 16.62
N LYS E 516 -3.36 11.69 16.95
CA LYS E 516 -3.88 10.35 17.21
C LYS E 516 -4.00 9.54 15.94
N ARG E 517 -3.36 8.37 15.95
CA ARG E 517 -3.51 7.40 14.85
C ARG E 517 -3.64 5.93 15.29
N GLU E 518 -4.67 5.23 14.80
CA GLU E 518 -4.88 3.79 15.07
C GLU E 518 -5.15 3.04 13.76
N SER E 519 -5.56 1.77 13.86
CA SER E 519 -6.09 0.99 12.71
C SER E 519 -6.37 -0.48 13.00
N LEU E 520 -6.80 -1.23 11.98
CA LEU E 520 -7.31 -2.60 12.14
C LEU E 520 -7.41 -3.37 10.79
N PRO E 521 -7.96 -4.60 10.79
CA PRO E 521 -7.85 -5.44 9.58
C PRO E 521 -8.78 -5.01 8.45
N PRO E 522 -8.32 -5.12 7.21
CA PRO E 522 -9.04 -4.45 6.14
C PRO E 522 -10.39 -5.11 5.89
N LYS E 523 -11.36 -4.25 5.61
CA LYS E 523 -12.68 -4.65 5.22
C LYS E 523 -13.09 -3.75 4.08
N LYS E 524 -14.03 -4.23 3.26
CA LYS E 524 -14.65 -3.40 2.25
C LYS E 524 -15.34 -2.26 2.97
N HIS E 525 -16.07 -2.64 4.01
CA HIS E 525 -16.84 -1.74 4.84
C HIS E 525 -17.41 -2.58 5.95
N GLY E 526 -17.89 -1.93 6.99
CA GLY E 526 -18.54 -2.62 8.08
C GLY E 526 -19.97 -2.93 7.72
N ASN E 527 -20.68 -3.53 8.67
CA ASN E 527 -22.03 -3.97 8.43
C ASN E 527 -22.89 -3.52 9.59
N ILE E 528 -22.97 -2.21 9.76
CA ILE E 528 -23.67 -1.61 10.89
C ILE E 528 -25.13 -2.00 10.85
N PRO E 529 -25.75 -2.15 12.03
CA PRO E 529 -27.19 -2.44 12.03
C PRO E 529 -27.96 -1.33 11.36
N LEU E 530 -28.95 -1.70 10.56
CA LEU E 530 -29.78 -0.73 9.86
C LEU E 530 -31.23 -0.98 10.22
N ASP F 10 -2.70 -39.05 46.61
CA ASP F 10 -2.21 -37.99 47.48
C ASP F 10 -2.41 -36.62 46.83
N ILE F 11 -1.30 -35.96 46.50
CA ILE F 11 -1.36 -34.64 45.86
C ILE F 11 0.06 -34.09 45.65
N HIS F 12 0.98 -34.51 46.51
CA HIS F 12 2.37 -34.11 46.37
C HIS F 12 3.08 -34.96 45.30
N THR F 13 2.43 -36.04 44.88
CA THR F 13 2.96 -36.90 43.81
C THR F 13 2.47 -36.46 42.41
N THR F 14 3.28 -36.71 41.39
CA THR F 14 2.90 -36.42 40.01
C THR F 14 1.54 -37.04 39.64
N ALA F 15 1.31 -38.26 40.12
CA ALA F 15 0.09 -38.98 39.80
C ALA F 15 -1.11 -38.42 40.55
N GLY F 16 -0.92 -38.07 41.82
CA GLY F 16 -1.93 -37.38 42.61
C GLY F 16 -2.38 -36.05 41.99
N LYS F 17 -1.51 -35.42 41.22
CA LYS F 17 -1.85 -34.16 40.57
C LYS F 17 -2.66 -34.41 39.31
N LEU F 18 -2.49 -35.58 38.72
CA LEU F 18 -3.26 -35.94 37.53
C LEU F 18 -4.72 -36.20 37.89
N ALA F 19 -4.95 -36.94 38.97
CA ALA F 19 -6.32 -37.22 39.41
C ALA F 19 -7.01 -35.91 39.80
N ASP F 20 -6.25 -35.05 40.46
CA ASP F 20 -6.71 -33.72 40.83
C ASP F 20 -7.30 -32.97 39.61
N LEU F 21 -6.69 -33.18 38.44
CA LEU F 21 -7.16 -32.52 37.23
C LEU F 21 -8.56 -33.01 36.85
N ARG F 22 -8.74 -34.33 36.92
CA ARG F 22 -9.97 -34.95 36.45
C ARG F 22 -11.17 -34.57 37.31
N ARG F 23 -10.97 -34.60 38.63
CA ARG F 23 -12.01 -34.17 39.53
C ARG F 23 -12.37 -32.74 39.18
N ARG F 24 -11.35 -31.91 38.96
CA ARG F 24 -11.59 -30.54 38.54
C ARG F 24 -12.42 -30.48 37.26
N ILE F 25 -12.01 -31.23 36.25
CA ILE F 25 -12.73 -31.25 34.98
C ILE F 25 -14.20 -31.62 35.19
N GLU F 26 -14.43 -32.57 36.08
CA GLU F 26 -15.79 -32.97 36.42
C GLU F 26 -16.56 -31.83 37.05
N GLU F 27 -15.90 -31.12 37.96
CA GLU F 27 -16.50 -29.94 38.58
C GLU F 27 -16.85 -28.88 37.54
N ALA F 28 -15.93 -28.65 36.61
CA ALA F 28 -16.10 -27.64 35.56
C ALA F 28 -17.15 -28.05 34.52
N THR F 29 -17.45 -29.34 34.44
CA THR F 29 -18.38 -29.82 33.42
C THR F 29 -19.82 -29.82 33.95
N HIS F 30 -19.94 -29.72 35.27
CA HIS F 30 -21.24 -29.77 35.93
C HIS F 30 -21.36 -28.67 36.98
N ALA F 31 -20.69 -27.55 36.72
CA ALA F 31 -20.67 -26.42 37.64
C ALA F 31 -22.07 -25.88 37.93
N GLY F 32 -22.95 -25.93 36.92
CA GLY F 32 -24.32 -25.51 37.08
C GLY F 32 -25.04 -26.38 38.09
N SER F 33 -25.89 -25.75 38.90
CA SER F 33 -26.67 -26.49 39.88
C SER F 33 -27.17 -27.81 39.31
N ALA F 34 -26.73 -28.91 39.93
CA ALA F 34 -27.14 -30.24 39.51
C ALA F 34 -28.65 -30.24 39.25
N ARG F 35 -29.38 -29.50 40.06
CA ARG F 35 -30.81 -29.38 39.92
C ARG F 35 -31.17 -28.52 38.71
N ALA F 36 -30.67 -27.28 38.71
CA ALA F 36 -31.00 -26.29 37.69
C ALA F 36 -30.69 -26.72 36.27
N VAL F 37 -29.90 -27.78 36.11
CA VAL F 37 -29.60 -28.32 34.79
C VAL F 37 -30.81 -29.09 34.24
N GLU F 38 -31.72 -29.43 35.15
CA GLU F 38 -32.95 -30.13 34.80
C GLU F 38 -34.11 -29.14 34.63
N LYS F 39 -34.03 -28.03 35.37
CA LYS F 39 -34.95 -26.91 35.19
C LYS F 39 -35.09 -26.58 33.73
N GLN F 40 -33.92 -26.41 33.11
CA GLN F 40 -33.83 -26.06 31.71
C GLN F 40 -34.44 -27.17 30.86
N HIS F 41 -33.99 -28.39 31.10
CA HIS F 41 -34.51 -29.54 30.36
C HIS F 41 -36.03 -29.57 30.37
N ALA F 42 -36.65 -29.04 31.43
CA ALA F 42 -38.10 -29.08 31.56
C ALA F 42 -38.80 -28.12 30.59
N LYS F 43 -38.18 -26.97 30.34
CA LYS F 43 -38.73 -25.97 29.42
C LYS F 43 -38.56 -26.37 27.94
N GLY F 44 -37.72 -27.38 27.69
CA GLY F 44 -37.46 -27.83 26.33
C GLY F 44 -36.11 -27.40 25.79
N LYS F 45 -35.21 -27.01 26.69
CA LYS F 45 -33.92 -26.41 26.31
C LYS F 45 -32.74 -27.33 26.66
N LEU F 46 -31.56 -26.97 26.17
CA LEU F 46 -30.37 -27.82 26.32
C LEU F 46 -29.32 -27.20 27.24
N THR F 47 -28.33 -28.00 27.65
CA THR F 47 -27.23 -27.50 28.47
C THR F 47 -26.34 -26.63 27.58
N ALA F 48 -25.60 -25.70 28.18
CA ALA F 48 -24.74 -24.82 27.38
C ALA F 48 -23.65 -25.63 26.67
N ARG F 49 -23.15 -26.67 27.34
CA ARG F 49 -22.13 -27.54 26.77
C ARG F 49 -22.67 -28.46 25.67
N GLU F 50 -23.97 -28.74 25.72
CA GLU F 50 -24.58 -29.60 24.71
C GLU F 50 -25.15 -28.80 23.55
N ARG F 51 -25.36 -27.50 23.79
CA ARG F 51 -25.59 -26.57 22.70
C ARG F 51 -24.36 -26.64 21.81
N ILE F 52 -23.19 -26.63 22.44
CA ILE F 52 -21.92 -26.70 21.72
C ILE F 52 -21.71 -28.04 21.00
N ASP F 53 -21.83 -29.14 21.73
CA ASP F 53 -21.58 -30.45 21.16
C ASP F 53 -22.44 -30.72 19.92
N LEU F 54 -23.67 -30.21 19.94
CA LEU F 54 -24.56 -30.27 18.78
C LEU F 54 -24.04 -29.47 17.59
N LEU F 55 -23.64 -28.21 17.84
CA LEU F 55 -23.16 -27.31 16.78
C LEU F 55 -21.84 -27.72 16.11
N LEU F 56 -20.86 -28.15 16.90
CA LEU F 56 -19.55 -28.47 16.36
C LEU F 56 -19.46 -29.93 15.93
N ASP F 57 -18.46 -30.21 15.09
CA ASP F 57 -18.14 -31.56 14.71
C ASP F 57 -17.56 -32.32 15.90
N GLU F 58 -17.69 -33.64 15.87
CA GLU F 58 -17.32 -34.47 17.01
C GLU F 58 -15.82 -34.57 17.24
N GLY F 59 -15.44 -34.38 18.51
CA GLY F 59 -14.04 -34.37 18.90
C GLY F 59 -13.25 -33.13 18.51
N SER F 60 -13.90 -32.16 17.86
CA SER F 60 -13.18 -30.97 17.38
C SER F 60 -13.10 -29.88 18.46
N PHE F 61 -14.09 -29.88 19.35
CA PHE F 61 -14.19 -28.84 20.36
C PHE F 61 -12.98 -28.84 21.29
N VAL F 62 -12.19 -27.78 21.24
CA VAL F 62 -11.18 -27.56 22.27
C VAL F 62 -11.67 -26.45 23.20
N GLU F 63 -11.74 -26.73 24.48
CA GLU F 63 -12.21 -25.76 25.44
C GLU F 63 -11.15 -24.70 25.78
N LEU F 64 -11.57 -23.44 25.79
CA LEU F 64 -10.71 -22.35 26.21
C LEU F 64 -11.22 -21.81 27.54
N ASP F 65 -10.30 -21.51 28.45
CA ASP F 65 -10.62 -20.89 29.75
C ASP F 65 -11.50 -21.78 30.62
N GLU F 66 -11.21 -23.06 30.61
CA GLU F 66 -12.07 -24.04 31.26
C GLU F 66 -12.15 -23.85 32.77
N PHE F 67 -11.01 -23.56 33.39
CA PHE F 67 -10.97 -23.39 34.83
C PHE F 67 -10.79 -21.93 35.22
N ALA F 68 -11.17 -21.02 34.34
CA ALA F 68 -11.14 -19.60 34.69
C ALA F 68 -11.99 -19.39 35.94
N ARG F 69 -11.63 -18.40 36.75
CA ARG F 69 -12.27 -18.19 38.04
C ARG F 69 -12.50 -16.72 38.36
N HIS F 70 -13.77 -16.36 38.57
CA HIS F 70 -14.12 -14.98 38.90
C HIS F 70 -13.44 -14.58 40.20
N ARG F 71 -13.16 -13.27 40.32
CA ARG F 71 -12.32 -12.76 41.39
C ARG F 71 -12.99 -11.62 42.16
N SER F 72 -14.32 -11.53 42.05
CA SER F 72 -15.07 -10.48 42.74
C SER F 72 -15.37 -10.86 44.20
N THR F 73 -15.18 -9.90 45.11
CA THR F 73 -15.43 -10.12 46.53
C THR F 73 -16.87 -9.74 46.88
N ASN F 74 -17.37 -8.70 46.23
CA ASN F 74 -18.70 -8.15 46.50
C ASN F 74 -19.81 -9.17 46.80
N PHE F 75 -20.42 -9.01 47.95
CA PHE F 75 -21.60 -9.79 48.34
C PHE F 75 -21.27 -11.25 48.63
N GLY F 76 -22.15 -12.15 48.23
CA GLY F 76 -21.97 -13.56 48.49
C GLY F 76 -21.12 -14.25 47.44
N LEU F 77 -20.18 -13.50 46.86
CA LEU F 77 -19.46 -13.99 45.70
C LEU F 77 -18.22 -14.83 45.97
N ASP F 78 -17.59 -14.60 47.13
CA ASP F 78 -16.42 -15.39 47.50
C ASP F 78 -16.81 -16.85 47.71
N ALA F 79 -17.93 -17.05 48.39
CA ALA F 79 -18.48 -18.38 48.63
C ALA F 79 -18.75 -19.14 47.33
N ASN F 80 -19.06 -18.40 46.26
CA ASN F 80 -19.44 -19.01 44.99
C ASN F 80 -18.51 -18.66 43.80
N ARG F 81 -17.59 -19.58 43.47
CA ARG F 81 -16.69 -19.35 42.33
C ARG F 81 -16.62 -20.55 41.37
N PRO F 82 -17.70 -20.78 40.61
CA PRO F 82 -17.80 -21.89 39.65
C PRO F 82 -16.79 -21.80 38.52
N TYR F 83 -16.26 -22.94 38.07
CA TYR F 83 -15.18 -22.90 37.07
C TYR F 83 -15.59 -22.40 35.70
N GLY F 84 -16.86 -22.55 35.35
CA GLY F 84 -17.32 -21.99 34.08
C GLY F 84 -17.23 -20.45 34.07
N ASP F 85 -17.56 -19.87 35.21
CA ASP F 85 -17.76 -18.42 35.32
C ASP F 85 -19.04 -18.08 34.57
N GLY F 86 -19.72 -19.13 34.10
CA GLY F 86 -21.07 -19.02 33.57
C GLY F 86 -21.17 -18.96 32.07
N VAL F 87 -20.09 -19.33 31.39
CA VAL F 87 -20.11 -19.33 29.93
C VAL F 87 -19.06 -20.32 29.41
N VAL F 88 -19.40 -21.06 28.36
CA VAL F 88 -18.52 -22.08 27.83
C VAL F 88 -17.99 -21.66 26.48
N THR F 89 -16.69 -21.77 26.28
CA THR F 89 -16.06 -21.09 25.15
C THR F 89 -14.88 -21.86 24.59
N GLY F 90 -14.72 -21.82 23.28
CA GLY F 90 -13.52 -22.37 22.68
C GLY F 90 -13.54 -22.39 21.18
N TYR F 91 -12.61 -23.14 20.61
CA TYR F 91 -12.57 -23.32 19.17
C TYR F 91 -12.80 -24.76 18.71
N GLY F 92 -13.34 -24.91 17.51
CA GLY F 92 -13.58 -26.21 16.89
C GLY F 92 -13.75 -26.06 15.39
N THR F 93 -14.38 -27.04 14.77
CA THR F 93 -14.71 -26.99 13.35
C THR F 93 -16.18 -27.29 13.13
N VAL F 94 -16.79 -26.59 12.19
CA VAL F 94 -18.14 -26.93 11.75
C VAL F 94 -18.01 -27.38 10.30
N ASP F 95 -18.49 -28.58 10.01
CA ASP F 95 -18.33 -29.18 8.69
C ASP F 95 -16.90 -29.03 8.20
N GLY F 96 -15.93 -29.21 9.08
CA GLY F 96 -14.53 -29.21 8.67
C GLY F 96 -13.87 -27.85 8.59
N ARG F 97 -14.63 -26.81 8.90
CA ARG F 97 -14.12 -25.46 8.77
C ARG F 97 -14.02 -24.72 10.13
N PRO F 98 -12.92 -23.97 10.36
CA PRO F 98 -12.75 -23.36 11.69
C PRO F 98 -13.88 -22.39 12.11
N VAL F 99 -14.15 -22.39 13.41
CA VAL F 99 -15.24 -21.65 14.03
C VAL F 99 -14.92 -21.51 15.51
N ALA F 100 -15.08 -20.30 16.06
CA ALA F 100 -14.94 -20.10 17.50
C ALA F 100 -16.34 -19.90 18.08
N VAL F 101 -16.49 -20.27 19.34
CA VAL F 101 -17.82 -20.29 19.91
C VAL F 101 -17.79 -19.93 21.38
N PHE F 102 -18.82 -19.20 21.80
CA PHE F 102 -19.16 -19.08 23.21
C PHE F 102 -20.64 -19.45 23.40
N SER F 103 -20.95 -19.98 24.58
CA SER F 103 -22.31 -20.38 24.89
C SER F 103 -22.57 -20.06 26.36
N GLN F 104 -23.66 -19.35 26.61
CA GLN F 104 -23.91 -18.82 27.94
C GLN F 104 -24.60 -19.83 28.87
N ASP F 105 -23.96 -20.10 30.00
CA ASP F 105 -24.41 -21.14 30.94
C ASP F 105 -25.48 -20.63 31.92
N PHE F 106 -26.73 -20.64 31.47
CA PHE F 106 -27.86 -20.12 32.24
C PHE F 106 -28.03 -20.83 33.60
N THR F 107 -27.27 -21.90 33.82
CA THR F 107 -27.33 -22.63 35.09
C THR F 107 -26.36 -22.10 36.15
N VAL F 108 -25.27 -21.48 35.71
CA VAL F 108 -24.36 -20.77 36.62
C VAL F 108 -24.79 -19.32 36.73
N PHE F 109 -25.23 -18.93 37.92
CA PHE F 109 -25.85 -17.63 38.11
C PHE F 109 -26.98 -17.49 37.09
N GLY F 110 -27.56 -16.30 36.99
CA GLY F 110 -28.68 -16.12 36.07
C GLY F 110 -28.30 -16.39 34.63
N GLY F 111 -27.03 -16.69 34.40
CA GLY F 111 -26.45 -16.61 33.07
C GLY F 111 -25.98 -15.17 32.93
N ALA F 112 -26.28 -14.38 33.95
CA ALA F 112 -25.87 -12.98 34.01
C ALA F 112 -24.37 -12.79 33.76
N LEU F 113 -24.05 -11.75 33.01
CA LEU F 113 -22.69 -11.49 32.58
C LEU F 113 -21.82 -10.88 33.70
N GLY F 114 -20.58 -11.35 33.78
CA GLY F 114 -19.62 -10.88 34.78
C GLY F 114 -18.27 -10.61 34.18
N GLU F 115 -17.37 -10.07 34.99
CA GLU F 115 -16.02 -9.71 34.57
C GLU F 115 -15.37 -10.78 33.69
N VAL F 116 -15.10 -11.95 34.28
CA VAL F 116 -14.34 -12.98 33.57
C VAL F 116 -15.16 -13.68 32.47
N TYR F 117 -16.43 -13.90 32.77
CA TYR F 117 -17.44 -14.30 31.80
C TYR F 117 -17.33 -13.49 30.50
N GLY F 118 -17.10 -12.19 30.64
CA GLY F 118 -16.99 -11.27 29.51
C GLY F 118 -15.60 -11.24 28.90
N GLN F 119 -14.59 -11.44 29.74
CA GLN F 119 -13.24 -11.62 29.25
C GLN F 119 -13.19 -12.87 28.39
N LYS F 120 -13.74 -13.98 28.92
CA LYS F 120 -13.81 -15.23 28.17
C LYS F 120 -14.29 -14.98 26.75
N ILE F 121 -15.41 -14.27 26.64
CA ILE F 121 -16.00 -13.97 25.33
C ILE F 121 -15.01 -13.20 24.45
N VAL F 122 -14.26 -12.29 25.05
CA VAL F 122 -13.26 -11.48 24.35
C VAL F 122 -12.11 -12.30 23.78
N LYS F 123 -11.45 -13.07 24.65
CA LYS F 123 -10.41 -14.01 24.21
C LYS F 123 -10.79 -14.82 22.98
N VAL F 124 -12.08 -15.15 22.89
CA VAL F 124 -12.54 -15.96 21.79
C VAL F 124 -12.82 -15.13 20.53
N MET F 125 -13.44 -13.97 20.72
CA MET F 125 -13.57 -13.00 19.64
C MET F 125 -12.20 -12.64 19.08
N ASP F 126 -11.24 -12.47 19.97
CA ASP F 126 -9.89 -12.10 19.57
C ASP F 126 -9.25 -13.20 18.77
N PHE F 127 -9.40 -14.44 19.24
CA PHE F 127 -8.84 -15.59 18.58
C PHE F 127 -9.45 -15.79 17.17
N ALA F 128 -10.77 -15.65 17.08
CA ALA F 128 -11.44 -15.71 15.77
C ALA F 128 -10.91 -14.65 14.79
N LEU F 129 -10.92 -13.38 15.21
CA LEU F 129 -10.47 -12.30 14.33
C LEU F 129 -9.04 -12.54 13.88
N LYS F 130 -8.22 -13.01 14.80
CA LYS F 130 -6.81 -13.25 14.56
C LYS F 130 -6.53 -14.38 13.54
N THR F 131 -7.33 -15.45 13.59
CA THR F 131 -7.16 -16.57 12.65
C THR F 131 -8.15 -16.50 11.49
N GLY F 132 -9.09 -15.55 11.55
CA GLY F 132 -10.01 -15.32 10.45
C GLY F 132 -11.08 -16.40 10.30
N CYS F 133 -11.66 -16.84 11.42
CA CYS F 133 -12.77 -17.77 11.39
C CYS F 133 -14.02 -17.14 11.99
N PRO F 134 -15.19 -17.73 11.72
CA PRO F 134 -16.45 -17.21 12.24
C PRO F 134 -16.54 -17.33 13.75
N VAL F 135 -17.48 -16.58 14.33
CA VAL F 135 -17.80 -16.68 15.74
C VAL F 135 -19.27 -16.95 15.88
N VAL F 136 -19.62 -17.97 16.64
CA VAL F 136 -21.01 -18.18 16.97
C VAL F 136 -21.18 -17.93 18.45
N GLY F 137 -22.12 -17.06 18.78
CA GLY F 137 -22.41 -16.76 20.16
C GLY F 137 -23.78 -17.30 20.53
N ILE F 138 -23.81 -18.20 21.52
CA ILE F 138 -25.05 -18.77 21.99
C ILE F 138 -25.52 -18.05 23.27
N ASN F 139 -26.64 -17.35 23.16
CA ASN F 139 -27.06 -16.42 24.19
C ASN F 139 -28.18 -16.93 25.08
N ASP F 140 -27.94 -16.85 26.39
CA ASP F 140 -28.88 -17.37 27.37
C ASP F 140 -28.57 -16.71 28.70
N SER F 141 -28.97 -15.45 28.86
CA SER F 141 -28.60 -14.67 30.04
C SER F 141 -29.76 -13.84 30.58
N GLY F 142 -29.90 -13.81 31.90
CA GLY F 142 -30.96 -13.05 32.53
C GLY F 142 -30.68 -11.55 32.46
N GLY F 143 -29.40 -11.20 32.50
CA GLY F 143 -28.97 -9.81 32.42
C GLY F 143 -27.52 -9.70 32.86
N ALA F 144 -27.20 -8.64 33.62
CA ALA F 144 -25.84 -8.44 34.11
C ALA F 144 -25.67 -8.94 35.54
N ARG F 145 -24.43 -9.30 35.89
CA ARG F 145 -24.10 -9.74 37.24
C ARG F 145 -23.88 -8.54 38.18
N ILE F 146 -24.98 -7.85 38.51
CA ILE F 146 -24.99 -6.63 39.30
C ILE F 146 -23.99 -6.64 40.47
N GLN F 147 -23.85 -7.78 41.13
CA GLN F 147 -23.00 -7.91 42.30
C GLN F 147 -21.62 -7.26 42.13
N GLU F 148 -21.04 -7.37 40.94
CA GLU F 148 -19.73 -6.80 40.67
C GLU F 148 -19.85 -5.41 40.06
N GLY F 149 -21.08 -5.04 39.71
CA GLY F 149 -21.38 -3.69 39.29
C GLY F 149 -20.92 -3.28 37.91
N VAL F 150 -20.38 -2.07 37.81
CA VAL F 150 -20.02 -1.45 36.54
C VAL F 150 -19.00 -2.27 35.75
N ALA F 151 -18.33 -3.20 36.44
CA ALA F 151 -17.39 -4.12 35.81
C ALA F 151 -18.14 -4.97 34.81
N SER F 152 -19.43 -5.13 35.05
CA SER F 152 -20.33 -5.85 34.17
C SER F 152 -20.49 -5.05 32.88
N LEU F 153 -20.66 -3.75 33.03
CA LEU F 153 -20.81 -2.84 31.90
C LEU F 153 -19.52 -2.69 31.12
N GLY F 154 -18.39 -2.87 31.79
CA GLY F 154 -17.09 -2.83 31.14
C GLY F 154 -16.94 -3.98 30.17
N ALA F 155 -17.27 -5.18 30.64
CA ALA F 155 -17.18 -6.39 29.82
C ALA F 155 -18.12 -6.29 28.62
N TYR F 156 -19.38 -5.93 28.88
CA TYR F 156 -20.32 -5.65 27.79
C TYR F 156 -19.67 -4.76 26.73
N GLY F 157 -18.94 -3.76 27.18
CA GLY F 157 -18.39 -2.75 26.29
C GLY F 157 -17.19 -3.23 25.52
N GLU F 158 -16.37 -4.05 26.15
CA GLU F 158 -15.25 -4.68 25.46
C GLU F 158 -15.79 -5.56 24.34
N ILE F 159 -17.01 -6.06 24.54
CA ILE F 159 -17.63 -6.91 23.53
C ILE F 159 -18.13 -6.03 22.40
N PHE F 160 -19.01 -5.10 22.73
CA PHE F 160 -19.52 -4.16 21.73
C PHE F 160 -18.43 -3.72 20.76
N ARG F 161 -17.25 -3.40 21.30
CA ARG F 161 -16.21 -2.80 20.49
C ARG F 161 -15.67 -3.83 19.52
N ARG F 162 -15.41 -5.02 20.05
CA ARG F 162 -14.93 -6.11 19.22
C ARG F 162 -15.96 -6.57 18.20
N ASN F 163 -17.24 -6.53 18.57
CA ASN F 163 -18.29 -6.73 17.59
C ASN F 163 -18.10 -5.81 16.40
N THR F 164 -17.99 -4.51 16.68
CA THR F 164 -17.86 -3.49 15.65
C THR F 164 -16.59 -3.69 14.82
N HIS F 165 -15.47 -3.95 15.50
CA HIS F 165 -14.19 -4.08 14.81
C HIS F 165 -14.11 -5.34 13.92
N ALA F 166 -14.91 -6.35 14.23
CA ALA F 166 -14.87 -7.58 13.45
C ALA F 166 -15.91 -7.51 12.34
N SER F 167 -16.84 -6.57 12.47
CA SER F 167 -17.96 -6.50 11.54
C SER F 167 -17.53 -6.43 10.09
N GLY F 168 -17.93 -7.42 9.31
CA GLY F 168 -17.57 -7.49 7.90
C GLY F 168 -16.19 -8.08 7.71
N VAL F 169 -15.61 -8.55 8.79
CA VAL F 169 -14.29 -9.18 8.67
C VAL F 169 -14.40 -10.67 8.83
N ILE F 170 -15.06 -11.08 9.92
CA ILE F 170 -15.41 -12.48 10.10
C ILE F 170 -16.88 -12.54 10.41
N PRO F 171 -17.57 -13.55 9.85
CA PRO F 171 -19.01 -13.64 10.10
C PRO F 171 -19.25 -13.85 11.58
N GLN F 172 -20.24 -13.17 12.12
CA GLN F 172 -20.62 -13.32 13.51
C GLN F 172 -22.09 -13.66 13.51
N ILE F 173 -22.45 -14.75 14.18
CA ILE F 173 -23.86 -15.16 14.29
C ILE F 173 -24.16 -15.41 15.74
N SER F 174 -25.25 -14.83 16.22
CA SER F 174 -25.70 -15.11 17.59
C SER F 174 -26.93 -16.00 17.60
N LEU F 175 -26.89 -17.01 18.46
CA LEU F 175 -28.00 -17.92 18.65
C LEU F 175 -28.67 -17.44 19.93
N VAL F 176 -29.90 -16.97 19.79
CA VAL F 176 -30.64 -16.41 20.90
C VAL F 176 -31.60 -17.47 21.41
N VAL F 177 -31.16 -18.22 22.41
CA VAL F 177 -31.89 -19.39 22.91
C VAL F 177 -32.57 -19.11 24.25
N GLY F 178 -32.48 -17.86 24.70
CA GLY F 178 -33.05 -17.48 25.97
C GLY F 178 -33.13 -15.97 26.10
N PRO F 179 -33.01 -15.46 27.33
CA PRO F 179 -33.17 -14.02 27.47
C PRO F 179 -31.91 -13.23 27.10
N CYS F 180 -32.08 -12.20 26.29
CA CYS F 180 -31.08 -11.15 26.19
C CYS F 180 -31.78 -9.89 26.64
N ALA F 181 -31.29 -9.29 27.72
CA ALA F 181 -31.96 -8.13 28.30
C ALA F 181 -30.96 -7.07 28.73
N GLY F 182 -31.36 -5.81 28.59
CA GLY F 182 -30.53 -4.71 29.01
C GLY F 182 -29.30 -4.57 28.12
N GLY F 183 -28.13 -4.56 28.73
CA GLY F 183 -26.90 -4.29 28.01
C GLY F 183 -26.57 -5.28 26.90
N ALA F 184 -26.51 -6.56 27.26
CA ALA F 184 -26.01 -7.64 26.38
C ALA F 184 -26.54 -7.60 24.96
N VAL F 185 -27.71 -7.00 24.79
CA VAL F 185 -28.52 -7.24 23.63
C VAL F 185 -28.03 -6.51 22.39
N TYR F 186 -27.20 -5.50 22.63
CA TYR F 186 -26.64 -4.71 21.55
C TYR F 186 -25.46 -5.41 20.91
N SER F 187 -24.97 -6.45 21.55
CA SER F 187 -23.94 -7.28 20.91
C SER F 187 -24.56 -8.05 19.73
N PRO F 188 -25.65 -8.80 19.97
CA PRO F 188 -26.31 -9.48 18.84
C PRO F 188 -26.78 -8.50 17.76
N ALA F 189 -27.23 -7.32 18.19
CA ALA F 189 -27.66 -6.31 17.22
C ALA F 189 -26.57 -6.06 16.20
N ILE F 190 -25.33 -6.09 16.67
CA ILE F 190 -24.19 -5.78 15.81
C ILE F 190 -23.74 -7.01 15.01
N THR F 191 -24.04 -8.20 15.52
CA THR F 191 -23.66 -9.41 14.80
C THR F 191 -24.39 -9.52 13.46
N ASP F 192 -23.77 -10.17 12.50
CA ASP F 192 -24.34 -10.30 11.18
C ASP F 192 -25.67 -11.04 11.16
N PHE F 193 -25.80 -12.08 11.97
CA PHE F 193 -27.05 -12.86 12.00
C PHE F 193 -27.44 -13.31 13.40
N THR F 194 -28.73 -13.16 13.72
CA THR F 194 -29.31 -13.61 14.99
C THR F 194 -30.38 -14.70 14.76
N VAL F 195 -30.24 -15.84 15.44
CA VAL F 195 -31.22 -16.92 15.30
C VAL F 195 -31.95 -17.22 16.60
N MET F 196 -33.28 -17.18 16.58
CA MET F 196 -34.10 -17.41 17.79
C MET F 196 -35.02 -18.63 17.71
N VAL F 197 -35.46 -19.10 18.87
CA VAL F 197 -36.34 -20.26 19.01
C VAL F 197 -37.77 -19.87 19.43
N ASP F 198 -38.76 -20.53 18.82
CA ASP F 198 -40.17 -20.17 19.01
C ASP F 198 -40.56 -19.52 20.33
N GLN F 199 -40.50 -20.29 21.42
CA GLN F 199 -41.08 -19.80 22.67
C GLN F 199 -40.11 -19.68 23.85
N THR F 200 -38.89 -20.17 23.69
CA THR F 200 -37.89 -20.14 24.77
C THR F 200 -36.83 -19.05 24.62
N SER F 201 -37.18 -17.97 23.92
CA SER F 201 -36.25 -16.87 23.65
C SER F 201 -36.92 -15.50 23.65
N HIS F 202 -36.22 -14.51 24.18
CA HIS F 202 -36.72 -13.14 24.22
C HIS F 202 -35.57 -12.14 24.22
N MET F 203 -35.67 -11.10 23.41
CA MET F 203 -34.70 -10.00 23.46
C MET F 203 -35.41 -8.70 23.79
N PHE F 204 -34.89 -7.97 24.76
CA PHE F 204 -35.48 -6.70 25.19
C PHE F 204 -34.52 -5.81 25.99
N ILE F 205 -34.63 -4.50 25.77
CA ILE F 205 -33.76 -3.54 26.46
C ILE F 205 -34.34 -3.16 27.83
N THR F 206 -35.66 -2.99 27.89
CA THR F 206 -36.32 -2.70 29.16
C THR F 206 -37.46 -3.68 29.46
N GLY F 207 -37.36 -4.37 30.59
CA GLY F 207 -38.33 -5.38 30.97
C GLY F 207 -39.70 -4.83 31.32
N PRO F 208 -40.70 -5.71 31.38
CA PRO F 208 -42.12 -5.36 31.50
C PRO F 208 -42.49 -4.80 32.88
N ASP F 209 -41.67 -5.11 33.88
CA ASP F 209 -41.87 -4.60 35.23
C ASP F 209 -41.56 -3.10 35.26
N VAL F 210 -40.34 -2.76 34.89
CA VAL F 210 -39.91 -1.37 34.85
C VAL F 210 -40.77 -0.54 33.88
N ILE F 211 -41.34 -1.20 32.87
CA ILE F 211 -42.21 -0.48 31.93
C ILE F 211 -43.58 -0.16 32.51
N LYS F 212 -44.22 -1.13 33.17
CA LYS F 212 -45.55 -0.92 33.72
C LYS F 212 -45.57 0.33 34.60
N THR F 213 -44.51 0.51 35.38
CA THR F 213 -44.37 1.67 36.24
C THR F 213 -44.43 2.99 35.45
N VAL F 214 -43.68 3.04 34.35
CA VAL F 214 -43.49 4.28 33.61
C VAL F 214 -44.59 4.52 32.57
N THR F 215 -44.94 3.48 31.82
CA THR F 215 -45.96 3.59 30.78
C THR F 215 -47.36 3.26 31.31
N GLY F 216 -47.48 2.25 32.17
CA GLY F 216 -48.77 1.82 32.68
C GLY F 216 -49.36 0.70 31.83
N GLU F 217 -48.67 0.35 30.76
CA GLU F 217 -49.18 -0.65 29.83
C GLU F 217 -48.71 -2.07 30.13
N ASP F 218 -49.66 -3.00 30.11
CA ASP F 218 -49.39 -4.35 30.52
C ASP F 218 -48.83 -5.15 29.36
N VAL F 219 -47.76 -5.89 29.62
CA VAL F 219 -47.09 -6.63 28.57
C VAL F 219 -46.24 -7.78 29.13
N GLY F 220 -46.47 -8.98 28.59
CA GLY F 220 -45.72 -10.17 28.98
C GLY F 220 -44.47 -10.31 28.13
N PHE F 221 -43.46 -11.00 28.67
CA PHE F 221 -42.19 -11.23 27.96
C PHE F 221 -42.38 -11.67 26.50
N GLU F 222 -43.18 -12.70 26.31
CA GLU F 222 -43.41 -13.27 24.97
C GLU F 222 -44.07 -12.28 24.01
N GLU F 223 -44.63 -11.20 24.54
CA GLU F 223 -45.27 -10.21 23.69
C GLU F 223 -44.37 -9.00 23.49
N LEU F 224 -43.61 -8.66 24.53
CA LEU F 224 -42.62 -7.61 24.42
C LEU F 224 -41.62 -7.96 23.33
N GLY F 225 -40.80 -8.97 23.61
CA GLY F 225 -39.72 -9.34 22.71
C GLY F 225 -39.66 -10.83 22.44
N GLY F 226 -40.79 -11.39 22.06
CA GLY F 226 -40.88 -12.81 21.73
C GLY F 226 -40.16 -13.11 20.44
N ALA F 227 -39.84 -14.37 20.21
CA ALA F 227 -39.18 -14.73 18.97
C ALA F 227 -40.03 -14.25 17.80
N ARG F 228 -41.33 -14.50 17.86
CA ARG F 228 -42.23 -14.05 16.80
C ARG F 228 -42.23 -12.51 16.63
N THR F 229 -42.64 -11.80 17.67
CA THR F 229 -42.58 -10.34 17.63
C THR F 229 -41.28 -9.86 16.98
N HIS F 230 -40.16 -10.45 17.38
CA HIS F 230 -38.85 -10.06 16.86
C HIS F 230 -38.54 -10.50 15.43
N ASN F 231 -39.18 -11.58 14.98
CA ASN F 231 -38.99 -12.09 13.62
C ASN F 231 -39.98 -11.46 12.64
N SER F 232 -41.10 -10.96 13.16
CA SER F 232 -42.20 -10.52 12.32
C SER F 232 -42.43 -9.00 12.34
N THR F 233 -42.12 -8.36 13.46
CA THR F 233 -42.46 -6.94 13.63
C THR F 233 -41.27 -5.98 13.79
N SER F 234 -40.29 -6.35 14.61
CA SER F 234 -39.16 -5.48 14.93
C SER F 234 -38.00 -5.53 13.92
N GLY F 235 -37.99 -6.55 13.07
CA GLY F 235 -36.89 -6.73 12.13
C GLY F 235 -35.57 -6.95 12.85
N VAL F 236 -35.64 -7.45 14.08
CA VAL F 236 -34.44 -7.62 14.90
C VAL F 236 -33.71 -8.93 14.64
N ALA F 237 -34.46 -10.04 14.69
CA ALA F 237 -33.87 -11.37 14.51
C ALA F 237 -34.09 -11.89 13.09
N HIS F 238 -33.27 -12.84 12.68
CA HIS F 238 -33.24 -13.29 11.28
C HIS F 238 -33.97 -14.62 11.03
N HIS F 239 -34.28 -15.34 12.09
CA HIS F 239 -34.99 -16.60 11.90
C HIS F 239 -35.64 -17.08 13.18
N MET F 240 -36.84 -17.65 13.05
CA MET F 240 -37.47 -18.31 14.18
C MET F 240 -37.49 -19.81 13.97
N ALA F 241 -36.70 -20.52 14.77
CA ALA F 241 -36.69 -21.98 14.75
C ALA F 241 -37.65 -22.52 15.79
N GLY F 242 -38.23 -23.69 15.51
CA GLY F 242 -39.20 -24.28 16.41
C GLY F 242 -38.58 -25.03 17.56
N ASP F 243 -37.26 -25.14 17.54
CA ASP F 243 -36.54 -26.00 18.45
C ASP F 243 -35.08 -25.60 18.40
N GLU F 244 -34.34 -25.91 19.46
CA GLU F 244 -32.93 -25.62 19.49
C GLU F 244 -32.15 -26.49 18.51
N LYS F 245 -32.59 -27.73 18.33
CA LYS F 245 -32.00 -28.64 17.32
C LYS F 245 -32.04 -28.00 15.95
N ASP F 246 -33.20 -27.49 15.57
CA ASP F 246 -33.39 -26.81 14.30
C ASP F 246 -32.48 -25.59 14.25
N ALA F 247 -32.64 -24.70 15.24
CA ALA F 247 -31.87 -23.46 15.28
C ALA F 247 -30.39 -23.72 15.04
N VAL F 248 -29.80 -24.64 15.81
CA VAL F 248 -28.43 -25.05 15.55
C VAL F 248 -28.21 -25.46 14.10
N GLU F 249 -29.23 -26.07 13.49
CA GLU F 249 -29.04 -26.52 12.11
C GLU F 249 -29.18 -25.35 11.12
N TYR F 250 -30.03 -24.40 11.46
CA TYR F 250 -30.11 -23.18 10.65
C TYR F 250 -28.80 -22.38 10.68
N VAL F 251 -28.11 -22.39 11.82
CA VAL F 251 -26.78 -21.80 11.90
C VAL F 251 -25.78 -22.50 10.99
N LYS F 252 -25.64 -23.82 11.12
CA LYS F 252 -24.73 -24.61 10.28
C LYS F 252 -24.95 -24.26 8.81
N GLN F 253 -26.20 -24.25 8.40
CA GLN F 253 -26.56 -23.93 7.02
C GLN F 253 -26.07 -22.54 6.67
N LEU F 254 -26.29 -21.60 7.59
CA LEU F 254 -25.82 -20.23 7.48
C LEU F 254 -24.34 -20.17 7.16
N LEU F 255 -23.53 -20.73 8.05
CA LEU F 255 -22.09 -20.83 7.83
C LEU F 255 -21.71 -21.46 6.49
N SER F 256 -22.59 -22.28 5.93
CA SER F 256 -22.22 -23.04 4.74
C SER F 256 -22.20 -22.11 3.53
N TYR F 257 -22.88 -20.97 3.63
CA TYR F 257 -22.96 -20.03 2.53
C TYR F 257 -21.92 -18.92 2.62
N LEU F 258 -21.26 -18.83 3.77
CA LEU F 258 -20.38 -17.71 4.05
C LEU F 258 -18.93 -18.16 4.12
N PRO F 259 -18.01 -17.31 3.65
CA PRO F 259 -16.61 -17.64 3.88
C PRO F 259 -16.22 -17.51 5.36
N SER F 260 -15.05 -18.06 5.67
CA SER F 260 -14.51 -18.03 7.01
C SER F 260 -14.08 -16.61 7.37
N ASN F 261 -13.82 -15.80 6.34
CA ASN F 261 -13.50 -14.39 6.54
C ASN F 261 -13.54 -13.60 5.23
N ASN F 262 -13.38 -12.29 5.29
CA ASN F 262 -13.60 -11.49 4.08
C ASN F 262 -12.47 -11.61 3.09
N LEU F 263 -11.50 -12.48 3.38
CA LEU F 263 -10.38 -12.67 2.47
C LEU F 263 -10.53 -13.90 1.55
N SER F 264 -11.64 -14.64 1.68
CA SER F 264 -11.87 -15.79 0.79
C SER F 264 -13.22 -15.70 0.11
N GLU F 265 -13.29 -16.27 -1.08
CA GLU F 265 -14.55 -16.58 -1.74
C GLU F 265 -15.40 -17.48 -0.83
N PRO F 266 -16.74 -17.42 -0.96
CA PRO F 266 -17.58 -18.36 -0.22
C PRO F 266 -17.22 -19.78 -0.64
N PRO F 267 -17.50 -20.75 0.22
CA PRO F 267 -17.14 -22.14 -0.02
C PRO F 267 -17.97 -22.71 -1.17
N ALA F 268 -17.27 -23.23 -2.17
CA ALA F 268 -17.89 -23.67 -3.41
C ALA F 268 -17.86 -25.20 -3.54
N PHE F 269 -18.97 -25.79 -3.96
CA PHE F 269 -18.99 -27.19 -4.37
C PHE F 269 -19.33 -27.26 -5.84
N PRO F 270 -18.33 -26.98 -6.70
CA PRO F 270 -18.48 -26.79 -8.14
C PRO F 270 -19.26 -27.93 -8.78
N GLU F 271 -20.12 -27.58 -9.73
CA GLU F 271 -20.86 -28.55 -10.49
C GLU F 271 -21.32 -27.86 -11.77
N GLU F 272 -21.29 -28.62 -12.86
CA GLU F 272 -21.69 -28.14 -14.18
C GLU F 272 -23.18 -27.78 -14.22
N ALA F 273 -23.49 -26.58 -14.69
CA ALA F 273 -24.85 -26.22 -15.02
C ALA F 273 -25.31 -26.99 -16.25
N ASP F 274 -26.59 -27.33 -16.30
CA ASP F 274 -27.19 -27.81 -17.53
C ASP F 274 -27.38 -26.55 -18.37
N LEU F 275 -26.66 -26.47 -19.47
CA LEU F 275 -26.72 -25.28 -20.29
C LEU F 275 -27.77 -25.35 -21.40
N ALA F 276 -28.56 -26.42 -21.41
CA ALA F 276 -29.73 -26.47 -22.29
C ALA F 276 -30.96 -26.02 -21.51
N VAL F 277 -32.00 -25.64 -22.24
CA VAL F 277 -33.27 -25.29 -21.62
C VAL F 277 -33.93 -26.54 -21.06
N THR F 278 -34.26 -26.52 -19.78
CA THR F 278 -34.93 -27.62 -19.11
C THR F 278 -36.44 -27.44 -19.16
N ASP F 279 -37.19 -28.53 -18.94
CA ASP F 279 -38.63 -28.43 -18.84
C ASP F 279 -38.99 -27.45 -17.72
N GLU F 280 -38.24 -27.50 -16.62
CA GLU F 280 -38.48 -26.61 -15.49
C GLU F 280 -38.27 -25.14 -15.86
N ASP F 281 -37.16 -24.83 -16.54
CA ASP F 281 -37.01 -23.49 -17.12
C ASP F 281 -38.29 -23.05 -17.83
N ALA F 282 -38.88 -23.95 -18.62
CA ALA F 282 -39.99 -23.58 -19.49
C ALA F 282 -41.20 -23.09 -18.70
N GLU F 283 -41.35 -23.57 -17.48
CA GLU F 283 -42.47 -23.14 -16.67
C GLU F 283 -42.49 -21.61 -16.45
N LEU F 284 -41.33 -20.97 -16.50
CA LEU F 284 -41.26 -19.55 -16.22
C LEU F 284 -41.98 -18.73 -17.30
N ASP F 285 -42.09 -19.31 -18.50
CA ASP F 285 -42.73 -18.61 -19.61
C ASP F 285 -44.22 -18.37 -19.36
N THR F 286 -44.79 -19.08 -18.40
CA THR F 286 -46.20 -18.95 -18.10
C THR F 286 -46.45 -18.58 -16.64
N ILE F 287 -45.37 -18.32 -15.90
CA ILE F 287 -45.51 -17.97 -14.50
C ILE F 287 -46.25 -16.64 -14.24
N VAL F 288 -46.07 -15.67 -15.13
CA VAL F 288 -46.69 -14.36 -14.94
C VAL F 288 -48.04 -14.22 -15.60
N PRO F 289 -49.10 -14.07 -14.80
CA PRO F 289 -50.46 -13.92 -15.33
C PRO F 289 -50.58 -12.76 -16.34
N ASP F 290 -51.54 -12.86 -17.26
CA ASP F 290 -51.69 -11.89 -18.34
C ASP F 290 -52.12 -10.53 -17.77
N SER F 291 -52.85 -10.57 -16.66
CA SER F 291 -53.36 -9.36 -16.01
C SER F 291 -52.33 -8.75 -15.05
N ALA F 292 -52.07 -7.45 -15.20
CA ALA F 292 -51.09 -6.77 -14.36
C ALA F 292 -51.46 -6.84 -12.88
N ASN F 293 -52.73 -7.01 -12.58
CA ASN F 293 -53.20 -6.98 -11.21
C ASN F 293 -53.26 -8.34 -10.49
N GLN F 294 -52.93 -9.42 -11.20
CA GLN F 294 -52.82 -10.72 -10.51
C GLN F 294 -51.38 -11.00 -10.10
N PRO F 295 -51.19 -11.46 -8.86
CA PRO F 295 -49.82 -11.74 -8.43
C PRO F 295 -49.39 -13.15 -8.87
N TYR F 296 -48.15 -13.49 -8.56
CA TYR F 296 -47.60 -14.81 -8.77
C TYR F 296 -46.59 -14.96 -7.64
N ASP F 297 -45.93 -16.12 -7.56
CA ASP F 297 -45.02 -16.34 -6.45
C ASP F 297 -43.55 -16.19 -6.83
N MET F 298 -42.91 -15.14 -6.30
CA MET F 298 -41.50 -14.89 -6.59
C MET F 298 -40.58 -16.01 -6.09
N HIS F 299 -40.92 -16.64 -4.96
CA HIS F 299 -40.18 -17.81 -4.49
C HIS F 299 -39.94 -18.78 -5.66
N SER F 300 -40.97 -18.98 -6.46
CA SER F 300 -40.92 -19.91 -7.60
C SER F 300 -39.85 -19.51 -8.62
N VAL F 301 -39.84 -18.23 -8.99
CA VAL F 301 -38.82 -17.70 -9.89
C VAL F 301 -37.43 -17.91 -9.30
N ILE F 302 -37.30 -17.75 -7.99
CA ILE F 302 -35.98 -17.89 -7.37
C ILE F 302 -35.58 -19.37 -7.36
N GLU F 303 -36.51 -20.21 -6.93
CA GLU F 303 -36.26 -21.64 -6.84
C GLU F 303 -35.96 -22.27 -8.20
N HIS F 304 -36.50 -21.69 -9.26
CA HIS F 304 -36.15 -22.12 -10.60
C HIS F 304 -34.74 -21.72 -11.01
N VAL F 305 -34.12 -20.82 -10.26
CA VAL F 305 -32.79 -20.34 -10.60
C VAL F 305 -31.67 -21.02 -9.80
N LEU F 306 -31.94 -21.32 -8.54
CA LEU F 306 -30.92 -21.89 -7.64
C LEU F 306 -30.73 -23.43 -7.78
N ASP F 307 -29.50 -23.91 -7.71
CA ASP F 307 -29.23 -25.35 -7.68
C ASP F 307 -30.26 -26.10 -6.83
N ASP F 308 -30.75 -27.23 -7.33
CA ASP F 308 -31.62 -28.11 -6.56
C ASP F 308 -32.87 -27.40 -6.08
N ALA F 309 -33.24 -26.32 -6.77
CA ALA F 309 -34.37 -25.50 -6.34
C ALA F 309 -34.35 -25.16 -4.85
N GLU F 310 -33.15 -25.14 -4.24
CA GLU F 310 -33.02 -24.95 -2.79
C GLU F 310 -32.75 -23.49 -2.39
N PHE F 311 -33.77 -22.83 -1.83
CA PHE F 311 -33.69 -21.44 -1.40
C PHE F 311 -33.69 -21.33 0.12
N PHE F 312 -32.56 -20.91 0.69
CA PHE F 312 -32.39 -20.74 2.13
C PHE F 312 -32.73 -19.31 2.51
N GLU F 313 -33.98 -19.09 2.92
CA GLU F 313 -34.55 -17.76 3.14
C GLU F 313 -34.32 -17.16 4.53
N THR F 314 -33.70 -15.97 4.59
CA THR F 314 -33.55 -15.24 5.86
C THR F 314 -34.69 -14.28 6.10
N GLN F 315 -35.09 -14.13 7.36
CA GLN F 315 -36.11 -13.16 7.78
C GLN F 315 -37.40 -13.25 6.97
N PRO F 316 -37.97 -14.45 6.84
CA PRO F 316 -39.18 -14.60 6.02
C PRO F 316 -40.42 -13.96 6.66
N LEU F 317 -40.40 -13.77 7.98
CA LEU F 317 -41.58 -13.27 8.67
C LEU F 317 -41.64 -11.74 8.69
N PHE F 318 -40.52 -11.12 8.37
CA PHE F 318 -40.42 -9.68 8.41
C PHE F 318 -40.45 -9.07 7.01
N ALA F 319 -41.21 -8.00 6.85
CA ALA F 319 -41.42 -7.37 5.54
C ALA F 319 -41.47 -8.45 4.45
N PRO F 320 -42.54 -9.27 4.46
CA PRO F 320 -42.72 -10.37 3.51
C PRO F 320 -42.86 -9.85 2.09
N ASN F 321 -42.95 -8.52 1.95
CA ASN F 321 -43.12 -7.91 0.64
C ASN F 321 -41.83 -7.95 -0.18
N ILE F 322 -40.77 -8.47 0.43
CA ILE F 322 -39.51 -8.62 -0.26
C ILE F 322 -38.82 -9.84 0.31
N LEU F 323 -38.20 -10.62 -0.56
CA LEU F 323 -37.51 -11.84 -0.14
C LEU F 323 -36.00 -11.69 -0.10
N THR F 324 -35.39 -12.24 0.94
CA THR F 324 -33.94 -12.29 1.03
C THR F 324 -33.43 -13.66 1.48
N GLY F 325 -32.28 -14.06 0.93
CA GLY F 325 -31.67 -15.31 1.35
C GLY F 325 -30.49 -15.74 0.51
N PHE F 326 -30.01 -16.95 0.77
CA PHE F 326 -28.90 -17.54 0.04
C PHE F 326 -29.37 -18.73 -0.78
N GLY F 327 -28.42 -19.30 -1.53
CA GLY F 327 -28.63 -20.49 -2.35
C GLY F 327 -27.32 -20.64 -3.12
N ARG F 328 -27.27 -21.53 -4.09
CA ARG F 328 -26.02 -21.71 -4.84
C ARG F 328 -26.32 -21.78 -6.31
N VAL F 329 -25.35 -21.37 -7.13
CA VAL F 329 -25.48 -21.49 -8.55
C VAL F 329 -24.19 -22.10 -9.02
N GLU F 330 -24.31 -23.28 -9.64
CA GLU F 330 -23.15 -24.07 -10.03
C GLU F 330 -22.26 -24.30 -8.85
N GLY F 331 -22.87 -24.45 -7.68
CA GLY F 331 -22.14 -24.82 -6.48
C GLY F 331 -21.52 -23.68 -5.68
N ARG F 332 -21.73 -22.46 -6.14
CA ARG F 332 -21.20 -21.27 -5.47
C ARG F 332 -22.31 -20.46 -4.85
N PRO F 333 -22.23 -20.22 -3.54
CA PRO F 333 -23.24 -19.40 -2.88
C PRO F 333 -23.49 -18.05 -3.57
N VAL F 334 -24.78 -17.70 -3.67
CA VAL F 334 -25.26 -16.39 -4.11
C VAL F 334 -26.26 -15.90 -3.07
N GLY F 335 -26.59 -14.61 -3.10
CA GLY F 335 -27.60 -14.09 -2.21
C GLY F 335 -28.78 -13.67 -3.06
N ILE F 336 -29.96 -13.60 -2.47
CA ILE F 336 -31.12 -13.15 -3.22
C ILE F 336 -31.78 -11.93 -2.57
N VAL F 337 -32.13 -10.93 -3.39
CA VAL F 337 -33.13 -9.92 -3.01
C VAL F 337 -34.24 -9.89 -4.07
N ALA F 338 -35.50 -9.97 -3.65
CA ALA F 338 -36.61 -10.00 -4.62
C ALA F 338 -37.93 -9.47 -4.06
N ASN F 339 -38.60 -8.60 -4.82
CA ASN F 339 -39.94 -8.16 -4.46
C ASN F 339 -40.92 -9.32 -4.58
N GLN F 340 -41.87 -9.42 -3.65
CA GLN F 340 -42.81 -10.53 -3.57
C GLN F 340 -44.25 -10.07 -3.85
N PRO F 341 -44.66 -10.04 -5.15
CA PRO F 341 -46.01 -9.54 -5.51
C PRO F 341 -47.11 -10.19 -4.68
N MET F 342 -46.83 -11.37 -4.12
CA MET F 342 -47.74 -12.07 -3.24
C MET F 342 -48.09 -11.25 -2.02
N GLN F 343 -47.15 -10.39 -1.62
CA GLN F 343 -47.34 -9.58 -0.42
C GLN F 343 -47.38 -8.10 -0.72
N PHE F 344 -48.47 -7.45 -0.32
CA PHE F 344 -48.60 -6.02 -0.45
C PHE F 344 -48.21 -5.56 -1.84
N ALA F 345 -48.74 -6.27 -2.83
CA ALA F 345 -48.51 -5.97 -4.24
C ALA F 345 -47.05 -5.82 -4.57
N GLY F 346 -46.20 -6.41 -3.72
CA GLY F 346 -44.76 -6.38 -3.94
C GLY F 346 -44.13 -4.99 -3.84
N CYS F 347 -44.70 -4.15 -2.98
CA CYS F 347 -44.29 -2.77 -2.87
C CYS F 347 -43.05 -2.62 -1.98
N LEU F 348 -42.30 -1.55 -2.21
CA LEU F 348 -41.21 -1.16 -1.32
C LEU F 348 -41.77 -0.28 -0.21
N ASP F 349 -41.30 -0.53 1.00
CA ASP F 349 -41.69 0.28 2.14
C ASP F 349 -40.47 0.43 3.06
N ILE F 350 -40.71 0.83 4.30
CA ILE F 350 -39.60 1.12 5.21
C ILE F 350 -38.93 -0.14 5.72
N THR F 351 -39.74 -1.10 6.16
CA THR F 351 -39.26 -2.40 6.62
C THR F 351 -38.46 -3.16 5.56
N ALA F 352 -39.04 -3.30 4.36
CA ALA F 352 -38.36 -4.02 3.28
C ALA F 352 -37.04 -3.37 2.97
N SER F 353 -37.06 -2.04 2.89
CA SER F 353 -35.86 -1.27 2.56
C SER F 353 -34.74 -1.64 3.51
N GLU F 354 -35.04 -1.64 4.80
CA GLU F 354 -34.01 -1.89 5.80
C GLU F 354 -33.63 -3.36 5.84
N LYS F 355 -34.63 -4.22 5.66
CA LYS F 355 -34.41 -5.67 5.55
C LYS F 355 -33.37 -5.98 4.50
N ALA F 356 -33.67 -5.59 3.27
CA ALA F 356 -32.76 -5.80 2.15
C ALA F 356 -31.45 -4.99 2.23
N ALA F 357 -31.49 -3.74 2.70
CA ALA F 357 -30.25 -2.98 2.80
C ALA F 357 -29.17 -3.81 3.47
N ARG F 358 -29.43 -4.32 4.66
CA ARG F 358 -28.40 -5.02 5.42
C ARG F 358 -28.03 -6.41 4.89
N PHE F 359 -28.98 -7.09 4.26
CA PHE F 359 -28.62 -8.36 3.68
C PHE F 359 -27.65 -8.12 2.55
N VAL F 360 -27.97 -7.16 1.68
CA VAL F 360 -27.05 -6.76 0.63
C VAL F 360 -25.65 -6.39 1.12
N ARG F 361 -25.54 -5.61 2.19
CA ARG F 361 -24.21 -5.21 2.66
C ARG F 361 -23.49 -6.42 3.25
N THR F 362 -24.25 -7.27 3.92
CA THR F 362 -23.70 -8.49 4.49
C THR F 362 -23.10 -9.36 3.36
N CYS F 363 -23.83 -9.53 2.27
CA CYS F 363 -23.32 -10.26 1.12
C CYS F 363 -22.08 -9.61 0.56
N ASP F 364 -22.10 -8.28 0.50
CA ASP F 364 -20.97 -7.54 -0.06
C ASP F 364 -19.71 -7.76 0.74
N ALA F 365 -19.82 -7.66 2.06
CA ALA F 365 -18.65 -7.77 2.92
C ALA F 365 -18.02 -9.14 2.79
N PHE F 366 -18.85 -10.14 2.51
CA PHE F 366 -18.34 -11.50 2.55
C PHE F 366 -18.17 -12.11 1.16
N ASN F 367 -18.07 -11.25 0.14
CA ASN F 367 -17.76 -11.68 -1.23
C ASN F 367 -18.80 -12.59 -1.87
N VAL F 368 -20.04 -12.42 -1.43
CA VAL F 368 -21.18 -13.19 -1.88
C VAL F 368 -21.97 -12.41 -2.94
N PRO F 369 -21.99 -12.90 -4.20
CA PRO F 369 -22.75 -12.30 -5.31
C PRO F 369 -24.22 -12.16 -4.96
N VAL F 370 -24.88 -11.14 -5.48
CA VAL F 370 -26.28 -10.91 -5.16
C VAL F 370 -27.10 -10.88 -6.42
N LEU F 371 -28.15 -11.69 -6.42
CA LEU F 371 -29.05 -11.76 -7.56
C LEU F 371 -30.33 -11.10 -7.12
N THR F 372 -30.82 -10.19 -7.95
CA THR F 372 -31.99 -9.39 -7.60
C THR F 372 -33.15 -9.66 -8.55
N PHE F 373 -34.34 -9.88 -8.00
CA PHE F 373 -35.53 -10.07 -8.82
C PHE F 373 -36.55 -8.99 -8.53
N VAL F 374 -37.00 -8.34 -9.60
CA VAL F 374 -37.72 -7.08 -9.46
C VAL F 374 -39.14 -7.09 -10.01
N ASP F 375 -40.12 -7.05 -9.11
CA ASP F 375 -41.49 -6.69 -9.46
C ASP F 375 -41.94 -5.57 -8.50
N VAL F 376 -41.73 -4.32 -8.89
CA VAL F 376 -41.99 -3.21 -7.97
C VAL F 376 -42.92 -2.14 -8.53
N PRO F 377 -44.15 -2.06 -8.00
CA PRO F 377 -45.08 -1.02 -8.44
C PRO F 377 -44.61 0.34 -7.94
N GLY F 378 -44.07 0.36 -6.73
CA GLY F 378 -43.47 1.56 -6.16
C GLY F 378 -43.39 1.49 -4.64
N PHE F 379 -43.58 2.65 -4.01
CA PHE F 379 -43.48 2.73 -2.56
C PHE F 379 -44.83 2.72 -1.87
N LEU F 380 -44.90 2.02 -0.76
CA LEU F 380 -46.10 1.92 0.05
C LEU F 380 -46.63 3.32 0.39
N PRO F 381 -47.70 3.74 -0.30
CA PRO F 381 -48.29 5.04 -0.01
C PRO F 381 -48.80 5.10 1.42
N GLY F 382 -48.39 6.14 2.14
CA GLY F 382 -48.86 6.36 3.49
C GLY F 382 -48.20 7.55 4.15
N VAL F 383 -49.02 8.40 4.78
CA VAL F 383 -48.53 9.56 5.52
C VAL F 383 -47.55 9.11 6.60
N ASP F 384 -47.95 8.06 7.31
CA ASP F 384 -47.11 7.41 8.30
C ASP F 384 -45.74 7.07 7.71
N GLN F 385 -45.72 6.43 6.54
CA GLN F 385 -44.45 6.05 5.92
C GLN F 385 -43.51 7.26 5.81
N GLU F 386 -44.08 8.45 5.62
CA GLU F 386 -43.27 9.65 5.51
C GLU F 386 -42.79 10.11 6.88
N HIS F 387 -43.72 10.28 7.82
CA HIS F 387 -43.38 10.77 9.16
C HIS F 387 -42.46 9.80 9.90
N ASP F 388 -42.32 8.61 9.36
CA ASP F 388 -41.47 7.58 9.93
C ASP F 388 -40.08 7.58 9.30
N GLY F 389 -39.90 8.37 8.24
CA GLY F 389 -38.59 8.57 7.65
C GLY F 389 -38.23 7.76 6.42
N ILE F 390 -39.24 7.30 5.68
CA ILE F 390 -39.01 6.56 4.43
C ILE F 390 -37.92 7.21 3.58
N ILE F 391 -37.80 8.53 3.68
CA ILE F 391 -36.79 9.24 2.93
C ILE F 391 -35.38 8.79 3.33
N ARG F 392 -35.12 8.74 4.63
CA ARG F 392 -33.77 8.38 5.10
C ARG F 392 -33.61 6.87 5.35
N ARG F 393 -34.65 6.09 5.06
CA ARG F 393 -34.64 4.66 5.36
C ARG F 393 -34.56 3.82 4.07
N GLY F 394 -35.45 4.10 3.12
CA GLY F 394 -35.36 3.50 1.80
C GLY F 394 -34.10 3.91 1.07
N ALA F 395 -33.50 5.02 1.50
CA ALA F 395 -32.27 5.48 0.89
C ALA F 395 -31.16 4.48 1.16
N LYS F 396 -31.28 3.76 2.27
CA LYS F 396 -30.28 2.76 2.64
C LYS F 396 -30.07 1.66 1.59
N LEU F 397 -31.16 1.09 1.06
CA LEU F 397 -31.07 0.05 0.02
C LEU F 397 -30.25 0.58 -1.15
N ILE F 398 -30.53 1.80 -1.58
CA ILE F 398 -29.80 2.46 -2.66
C ILE F 398 -28.30 2.49 -2.38
N PHE F 399 -27.95 2.83 -1.15
CA PHE F 399 -26.56 2.91 -0.70
C PHE F 399 -25.89 1.53 -0.74
N ALA F 400 -26.61 0.51 -0.29
CA ALA F 400 -26.07 -0.84 -0.24
C ALA F 400 -25.65 -1.31 -1.63
N TYR F 401 -26.56 -1.17 -2.59
CA TYR F 401 -26.31 -1.61 -3.97
C TYR F 401 -25.16 -0.84 -4.62
N ALA F 402 -25.14 0.47 -4.42
CA ALA F 402 -24.13 1.31 -5.06
C ALA F 402 -22.76 1.12 -4.42
N GLU F 403 -22.75 0.84 -3.12
CA GLU F 403 -21.54 0.61 -2.38
C GLU F 403 -20.93 -0.77 -2.71
N ALA F 404 -21.77 -1.70 -3.15
CA ALA F 404 -21.35 -3.09 -3.33
C ALA F 404 -20.33 -3.27 -4.44
N THR F 405 -19.42 -4.23 -4.28
CA THR F 405 -18.47 -4.58 -5.33
C THR F 405 -18.56 -6.06 -5.76
N VAL F 406 -19.39 -6.84 -5.08
CA VAL F 406 -19.70 -8.16 -5.55
C VAL F 406 -20.42 -8.09 -6.90
N PRO F 407 -20.45 -9.22 -7.60
CA PRO F 407 -21.24 -9.38 -8.82
C PRO F 407 -22.69 -9.06 -8.51
N LEU F 408 -23.31 -8.31 -9.41
CA LEU F 408 -24.72 -7.95 -9.25
C LEU F 408 -25.41 -8.19 -10.57
N ILE F 409 -26.46 -8.97 -10.51
CA ILE F 409 -27.20 -9.42 -11.67
C ILE F 409 -28.62 -9.25 -11.26
N THR F 410 -29.33 -8.42 -12.00
CA THR F 410 -30.69 -8.06 -11.63
C THR F 410 -31.59 -8.46 -12.77
N VAL F 411 -32.70 -9.09 -12.42
CA VAL F 411 -33.68 -9.54 -13.41
C VAL F 411 -35.03 -8.88 -13.13
N ILE F 412 -35.56 -8.18 -14.14
CA ILE F 412 -36.84 -7.51 -13.96
C ILE F 412 -37.92 -8.41 -14.52
N THR F 413 -38.75 -8.98 -13.65
CA THR F 413 -39.76 -9.89 -14.15
C THR F 413 -40.99 -9.14 -14.61
N ARG F 414 -41.19 -7.93 -14.08
CA ARG F 414 -42.45 -7.23 -14.32
C ARG F 414 -42.41 -5.71 -14.08
N LYS F 415 -42.92 -5.23 -12.96
CA LYS F 415 -42.94 -3.76 -12.79
C LYS F 415 -41.69 -3.15 -12.13
N ALA F 416 -41.23 -2.07 -12.75
CA ALA F 416 -40.13 -1.29 -12.25
C ALA F 416 -40.53 0.16 -12.44
N PHE F 417 -41.18 0.74 -11.43
CA PHE F 417 -41.70 2.11 -11.52
C PHE F 417 -41.01 3.12 -10.60
N GLY F 418 -40.68 4.28 -11.16
CA GLY F 418 -40.18 5.41 -10.39
C GLY F 418 -38.88 5.18 -9.65
N GLY F 419 -38.78 5.75 -8.45
CA GLY F 419 -37.59 5.62 -7.63
C GLY F 419 -37.26 4.15 -7.42
N ALA F 420 -38.29 3.35 -7.38
CA ALA F 420 -38.21 1.95 -7.02
C ALA F 420 -37.41 1.17 -8.06
N TYR F 421 -37.62 1.51 -9.32
CA TYR F 421 -36.72 1.04 -10.37
C TYR F 421 -35.27 1.12 -9.90
N ASN F 422 -34.75 2.31 -9.64
CA ASN F 422 -33.37 2.43 -9.16
C ASN F 422 -33.05 1.68 -7.86
N VAL F 423 -33.92 1.79 -6.87
CA VAL F 423 -33.63 1.15 -5.59
C VAL F 423 -33.27 -0.30 -5.79
N MET F 424 -33.92 -0.94 -6.76
CA MET F 424 -33.80 -2.37 -6.97
C MET F 424 -32.68 -2.74 -7.93
N GLY F 425 -31.44 -2.54 -7.50
CA GLY F 425 -30.30 -3.03 -8.23
C GLY F 425 -30.18 -2.58 -9.68
N SER F 426 -30.71 -1.40 -9.99
CA SER F 426 -30.59 -0.87 -11.35
C SER F 426 -29.13 -0.79 -11.79
N LYS F 427 -28.91 -0.74 -13.11
CA LYS F 427 -27.59 -0.51 -13.64
C LYS F 427 -26.96 0.79 -13.12
N HIS F 428 -27.79 1.82 -12.98
CA HIS F 428 -27.31 3.14 -12.59
C HIS F 428 -26.62 3.10 -11.23
N LEU F 429 -27.10 2.24 -10.34
CA LEU F 429 -26.38 1.97 -9.12
C LEU F 429 -25.15 1.08 -9.27
N GLY F 430 -24.79 0.70 -10.49
CA GLY F 430 -23.60 -0.12 -10.71
C GLY F 430 -23.78 -1.61 -11.07
N ALA F 431 -25.02 -2.11 -11.01
CA ALA F 431 -25.30 -3.52 -11.35
C ALA F 431 -24.62 -3.85 -12.64
N ASP F 432 -24.03 -5.05 -12.72
CA ASP F 432 -23.25 -5.46 -13.88
C ASP F 432 -24.10 -6.03 -15.03
N LEU F 433 -25.13 -6.77 -14.69
CA LEU F 433 -26.02 -7.32 -15.71
C LEU F 433 -27.45 -7.13 -15.28
N ASN F 434 -28.19 -6.41 -16.11
CA ASN F 434 -29.61 -6.18 -15.90
C ASN F 434 -30.39 -6.78 -17.04
N LEU F 435 -31.37 -7.58 -16.67
CA LEU F 435 -32.09 -8.36 -17.67
C LEU F 435 -33.56 -8.10 -17.48
N ALA F 436 -34.28 -8.05 -18.59
CA ALA F 436 -35.72 -7.86 -18.50
C ALA F 436 -36.51 -8.95 -19.25
N TRP F 437 -37.58 -9.41 -18.61
CA TRP F 437 -38.56 -10.24 -19.28
C TRP F 437 -39.44 -9.31 -20.13
N PRO F 438 -40.16 -9.86 -21.12
CA PRO F 438 -41.05 -9.00 -21.91
C PRO F 438 -42.28 -8.63 -21.11
N THR F 439 -42.42 -9.22 -19.93
CA THR F 439 -43.51 -8.87 -19.04
C THR F 439 -43.12 -7.69 -18.15
N ALA F 440 -41.96 -7.12 -18.43
CA ALA F 440 -41.45 -6.04 -17.60
C ALA F 440 -41.99 -4.69 -18.05
N GLN F 441 -42.27 -3.85 -17.04
CA GLN F 441 -42.80 -2.51 -17.22
C GLN F 441 -41.88 -1.49 -16.51
N ILE F 442 -41.00 -0.87 -17.29
CA ILE F 442 -40.04 0.07 -16.72
C ILE F 442 -40.40 1.49 -17.18
N ALA F 443 -41.09 2.22 -16.30
CA ALA F 443 -41.48 3.60 -16.58
C ALA F 443 -41.48 4.45 -15.30
N VAL F 444 -41.69 5.75 -15.45
CA VAL F 444 -41.57 6.66 -14.30
C VAL F 444 -42.73 6.46 -13.34
N MET F 445 -43.88 6.10 -13.89
CA MET F 445 -45.08 5.87 -13.10
C MET F 445 -46.05 5.06 -13.93
N GLY F 446 -47.04 4.47 -13.25
CA GLY F 446 -48.10 3.73 -13.91
C GLY F 446 -48.76 4.53 -15.01
N ALA F 447 -49.60 3.86 -15.80
CA ALA F 447 -50.20 4.46 -17.00
C ALA F 447 -51.12 5.66 -16.75
N GLN F 448 -52.12 5.47 -15.88
CA GLN F 448 -53.14 6.50 -15.71
C GLN F 448 -52.57 7.75 -15.02
N GLY F 449 -51.62 7.51 -14.13
CA GLY F 449 -50.91 8.60 -13.47
C GLY F 449 -50.22 9.45 -14.52
N ALA F 450 -49.62 8.79 -15.51
CA ALA F 450 -48.87 9.54 -16.53
C ALA F 450 -49.70 10.48 -17.44
N VAL F 451 -50.79 9.97 -18.04
CA VAL F 451 -51.56 10.77 -19.00
C VAL F 451 -52.40 11.80 -18.24
N ASN F 452 -52.63 11.50 -16.97
CA ASN F 452 -53.30 12.43 -16.09
C ASN F 452 -52.60 13.77 -16.20
N ILE F 453 -51.29 13.73 -15.95
CA ILE F 453 -50.46 14.93 -16.02
C ILE F 453 -50.20 15.33 -17.46
N LEU F 454 -49.87 14.35 -18.30
CA LEU F 454 -49.41 14.59 -19.67
C LEU F 454 -50.35 15.42 -20.55
N HIS F 455 -51.59 14.97 -20.73
CA HIS F 455 -52.53 15.77 -21.50
C HIS F 455 -53.87 16.01 -20.82
N ARG F 456 -53.87 16.85 -19.79
CA ARG F 456 -55.14 17.25 -19.19
C ARG F 456 -55.93 18.04 -20.22
N ARG F 457 -55.23 18.85 -20.99
CA ARG F 457 -55.87 19.70 -21.98
C ARG F 457 -56.82 18.85 -22.82
N THR F 458 -56.31 17.78 -23.39
CA THR F 458 -57.12 16.93 -24.27
C THR F 458 -58.24 16.23 -23.51
N ILE F 459 -57.95 15.76 -22.30
CA ILE F 459 -58.95 15.03 -21.51
C ILE F 459 -60.06 15.95 -21.01
N ALA F 460 -59.80 17.25 -21.05
CA ALA F 460 -60.74 18.21 -20.52
C ALA F 460 -61.33 19.08 -21.62
N ASP F 461 -60.64 19.15 -22.76
CA ASP F 461 -61.15 19.92 -23.90
C ASP F 461 -61.77 18.96 -24.91
N ALA F 462 -62.92 19.34 -25.45
CA ALA F 462 -63.80 18.41 -26.13
C ALA F 462 -64.11 17.29 -25.15
N GLY F 463 -63.75 17.53 -23.90
CA GLY F 463 -63.86 16.55 -22.84
C GLY F 463 -65.26 16.38 -22.28
N ASP F 464 -66.25 16.40 -23.16
CA ASP F 464 -67.59 15.99 -22.77
C ASP F 464 -67.42 14.56 -22.31
N ASP F 465 -67.17 13.68 -23.27
CA ASP F 465 -66.74 12.33 -22.97
C ASP F 465 -65.35 12.40 -22.34
N ALA F 466 -65.28 12.31 -21.01
CA ALA F 466 -64.01 12.43 -20.30
C ALA F 466 -63.21 11.14 -20.37
N GLU F 467 -63.88 10.01 -20.18
CA GLU F 467 -63.27 8.72 -20.39
C GLU F 467 -63.30 8.45 -21.89
N ALA F 468 -62.97 7.23 -22.28
CA ALA F 468 -62.92 6.86 -23.71
C ALA F 468 -61.81 7.65 -24.39
N THR F 469 -61.37 8.72 -23.73
CA THR F 469 -60.16 9.42 -24.10
C THR F 469 -59.11 9.09 -23.06
N ARG F 470 -59.40 9.41 -21.80
CA ARG F 470 -58.55 9.05 -20.66
C ARG F 470 -58.12 7.58 -20.70
N ALA F 471 -59.08 6.70 -20.95
CA ALA F 471 -58.83 5.27 -21.03
C ALA F 471 -58.18 4.90 -22.35
N ARG F 472 -58.44 5.71 -23.38
CA ARG F 472 -57.79 5.50 -24.68
C ARG F 472 -56.37 6.06 -24.70
N LEU F 473 -56.17 7.17 -24.02
CA LEU F 473 -54.84 7.76 -23.91
C LEU F 473 -53.98 6.80 -23.10
N ILE F 474 -54.53 6.29 -22.01
CA ILE F 474 -53.98 5.09 -21.40
C ILE F 474 -54.18 3.99 -22.43
N GLN F 475 -53.71 2.79 -22.16
CA GLN F 475 -53.75 1.73 -23.17
C GLN F 475 -52.81 2.11 -24.32
N GLU F 476 -53.03 3.29 -24.91
CA GLU F 476 -52.08 3.84 -25.86
C GLU F 476 -50.75 4.10 -25.16
N TYR F 477 -50.82 4.56 -23.91
CA TYR F 477 -49.59 4.80 -23.16
C TYR F 477 -48.99 3.46 -22.81
N GLU F 478 -49.84 2.58 -22.27
CA GLU F 478 -49.40 1.26 -21.84
C GLU F 478 -48.72 0.50 -22.96
N ASP F 479 -49.43 0.32 -24.06
CA ASP F 479 -48.91 -0.47 -25.16
C ASP F 479 -47.58 0.13 -25.66
N ALA F 480 -47.44 1.44 -25.53
CA ALA F 480 -46.29 2.18 -26.01
C ALA F 480 -45.08 2.27 -25.06
N LEU F 481 -45.31 2.27 -23.74
CA LEU F 481 -44.22 2.56 -22.80
C LEU F 481 -44.06 1.60 -21.63
N LEU F 482 -45.16 1.01 -21.18
CA LEU F 482 -45.06 0.07 -20.06
C LEU F 482 -44.45 -1.27 -20.47
N ASN F 483 -43.53 -1.23 -21.44
CA ASN F 483 -42.68 -2.35 -21.81
C ASN F 483 -41.27 -2.21 -21.19
N PRO F 484 -40.35 -3.12 -21.53
CA PRO F 484 -38.96 -2.94 -21.09
C PRO F 484 -38.06 -2.33 -22.17
N TYR F 485 -38.66 -1.97 -23.30
CA TYR F 485 -37.91 -1.70 -24.53
C TYR F 485 -37.30 -0.29 -24.66
N THR F 486 -37.90 0.71 -24.02
CA THR F 486 -37.29 2.04 -24.00
C THR F 486 -36.00 1.94 -23.21
N ALA F 487 -36.13 1.44 -21.99
CA ALA F 487 -34.95 1.01 -21.24
C ALA F 487 -33.96 0.24 -22.14
N ALA F 488 -34.42 -0.77 -22.88
CA ALA F 488 -33.49 -1.55 -23.71
C ALA F 488 -32.77 -0.69 -24.75
N GLU F 489 -33.47 0.27 -25.32
CA GLU F 489 -32.90 1.18 -26.32
C GLU F 489 -31.67 1.94 -25.82
N ARG F 490 -31.70 2.35 -24.54
CA ARG F 490 -30.63 3.16 -23.94
C ARG F 490 -29.55 2.33 -23.24
N GLY F 491 -29.77 1.03 -23.18
CA GLY F 491 -28.81 0.14 -22.57
C GLY F 491 -28.95 0.11 -21.05
N TYR F 492 -30.03 0.67 -20.53
CA TYR F 492 -30.27 0.62 -19.10
C TYR F 492 -30.45 -0.84 -18.71
N VAL F 493 -30.99 -1.59 -19.66
CA VAL F 493 -31.17 -3.01 -19.47
C VAL F 493 -30.32 -3.68 -20.52
N ASP F 494 -29.51 -4.62 -20.08
CA ASP F 494 -28.53 -5.29 -20.93
C ASP F 494 -29.18 -6.13 -22.01
N ALA F 495 -30.30 -6.74 -21.65
CA ALA F 495 -31.08 -7.48 -22.63
C ALA F 495 -32.49 -7.70 -22.11
N VAL F 496 -33.38 -7.97 -23.05
CA VAL F 496 -34.71 -8.45 -22.74
C VAL F 496 -34.73 -9.92 -23.18
N ILE F 497 -35.06 -10.80 -22.26
CA ILE F 497 -34.89 -12.23 -22.47
C ILE F 497 -36.19 -12.98 -22.28
N MET F 498 -36.28 -14.19 -22.82
CA MET F 498 -37.42 -15.05 -22.49
C MET F 498 -37.23 -15.39 -21.03
N PRO F 499 -38.34 -15.49 -20.27
CA PRO F 499 -38.17 -15.90 -18.86
C PRO F 499 -37.45 -17.25 -18.75
N SER F 500 -37.75 -18.17 -19.66
CA SER F 500 -37.15 -19.50 -19.54
C SER F 500 -35.61 -19.48 -19.62
N ASP F 501 -35.04 -18.34 -19.99
CA ASP F 501 -33.59 -18.26 -20.13
C ASP F 501 -32.87 -17.66 -18.93
N THR F 502 -33.67 -17.30 -17.92
CA THR F 502 -33.13 -16.65 -16.75
C THR F 502 -31.94 -17.44 -16.14
N ARG F 503 -32.20 -18.68 -15.69
CA ARG F 503 -31.14 -19.50 -15.10
C ARG F 503 -29.89 -19.53 -15.96
N ARG F 504 -30.06 -19.74 -17.25
CA ARG F 504 -28.92 -19.80 -18.15
C ARG F 504 -28.16 -18.48 -18.27
N HIS F 505 -28.87 -17.35 -18.13
CA HIS F 505 -28.23 -16.03 -18.09
C HIS F 505 -27.43 -15.80 -16.82
N ILE F 506 -28.04 -16.13 -15.69
CA ILE F 506 -27.37 -16.04 -14.39
C ILE F 506 -26.11 -16.94 -14.35
N VAL F 507 -26.24 -18.18 -14.81
CA VAL F 507 -25.11 -19.11 -14.89
C VAL F 507 -23.93 -18.50 -15.68
N ARG F 508 -24.21 -18.10 -16.91
CA ARG F 508 -23.11 -17.63 -17.75
C ARG F 508 -22.55 -16.31 -17.22
N GLY F 509 -23.43 -15.51 -16.61
CA GLY F 509 -23.05 -14.21 -16.12
C GLY F 509 -22.16 -14.28 -14.89
N LEU F 510 -22.58 -15.06 -13.91
CA LEU F 510 -21.72 -15.35 -12.76
C LEU F 510 -20.40 -15.92 -13.22
N ARG F 511 -20.41 -16.86 -14.17
CA ARG F 511 -19.12 -17.41 -14.58
C ARG F 511 -18.20 -16.27 -14.96
N GLN F 512 -18.72 -15.36 -15.76
CA GLN F 512 -17.90 -14.28 -16.30
C GLN F 512 -17.57 -13.24 -15.19
N LEU F 513 -18.53 -12.97 -14.31
CA LEU F 513 -18.39 -11.96 -13.27
C LEU F 513 -17.57 -12.44 -12.08
N ARG F 514 -17.10 -13.67 -12.14
CA ARG F 514 -16.40 -14.26 -11.00
C ARG F 514 -15.10 -13.51 -10.65
N THR F 515 -14.57 -12.78 -11.63
CA THR F 515 -13.24 -12.22 -11.54
C THR F 515 -13.31 -10.70 -11.47
N LYS F 516 -14.45 -10.17 -11.04
CA LYS F 516 -14.68 -8.73 -11.12
C LYS F 516 -14.02 -7.96 -9.99
N ARG F 517 -13.41 -6.85 -10.32
CA ARG F 517 -12.76 -6.03 -9.31
C ARG F 517 -12.98 -4.54 -9.60
N GLU F 518 -13.21 -3.75 -8.56
CA GLU F 518 -13.31 -2.28 -8.66
C GLU F 518 -12.61 -1.58 -7.48
N SER F 519 -12.56 -0.24 -7.51
CA SER F 519 -11.76 0.53 -6.54
C SER F 519 -12.58 1.57 -5.74
N LEU F 520 -12.17 2.85 -5.79
CA LEU F 520 -12.86 4.00 -5.15
C LEU F 520 -11.87 4.83 -4.30
N PRO F 521 -12.18 6.13 -4.06
CA PRO F 521 -11.25 6.95 -3.28
C PRO F 521 -11.28 6.59 -1.81
N PRO F 522 -10.11 6.54 -1.17
CA PRO F 522 -10.04 6.20 0.25
C PRO F 522 -11.05 6.98 1.06
N LYS F 523 -11.73 6.24 1.94
CA LYS F 523 -12.53 6.83 2.99
C LYS F 523 -12.26 5.94 4.19
N LYS F 524 -12.43 6.47 5.38
CA LYS F 524 -12.36 5.64 6.57
C LYS F 524 -13.53 4.68 6.47
N HIS F 525 -14.63 5.21 5.96
CA HIS F 525 -15.89 4.51 5.87
C HIS F 525 -16.87 5.52 5.30
N GLY F 526 -18.02 5.04 4.84
CA GLY F 526 -19.02 5.89 4.24
C GLY F 526 -19.95 6.40 5.33
N ASN F 527 -20.99 7.13 4.93
CA ASN F 527 -21.88 7.79 5.88
C ASN F 527 -23.36 7.50 5.64
N ILE F 528 -23.67 6.22 5.39
CA ILE F 528 -25.03 5.81 5.07
C ILE F 528 -26.08 6.45 5.98
N PRO F 529 -27.24 6.81 5.42
CA PRO F 529 -28.33 7.28 6.29
C PRO F 529 -28.65 6.26 7.36
N LEU F 530 -28.82 6.73 8.59
CA LEU F 530 -29.20 5.87 9.68
C LEU F 530 -30.56 6.31 10.20
#